data_6PO1
#
_entry.id   6PO1
#
_cell.length_a   1.00
_cell.length_b   1.00
_cell.length_c   1.00
_cell.angle_alpha   90.00
_cell.angle_beta   90.00
_cell.angle_gamma   90.00
#
_symmetry.space_group_name_H-M   'P 1'
#
loop_
_entity.id
_entity.type
_entity.pdbx_description
1 polymer 'ATP-dependent Clp protease ATP-binding subunit ClpX'
2 polymer 'ATP-dependent Clp protease proteolytic subunit'
3 polymer 'substrate peptide'
4 non-polymer 'PHOSPHOTHIOPHOSPHORIC ACID-ADENYLATE ESTER'
5 non-polymer "ADENOSINE-5'-DIPHOSPHATE"
#
loop_
_entity_poly.entity_id
_entity_poly.type
_entity_poly.pdbx_seq_one_letter_code
_entity_poly.pdbx_strand_id
1 'polypeptide(L)'
;SALPTPHEIRNHLDDYVIGQEQAKKVLAVAVYNHYKRLRNGDTSNGVELGKSNILLIGPTGSGKTLLAETLARLLDVPFT
MADATTLTEAGYVGEDVENIIQKLLQKSDYDVQKAQRGIVYIDQIDKISRKSDNPSITRDVSGEGVQQALLKLIEGTVAA
VPPQGGRKHPQQEFLQVDTSKILFICGGAFAGLDKVISHRVETGSGIGFGATVKAKSDKASEGELLAQVEPEDLIKFGLI
PEFIGRLPVVATLNELSEEALIQILKEPKNALTKQYQALFNLEGVDLEFRDEALDAIAKKAMARKTGARGLRSIVEAALL
DTMYDLPSMEDVEKVVIDESVIDGQSEPLLIYGKPEAQQASGEGGGTSG
;
A,B,C,D,E,F
2 'polypeptide(L)'
;MSYSGERDNFAPHMALVPMVIEQTSRGERSFDIYSRLLKERVIFLTGQVEDHMANLIVAQMLFLEAENPEKDIYLYINSP
GGVITAGMSIYDTMQFIKPDVSTICMGQAASMGAFLLTAGAKGKRFCLPNSRVMIHQPLGGYQGQATDIEIHAREILKVK
GRMNELMALHTGQSLEQIERDTERDRFLSAPEAVEYGLVDSILTHRN
;
H,I,J,K,L,M,N
3 'polypeptide(L)' (UNK)(UNK)(UNK)(UNK)(UNK)(UNK)(UNK)(UNK)(UNK)(UNK)(UNK)(UNK) S
#
# COMPACT_ATOMS: atom_id res chain seq x y z
N ALA A 2 35.62 -24.63 50.36
CA ALA A 2 36.23 -23.41 49.84
C ALA A 2 37.09 -23.70 48.61
N LEU A 3 36.68 -24.70 47.84
CA LEU A 3 37.41 -25.10 46.64
C LEU A 3 37.42 -24.02 45.55
N PRO A 4 36.30 -23.34 45.25
CA PRO A 4 36.35 -22.31 44.20
C PRO A 4 36.76 -20.95 44.72
N THR A 5 37.56 -20.26 43.90
CA THR A 5 38.06 -18.92 44.22
C THR A 5 37.80 -18.05 43.00
N PRO A 6 37.06 -16.93 43.12
CA PRO A 6 36.84 -16.10 41.93
C PRO A 6 38.12 -15.49 41.36
N HIS A 7 39.12 -15.23 42.20
CA HIS A 7 40.36 -14.67 41.70
C HIS A 7 41.18 -15.72 40.94
N GLU A 8 41.05 -16.98 41.34
CA GLU A 8 41.79 -18.08 40.71
C GLU A 8 41.05 -18.64 39.50
N ILE A 9 39.72 -18.71 39.57
CA ILE A 9 38.95 -19.26 38.44
C ILE A 9 39.14 -18.40 37.20
N ARG A 10 39.35 -17.10 37.37
CA ARG A 10 39.57 -16.24 36.22
C ARG A 10 40.95 -16.46 35.63
N ASN A 11 41.93 -16.82 36.47
CA ASN A 11 43.28 -17.08 35.99
C ASN A 11 43.32 -18.34 35.14
N HIS A 12 42.54 -19.35 35.51
CA HIS A 12 42.55 -20.61 34.77
C HIS A 12 41.86 -20.45 33.42
N LEU A 13 40.75 -19.72 33.37
CA LEU A 13 40.05 -19.52 32.11
C LEU A 13 40.91 -18.69 31.14
N ASP A 14 41.80 -17.86 31.67
CA ASP A 14 42.67 -17.05 30.82
C ASP A 14 43.60 -17.92 29.99
N ASP A 15 43.92 -19.11 30.47
CA ASP A 15 44.82 -20.00 29.74
C ASP A 15 44.17 -20.53 28.46
N TYR A 16 42.88 -20.83 28.51
CA TYR A 16 42.14 -21.38 27.38
C TYR A 16 41.30 -20.36 26.63
N VAL A 17 40.99 -19.21 27.23
CA VAL A 17 40.15 -18.19 26.60
C VAL A 17 40.86 -16.85 26.67
N ILE A 18 40.75 -16.08 25.59
CA ILE A 18 41.37 -14.76 25.48
C ILE A 18 40.40 -13.81 24.78
N GLY A 19 40.45 -12.54 25.18
CA GLY A 19 39.66 -11.50 24.58
C GLY A 19 38.37 -11.13 25.28
N GLN A 20 37.98 -11.85 26.33
CA GLN A 20 36.74 -11.57 27.06
C GLN A 20 37.06 -11.49 28.54
N GLU A 21 37.40 -10.29 29.00
CA GLU A 21 37.74 -10.06 30.41
C GLU A 21 36.50 -9.78 31.26
N GLN A 22 35.56 -8.98 30.74
CA GLN A 22 34.35 -8.64 31.49
C GLN A 22 33.49 -9.88 31.73
N ALA A 23 33.35 -10.74 30.73
CA ALA A 23 32.51 -11.92 30.87
C ALA A 23 33.06 -12.88 31.92
N LYS A 24 34.38 -12.99 32.05
CA LYS A 24 34.96 -13.90 33.03
C LYS A 24 34.62 -13.46 34.45
N LYS A 25 34.56 -12.15 34.68
CA LYS A 25 34.23 -11.64 36.01
C LYS A 25 32.79 -11.97 36.37
N VAL A 26 31.88 -11.91 35.39
CA VAL A 26 30.47 -12.17 35.65
C VAL A 26 30.26 -13.62 36.04
N LEU A 27 30.92 -14.55 35.35
CA LEU A 27 30.74 -15.96 35.66
C LEU A 27 31.30 -16.31 37.03
N ALA A 28 32.41 -15.68 37.41
CA ALA A 28 33.01 -15.97 38.71
C ALA A 28 32.10 -15.56 39.86
N VAL A 29 31.35 -14.47 39.69
CA VAL A 29 30.46 -14.01 40.74
C VAL A 29 29.25 -14.93 40.85
N ALA A 30 28.61 -15.23 39.72
CA ALA A 30 27.43 -16.09 39.73
C ALA A 30 27.79 -17.50 40.16
N VAL A 31 28.92 -18.03 39.68
CA VAL A 31 29.32 -19.38 40.05
C VAL A 31 29.63 -19.46 41.54
N TYR A 32 30.34 -18.45 42.06
CA TYR A 32 30.66 -18.46 43.49
C TYR A 32 29.41 -18.29 44.33
N ASN A 33 28.46 -17.47 43.86
CA ASN A 33 27.23 -17.26 44.60
C ASN A 33 26.36 -18.52 44.61
N HIS A 34 26.49 -19.35 43.58
CA HIS A 34 25.68 -20.57 43.52
C HIS A 34 26.05 -21.52 44.65
N TYR A 35 27.34 -21.81 44.82
CA TYR A 35 27.76 -22.72 45.87
C TYR A 35 27.74 -22.05 47.24
N LYS A 36 27.96 -20.73 47.28
CA LYS A 36 27.86 -20.02 48.54
C LYS A 36 26.46 -20.12 49.12
N ARG A 37 25.45 -20.13 48.24
CA ARG A 37 24.07 -20.27 48.67
C ARG A 37 23.80 -21.67 49.20
N LEU A 38 24.16 -22.69 48.43
CA LEU A 38 23.93 -24.07 48.83
C LEU A 38 24.75 -24.50 50.04
N ARG A 39 25.78 -23.73 50.41
CA ARG A 39 26.54 -24.08 51.61
C ARG A 39 25.65 -23.99 52.84
N ASN A 40 24.79 -22.97 52.89
CA ASN A 40 23.82 -22.77 53.97
C ASN A 40 22.51 -22.45 53.23
N GLY A 41 21.74 -23.49 52.94
CA GLY A 41 20.51 -23.32 52.19
C GLY A 41 19.34 -22.73 52.93
N ASP A 42 18.96 -21.50 52.56
CA ASP A 42 17.82 -20.80 53.14
C ASP A 42 17.91 -20.66 54.66
N THR A 43 19.13 -20.62 55.21
CA THR A 43 19.32 -20.48 56.64
C THR A 43 19.62 -19.05 57.07
N SER A 44 20.03 -18.19 56.14
CA SER A 44 20.33 -16.81 56.47
C SER A 44 19.05 -16.05 56.83
N ASN A 45 19.23 -14.83 57.33
CA ASN A 45 18.09 -13.99 57.69
C ASN A 45 17.35 -13.48 56.47
N GLY A 46 18.08 -13.23 55.38
CA GLY A 46 17.46 -12.72 54.17
C GLY A 46 16.56 -13.75 53.52
N VAL A 47 15.25 -13.45 53.47
CA VAL A 47 14.27 -14.33 52.87
C VAL A 47 14.00 -13.86 51.45
N GLU A 48 13.56 -14.79 50.60
CA GLU A 48 13.26 -14.51 49.19
C GLU A 48 14.50 -14.00 48.45
N LEU A 49 15.57 -14.77 48.55
CA LEU A 49 16.83 -14.40 47.90
C LEU A 49 16.71 -14.55 46.39
N GLY A 50 17.34 -13.64 45.67
CA GLY A 50 17.30 -13.69 44.21
C GLY A 50 18.06 -14.89 43.68
N LYS A 51 17.46 -15.56 42.71
CA LYS A 51 18.09 -16.73 42.11
C LYS A 51 19.26 -16.32 41.24
N SER A 52 20.30 -17.15 41.23
CA SER A 52 21.52 -16.90 40.48
C SER A 52 21.55 -17.79 39.24
N ASN A 53 21.51 -17.16 38.06
CA ASN A 53 21.56 -17.83 36.78
C ASN A 53 22.54 -17.07 35.89
N ILE A 54 22.70 -17.52 34.65
CA ILE A 54 23.60 -16.89 33.68
C ILE A 54 22.92 -16.83 32.33
N LEU A 55 23.16 -15.74 31.61
CA LEU A 55 22.61 -15.51 30.28
C LEU A 55 23.74 -15.02 29.38
N LEU A 56 24.33 -15.94 28.61
CA LEU A 56 25.43 -15.61 27.72
C LEU A 56 24.91 -15.08 26.39
N ILE A 57 25.36 -13.88 26.01
CA ILE A 57 24.97 -13.25 24.76
C ILE A 57 26.24 -12.73 24.10
N GLY A 58 26.54 -13.24 22.91
CA GLY A 58 27.71 -12.80 22.18
C GLY A 58 27.65 -13.23 20.73
N PRO A 59 28.54 -12.70 19.89
CA PRO A 59 28.54 -13.09 18.48
C PRO A 59 29.13 -14.48 18.28
N THR A 60 29.22 -14.87 17.02
CA THR A 60 29.78 -16.16 16.68
C THR A 60 31.28 -16.18 16.93
N GLY A 61 31.78 -17.35 17.33
CA GLY A 61 33.19 -17.53 17.58
C GLY A 61 33.74 -16.69 18.71
N SER A 62 32.88 -16.18 19.59
CA SER A 62 33.34 -15.37 20.72
C SER A 62 33.80 -16.22 21.90
N GLY A 63 33.54 -17.51 21.90
CA GLY A 63 33.95 -18.40 22.96
C GLY A 63 32.84 -18.80 23.92
N LYS A 64 31.58 -18.70 23.52
CA LYS A 64 30.49 -19.10 24.41
C LYS A 64 30.57 -20.60 24.69
N THR A 65 30.66 -21.41 23.64
CA THR A 65 30.77 -22.85 23.81
C THR A 65 32.09 -23.23 24.47
N LEU A 66 33.13 -22.41 24.31
CA LEU A 66 34.42 -22.72 24.89
C LEU A 66 34.39 -22.59 26.41
N LEU A 67 33.72 -21.54 26.92
CA LEU A 67 33.65 -21.36 28.36
C LEU A 67 32.91 -22.52 29.02
N ALA A 68 31.91 -23.07 28.35
CA ALA A 68 31.16 -24.18 28.92
C ALA A 68 32.01 -25.44 29.04
N GLU A 69 32.91 -25.67 28.08
CA GLU A 69 33.75 -26.86 28.11
C GLU A 69 34.95 -26.67 29.03
N THR A 70 35.61 -25.51 28.95
CA THR A 70 36.77 -25.26 29.80
C THR A 70 36.38 -25.19 31.27
N LEU A 71 35.18 -24.71 31.56
CA LEU A 71 34.72 -24.60 32.94
C LEU A 71 34.53 -25.98 33.56
N ALA A 72 33.95 -26.92 32.81
CA ALA A 72 33.68 -28.25 33.34
C ALA A 72 34.98 -28.99 33.68
N ARG A 73 36.03 -28.78 32.90
CA ARG A 73 37.29 -29.45 33.18
C ARG A 73 37.87 -28.98 34.50
N LEU A 74 37.91 -27.66 34.70
CA LEU A 74 38.40 -27.11 35.96
C LEU A 74 37.49 -27.45 37.12
N LEU A 75 36.18 -27.53 36.86
CA LEU A 75 35.20 -27.81 37.90
C LEU A 75 35.11 -29.30 38.22
N ASP A 76 34.62 -29.59 39.42
CA ASP A 76 34.48 -30.95 39.92
C ASP A 76 33.11 -31.55 39.65
N VAL A 77 32.04 -30.80 39.87
CA VAL A 77 30.68 -31.29 39.66
C VAL A 77 30.50 -31.58 38.17
N PRO A 78 29.58 -32.45 37.77
CA PRO A 78 29.44 -32.78 36.35
C PRO A 78 28.91 -31.60 35.54
N PHE A 79 28.95 -31.78 34.23
CA PHE A 79 28.53 -30.77 33.28
C PHE A 79 27.89 -31.45 32.08
N THR A 80 26.90 -30.78 31.49
CA THR A 80 26.19 -31.29 30.32
C THR A 80 26.13 -30.19 29.27
N MET A 81 26.05 -30.62 28.01
CA MET A 81 25.99 -29.72 26.86
C MET A 81 24.83 -30.19 25.99
N ALA A 82 23.68 -29.52 26.14
CA ALA A 82 22.48 -29.85 25.40
C ALA A 82 22.28 -28.87 24.25
N ASP A 83 21.17 -29.03 23.54
CA ASP A 83 20.83 -28.19 22.41
C ASP A 83 19.31 -28.08 22.33
N ALA A 84 18.83 -26.89 21.99
CA ALA A 84 17.41 -26.60 21.89
C ALA A 84 16.85 -26.89 20.50
N THR A 85 17.68 -27.34 19.55
CA THR A 85 17.19 -27.60 18.21
C THR A 85 16.46 -28.94 18.12
N THR A 86 16.93 -29.94 18.85
CA THR A 86 16.32 -31.26 18.84
C THR A 86 15.22 -31.44 19.88
N LEU A 87 14.91 -30.40 20.65
CA LEU A 87 13.88 -30.51 21.68
C LEU A 87 12.49 -30.35 21.09
N THR A 88 11.58 -31.23 21.48
CA THR A 88 10.18 -31.24 21.07
C THR A 88 9.32 -31.26 22.32
N GLU A 89 8.00 -31.25 22.11
CA GLU A 89 7.03 -31.26 23.20
C GLU A 89 6.03 -32.38 23.01
N ALA A 90 5.39 -32.75 24.12
CA ALA A 90 4.38 -33.81 24.16
C ALA A 90 4.94 -35.18 23.79
N GLY A 91 6.19 -35.43 24.15
CA GLY A 91 6.79 -36.74 23.89
C GLY A 91 6.87 -37.14 22.44
N TYR A 92 7.16 -36.21 21.54
CA TYR A 92 7.24 -36.56 20.13
C TYR A 92 8.53 -37.33 19.86
N VAL A 93 8.72 -37.68 18.58
CA VAL A 93 9.88 -38.47 18.17
C VAL A 93 11.21 -37.73 18.32
N GLY A 94 11.22 -36.41 18.30
CA GLY A 94 12.49 -35.71 18.37
C GLY A 94 13.25 -35.84 19.68
N GLU A 95 12.71 -35.30 20.77
CA GLU A 95 13.37 -35.38 22.06
C GLU A 95 12.44 -34.79 23.11
N ASP A 96 12.70 -35.15 24.37
CA ASP A 96 11.95 -34.65 25.51
C ASP A 96 12.87 -33.84 26.41
N VAL A 97 12.27 -32.98 27.23
CA VAL A 97 13.06 -32.14 28.13
C VAL A 97 13.70 -32.98 29.23
N GLU A 98 13.06 -34.10 29.61
CA GLU A 98 13.61 -34.96 30.66
C GLU A 98 14.93 -35.61 30.25
N ASN A 99 15.25 -35.64 28.95
CA ASN A 99 16.49 -36.25 28.51
C ASN A 99 17.70 -35.52 29.07
N ILE A 100 17.58 -34.21 29.34
CA ILE A 100 18.70 -33.47 29.89
C ILE A 100 19.03 -33.98 31.28
N ILE A 101 18.00 -34.38 32.04
CA ILE A 101 18.23 -34.90 33.38
C ILE A 101 18.80 -36.31 33.30
N GLN A 102 18.39 -37.10 32.32
CA GLN A 102 18.91 -38.46 32.19
C GLN A 102 20.39 -38.45 31.87
N LYS A 103 20.83 -37.58 30.95
CA LYS A 103 22.25 -37.49 30.62
C LYS A 103 23.05 -36.99 31.81
N LEU A 104 22.45 -36.16 32.66
CA LEU A 104 23.14 -35.64 33.82
C LEU A 104 23.48 -36.75 34.80
N LEU A 105 22.57 -37.70 34.99
CA LEU A 105 22.83 -38.80 35.91
C LEU A 105 23.92 -39.72 35.39
N GLN A 106 24.00 -39.91 34.07
CA GLN A 106 25.05 -40.75 33.52
C GLN A 106 26.42 -40.20 33.85
N LYS A 107 26.55 -38.88 33.85
CA LYS A 107 27.82 -38.24 34.20
C LYS A 107 28.09 -38.35 35.69
N SER A 108 27.03 -38.33 36.50
CA SER A 108 27.14 -38.41 37.96
C SER A 108 26.99 -39.84 38.49
N ASP A 109 26.70 -40.81 37.63
CA ASP A 109 26.54 -42.21 38.03
C ASP A 109 25.37 -42.40 38.99
N TYR A 110 24.27 -41.68 38.72
CA TYR A 110 23.05 -41.80 39.51
C TYR A 110 23.26 -41.38 40.97
N ASP A 111 23.84 -40.18 41.15
CA ASP A 111 24.08 -39.60 42.47
C ASP A 111 23.22 -38.35 42.57
N VAL A 112 22.06 -38.49 43.22
CA VAL A 112 21.13 -37.37 43.34
C VAL A 112 21.75 -36.24 44.16
N GLN A 113 22.45 -36.59 45.25
CA GLN A 113 23.08 -35.56 46.07
C GLN A 113 24.15 -34.82 45.28
N LYS A 114 24.84 -35.50 44.36
CA LYS A 114 25.85 -34.88 43.53
C LYS A 114 25.28 -34.29 42.26
N ALA A 115 24.11 -34.75 41.82
CA ALA A 115 23.49 -34.23 40.61
C ALA A 115 22.82 -32.89 40.82
N GLN A 116 22.25 -32.67 42.02
CA GLN A 116 21.60 -31.40 42.28
C GLN A 116 22.57 -30.23 42.25
N ARG A 117 23.85 -30.49 42.51
CA ARG A 117 24.89 -29.47 42.47
C ARG A 117 25.55 -29.38 41.09
N GLY A 118 24.90 -29.91 40.05
CA GLY A 118 25.45 -29.88 38.72
C GLY A 118 25.17 -28.59 37.98
N ILE A 119 25.80 -28.49 36.81
CA ILE A 119 25.67 -27.33 35.94
C ILE A 119 24.98 -27.76 34.66
N VAL A 120 24.23 -26.82 34.06
CA VAL A 120 23.49 -27.06 32.83
C VAL A 120 23.84 -25.96 31.83
N TYR A 121 24.01 -26.34 30.57
CA TYR A 121 24.33 -25.42 29.50
C TYR A 121 23.49 -25.78 28.28
N ILE A 122 22.98 -24.74 27.61
CA ILE A 122 22.14 -24.90 26.43
C ILE A 122 22.68 -23.99 25.34
N ASP A 123 22.65 -24.48 24.10
CA ASP A 123 23.12 -23.74 22.93
C ASP A 123 21.98 -23.49 21.97
N GLN A 124 22.10 -22.41 21.19
CA GLN A 124 21.12 -22.03 20.18
C GLN A 124 19.75 -21.76 20.81
N ILE A 125 19.75 -20.95 21.87
CA ILE A 125 18.50 -20.58 22.52
C ILE A 125 17.60 -19.74 21.62
N ASP A 126 18.15 -19.12 20.57
CA ASP A 126 17.34 -18.31 19.67
C ASP A 126 16.34 -19.14 18.87
N LYS A 127 16.61 -20.43 18.66
CA LYS A 127 15.71 -21.28 17.88
C LYS A 127 14.34 -21.41 18.52
N ILE A 128 14.26 -21.35 19.84
CA ILE A 128 12.98 -21.50 20.55
C ILE A 128 12.23 -20.17 20.66
N SER A 129 12.74 -19.12 20.00
CA SER A 129 12.09 -17.82 20.06
C SER A 129 10.70 -17.90 19.42
N ARG A 130 9.74 -17.21 20.03
CA ARG A 130 8.37 -17.22 19.54
C ARG A 130 8.29 -16.70 18.11
N LYS A 131 7.44 -17.34 17.32
CA LYS A 131 7.20 -16.98 15.93
C LYS A 131 5.69 -16.96 15.69
N SER A 132 5.28 -16.23 14.68
CA SER A 132 3.86 -16.15 14.36
C SER A 132 3.39 -17.47 13.76
N ASP A 133 2.11 -17.77 13.97
CA ASP A 133 1.55 -19.01 13.45
C ASP A 133 1.60 -19.04 11.93
N ASN A 134 2.00 -20.18 11.39
CA ASN A 134 2.11 -20.37 9.95
C ASN A 134 0.85 -21.01 9.40
N ARG A 139 1.26 -27.44 13.25
CA ARG A 139 1.40 -26.81 14.56
C ARG A 139 2.86 -26.47 14.84
N ASP A 140 3.08 -25.44 15.65
CA ASP A 140 4.42 -24.99 16.03
C ASP A 140 4.75 -25.60 17.38
N VAL A 141 5.52 -26.69 17.35
CA VAL A 141 5.92 -27.39 18.58
C VAL A 141 7.26 -26.87 19.10
N SER A 142 8.19 -26.54 18.20
CA SER A 142 9.50 -26.01 18.59
C SER A 142 9.35 -24.52 18.79
N GLY A 143 8.86 -24.15 19.98
CA GLY A 143 8.62 -22.77 20.30
C GLY A 143 8.18 -22.56 21.74
N GLU A 144 7.18 -21.69 21.92
CA GLU A 144 6.62 -21.36 23.23
C GLU A 144 6.45 -22.58 24.15
N GLY A 145 5.91 -23.68 23.60
CA GLY A 145 5.73 -24.88 24.40
C GLY A 145 7.00 -25.35 25.08
N VAL A 146 8.11 -25.34 24.34
CA VAL A 146 9.39 -25.77 24.91
C VAL A 146 9.81 -24.81 26.02
N GLN A 147 9.58 -23.51 25.81
CA GLN A 147 9.93 -22.51 26.81
C GLN A 147 9.20 -22.75 28.13
N GLN A 148 7.92 -23.16 28.04
CA GLN A 148 7.15 -23.40 29.26
C GLN A 148 7.72 -24.57 30.05
N ALA A 149 8.12 -25.64 29.36
CA ALA A 149 8.69 -26.78 30.06
C ALA A 149 9.99 -26.39 30.75
N LEU A 150 10.84 -25.62 30.08
CA LEU A 150 12.09 -25.17 30.68
C LEU A 150 11.82 -24.20 31.82
N LEU A 151 10.77 -23.38 31.71
CA LEU A 151 10.48 -22.42 32.77
C LEU A 151 10.08 -23.12 34.06
N LYS A 152 9.18 -24.11 33.97
CA LYS A 152 8.80 -24.84 35.17
C LYS A 152 9.98 -25.62 35.73
N LEU A 153 10.91 -26.00 34.87
CA LEU A 153 12.11 -26.72 35.30
C LEU A 153 13.10 -25.77 35.99
N ILE A 154 13.17 -24.53 35.51
CA ILE A 154 14.09 -23.54 36.06
C ILE A 154 13.59 -23.03 37.41
N GLU A 155 12.30 -22.64 37.49
CA GLU A 155 11.72 -22.15 38.72
C GLU A 155 11.77 -23.16 39.88
N GLY A 156 12.10 -24.42 39.60
CA GLY A 156 12.17 -25.45 40.62
C GLY A 156 10.94 -26.33 40.65
N THR A 157 11.16 -27.62 40.41
CA THR A 157 10.12 -28.63 40.41
C THR A 157 10.81 -29.98 40.46
N VAL A 158 10.04 -31.06 40.32
CA VAL A 158 10.57 -32.42 40.32
C VAL A 158 10.06 -33.13 39.07
N ALA A 159 10.93 -33.90 38.44
CA ALA A 159 10.62 -34.62 37.22
C ALA A 159 10.88 -36.11 37.40
N ALA A 160 9.98 -36.94 36.88
CA ALA A 160 10.15 -38.38 36.95
C ALA A 160 11.31 -38.81 36.06
N VAL A 161 12.18 -39.65 36.59
CA VAL A 161 13.35 -40.14 35.86
C VAL A 161 13.50 -41.64 36.12
N PRO A 162 13.36 -42.51 35.12
CA PRO A 162 13.53 -43.94 35.39
C PRO A 162 14.96 -44.25 35.82
N PRO A 163 15.18 -44.74 37.04
CA PRO A 163 16.58 -45.03 37.45
C PRO A 163 17.10 -46.27 36.74
N GLN A 164 18.20 -46.10 36.01
CA GLN A 164 18.91 -47.13 35.25
C GLN A 164 18.15 -47.60 34.01
N GLY A 165 16.96 -47.07 33.73
CA GLY A 165 16.19 -47.47 32.57
C GLY A 165 15.68 -48.89 32.69
N GLU A 173 8.81 -47.60 38.56
CA GLU A 173 9.08 -46.53 39.52
C GLU A 173 9.98 -45.46 38.91
N PHE A 174 9.90 -44.26 39.48
CA PHE A 174 10.70 -43.12 39.02
C PHE A 174 11.17 -42.33 40.22
N LEU A 175 12.33 -41.68 40.06
CA LEU A 175 12.93 -40.88 41.12
C LEU A 175 12.62 -39.40 40.92
N GLN A 176 12.39 -38.69 42.02
CA GLN A 176 12.12 -37.26 42.01
C GLN A 176 13.42 -36.54 42.31
N VAL A 177 13.74 -35.53 41.49
CA VAL A 177 14.98 -34.76 41.64
C VAL A 177 14.64 -33.28 41.54
N ASP A 178 14.65 -32.59 42.68
CA ASP A 178 14.41 -31.16 42.73
C ASP A 178 15.39 -30.44 41.82
N THR A 179 14.99 -29.24 41.37
CA THR A 179 15.81 -28.44 40.47
C THR A 179 15.95 -26.98 40.89
N SER A 180 15.39 -26.58 42.04
CA SER A 180 15.56 -25.22 42.52
C SER A 180 17.01 -24.91 42.87
N LYS A 181 17.83 -25.93 43.08
CA LYS A 181 19.24 -25.79 43.43
C LYS A 181 20.19 -25.99 42.25
N ILE A 182 19.68 -26.43 41.10
CA ILE A 182 20.51 -26.68 39.93
C ILE A 182 20.65 -25.40 39.12
N LEU A 183 21.85 -25.14 38.62
CA LEU A 183 22.14 -23.97 37.84
C LEU A 183 21.84 -24.21 36.36
N PHE A 184 21.54 -23.12 35.66
CA PHE A 184 21.24 -23.15 34.23
C PHE A 184 21.99 -22.04 33.55
N ILE A 185 22.55 -22.34 32.37
CA ILE A 185 23.32 -21.38 31.58
C ILE A 185 22.70 -21.34 30.20
N CYS A 186 21.79 -20.38 29.98
CA CYS A 186 21.17 -20.20 28.68
C CYS A 186 22.07 -19.30 27.86
N GLY A 187 22.60 -19.82 26.76
CA GLY A 187 23.52 -19.07 25.94
C GLY A 187 23.49 -19.39 24.47
N GLY A 188 23.63 -18.36 23.64
CA GLY A 188 23.64 -18.56 22.20
C GLY A 188 23.96 -17.27 21.49
N ALA A 189 23.71 -17.28 20.17
CA ALA A 189 23.97 -16.15 19.29
C ALA A 189 22.64 -15.58 18.82
N PHE A 190 22.35 -14.35 19.23
CA PHE A 190 21.13 -13.67 18.82
C PHE A 190 21.41 -12.93 17.53
N ALA A 191 20.50 -13.06 16.56
CA ALA A 191 20.62 -12.42 15.26
C ALA A 191 19.64 -11.26 15.16
N GLY A 192 20.12 -10.11 14.70
CA GLY A 192 19.29 -8.94 14.56
C GLY A 192 19.01 -8.19 15.84
N LEU A 193 19.61 -8.60 16.96
CA LEU A 193 19.37 -7.90 18.21
C LEU A 193 19.95 -6.49 18.19
N ASP A 194 21.05 -6.29 17.46
CA ASP A 194 21.65 -4.95 17.38
C ASP A 194 20.69 -3.97 16.72
N LYS A 195 19.92 -4.43 15.74
CA LYS A 195 18.97 -3.55 15.06
C LYS A 195 17.86 -3.09 15.99
N VAL A 196 17.40 -3.98 16.88
CA VAL A 196 16.32 -3.62 17.80
C VAL A 196 16.82 -2.58 18.79
N ILE A 197 18.04 -2.75 19.28
CA ILE A 197 18.60 -1.80 20.25
C ILE A 197 18.88 -0.46 19.57
N SER A 198 19.21 -0.48 18.28
CA SER A 198 19.52 0.76 17.57
C SER A 198 18.31 1.69 17.53
N HIS A 199 17.12 1.14 17.30
CA HIS A 199 15.91 1.95 17.21
C HIS A 199 15.66 2.71 18.51
N ARG A 200 15.84 2.03 19.66
CA ARG A 200 15.59 2.65 20.94
C ARG A 200 16.61 3.72 21.28
N VAL A 201 17.90 3.45 21.04
CA VAL A 201 18.96 4.37 21.43
C VAL A 201 19.18 5.48 20.40
N GLU A 202 19.03 5.19 19.10
CA GLU A 202 19.31 6.21 18.08
C GLU A 202 18.39 7.42 18.22
N THR A 203 17.08 7.21 18.31
CA THR A 203 16.09 8.29 18.45
C THR A 203 16.23 9.34 17.35
N GLY A 204 16.59 8.91 16.14
CA GLY A 204 16.72 9.81 15.02
C GLY A 204 18.01 10.60 15.01
N SER A 205 18.14 11.44 13.99
CA SER A 205 19.32 12.29 13.80
C SER A 205 18.90 13.62 13.19
N GLY A 206 19.55 14.70 13.65
CA GLY A 206 19.27 16.02 13.13
C GLY A 206 19.88 16.24 11.76
N ILE A 207 19.33 17.24 11.05
CA ILE A 207 19.76 17.55 9.69
C ILE A 207 20.45 18.91 9.57
N GLY A 208 20.28 19.82 10.53
CA GLY A 208 20.87 21.14 10.43
C GLY A 208 22.36 21.17 10.71
N PHE A 209 22.89 22.39 10.72
CA PHE A 209 24.32 22.60 10.96
C PHE A 209 24.73 22.14 12.35
N GLY A 210 24.03 22.63 13.38
CA GLY A 210 24.33 22.26 14.75
C GLY A 210 24.02 20.82 15.09
N ALA A 211 23.22 20.14 14.27
CA ALA A 211 22.84 18.77 14.56
C ALA A 211 24.06 17.85 14.53
N THR A 212 23.89 16.69 15.16
CA THR A 212 24.93 15.66 15.25
C THR A 212 24.99 14.91 13.92
N VAL A 213 25.98 15.25 13.10
CA VAL A 213 26.15 14.56 11.82
C VAL A 213 26.46 13.10 12.09
N LYS A 214 25.80 12.21 11.36
CA LYS A 214 26.01 10.78 11.49
C LYS A 214 26.81 10.26 10.30
N ALA A 215 27.79 9.40 10.59
CA ALA A 215 28.64 8.79 9.59
C ALA A 215 27.96 7.53 9.06
N LYS A 216 28.68 6.73 8.28
CA LYS A 216 28.12 5.48 7.78
C LYS A 216 27.68 4.59 8.93
N SER A 217 28.59 4.30 9.86
CA SER A 217 28.24 3.49 11.03
C SER A 217 29.22 3.88 12.14
N ASP A 218 28.74 4.70 13.08
CA ASP A 218 29.54 5.12 14.23
C ASP A 218 29.24 4.29 15.48
N LYS A 219 28.13 3.56 15.50
CA LYS A 219 27.73 2.74 16.62
C LYS A 219 27.51 1.28 16.24
N ALA A 220 27.72 0.89 14.98
CA ALA A 220 27.51 -0.50 14.56
C ALA A 220 28.70 -1.34 15.04
N SER A 221 28.71 -1.55 16.35
CA SER A 221 29.74 -2.33 17.02
C SER A 221 29.08 -3.02 18.19
N GLU A 222 29.25 -4.34 18.29
CA GLU A 222 28.67 -5.09 19.40
C GLU A 222 29.12 -4.48 20.73
N GLY A 223 30.38 -4.10 20.82
CA GLY A 223 30.87 -3.41 22.00
C GLY A 223 30.28 -2.01 22.04
N GLU A 224 29.85 -1.60 23.23
CA GLU A 224 29.21 -0.31 23.50
C GLU A 224 27.75 -0.30 23.03
N LEU A 225 27.24 -1.40 22.48
CA LEU A 225 25.86 -1.51 22.02
C LEU A 225 25.07 -2.58 22.74
N LEU A 226 25.72 -3.68 23.15
CA LEU A 226 25.05 -4.74 23.89
C LEU A 226 25.05 -4.50 25.39
N ALA A 227 26.00 -3.71 25.89
CA ALA A 227 26.05 -3.41 27.32
C ALA A 227 24.82 -2.65 27.77
N GLN A 228 24.25 -1.82 26.89
CA GLN A 228 23.07 -1.03 27.20
C GLN A 228 21.77 -1.80 26.94
N VAL A 229 21.85 -3.12 26.79
CA VAL A 229 20.64 -3.90 26.55
C VAL A 229 19.81 -3.97 27.83
N GLU A 230 18.56 -4.38 27.67
CA GLU A 230 17.62 -4.50 28.78
C GLU A 230 16.74 -5.71 28.54
N PRO A 231 16.04 -6.20 29.58
CA PRO A 231 15.18 -7.38 29.38
C PRO A 231 14.02 -7.11 28.43
N GLU A 232 13.49 -5.88 28.41
CA GLU A 232 12.38 -5.58 27.52
C GLU A 232 12.76 -5.71 26.06
N ASP A 233 14.04 -5.52 25.73
CA ASP A 233 14.48 -5.65 24.35
C ASP A 233 14.36 -7.09 23.87
N LEU A 234 14.64 -8.05 24.75
CA LEU A 234 14.55 -9.46 24.39
C LEU A 234 13.11 -9.91 24.15
N ILE A 235 12.12 -9.21 24.72
CA ILE A 235 10.74 -9.60 24.53
C ILE A 235 10.34 -9.45 23.07
N LYS A 236 10.82 -8.40 22.42
CA LYS A 236 10.53 -8.19 21.01
C LYS A 236 11.19 -9.26 20.14
N PHE A 237 12.25 -9.90 20.63
CA PHE A 237 12.93 -10.95 19.87
C PHE A 237 12.05 -12.19 19.76
N GLY A 238 11.29 -12.51 20.81
CA GLY A 238 10.44 -13.68 20.81
C GLY A 238 10.39 -14.41 22.14
N LEU A 239 11.35 -14.13 23.02
CA LEU A 239 11.37 -14.81 24.31
C LEU A 239 10.21 -14.34 25.19
N ILE A 240 9.91 -15.16 26.20
CA ILE A 240 8.84 -14.91 27.15
C ILE A 240 9.38 -14.00 28.26
N PRO A 241 8.63 -13.00 28.75
CA PRO A 241 9.19 -12.17 29.83
C PRO A 241 9.42 -12.96 31.11
N GLU A 242 8.53 -13.90 31.43
CA GLU A 242 8.68 -14.70 32.64
C GLU A 242 9.95 -15.54 32.58
N PHE A 243 10.35 -15.98 31.40
CA PHE A 243 11.57 -16.77 31.27
C PHE A 243 12.80 -15.92 31.54
N ILE A 244 12.79 -14.67 31.07
CA ILE A 244 13.92 -13.78 31.29
C ILE A 244 13.93 -13.28 32.74
N GLY A 245 12.77 -13.18 33.37
CA GLY A 245 12.72 -12.73 34.75
C GLY A 245 13.49 -13.63 35.69
N ARG A 246 13.55 -14.93 35.37
CA ARG A 246 14.28 -15.89 36.18
C ARG A 246 15.78 -15.86 35.95
N LEU A 247 16.26 -15.02 35.03
CA LEU A 247 17.69 -14.91 34.72
C LEU A 247 18.07 -13.43 34.78
N PRO A 248 18.27 -12.88 35.99
CA PRO A 248 18.65 -11.46 36.08
C PRO A 248 20.05 -11.18 35.58
N VAL A 249 20.92 -12.18 35.53
CA VAL A 249 22.30 -11.99 35.11
C VAL A 249 22.39 -12.00 33.59
N VAL A 250 23.32 -11.21 33.05
CA VAL A 250 23.56 -11.10 31.63
C VAL A 250 25.06 -10.94 31.42
N ALA A 251 25.57 -11.51 30.33
CA ALA A 251 26.98 -11.44 29.98
C ALA A 251 27.09 -10.96 28.55
N THR A 252 27.69 -9.78 28.36
CA THR A 252 27.86 -9.17 27.06
C THR A 252 29.32 -9.35 26.61
N LEU A 253 29.51 -9.96 25.45
CA LEU A 253 30.83 -10.18 24.89
C LEU A 253 31.05 -9.24 23.72
N ASN A 254 32.31 -8.90 23.48
CA ASN A 254 32.72 -8.02 22.40
C ASN A 254 33.41 -8.78 21.30
N GLU A 255 33.42 -8.19 20.11
CA GLU A 255 34.10 -8.79 18.97
C GLU A 255 35.60 -8.90 19.28
N LEU A 256 36.19 -10.03 18.89
CA LEU A 256 37.61 -10.25 19.16
C LEU A 256 38.48 -9.15 18.58
N SER A 257 39.46 -8.75 19.37
CA SER A 257 40.41 -7.72 18.95
C SER A 257 41.42 -8.30 17.97
N GLU A 258 41.95 -7.44 17.09
CA GLU A 258 42.94 -7.90 16.13
C GLU A 258 44.19 -8.40 16.84
N GLU A 259 44.63 -7.68 17.88
CA GLU A 259 45.80 -8.12 18.64
C GLU A 259 45.50 -9.42 19.37
N ALA A 260 44.28 -9.56 19.89
CA ALA A 260 43.89 -10.76 20.62
C ALA A 260 43.95 -12.00 19.73
N LEU A 261 43.54 -11.86 18.47
CA LEU A 261 43.56 -12.98 17.55
C LEU A 261 44.96 -13.55 17.40
N ILE A 262 45.97 -12.67 17.32
CA ILE A 262 47.37 -13.12 17.21
C ILE A 262 47.71 -14.08 18.34
N GLN A 263 47.39 -13.69 19.57
CA GLN A 263 47.66 -14.52 20.74
C GLN A 263 47.02 -15.90 20.61
N ILE A 264 45.84 -15.99 19.98
CA ILE A 264 45.15 -17.26 19.84
C ILE A 264 45.96 -18.21 18.96
N LEU A 265 46.75 -17.68 18.03
CA LEU A 265 47.54 -18.48 17.12
C LEU A 265 48.91 -18.86 17.66
N LYS A 266 49.35 -18.29 18.80
CA LYS A 266 50.66 -18.54 19.36
C LYS A 266 50.64 -19.23 20.71
N GLU A 267 49.87 -18.72 21.67
CA GLU A 267 49.87 -19.29 23.02
C GLU A 267 49.06 -20.59 23.15
N PRO A 268 47.84 -20.68 22.62
CA PRO A 268 47.09 -21.94 22.76
C PRO A 268 47.79 -23.10 22.05
N LYS A 269 47.77 -24.26 22.71
CA LYS A 269 48.39 -25.45 22.14
C LYS A 269 47.65 -25.93 20.89
N ASN A 270 46.34 -25.66 20.81
CA ASN A 270 45.52 -26.06 19.68
C ASN A 270 45.44 -24.97 18.61
N ALA A 271 46.44 -24.09 18.55
CA ALA A 271 46.45 -23.02 17.56
C ALA A 271 46.55 -23.59 16.16
N LEU A 272 46.00 -22.85 15.19
CA LEU A 272 46.04 -23.31 13.80
C LEU A 272 47.47 -23.41 13.31
N THR A 273 48.34 -22.49 13.74
CA THR A 273 49.74 -22.55 13.34
C THR A 273 50.39 -23.85 13.81
N LYS A 274 50.15 -24.22 15.07
CA LYS A 274 50.71 -25.46 15.59
C LYS A 274 50.09 -26.67 14.91
N GLN A 275 48.84 -26.55 14.47
CA GLN A 275 48.18 -27.66 13.80
C GLN A 275 48.87 -27.96 12.47
N TYR A 276 49.00 -26.94 11.62
CA TYR A 276 49.66 -27.15 10.33
C TYR A 276 51.14 -27.41 10.48
N GLN A 277 51.75 -26.93 11.58
CA GLN A 277 53.17 -27.20 11.80
C GLN A 277 53.41 -28.69 11.93
N ALA A 278 52.60 -29.37 12.74
CA ALA A 278 52.72 -30.81 12.89
C ALA A 278 52.28 -31.52 11.62
N LEU A 279 51.40 -30.90 10.83
CA LEU A 279 50.94 -31.52 9.60
C LEU A 279 52.06 -31.70 8.60
N PHE A 280 53.06 -30.82 8.63
CA PHE A 280 54.20 -30.91 7.72
C PHE A 280 55.39 -31.59 8.37
N ASN A 281 55.48 -31.60 9.70
CA ASN A 281 56.59 -32.27 10.36
C ASN A 281 56.54 -33.77 10.12
N LEU A 282 55.33 -34.34 10.05
CA LEU A 282 55.21 -35.76 9.75
C LEU A 282 55.64 -36.04 8.32
N GLU A 283 55.50 -35.06 7.44
CA GLU A 283 55.90 -35.17 6.04
C GLU A 283 57.40 -34.99 5.86
N GLY A 284 58.13 -34.63 6.91
CA GLY A 284 59.56 -34.41 6.80
C GLY A 284 59.94 -33.02 6.35
N VAL A 285 59.11 -32.01 6.65
CA VAL A 285 59.36 -30.63 6.27
C VAL A 285 59.02 -29.73 7.44
N ASP A 286 59.78 -28.64 7.57
CA ASP A 286 59.59 -27.67 8.64
C ASP A 286 58.66 -26.55 8.16
N LEU A 287 58.13 -25.81 9.12
CA LEU A 287 57.21 -24.70 8.84
C LEU A 287 57.54 -23.54 9.76
N GLU A 288 57.23 -22.33 9.29
CA GLU A 288 57.48 -21.12 10.05
C GLU A 288 56.42 -20.08 9.72
N PHE A 289 56.14 -19.22 10.69
CA PHE A 289 55.17 -18.13 10.54
C PHE A 289 55.73 -16.93 11.28
N ARG A 290 56.08 -15.88 10.54
CA ARG A 290 56.64 -14.68 11.15
C ARG A 290 55.52 -13.80 11.71
N ASP A 291 55.91 -12.90 12.61
CA ASP A 291 54.93 -12.01 13.26
C ASP A 291 54.29 -11.05 12.25
N GLU A 292 55.01 -10.69 11.19
CA GLU A 292 54.45 -9.78 10.20
C GLU A 292 53.25 -10.39 9.47
N ALA A 293 53.14 -11.71 9.44
CA ALA A 293 52.02 -12.37 8.78
C ALA A 293 50.81 -12.51 9.70
N LEU A 294 51.01 -12.52 11.01
CA LEU A 294 49.89 -12.69 11.93
C LEU A 294 48.99 -11.46 11.97
N ASP A 295 49.59 -10.28 12.16
CA ASP A 295 48.78 -9.07 12.21
C ASP A 295 48.07 -8.82 10.88
N ALA A 296 48.70 -9.21 9.78
CA ALA A 296 48.06 -9.04 8.48
C ALA A 296 46.82 -9.92 8.38
N ILE A 297 46.88 -11.11 8.97
CA ILE A 297 45.74 -12.03 8.95
C ILE A 297 44.59 -11.45 9.76
N ALA A 298 44.89 -10.72 10.84
CA ALA A 298 43.83 -10.15 11.66
C ALA A 298 43.04 -9.11 10.90
N LYS A 299 43.68 -8.36 10.01
CA LYS A 299 42.96 -7.37 9.22
C LYS A 299 41.97 -8.05 8.29
N LYS A 300 42.37 -9.19 7.72
CA LYS A 300 41.49 -9.94 6.82
C LYS A 300 40.43 -10.69 7.59
N ALA A 301 40.73 -11.09 8.84
CA ALA A 301 39.76 -11.84 9.63
C ALA A 301 38.58 -10.98 10.03
N MET A 302 38.84 -9.75 10.49
CA MET A 302 37.76 -8.86 10.89
C MET A 302 36.87 -8.50 9.73
N ALA A 303 37.42 -8.47 8.51
CA ALA A 303 36.62 -8.14 7.33
C ALA A 303 35.58 -9.22 7.06
N ARG A 304 35.89 -10.47 7.38
CA ARG A 304 34.95 -11.56 7.13
C ARG A 304 33.76 -11.49 8.08
N LYS A 305 33.94 -10.93 9.27
CA LYS A 305 32.87 -10.79 10.26
C LYS A 305 32.31 -12.16 10.64
N THR A 306 33.22 -13.06 11.04
CA THR A 306 32.88 -14.42 11.45
C THR A 306 33.51 -14.84 12.77
N GLY A 307 34.55 -14.17 13.22
CA GLY A 307 35.20 -14.53 14.46
C GLY A 307 36.34 -15.49 14.23
N ALA A 308 36.81 -16.08 15.34
CA ALA A 308 37.91 -17.03 15.27
C ALA A 308 37.55 -18.25 14.44
N ARG A 309 36.26 -18.60 14.38
CA ARG A 309 35.84 -19.76 13.60
C ARG A 309 36.14 -19.57 12.12
N GLY A 310 36.06 -18.33 11.63
CA GLY A 310 36.32 -18.05 10.23
C GLY A 310 37.76 -17.65 9.97
N LEU A 311 38.66 -18.00 10.90
CA LEU A 311 40.07 -17.67 10.75
C LEU A 311 40.79 -18.68 9.87
N ARG A 312 40.36 -19.94 9.90
CA ARG A 312 40.99 -20.99 9.11
C ARG A 312 40.88 -20.73 7.60
N SER A 313 39.88 -19.96 7.16
CA SER A 313 39.71 -19.69 5.74
C SER A 313 40.90 -18.94 5.16
N ILE A 314 41.39 -17.93 5.88
CA ILE A 314 42.51 -17.13 5.38
C ILE A 314 43.79 -17.96 5.30
N VAL A 315 43.96 -18.92 6.20
CA VAL A 315 45.18 -19.73 6.20
C VAL A 315 45.17 -20.71 5.03
N GLU A 316 44.16 -21.57 4.97
CA GLU A 316 44.12 -22.58 3.91
C GLU A 316 43.99 -21.94 2.53
N ALA A 317 43.39 -20.75 2.44
CA ALA A 317 43.28 -20.09 1.14
C ALA A 317 44.66 -19.69 0.62
N ALA A 318 45.61 -19.43 1.53
CA ALA A 318 46.96 -19.04 1.14
C ALA A 318 47.82 -20.26 0.88
N LEU A 319 47.83 -21.21 1.82
CA LEU A 319 48.63 -22.43 1.70
C LEU A 319 48.04 -23.46 0.76
N LEU A 320 47.01 -23.10 -0.02
CA LEU A 320 46.41 -24.05 -0.96
C LEU A 320 47.43 -24.49 -2.01
N ASP A 321 48.11 -23.52 -2.62
CA ASP A 321 49.10 -23.85 -3.64
C ASP A 321 50.31 -24.55 -3.04
N THR A 322 50.76 -24.10 -1.87
CA THR A 322 51.93 -24.70 -1.24
C THR A 322 51.71 -26.16 -0.91
N MET A 323 50.58 -26.48 -0.27
CA MET A 323 50.30 -27.88 0.07
C MET A 323 50.07 -28.73 -1.16
N TYR A 324 49.54 -28.14 -2.24
CA TYR A 324 49.26 -28.90 -3.44
C TYR A 324 50.53 -29.48 -4.06
N ASP A 325 51.63 -28.73 -4.04
CA ASP A 325 52.89 -29.15 -4.65
C ASP A 325 53.97 -29.52 -3.64
N LEU A 326 53.65 -29.55 -2.35
CA LEU A 326 54.67 -29.92 -1.37
C LEU A 326 55.00 -31.42 -1.42
N PRO A 327 54.02 -32.33 -1.51
CA PRO A 327 54.39 -33.76 -1.59
C PRO A 327 55.25 -34.10 -2.79
N SER A 328 54.97 -33.48 -3.94
CA SER A 328 55.76 -33.75 -5.13
C SER A 328 57.15 -33.16 -5.01
N MET A 329 57.26 -31.97 -4.43
CA MET A 329 58.56 -31.34 -4.25
C MET A 329 59.42 -32.18 -3.32
N GLU A 330 60.69 -32.32 -3.70
CA GLU A 330 61.66 -33.11 -2.93
C GLU A 330 62.82 -32.22 -2.51
N ASP A 331 63.51 -32.67 -1.45
CA ASP A 331 64.66 -32.00 -0.87
C ASP A 331 64.30 -30.68 -0.19
N VAL A 332 63.03 -30.50 0.18
CA VAL A 332 62.56 -29.28 0.84
C VAL A 332 62.44 -29.58 2.32
N GLU A 333 63.17 -28.81 3.14
CA GLU A 333 63.18 -28.99 4.59
C GLU A 333 62.47 -27.90 5.37
N LYS A 334 62.29 -26.71 4.80
CA LYS A 334 61.64 -25.61 5.52
C LYS A 334 60.85 -24.75 4.55
N VAL A 335 59.77 -24.17 5.06
CA VAL A 335 58.88 -23.30 4.29
C VAL A 335 58.69 -22.01 5.08
N VAL A 336 58.86 -20.88 4.40
CA VAL A 336 58.71 -19.56 5.00
C VAL A 336 57.59 -18.82 4.30
N ILE A 337 56.69 -18.23 5.08
CA ILE A 337 55.54 -17.47 4.58
C ILE A 337 55.75 -16.01 4.95
N ASP A 338 55.82 -15.14 3.95
CA ASP A 338 56.01 -13.72 4.16
C ASP A 338 54.64 -13.03 4.24
N GLU A 339 54.66 -11.74 4.60
CA GLU A 339 53.42 -10.98 4.67
C GLU A 339 52.75 -10.84 3.31
N SER A 340 53.56 -10.72 2.26
CA SER A 340 53.00 -10.59 0.91
C SER A 340 52.17 -11.81 0.53
N VAL A 341 52.57 -12.99 0.99
CA VAL A 341 51.84 -14.21 0.68
C VAL A 341 50.39 -14.12 1.14
N ILE A 342 50.15 -13.45 2.26
CA ILE A 342 48.79 -13.31 2.77
C ILE A 342 48.06 -12.23 1.99
N ASP A 343 48.73 -11.10 1.73
CA ASP A 343 48.11 -10.02 0.97
C ASP A 343 47.83 -10.47 -0.46
N GLY A 344 48.72 -11.27 -1.04
CA GLY A 344 48.60 -11.76 -2.39
C GLY A 344 49.69 -11.19 -3.29
N GLN A 345 49.67 -11.65 -4.54
CA GLN A 345 50.62 -11.21 -5.57
C GLN A 345 52.05 -11.63 -5.22
N SER A 346 52.20 -12.74 -4.50
CA SER A 346 53.52 -13.22 -4.12
C SER A 346 53.42 -14.72 -3.86
N GLU A 347 54.60 -15.35 -3.76
CA GLU A 347 54.71 -16.78 -3.54
C GLU A 347 55.58 -17.04 -2.31
N PRO A 348 55.21 -17.97 -1.43
CA PRO A 348 56.03 -18.23 -0.25
C PRO A 348 57.40 -18.80 -0.61
N LEU A 349 58.41 -18.39 0.14
CA LEU A 349 59.77 -18.86 -0.09
C LEU A 349 59.91 -20.28 0.41
N LEU A 350 60.70 -21.07 -0.32
CA LEU A 350 60.96 -22.47 0.00
C LEU A 350 62.46 -22.67 0.19
N ILE A 351 62.80 -23.51 1.17
CA ILE A 351 64.19 -23.83 1.51
C ILE A 351 64.46 -25.25 1.06
N TYR A 352 65.59 -25.44 0.39
CA TYR A 352 66.00 -26.73 -0.14
C TYR A 352 67.23 -27.24 0.59
N GLY A 353 67.37 -28.56 0.63
CA GLY A 353 68.49 -29.21 1.28
C GLY A 353 68.19 -29.60 2.71
N ALA B 2 52.27 -46.41 0.78
CA ALA B 2 52.22 -45.07 0.20
C ALA B 2 50.78 -44.66 -0.08
N LEU B 3 50.54 -43.36 -0.04
CA LEU B 3 49.24 -42.76 -0.26
C LEU B 3 49.24 -41.94 -1.55
N PRO B 4 48.05 -41.52 -2.04
CA PRO B 4 48.04 -40.69 -3.26
C PRO B 4 48.66 -39.33 -3.02
N THR B 5 48.75 -38.52 -4.07
CA THR B 5 49.29 -37.17 -4.01
C THR B 5 48.33 -36.22 -4.70
N PRO B 6 48.50 -34.90 -4.49
CA PRO B 6 47.60 -33.96 -5.17
C PRO B 6 47.75 -33.99 -6.68
N HIS B 7 48.96 -34.23 -7.18
CA HIS B 7 49.16 -34.29 -8.63
C HIS B 7 48.64 -35.60 -9.21
N GLU B 8 48.80 -36.69 -8.46
CA GLU B 8 48.31 -38.00 -8.93
C GLU B 8 46.80 -38.07 -8.86
N ILE B 9 46.21 -37.54 -7.78
CA ILE B 9 44.76 -37.59 -7.64
C ILE B 9 44.10 -36.64 -8.63
N ARG B 10 44.76 -35.52 -8.95
CA ARG B 10 44.18 -34.59 -9.90
C ARG B 10 44.12 -35.19 -11.30
N ASN B 11 45.19 -35.86 -11.72
CA ASN B 11 45.24 -36.48 -13.04
C ASN B 11 44.06 -37.42 -13.28
N HIS B 12 43.54 -38.05 -12.22
CA HIS B 12 42.38 -38.91 -12.39
C HIS B 12 41.13 -38.07 -12.62
N LEU B 13 41.02 -36.96 -11.90
CA LEU B 13 39.88 -36.06 -12.07
C LEU B 13 39.93 -35.36 -13.43
N ASP B 14 41.14 -35.14 -13.96
CA ASP B 14 41.27 -34.48 -15.25
C ASP B 14 40.64 -35.29 -16.37
N ASP B 15 40.59 -36.61 -16.22
CA ASP B 15 39.99 -37.46 -17.24
C ASP B 15 38.48 -37.23 -17.33
N TYR B 16 37.85 -36.88 -16.21
CA TYR B 16 36.40 -36.66 -16.15
C TYR B 16 36.01 -35.19 -16.04
N VAL B 17 36.94 -34.31 -15.71
CA VAL B 17 36.65 -32.88 -15.54
C VAL B 17 37.71 -32.06 -16.25
N ILE B 18 37.29 -30.93 -16.80
CA ILE B 18 38.17 -30.02 -17.52
C ILE B 18 37.83 -28.58 -17.15
N GLY B 19 38.85 -27.74 -17.08
CA GLY B 19 38.68 -26.33 -16.79
C GLY B 19 38.27 -26.00 -15.37
N GLN B 20 38.66 -26.81 -14.40
CA GLN B 20 38.34 -26.58 -12.99
C GLN B 20 39.58 -26.79 -12.13
N GLU B 21 40.71 -26.22 -12.58
CA GLU B 21 41.97 -26.37 -11.86
C GLU B 21 41.87 -25.83 -10.43
N GLN B 22 41.13 -24.74 -10.24
CA GLN B 22 41.03 -24.16 -8.90
C GLN B 22 40.24 -25.07 -7.95
N ALA B 23 39.13 -25.63 -8.43
CA ALA B 23 38.33 -26.50 -7.56
C ALA B 23 39.00 -27.84 -7.34
N LYS B 24 39.76 -28.34 -8.32
CA LYS B 24 40.41 -29.63 -8.17
C LYS B 24 41.49 -29.57 -7.09
N LYS B 25 42.21 -28.46 -7.01
CA LYS B 25 43.27 -28.33 -6.01
C LYS B 25 42.70 -28.30 -4.59
N VAL B 26 41.51 -27.74 -4.42
CA VAL B 26 40.93 -27.65 -3.08
C VAL B 26 40.57 -29.03 -2.56
N LEU B 27 39.88 -29.83 -3.38
CA LEU B 27 39.50 -31.16 -2.95
C LEU B 27 40.70 -32.06 -2.78
N ALA B 28 41.75 -31.85 -3.57
CA ALA B 28 42.95 -32.66 -3.44
C ALA B 28 43.65 -32.42 -2.12
N VAL B 29 43.76 -31.15 -1.71
CA VAL B 29 44.41 -30.84 -0.44
C VAL B 29 43.57 -31.35 0.72
N ALA B 30 42.25 -31.29 0.60
CA ALA B 30 41.38 -31.76 1.67
C ALA B 30 41.50 -33.27 1.83
N VAL B 31 41.36 -34.01 0.74
CA VAL B 31 41.45 -35.47 0.80
C VAL B 31 42.86 -35.88 1.22
N TYR B 32 43.87 -35.16 0.73
CA TYR B 32 45.25 -35.47 1.12
C TYR B 32 45.43 -35.25 2.61
N ASN B 33 44.99 -34.10 3.13
CA ASN B 33 45.12 -33.83 4.55
C ASN B 33 44.26 -34.79 5.36
N HIS B 34 43.18 -35.30 4.78
CA HIS B 34 42.33 -36.25 5.49
C HIS B 34 43.09 -37.54 5.77
N TYR B 35 43.84 -38.03 4.79
CA TYR B 35 44.61 -39.25 4.98
C TYR B 35 45.71 -39.04 6.00
N LYS B 36 46.41 -37.90 5.93
CA LYS B 36 47.44 -37.61 6.92
C LYS B 36 46.81 -37.44 8.29
N ARG B 37 45.65 -36.80 8.35
CA ARG B 37 44.93 -36.66 9.61
C ARG B 37 44.44 -38.02 10.10
N LEU B 38 44.18 -38.94 9.18
CA LEU B 38 43.73 -40.28 9.52
C LEU B 38 44.89 -41.19 9.87
N ARG B 39 46.08 -40.92 9.32
CA ARG B 39 47.25 -41.75 9.61
C ARG B 39 47.58 -41.74 11.10
N ASN B 40 47.30 -40.63 11.78
CA ASN B 40 47.56 -40.51 13.21
C ASN B 40 46.35 -41.02 13.98
N GLY B 41 46.55 -42.09 14.75
CA GLY B 41 45.47 -42.67 15.52
C GLY B 41 45.11 -41.87 16.76
N ASP B 42 44.59 -40.67 16.54
CA ASP B 42 44.19 -39.77 17.62
C ASP B 42 45.35 -39.40 18.52
N THR B 43 46.55 -39.27 17.95
CA THR B 43 47.73 -38.88 18.73
C THR B 43 48.78 -38.33 17.79
N SER B 44 49.24 -37.11 18.05
CA SER B 44 50.26 -36.45 17.25
C SER B 44 50.91 -35.39 18.12
N ASN B 45 51.81 -34.62 17.50
CA ASN B 45 52.45 -33.52 18.21
C ASN B 45 51.43 -32.45 18.56
N GLY B 46 50.64 -32.05 17.57
CA GLY B 46 49.58 -31.07 17.76
C GLY B 46 48.31 -31.79 18.16
N VAL B 47 47.99 -31.77 19.45
CA VAL B 47 46.81 -32.46 19.94
C VAL B 47 45.56 -31.73 19.48
N GLU B 48 44.48 -32.50 19.28
CA GLU B 48 43.19 -31.98 18.83
C GLU B 48 43.35 -31.24 17.48
N LEU B 49 43.77 -32.01 16.48
CA LEU B 49 43.95 -31.47 15.14
C LEU B 49 42.66 -30.85 14.63
N GLY B 50 42.80 -29.73 13.93
CA GLY B 50 41.63 -29.03 13.42
C GLY B 50 41.09 -29.64 12.14
N LYS B 51 39.85 -29.26 11.84
CA LYS B 51 39.13 -29.71 10.65
C LYS B 51 38.83 -28.51 9.77
N SER B 52 38.70 -28.76 8.47
CA SER B 52 38.43 -27.71 7.49
C SER B 52 37.44 -28.24 6.45
N ASN B 53 36.19 -27.81 6.54
CA ASN B 53 35.17 -28.22 5.60
C ASN B 53 35.35 -27.44 4.29
N ILE B 54 34.54 -27.78 3.29
CA ILE B 54 34.60 -27.16 1.97
C ILE B 54 33.20 -26.75 1.55
N LEU B 55 33.10 -25.60 0.89
CA LEU B 55 31.84 -25.06 0.39
C LEU B 55 32.00 -24.81 -1.11
N LEU B 56 31.50 -25.74 -1.93
CA LEU B 56 31.59 -25.59 -3.37
C LEU B 56 30.51 -24.64 -3.86
N ILE B 57 30.92 -23.62 -4.59
CA ILE B 57 30.01 -22.64 -5.17
C ILE B 57 30.35 -22.49 -6.64
N GLY B 58 29.34 -22.58 -7.50
CA GLY B 58 29.56 -22.43 -8.92
C GLY B 58 28.26 -22.21 -9.68
N PRO B 59 28.37 -21.92 -10.98
CA PRO B 59 27.15 -21.74 -11.78
C PRO B 59 26.44 -23.06 -12.01
N THR B 60 25.33 -23.02 -12.73
CA THR B 60 24.58 -24.24 -13.02
C THR B 60 25.33 -25.11 -14.01
N GLY B 61 25.35 -26.41 -13.74
CA GLY B 61 26.01 -27.36 -14.63
C GLY B 61 27.50 -27.15 -14.78
N SER B 62 28.15 -26.58 -13.77
CA SER B 62 29.59 -26.34 -13.86
C SER B 62 30.40 -27.61 -13.63
N GLY B 63 29.84 -28.61 -12.94
CA GLY B 63 30.53 -29.86 -12.67
C GLY B 63 30.67 -30.18 -11.20
N LYS B 64 29.79 -29.60 -10.37
CA LYS B 64 29.86 -29.87 -8.93
C LYS B 64 29.46 -31.31 -8.63
N THR B 65 28.28 -31.72 -9.10
CA THR B 65 27.82 -33.08 -8.86
C THR B 65 28.74 -34.11 -9.50
N LEU B 66 29.44 -33.73 -10.58
CA LEU B 66 30.33 -34.66 -11.25
C LEU B 66 31.55 -34.99 -10.39
N LEU B 67 32.05 -34.00 -9.64
CA LEU B 67 33.22 -34.24 -8.82
C LEU B 67 32.93 -35.23 -7.69
N ALA B 68 31.76 -35.11 -7.07
CA ALA B 68 31.42 -36.01 -5.98
C ALA B 68 31.29 -37.45 -6.47
N GLU B 69 30.83 -37.64 -7.70
CA GLU B 69 30.69 -39.00 -8.24
C GLU B 69 32.05 -39.59 -8.56
N THR B 70 32.91 -38.82 -9.24
CA THR B 70 34.24 -39.31 -9.59
C THR B 70 35.10 -39.51 -8.35
N LEU B 71 34.86 -38.71 -7.31
CA LEU B 71 35.66 -38.82 -6.09
C LEU B 71 35.44 -40.17 -5.41
N ALA B 72 34.19 -40.64 -5.36
CA ALA B 72 33.91 -41.90 -4.69
C ALA B 72 34.58 -43.08 -5.39
N ARG B 73 34.82 -42.98 -6.70
CA ARG B 73 35.44 -44.09 -7.41
C ARG B 73 36.89 -44.28 -6.96
N LEU B 74 37.66 -43.20 -6.89
CA LEU B 74 39.05 -43.26 -6.49
C LEU B 74 39.23 -43.26 -4.97
N LEU B 75 38.23 -42.81 -4.22
CA LEU B 75 38.32 -42.75 -2.77
C LEU B 75 38.14 -44.13 -2.16
N ASP B 76 39.04 -44.49 -1.24
CA ASP B 76 38.96 -45.79 -0.57
C ASP B 76 38.03 -45.74 0.62
N VAL B 77 38.12 -44.69 1.43
CA VAL B 77 37.26 -44.50 2.60
C VAL B 77 35.82 -44.41 2.11
N PRO B 78 34.82 -44.68 2.94
CA PRO B 78 33.43 -44.62 2.47
C PRO B 78 33.01 -43.22 2.06
N PHE B 79 32.02 -43.18 1.17
CA PHE B 79 31.47 -41.93 0.64
C PHE B 79 29.97 -42.08 0.49
N THR B 80 29.27 -40.96 0.65
CA THR B 80 27.83 -40.91 0.52
C THR B 80 27.44 -39.67 -0.27
N MET B 81 26.28 -39.75 -0.94
CA MET B 81 25.75 -38.68 -1.76
C MET B 81 24.36 -38.37 -1.24
N ALA B 82 24.29 -37.47 -0.25
CA ALA B 82 23.04 -37.05 0.36
C ALA B 82 22.52 -35.79 -0.33
N ASP B 83 21.39 -35.29 0.18
CA ASP B 83 20.77 -34.08 -0.34
C ASP B 83 20.04 -33.38 0.79
N ALA B 84 20.09 -32.04 0.79
CA ALA B 84 19.44 -31.24 1.82
C ALA B 84 18.02 -30.85 1.44
N THR B 85 17.39 -31.58 0.52
CA THR B 85 16.04 -31.28 0.09
C THR B 85 14.97 -31.91 0.98
N THR B 86 15.22 -33.12 1.48
CA THR B 86 14.26 -33.86 2.28
C THR B 86 14.42 -33.69 3.79
N LEU B 87 15.34 -32.84 4.24
CA LEU B 87 15.56 -32.70 5.68
C LEU B 87 14.54 -31.79 6.35
N THR B 88 14.09 -32.21 7.53
CA THR B 88 13.14 -31.47 8.35
C THR B 88 13.61 -31.56 9.79
N GLU B 89 13.57 -30.44 10.50
CA GLU B 89 14.02 -30.40 11.88
C GLU B 89 12.94 -30.84 12.87
N ALA B 90 13.39 -31.19 14.06
CA ALA B 90 12.54 -31.59 15.18
C ALA B 90 11.79 -32.89 14.92
N GLY B 91 12.39 -33.81 14.18
CA GLY B 91 11.74 -35.09 13.95
C GLY B 91 10.43 -35.04 13.20
N TYR B 92 10.31 -34.16 12.23
CA TYR B 92 9.07 -34.05 11.48
C TYR B 92 8.91 -35.27 10.57
N VAL B 93 7.79 -35.32 9.85
CA VAL B 93 7.46 -36.46 9.01
C VAL B 93 8.35 -36.58 7.78
N GLY B 94 8.94 -35.49 7.30
CA GLY B 94 9.75 -35.58 6.10
C GLY B 94 11.00 -36.44 6.24
N GLU B 95 11.95 -36.00 7.06
CA GLU B 95 13.21 -36.72 7.29
C GLU B 95 13.96 -35.95 8.37
N ASP B 96 14.92 -36.63 8.99
CA ASP B 96 15.76 -36.05 10.02
C ASP B 96 17.20 -35.97 9.55
N VAL B 97 17.99 -35.21 10.30
CA VAL B 97 19.40 -35.04 9.97
C VAL B 97 20.16 -36.34 10.19
N GLU B 98 19.73 -37.15 11.15
CA GLU B 98 20.42 -38.40 11.45
C GLU B 98 20.36 -39.40 10.30
N ASN B 99 19.46 -39.21 9.34
CA ASN B 99 19.39 -40.11 8.20
C ASN B 99 20.68 -40.11 7.40
N ILE B 100 21.41 -38.99 7.41
CA ILE B 100 22.68 -38.91 6.71
C ILE B 100 23.68 -39.89 7.32
N ILE B 101 23.65 -40.02 8.64
CA ILE B 101 24.60 -40.90 9.32
C ILE B 101 24.25 -42.36 9.06
N GLN B 102 22.98 -42.73 9.23
CA GLN B 102 22.59 -44.12 9.00
C GLN B 102 22.81 -44.51 7.54
N LYS B 103 22.67 -43.56 6.62
CA LYS B 103 22.93 -43.85 5.21
C LYS B 103 24.41 -44.13 4.99
N LEU B 104 25.27 -43.49 5.78
CA LEU B 104 26.71 -43.69 5.65
C LEU B 104 27.11 -45.10 6.06
N LEU B 105 26.43 -45.66 7.06
CA LEU B 105 26.76 -47.01 7.51
C LEU B 105 26.42 -48.05 6.45
N GLN B 106 25.44 -47.77 5.58
CA GLN B 106 25.08 -48.72 4.54
C GLN B 106 26.27 -48.98 3.62
N LYS B 107 27.07 -47.94 3.36
CA LYS B 107 28.25 -48.08 2.52
C LYS B 107 29.39 -48.72 3.30
N SER B 108 29.43 -48.52 4.61
CA SER B 108 30.46 -49.06 5.49
C SER B 108 30.07 -50.40 6.11
N ASP B 109 28.85 -50.87 5.87
CA ASP B 109 28.37 -52.14 6.42
C ASP B 109 28.35 -52.13 7.94
N TYR B 110 27.96 -50.99 8.52
CA TYR B 110 27.85 -50.83 9.96
C TYR B 110 29.20 -51.03 10.65
N ASP B 111 30.20 -50.27 10.21
CA ASP B 111 31.55 -50.29 10.75
C ASP B 111 31.81 -48.88 11.27
N VAL B 112 31.75 -48.71 12.59
CA VAL B 112 31.90 -47.39 13.18
C VAL B 112 33.32 -46.87 12.98
N GLN B 113 34.33 -47.71 13.25
CA GLN B 113 35.72 -47.26 13.09
C GLN B 113 36.02 -46.91 11.65
N LYS B 114 35.36 -47.54 10.70
CA LYS B 114 35.53 -47.26 9.28
C LYS B 114 34.59 -46.16 8.78
N ALA B 115 33.58 -45.79 9.58
CA ALA B 115 32.61 -44.78 9.19
C ALA B 115 32.98 -43.39 9.67
N GLN B 116 33.61 -43.27 10.84
CA GLN B 116 34.00 -41.96 11.33
C GLN B 116 35.02 -41.30 10.41
N ARG B 117 35.80 -42.09 9.67
CA ARG B 117 36.78 -41.59 8.72
C ARG B 117 36.19 -41.41 7.32
N GLY B 118 34.86 -41.29 7.22
CA GLY B 118 34.19 -41.14 5.94
C GLY B 118 34.05 -39.70 5.51
N ILE B 119 33.61 -39.52 4.26
CA ILE B 119 33.40 -38.22 3.66
C ILE B 119 31.91 -38.10 3.35
N VAL B 120 31.40 -36.86 3.46
CA VAL B 120 30.00 -36.56 3.23
C VAL B 120 29.89 -35.43 2.22
N TYR B 121 28.90 -35.53 1.34
CA TYR B 121 28.61 -34.54 0.32
C TYR B 121 27.12 -34.22 0.37
N ILE B 122 26.80 -32.94 0.26
CA ILE B 122 25.42 -32.47 0.28
C ILE B 122 25.24 -31.49 -0.87
N ASP B 123 24.13 -31.63 -1.59
CA ASP B 123 23.77 -30.78 -2.70
C ASP B 123 22.56 -29.94 -2.35
N GLN B 124 22.40 -28.84 -3.08
CA GLN B 124 21.27 -27.93 -2.91
C GLN B 124 21.24 -27.30 -1.52
N ILE B 125 22.42 -26.89 -1.04
CA ILE B 125 22.48 -26.28 0.29
C ILE B 125 21.76 -24.93 0.29
N ASP B 126 21.66 -24.27 -0.87
CA ASP B 126 20.97 -23.00 -0.94
C ASP B 126 19.46 -23.14 -0.70
N LYS B 127 18.92 -24.34 -0.86
CA LYS B 127 17.50 -24.57 -0.67
C LYS B 127 17.05 -24.29 0.77
N ILE B 128 17.94 -24.42 1.73
CA ILE B 128 17.61 -24.24 3.14
C ILE B 128 18.07 -22.87 3.67
N SER B 129 18.26 -21.90 2.78
CA SER B 129 18.69 -20.58 3.18
C SER B 129 17.48 -19.65 3.33
N ARG B 130 17.64 -18.63 4.16
CA ARG B 130 16.56 -17.69 4.38
C ARG B 130 16.43 -16.75 3.17
N LYS B 131 15.30 -16.05 3.11
CA LYS B 131 15.05 -15.13 2.01
C LYS B 131 15.59 -13.73 2.26
N SER B 132 15.67 -13.28 3.51
CA SER B 132 16.16 -11.96 3.84
C SER B 132 17.02 -12.00 5.09
N ASP B 133 17.63 -10.86 5.40
CA ASP B 133 18.48 -10.75 6.58
C ASP B 133 17.68 -10.90 7.87
N ASN B 134 16.40 -10.56 7.86
CA ASN B 134 15.56 -10.69 9.05
C ASN B 134 15.62 -12.12 9.57
N PRO B 135 15.49 -12.34 10.90
CA PRO B 135 15.57 -13.72 11.42
C PRO B 135 14.52 -14.64 10.82
N SER B 136 13.24 -14.29 10.98
CA SER B 136 12.16 -15.08 10.40
C SER B 136 10.84 -14.39 10.72
N ILE B 137 9.77 -14.92 10.12
CA ILE B 137 8.40 -14.49 10.40
C ILE B 137 7.51 -15.65 10.79
N THR B 138 7.87 -16.88 10.43
CA THR B 138 7.14 -18.09 10.78
C THR B 138 8.16 -19.20 10.93
N ARG B 139 7.73 -20.32 11.50
CA ARG B 139 8.64 -21.45 11.69
C ARG B 139 9.02 -22.01 10.32
N ASP B 140 10.27 -21.78 9.91
CA ASP B 140 10.78 -22.21 8.62
C ASP B 140 11.45 -23.59 8.79
N VAL B 141 10.63 -24.64 8.71
CA VAL B 141 11.12 -26.01 8.83
C VAL B 141 12.23 -26.26 7.81
N SER B 142 11.89 -26.10 6.53
CA SER B 142 12.86 -26.30 5.45
C SER B 142 13.58 -24.97 5.18
N GLY B 143 14.47 -24.64 6.12
CA GLY B 143 15.21 -23.40 6.06
C GLY B 143 16.20 -23.28 7.19
N GLU B 144 16.25 -22.09 7.81
CA GLU B 144 17.17 -21.83 8.92
C GLU B 144 17.15 -22.92 9.99
N GLY B 145 15.98 -23.55 10.21
CA GLY B 145 15.91 -24.59 11.21
C GLY B 145 16.83 -25.77 10.91
N VAL B 146 16.98 -26.09 9.62
CA VAL B 146 17.87 -27.19 9.25
C VAL B 146 19.32 -26.82 9.51
N GLN B 147 19.66 -25.55 9.26
CA GLN B 147 21.03 -25.09 9.50
C GLN B 147 21.36 -25.14 10.98
N GLN B 148 20.40 -24.76 11.84
CA GLN B 148 20.62 -24.77 13.27
C GLN B 148 20.93 -26.17 13.78
N ALA B 149 20.29 -27.18 13.18
CA ALA B 149 20.53 -28.56 13.61
C ALA B 149 21.90 -29.05 13.14
N LEU B 150 22.35 -28.60 11.97
CA LEU B 150 23.63 -29.03 11.44
C LEU B 150 24.81 -28.42 12.17
N LEU B 151 24.62 -27.30 12.87
CA LEU B 151 25.72 -26.64 13.58
C LEU B 151 26.46 -27.61 14.50
N LYS B 152 25.73 -28.30 15.38
CA LYS B 152 26.37 -29.25 16.29
C LYS B 152 26.99 -30.41 15.52
N LEU B 153 26.36 -30.83 14.42
CA LEU B 153 26.88 -31.97 13.67
C LEU B 153 28.22 -31.68 13.01
N ILE B 154 28.43 -30.45 12.55
CA ILE B 154 29.71 -30.12 11.90
C ILE B 154 30.80 -29.81 12.92
N GLU B 155 30.44 -29.54 14.17
CA GLU B 155 31.43 -29.25 15.21
C GLU B 155 31.89 -30.52 15.90
N GLY B 156 30.96 -31.44 16.13
CA GLY B 156 31.24 -32.72 16.76
C GLY B 156 30.23 -33.04 17.84
N THR B 157 29.63 -34.21 17.73
CA THR B 157 28.62 -34.69 18.69
C THR B 157 28.41 -36.16 18.39
N VAL B 158 27.45 -36.77 19.08
CA VAL B 158 27.09 -38.18 18.90
C VAL B 158 25.58 -38.23 18.70
N ALA B 159 25.16 -38.77 17.56
CA ALA B 159 23.76 -38.88 17.20
C ALA B 159 23.31 -40.33 17.25
N ALA B 160 22.10 -40.54 17.77
CA ALA B 160 21.53 -41.87 17.85
C ALA B 160 21.19 -42.38 16.46
N VAL B 161 21.58 -43.61 16.17
CA VAL B 161 21.33 -44.23 14.86
C VAL B 161 20.87 -45.67 15.05
N PRO B 162 19.64 -46.04 14.68
CA PRO B 162 19.22 -47.44 14.84
C PRO B 162 20.02 -48.35 13.91
N PRO B 163 20.82 -49.29 14.44
CA PRO B 163 21.59 -50.15 13.54
C PRO B 163 20.69 -51.16 12.84
N GLN B 164 20.71 -51.13 11.50
CA GLN B 164 19.95 -52.01 10.63
C GLN B 164 18.45 -51.74 10.66
N GLY B 165 17.97 -50.76 11.45
CA GLY B 165 16.57 -50.49 11.58
C GLY B 165 15.89 -51.27 12.68
N GLY B 166 16.49 -52.39 13.09
CA GLY B 166 15.95 -53.22 14.15
C GLY B 166 14.93 -54.21 13.63
N ARG B 167 14.91 -55.41 14.21
CA ARG B 167 13.94 -56.41 13.78
C ARG B 167 12.53 -56.01 14.24
N LYS B 168 12.41 -55.52 15.47
CA LYS B 168 11.13 -55.10 16.02
C LYS B 168 11.40 -54.12 17.16
N HIS B 169 10.36 -53.80 17.92
CA HIS B 169 10.39 -52.89 19.06
C HIS B 169 11.23 -53.34 20.26
N PRO B 170 11.39 -54.64 20.54
CA PRO B 170 12.22 -55.05 21.69
C PRO B 170 13.64 -54.49 21.74
N GLN B 171 14.34 -54.39 20.60
CA GLN B 171 15.71 -53.88 20.64
C GLN B 171 15.76 -52.48 21.26
N GLN B 172 15.01 -51.53 20.70
CA GLN B 172 14.91 -50.15 21.18
C GLN B 172 16.24 -49.52 21.62
N GLU B 173 17.29 -49.72 20.83
CA GLU B 173 18.61 -49.16 21.14
C GLU B 173 19.14 -48.42 19.92
N PHE B 174 20.16 -47.60 20.17
CA PHE B 174 20.79 -46.80 19.13
C PHE B 174 22.29 -46.79 19.34
N LEU B 175 23.03 -46.63 18.24
CA LEU B 175 24.49 -46.57 18.27
C LEU B 175 24.95 -45.13 18.21
N GLN B 176 26.02 -44.84 18.93
CA GLN B 176 26.60 -43.50 18.98
C GLN B 176 27.77 -43.45 18.01
N VAL B 177 27.80 -42.41 17.17
CA VAL B 177 28.83 -42.23 16.16
C VAL B 177 29.32 -40.78 16.21
N ASP B 178 30.56 -40.59 16.67
CA ASP B 178 31.15 -39.26 16.72
C ASP B 178 31.16 -38.64 15.32
N THR B 179 31.23 -37.31 15.27
CA THR B 179 31.25 -36.58 14.00
C THR B 179 32.27 -35.45 13.98
N SER B 180 33.13 -35.33 14.99
CA SER B 180 34.12 -34.26 14.97
C SER B 180 35.17 -34.48 13.90
N LYS B 181 35.44 -35.74 13.55
CA LYS B 181 36.46 -36.09 12.56
C LYS B 181 35.87 -36.30 11.16
N ILE B 182 34.56 -36.28 11.00
CA ILE B 182 33.95 -36.50 9.70
C ILE B 182 33.99 -35.22 8.89
N LEU B 183 34.35 -35.35 7.61
CA LEU B 183 34.40 -34.22 6.68
C LEU B 183 33.04 -34.02 6.05
N PHE B 184 32.75 -32.77 5.68
CA PHE B 184 31.48 -32.42 5.05
C PHE B 184 31.76 -31.46 3.91
N ILE B 185 31.19 -31.76 2.74
CA ILE B 185 31.31 -30.93 1.54
C ILE B 185 29.90 -30.51 1.17
N CYS B 186 29.49 -29.33 1.62
CA CYS B 186 28.15 -28.80 1.36
C CYS B 186 28.28 -27.72 0.30
N GLY B 187 27.77 -27.99 -0.89
CA GLY B 187 27.84 -27.06 -1.99
C GLY B 187 26.68 -27.14 -2.95
N GLY B 188 26.20 -25.98 -3.39
CA GLY B 188 25.09 -25.93 -4.33
C GLY B 188 25.09 -24.60 -5.05
N ALA B 189 24.61 -24.62 -6.29
CA ALA B 189 24.56 -23.43 -7.11
C ALA B 189 23.57 -22.43 -6.53
N PHE B 190 24.08 -21.32 -6.00
CA PHE B 190 23.23 -20.30 -5.42
C PHE B 190 22.61 -19.46 -6.53
N ALA B 191 21.34 -19.10 -6.36
CA ALA B 191 20.60 -18.31 -7.33
C ALA B 191 20.46 -16.89 -6.81
N GLY B 192 20.74 -15.91 -7.67
CA GLY B 192 20.62 -14.52 -7.32
C GLY B 192 21.76 -13.96 -6.50
N LEU B 193 22.80 -14.75 -6.24
CA LEU B 193 23.91 -14.25 -5.44
C LEU B 193 24.68 -13.15 -6.16
N ASP B 194 24.71 -13.20 -7.49
CA ASP B 194 25.45 -12.18 -8.24
C ASP B 194 24.92 -10.78 -8.00
N LYS B 195 23.61 -10.62 -7.91
CA LYS B 195 23.05 -9.29 -7.68
C LYS B 195 23.44 -8.77 -6.31
N VAL B 196 23.38 -9.61 -5.28
CA VAL B 196 23.75 -9.19 -3.93
C VAL B 196 25.20 -8.72 -3.90
N ILE B 197 26.09 -9.46 -4.56
CA ILE B 197 27.49 -9.08 -4.60
C ILE B 197 27.69 -7.83 -5.43
N SER B 198 26.86 -7.63 -6.45
CA SER B 198 26.99 -6.45 -7.30
C SER B 198 26.77 -5.17 -6.52
N HIS B 199 25.76 -5.16 -5.64
CA HIS B 199 25.48 -3.96 -4.85
C HIS B 199 26.66 -3.57 -3.98
N ARG B 200 27.39 -4.56 -3.48
CA ARG B 200 28.53 -4.29 -2.61
C ARG B 200 29.70 -3.69 -3.36
N VAL B 201 30.05 -4.27 -4.51
CA VAL B 201 31.22 -3.81 -5.27
C VAL B 201 30.89 -2.73 -6.32
N GLU B 202 29.66 -2.71 -6.85
CA GLU B 202 29.33 -1.71 -7.87
C GLU B 202 29.37 -0.30 -7.29
N THR B 203 28.97 -0.13 -6.03
CA THR B 203 28.93 1.16 -5.36
C THR B 203 27.77 2.02 -5.85
N GLY B 204 26.74 1.39 -6.40
CA GLY B 204 25.59 2.09 -6.94
C GLY B 204 25.82 2.54 -8.37
N SER B 205 24.74 3.06 -8.97
CA SER B 205 24.74 3.52 -10.35
C SER B 205 24.16 4.94 -10.40
N GLY B 206 25.02 5.92 -10.23
CA GLY B 206 24.57 7.31 -10.30
C GLY B 206 24.17 7.67 -11.72
N ILE B 207 23.13 8.48 -11.83
CA ILE B 207 22.61 8.87 -13.14
C ILE B 207 23.38 10.01 -13.78
N GLY B 208 24.23 10.71 -13.01
CA GLY B 208 24.97 11.82 -13.56
C GLY B 208 26.13 11.41 -14.45
N PHE B 209 26.87 12.43 -14.89
CA PHE B 209 28.02 12.21 -15.76
C PHE B 209 29.16 11.49 -15.04
N GLY B 210 29.55 12.02 -13.88
CA GLY B 210 30.67 11.46 -13.14
C GLY B 210 30.48 10.02 -12.72
N ALA B 211 29.25 9.63 -12.38
CA ALA B 211 29.02 8.26 -11.95
C ALA B 211 29.25 7.30 -13.11
N THR B 212 29.59 6.06 -12.77
CA THR B 212 29.85 5.02 -13.75
C THR B 212 28.60 4.15 -13.92
N VAL B 213 27.99 4.23 -15.09
CA VAL B 213 26.85 3.42 -15.42
C VAL B 213 27.35 2.08 -15.96
N LYS B 214 26.46 1.08 -16.00
CA LYS B 214 26.85 -0.21 -16.53
C LYS B 214 27.21 -0.02 -18.00
N ALA B 215 28.49 -0.20 -18.32
CA ALA B 215 29.00 -0.02 -19.68
C ALA B 215 28.12 -0.71 -20.72
N LYS B 216 27.92 -2.01 -20.56
CA LYS B 216 27.09 -2.81 -21.46
C LYS B 216 26.10 -3.61 -20.63
N SER B 217 25.18 -4.26 -21.33
CA SER B 217 24.22 -5.13 -20.63
C SER B 217 24.94 -6.28 -19.96
N ASP B 218 25.96 -6.83 -20.63
CA ASP B 218 26.76 -7.93 -20.11
C ASP B 218 28.01 -7.35 -19.45
N LYS B 219 27.96 -7.23 -18.13
CA LYS B 219 29.07 -6.70 -17.35
C LYS B 219 29.10 -7.44 -16.02
N ALA B 220 30.31 -7.56 -15.45
CA ALA B 220 30.49 -8.26 -14.17
C ALA B 220 29.97 -9.69 -14.27
N SER B 221 30.61 -10.45 -15.15
CA SER B 221 30.22 -11.84 -15.41
C SER B 221 30.14 -12.65 -14.13
N GLU B 222 29.29 -13.69 -14.17
CA GLU B 222 29.06 -14.57 -13.02
C GLU B 222 30.34 -15.14 -12.44
N GLY B 223 31.29 -15.50 -13.30
CA GLY B 223 32.51 -16.12 -12.79
C GLY B 223 33.45 -15.12 -12.14
N GLU B 224 33.72 -14.00 -12.82
CA GLU B 224 34.59 -12.98 -12.25
C GLU B 224 34.01 -12.40 -10.98
N LEU B 225 32.68 -12.26 -10.92
CA LEU B 225 32.02 -11.70 -9.75
C LEU B 225 32.11 -12.61 -8.54
N LEU B 226 31.87 -13.91 -8.73
CA LEU B 226 31.88 -14.84 -7.61
C LEU B 226 33.25 -14.92 -6.94
N ALA B 227 34.32 -14.65 -7.69
CA ALA B 227 35.65 -14.70 -7.10
C ALA B 227 35.80 -13.71 -5.95
N GLN B 228 35.09 -12.59 -6.01
CA GLN B 228 35.13 -11.56 -4.98
C GLN B 228 34.14 -11.82 -3.85
N VAL B 229 33.64 -13.06 -3.72
CA VAL B 229 32.67 -13.38 -2.68
C VAL B 229 33.36 -13.48 -1.32
N GLU B 230 32.63 -13.08 -0.28
CA GLU B 230 33.10 -13.12 1.09
C GLU B 230 31.98 -13.65 1.96
N PRO B 231 32.27 -14.06 3.20
CA PRO B 231 31.20 -14.56 4.07
C PRO B 231 30.12 -13.53 4.39
N GLU B 232 30.49 -12.26 4.51
CA GLU B 232 29.50 -11.23 4.83
C GLU B 232 28.43 -11.11 3.76
N ASP B 233 28.77 -11.42 2.51
CA ASP B 233 27.77 -11.34 1.45
C ASP B 233 26.70 -12.41 1.59
N LEU B 234 27.09 -13.60 2.07
CA LEU B 234 26.14 -14.68 2.25
C LEU B 234 25.13 -14.41 3.36
N ILE B 235 25.44 -13.50 4.28
CA ILE B 235 24.50 -13.20 5.36
C ILE B 235 23.26 -12.55 4.80
N LYS B 236 23.43 -11.61 3.86
CA LYS B 236 22.27 -10.97 3.24
C LYS B 236 21.49 -11.97 2.40
N PHE B 237 22.15 -13.04 1.92
CA PHE B 237 21.47 -14.05 1.13
C PHE B 237 20.48 -14.81 2.00
N GLY B 238 20.84 -15.08 3.25
CA GLY B 238 19.99 -15.80 4.17
C GLY B 238 20.72 -16.77 5.08
N LEU B 239 21.92 -17.16 4.71
CA LEU B 239 22.69 -18.09 5.53
C LEU B 239 23.07 -17.44 6.85
N ILE B 240 23.14 -18.26 7.90
CA ILE B 240 23.48 -17.80 9.24
C ILE B 240 25.00 -17.76 9.35
N PRO B 241 25.60 -16.80 10.05
CA PRO B 241 27.07 -16.81 10.15
C PRO B 241 27.60 -18.02 10.90
N GLU B 242 26.80 -18.59 11.80
CA GLU B 242 27.23 -19.78 12.54
C GLU B 242 27.50 -20.93 11.58
N PHE B 243 26.59 -21.14 10.63
CA PHE B 243 26.78 -22.22 9.67
C PHE B 243 27.94 -21.91 8.73
N ILE B 244 28.11 -20.65 8.35
CA ILE B 244 29.19 -20.29 7.45
C ILE B 244 30.53 -20.41 8.16
N GLY B 245 30.56 -20.15 9.48
CA GLY B 245 31.80 -20.29 10.21
C GLY B 245 32.34 -21.70 10.17
N ARG B 246 31.44 -22.69 10.10
CA ARG B 246 31.83 -24.08 10.03
C ARG B 246 32.45 -24.47 8.70
N LEU B 247 32.35 -23.62 7.67
CA LEU B 247 32.89 -23.88 6.34
C LEU B 247 33.84 -22.74 5.98
N PRO B 248 35.08 -22.78 6.48
CA PRO B 248 36.01 -21.69 6.15
C PRO B 248 36.43 -21.69 4.69
N VAL B 249 36.74 -22.86 4.14
CA VAL B 249 37.21 -22.92 2.76
C VAL B 249 36.05 -22.67 1.82
N VAL B 250 36.34 -22.00 0.70
CA VAL B 250 35.35 -21.67 -0.32
C VAL B 250 36.00 -21.84 -1.68
N ALA B 251 35.29 -22.51 -2.58
CA ALA B 251 35.77 -22.76 -3.95
C ALA B 251 34.82 -22.10 -4.92
N THR B 252 35.36 -21.22 -5.75
CA THR B 252 34.59 -20.48 -6.74
C THR B 252 34.85 -21.08 -8.13
N LEU B 253 33.88 -21.82 -8.64
CA LEU B 253 34.01 -22.41 -9.96
C LEU B 253 33.61 -21.40 -11.02
N ASN B 254 34.29 -21.43 -12.15
CA ASN B 254 34.04 -20.50 -13.23
C ASN B 254 33.01 -21.06 -14.22
N GLU B 255 32.46 -20.16 -15.02
CA GLU B 255 31.49 -20.55 -16.04
C GLU B 255 32.21 -21.21 -17.20
N LEU B 256 31.52 -22.11 -17.88
CA LEU B 256 32.12 -22.82 -19.00
C LEU B 256 32.40 -21.85 -20.14
N SER B 257 33.62 -21.95 -20.69
CA SER B 257 34.05 -21.11 -21.79
C SER B 257 33.73 -21.79 -23.11
N GLU B 258 33.98 -21.07 -24.21
CA GLU B 258 33.72 -21.63 -25.54
C GLU B 258 34.65 -22.80 -25.82
N GLU B 259 35.95 -22.59 -25.65
CA GLU B 259 36.91 -23.67 -25.90
C GLU B 259 36.76 -24.80 -24.89
N ALA B 260 36.27 -24.50 -23.68
CA ALA B 260 36.09 -25.53 -22.67
C ALA B 260 35.05 -26.56 -23.10
N LEU B 261 33.97 -26.10 -23.72
CA LEU B 261 32.93 -27.04 -24.16
C LEU B 261 33.43 -27.95 -25.26
N ILE B 262 34.31 -27.46 -26.14
CA ILE B 262 34.82 -28.29 -27.22
C ILE B 262 35.65 -29.43 -26.67
N GLN B 263 36.45 -29.15 -25.62
CA GLN B 263 37.27 -30.20 -25.02
C GLN B 263 36.43 -31.22 -24.28
N ILE B 264 35.31 -30.78 -23.69
CA ILE B 264 34.45 -31.68 -22.93
C ILE B 264 33.78 -32.71 -23.83
N LEU B 265 33.59 -32.40 -25.11
CA LEU B 265 32.93 -33.33 -26.01
C LEU B 265 33.85 -34.40 -26.58
N LYS B 266 35.17 -34.22 -26.52
CA LYS B 266 36.12 -35.18 -27.08
C LYS B 266 37.01 -35.86 -26.03
N GLU B 267 37.69 -35.08 -25.18
CA GLU B 267 38.63 -35.68 -24.23
C GLU B 267 37.98 -36.54 -23.15
N PRO B 268 36.91 -36.11 -22.48
CA PRO B 268 36.35 -36.95 -21.41
C PRO B 268 35.84 -38.29 -21.90
N LYS B 269 35.90 -39.26 -20.99
CA LYS B 269 35.43 -40.61 -21.28
C LYS B 269 33.92 -40.65 -21.47
N ASN B 270 33.19 -39.90 -20.64
CA ASN B 270 31.73 -39.88 -20.67
C ASN B 270 31.18 -38.74 -21.52
N ALA B 271 31.93 -38.27 -22.50
CA ALA B 271 31.44 -37.20 -23.36
C ALA B 271 30.27 -37.68 -24.19
N LEU B 272 29.41 -36.73 -24.57
CA LEU B 272 28.22 -37.09 -25.36
C LEU B 272 28.60 -37.66 -26.72
N THR B 273 29.71 -37.19 -27.31
CA THR B 273 30.13 -37.71 -28.60
C THR B 273 30.42 -39.20 -28.52
N LYS B 274 31.07 -39.63 -27.43
CA LYS B 274 31.35 -41.05 -27.27
C LYS B 274 30.08 -41.82 -26.91
N GLN B 275 29.13 -41.15 -26.27
CA GLN B 275 27.87 -41.80 -25.90
C GLN B 275 27.07 -42.15 -27.14
N TYR B 276 26.79 -41.15 -27.98
CA TYR B 276 26.05 -41.42 -29.21
C TYR B 276 26.83 -42.32 -30.14
N GLN B 277 28.16 -42.24 -30.10
CA GLN B 277 28.97 -43.14 -30.92
C GLN B 277 28.71 -44.59 -30.52
N ALA B 278 28.53 -44.82 -29.22
CA ALA B 278 28.23 -46.15 -28.73
C ALA B 278 26.77 -46.50 -28.98
N LEU B 279 25.89 -45.49 -29.05
CA LEU B 279 24.48 -45.75 -29.32
C LEU B 279 24.30 -46.34 -30.70
N PHE B 280 25.09 -45.89 -31.67
CA PHE B 280 25.05 -46.42 -33.02
C PHE B 280 25.98 -47.61 -33.20
N ASN B 281 26.93 -47.82 -32.28
CA ASN B 281 27.85 -48.94 -32.41
C ASN B 281 27.10 -50.27 -32.34
N LEU B 282 26.10 -50.36 -31.45
CA LEU B 282 25.32 -51.57 -31.36
C LEU B 282 24.48 -51.78 -32.61
N GLU B 283 24.10 -50.69 -33.28
CA GLU B 283 23.32 -50.75 -34.50
C GLU B 283 24.19 -51.00 -35.73
N GLY B 284 25.49 -51.23 -35.56
CA GLY B 284 26.35 -51.47 -36.70
C GLY B 284 26.56 -50.25 -37.56
N VAL B 285 26.53 -49.06 -36.96
CA VAL B 285 26.69 -47.80 -37.68
C VAL B 285 27.65 -46.92 -36.89
N ASP B 286 28.56 -46.26 -37.60
CA ASP B 286 29.53 -45.37 -36.99
C ASP B 286 29.02 -43.94 -37.04
N LEU B 287 29.78 -43.03 -36.41
CA LEU B 287 29.42 -41.62 -36.36
C LEU B 287 30.68 -40.78 -36.38
N GLU B 288 30.53 -39.54 -36.83
CA GLU B 288 31.63 -38.59 -36.91
C GLU B 288 31.12 -37.20 -36.57
N PHE B 289 32.01 -36.41 -35.97
CA PHE B 289 31.71 -35.03 -35.57
C PHE B 289 32.98 -34.22 -35.82
N ARG B 290 33.00 -33.47 -36.92
CA ARG B 290 34.16 -32.66 -37.25
C ARG B 290 34.25 -31.45 -36.31
N ASP B 291 35.46 -30.88 -36.24
CA ASP B 291 35.69 -29.73 -35.37
C ASP B 291 34.89 -28.51 -35.81
N GLU B 292 34.62 -28.36 -37.11
CA GLU B 292 33.88 -27.20 -37.57
C GLU B 292 32.46 -27.18 -37.03
N ALA B 293 31.90 -28.36 -36.75
CA ALA B 293 30.55 -28.45 -36.19
C ALA B 293 30.52 -28.12 -34.70
N LEU B 294 31.58 -28.45 -33.97
CA LEU B 294 31.59 -28.23 -32.53
C LEU B 294 31.70 -26.76 -32.15
N ASP B 295 32.37 -25.95 -32.97
CA ASP B 295 32.51 -24.53 -32.62
C ASP B 295 31.14 -23.85 -32.62
N ALA B 296 30.27 -24.21 -33.57
CA ALA B 296 28.95 -23.60 -33.62
C ALA B 296 28.08 -24.08 -32.47
N ILE B 297 28.25 -25.34 -32.05
CA ILE B 297 27.46 -25.88 -30.94
C ILE B 297 27.81 -25.16 -29.64
N ALA B 298 29.08 -24.80 -29.46
CA ALA B 298 29.50 -24.12 -28.25
C ALA B 298 28.84 -22.76 -28.12
N LYS B 299 28.74 -22.02 -29.23
CA LYS B 299 28.11 -20.70 -29.20
C LYS B 299 26.62 -20.82 -28.87
N LYS B 300 25.99 -21.91 -29.28
CA LYS B 300 24.56 -22.10 -29.01
C LYS B 300 24.30 -22.47 -27.56
N ALA B 301 25.22 -23.21 -26.93
CA ALA B 301 25.01 -23.63 -25.55
C ALA B 301 25.09 -22.44 -24.60
N MET B 302 26.09 -21.58 -24.77
CA MET B 302 26.23 -20.42 -23.89
C MET B 302 25.04 -19.48 -24.01
N ALA B 303 24.39 -19.44 -25.18
CA ALA B 303 23.24 -18.58 -25.35
C ALA B 303 22.08 -19.03 -24.47
N ARG B 304 21.97 -20.34 -24.20
CA ARG B 304 20.89 -20.85 -23.38
C ARG B 304 21.08 -20.52 -21.90
N LYS B 305 22.30 -20.23 -21.47
CA LYS B 305 22.59 -19.89 -20.07
C LYS B 305 22.16 -21.02 -19.14
N THR B 306 22.60 -22.24 -19.49
CA THR B 306 22.27 -23.44 -18.73
C THR B 306 23.49 -24.31 -18.42
N GLY B 307 24.59 -24.16 -19.14
CA GLY B 307 25.78 -24.94 -18.91
C GLY B 307 25.86 -26.17 -19.80
N ALA B 308 26.76 -27.07 -19.41
CA ALA B 308 26.97 -28.29 -20.17
C ALA B 308 25.74 -29.18 -20.17
N ARG B 309 24.92 -29.12 -19.11
CA ARG B 309 23.73 -29.94 -19.05
C ARG B 309 22.71 -29.56 -20.11
N GLY B 310 22.76 -28.33 -20.61
CA GLY B 310 21.85 -27.90 -21.65
C GLY B 310 22.40 -28.12 -23.04
N LEU B 311 23.41 -28.98 -23.16
CA LEU B 311 24.03 -29.25 -24.45
C LEU B 311 23.25 -30.29 -25.25
N ARG B 312 22.59 -31.23 -24.57
CA ARG B 312 21.83 -32.26 -25.28
C ARG B 312 20.69 -31.66 -26.09
N SER B 313 20.16 -30.50 -25.69
CA SER B 313 19.07 -29.87 -26.42
C SER B 313 19.49 -29.54 -27.85
N ILE B 314 20.74 -29.16 -28.06
CA ILE B 314 21.23 -28.83 -29.39
C ILE B 314 21.48 -30.10 -30.20
N VAL B 315 22.25 -31.02 -29.64
CA VAL B 315 22.58 -32.26 -30.34
C VAL B 315 21.33 -33.07 -30.66
N GLU B 316 20.37 -33.12 -29.74
CA GLU B 316 19.18 -33.93 -29.97
C GLU B 316 18.31 -33.34 -31.07
N ALA B 317 18.32 -32.03 -31.26
CA ALA B 317 17.49 -31.42 -32.29
C ALA B 317 17.90 -31.89 -33.69
N ALA B 318 19.21 -31.90 -33.95
CA ALA B 318 19.69 -32.31 -35.28
C ALA B 318 19.55 -33.81 -35.48
N LEU B 319 19.96 -34.60 -34.49
CA LEU B 319 19.92 -36.05 -34.61
C LEU B 319 18.50 -36.60 -34.72
N LEU B 320 17.52 -35.91 -34.12
CA LEU B 320 16.12 -36.33 -34.14
C LEU B 320 15.64 -36.85 -35.49
N ASP B 321 15.84 -36.06 -36.54
CA ASP B 321 15.42 -36.49 -37.87
C ASP B 321 16.14 -37.76 -38.31
N THR B 322 17.44 -37.83 -38.02
CA THR B 322 18.23 -39.00 -38.41
C THR B 322 17.81 -40.24 -37.61
N MET B 323 17.68 -40.10 -36.30
CA MET B 323 17.32 -41.25 -35.47
C MET B 323 15.93 -41.78 -35.78
N TYR B 324 15.01 -40.92 -36.21
CA TYR B 324 13.66 -41.37 -36.50
C TYR B 324 13.62 -42.32 -37.69
N ASP B 325 14.31 -41.98 -38.77
CA ASP B 325 14.31 -42.79 -39.98
C ASP B 325 15.55 -43.67 -40.16
N LEU B 326 16.48 -43.65 -39.22
CA LEU B 326 17.68 -44.49 -39.37
C LEU B 326 17.36 -45.98 -39.24
N PRO B 327 16.55 -46.42 -38.27
CA PRO B 327 16.26 -47.86 -38.19
C PRO B 327 15.54 -48.40 -39.42
N SER B 328 14.60 -47.63 -39.97
CA SER B 328 13.90 -48.07 -41.17
C SER B 328 14.86 -48.15 -42.35
N MET B 329 15.84 -47.26 -42.41
CA MET B 329 16.81 -47.25 -43.48
C MET B 329 17.77 -48.43 -43.32
N GLU B 330 18.19 -48.98 -44.45
CA GLU B 330 19.10 -50.12 -44.49
C GLU B 330 20.29 -49.79 -45.37
N ASP B 331 21.35 -50.59 -45.22
CA ASP B 331 22.59 -50.41 -45.99
C ASP B 331 23.21 -49.05 -45.68
N VAL B 332 23.14 -48.64 -44.42
CA VAL B 332 23.70 -47.38 -43.93
C VAL B 332 24.77 -47.73 -42.92
N GLU B 333 26.03 -47.36 -43.22
CA GLU B 333 27.16 -47.68 -42.34
C GLU B 333 27.81 -46.48 -41.68
N LYS B 334 27.69 -45.28 -42.23
CA LYS B 334 28.33 -44.12 -41.63
C LYS B 334 27.48 -42.87 -41.81
N VAL B 335 27.50 -42.01 -40.80
CA VAL B 335 26.77 -40.74 -40.79
C VAL B 335 27.77 -39.63 -40.49
N VAL B 336 27.70 -38.54 -41.27
CA VAL B 336 28.57 -37.39 -41.11
C VAL B 336 27.71 -36.17 -40.83
N ILE B 337 28.09 -35.40 -39.81
CA ILE B 337 27.38 -34.20 -39.39
C ILE B 337 28.24 -32.99 -39.71
N ASP B 338 27.71 -32.08 -40.51
CA ASP B 338 28.41 -30.86 -40.89
C ASP B 338 27.94 -29.68 -40.04
N GLU B 339 28.62 -28.55 -40.21
CA GLU B 339 28.28 -27.35 -39.45
C GLU B 339 26.87 -26.87 -39.80
N SER B 340 26.49 -26.99 -41.07
CA SER B 340 25.16 -26.56 -41.50
C SER B 340 24.06 -27.36 -40.82
N VAL B 341 24.33 -28.64 -40.51
CA VAL B 341 23.32 -29.50 -39.90
C VAL B 341 22.85 -28.92 -38.56
N ILE B 342 23.77 -28.34 -37.79
CA ILE B 342 23.39 -27.78 -36.50
C ILE B 342 22.45 -26.60 -36.68
N ASP B 343 22.72 -25.76 -37.67
CA ASP B 343 21.84 -24.62 -37.93
C ASP B 343 20.46 -25.08 -38.37
N GLY B 344 20.40 -26.21 -39.09
CA GLY B 344 19.15 -26.76 -39.60
C GLY B 344 18.88 -26.48 -41.06
N GLN B 345 19.73 -25.68 -41.71
CA GLN B 345 19.53 -25.39 -43.12
C GLN B 345 19.75 -26.63 -43.98
N SER B 346 20.75 -27.44 -43.63
CA SER B 346 21.11 -28.65 -44.35
C SER B 346 20.70 -29.88 -43.56
N GLU B 347 20.88 -31.04 -44.22
CA GLU B 347 20.56 -32.36 -43.71
C GLU B 347 21.84 -33.16 -43.54
N PRO B 348 22.00 -33.95 -42.47
CA PRO B 348 23.24 -34.71 -42.29
C PRO B 348 23.48 -35.69 -43.43
N LEU B 349 24.70 -35.65 -43.96
CA LEU B 349 25.09 -36.54 -45.05
C LEU B 349 25.12 -37.99 -44.57
N LEU B 350 24.67 -38.89 -45.44
CA LEU B 350 24.63 -40.32 -45.16
C LEU B 350 25.49 -41.07 -46.18
N ILE B 351 26.08 -42.17 -45.72
CA ILE B 351 26.94 -43.02 -46.52
C ILE B 351 26.31 -44.39 -46.58
N TYR B 352 26.26 -44.97 -47.78
CA TYR B 352 25.68 -46.28 -48.02
C TYR B 352 26.76 -47.27 -48.41
N GLY B 353 26.69 -48.47 -47.85
CA GLY B 353 27.66 -49.51 -48.14
C GLY B 353 27.71 -50.58 -47.07
N ALA C 2 12.60 -58.82 -32.20
CA ALA C 2 13.16 -57.49 -32.35
C ALA C 2 12.28 -56.44 -31.67
N LEU C 3 12.88 -55.31 -31.34
CA LEU C 3 12.16 -54.23 -30.69
C LEU C 3 11.38 -53.42 -31.71
N PRO C 4 10.44 -52.56 -31.26
CA PRO C 4 9.71 -51.74 -32.24
C PRO C 4 10.60 -50.72 -32.91
N THR C 5 10.06 -49.96 -33.86
CA THR C 5 10.77 -48.94 -34.60
C THR C 5 10.04 -47.62 -34.48
N PRO C 6 10.71 -46.50 -34.78
CA PRO C 6 10.00 -45.20 -34.70
C PRO C 6 8.83 -45.12 -35.67
N HIS C 7 8.96 -45.72 -36.85
CA HIS C 7 7.87 -45.71 -37.81
C HIS C 7 6.71 -46.55 -37.33
N GLU C 8 7.00 -47.68 -36.67
CA GLU C 8 5.94 -48.56 -36.19
C GLU C 8 5.26 -47.96 -34.96
N ILE C 9 6.04 -47.45 -34.02
CA ILE C 9 5.45 -46.85 -32.83
C ILE C 9 4.68 -45.59 -33.19
N ARG C 10 5.14 -44.86 -34.20
CA ARG C 10 4.45 -43.64 -34.62
C ARG C 10 3.15 -44.00 -35.32
N ASN C 11 3.15 -45.09 -36.08
CA ASN C 11 1.94 -45.51 -36.77
C ASN C 11 0.84 -45.86 -35.77
N HIS C 12 1.23 -46.37 -34.59
CA HIS C 12 0.24 -46.71 -33.58
C HIS C 12 -0.34 -45.46 -32.94
N LEU C 13 0.52 -44.50 -32.60
CA LEU C 13 0.03 -43.27 -31.99
C LEU C 13 -0.81 -42.46 -32.96
N ASP C 14 -0.54 -42.57 -34.27
CA ASP C 14 -1.32 -41.85 -35.25
C ASP C 14 -2.78 -42.29 -35.24
N ASP C 15 -3.03 -43.55 -34.88
CA ASP C 15 -4.39 -44.07 -34.81
C ASP C 15 -5.19 -43.37 -33.73
N TYR C 16 -4.54 -42.92 -32.66
CA TYR C 16 -5.18 -42.26 -31.53
C TYR C 16 -4.94 -40.76 -31.47
N VAL C 17 -3.95 -40.24 -32.20
CA VAL C 17 -3.61 -38.83 -32.19
C VAL C 17 -3.48 -38.34 -33.63
N ILE C 18 -3.95 -37.13 -33.88
CA ILE C 18 -3.92 -36.52 -35.21
C ILE C 18 -3.42 -35.09 -35.12
N GLY C 19 -2.71 -34.67 -36.17
CA GLY C 19 -2.22 -33.31 -36.28
C GLY C 19 -1.06 -32.92 -35.39
N GLN C 20 -0.19 -33.87 -35.01
CA GLN C 20 0.98 -33.58 -34.19
C GLN C 20 2.14 -34.39 -34.78
N GLU C 21 2.88 -33.78 -35.69
CA GLU C 21 3.99 -34.47 -36.35
C GLU C 21 5.27 -34.43 -35.51
N GLN C 22 5.70 -33.22 -35.14
CA GLN C 22 6.95 -33.08 -34.39
C GLN C 22 6.87 -33.69 -32.99
N ALA C 23 5.69 -33.66 -32.37
CA ALA C 23 5.57 -34.21 -31.02
C ALA C 23 5.74 -35.72 -31.02
N LYS C 24 5.18 -36.40 -32.01
CA LYS C 24 5.30 -37.86 -32.06
C LYS C 24 6.73 -38.30 -32.32
N LYS C 25 7.51 -37.51 -33.05
CA LYS C 25 8.88 -37.86 -33.34
C LYS C 25 9.74 -37.91 -32.08
N VAL C 26 9.57 -36.92 -31.19
CA VAL C 26 10.37 -36.85 -29.98
C VAL C 26 10.10 -38.07 -29.09
N LEU C 27 8.83 -38.42 -28.92
CA LEU C 27 8.50 -39.56 -28.07
C LEU C 27 8.99 -40.87 -28.66
N ALA C 28 8.98 -41.00 -29.99
CA ALA C 28 9.42 -42.23 -30.62
C ALA C 28 10.92 -42.45 -30.42
N VAL C 29 11.72 -41.39 -30.57
CA VAL C 29 13.15 -41.54 -30.41
C VAL C 29 13.50 -41.86 -28.96
N ALA C 30 12.80 -41.23 -28.01
CA ALA C 30 13.07 -41.50 -26.60
C ALA C 30 12.73 -42.94 -26.24
N VAL C 31 11.54 -43.39 -26.64
CA VAL C 31 11.13 -44.76 -26.34
C VAL C 31 12.02 -45.75 -27.07
N TYR C 32 12.33 -45.48 -28.34
CA TYR C 32 13.20 -46.37 -29.10
C TYR C 32 14.60 -46.40 -28.53
N ASN C 33 15.06 -45.29 -27.94
CA ASN C 33 16.38 -45.24 -27.33
C ASN C 33 16.39 -45.74 -25.90
N HIS C 34 15.24 -45.73 -25.21
CA HIS C 34 15.21 -46.21 -23.83
C HIS C 34 15.47 -47.71 -23.77
N TYR C 35 14.92 -48.46 -24.73
CA TYR C 35 15.15 -49.90 -24.74
C TYR C 35 16.61 -50.22 -25.01
N LYS C 36 17.30 -49.38 -25.76
CA LYS C 36 18.72 -49.63 -26.05
C LYS C 36 19.56 -49.46 -24.79
N ARG C 37 19.38 -48.34 -24.09
CA ARG C 37 20.13 -48.13 -22.85
C ARG C 37 19.77 -49.19 -21.81
N LEU C 38 18.53 -49.65 -21.83
CA LEU C 38 18.09 -50.66 -20.87
C LEU C 38 18.66 -52.03 -21.22
N ARG C 39 18.72 -52.36 -22.52
CA ARG C 39 19.22 -53.67 -22.93
C ARG C 39 20.69 -53.85 -22.59
N ASN C 40 21.51 -52.83 -22.82
CA ASN C 40 22.96 -52.89 -22.58
C ASN C 40 23.33 -51.87 -21.51
N GLY C 41 23.25 -52.29 -20.25
CA GLY C 41 23.64 -51.45 -19.14
C GLY C 41 25.07 -51.69 -18.74
N ASP C 42 25.99 -50.82 -19.18
CA ASP C 42 27.41 -50.98 -18.86
C ASP C 42 27.95 -52.31 -19.39
N THR C 43 27.51 -52.70 -20.57
CA THR C 43 27.90 -53.96 -21.22
C THR C 43 28.28 -53.71 -22.68
N SER C 44 29.07 -52.66 -22.91
CA SER C 44 29.51 -52.30 -24.25
C SER C 44 30.81 -51.52 -24.12
N ASN C 45 31.40 -51.20 -25.28
CA ASN C 45 32.65 -50.43 -25.27
C ASN C 45 32.44 -49.08 -24.60
N GLY C 46 31.39 -48.37 -25.00
CA GLY C 46 31.09 -47.10 -24.36
C GLY C 46 30.53 -47.30 -22.97
N VAL C 47 30.62 -46.25 -22.16
CA VAL C 47 30.16 -46.28 -20.78
C VAL C 47 29.65 -44.89 -20.41
N GLU C 48 28.97 -44.82 -19.26
CA GLU C 48 28.37 -43.58 -18.77
C GLU C 48 27.33 -43.08 -19.76
N LEU C 49 26.38 -43.96 -20.09
CA LEU C 49 25.32 -43.62 -21.01
C LEU C 49 24.45 -42.52 -20.44
N GLY C 50 24.24 -41.47 -21.22
CA GLY C 50 23.47 -40.33 -20.77
C GLY C 50 21.99 -40.62 -20.68
N LYS C 51 21.24 -39.53 -20.58
CA LYS C 51 19.79 -39.57 -20.46
C LYS C 51 19.23 -38.28 -21.03
N SER C 52 18.01 -38.35 -21.56
CA SER C 52 17.37 -37.18 -22.17
C SER C 52 15.87 -37.22 -21.89
N ASN C 53 15.43 -36.41 -20.93
CA ASN C 53 14.03 -36.32 -20.58
C ASN C 53 13.30 -35.51 -21.65
N ILE C 54 11.98 -35.34 -21.48
CA ILE C 54 11.15 -34.62 -22.42
C ILE C 54 10.30 -33.59 -21.70
N LEU C 55 10.11 -32.43 -22.32
CA LEU C 55 9.29 -31.34 -21.79
C LEU C 55 8.27 -31.00 -22.87
N LEU C 56 7.03 -31.45 -22.70
CA LEU C 56 5.97 -31.17 -23.68
C LEU C 56 5.33 -29.82 -23.38
N ILE C 57 5.17 -29.01 -24.41
CA ILE C 57 4.54 -27.69 -24.31
C ILE C 57 3.53 -27.55 -25.43
N GLY C 58 2.36 -27.01 -25.10
CA GLY C 58 1.34 -26.78 -26.10
C GLY C 58 0.10 -26.14 -25.51
N PRO C 59 -0.82 -25.67 -26.37
CA PRO C 59 -2.05 -25.07 -25.85
C PRO C 59 -2.96 -26.09 -25.21
N THR C 60 -4.09 -25.63 -24.68
CA THR C 60 -5.04 -26.53 -24.06
C THR C 60 -5.75 -27.37 -25.12
N GLY C 61 -6.07 -28.61 -24.75
CA GLY C 61 -6.77 -29.50 -25.65
C GLY C 61 -6.00 -29.87 -26.89
N SER C 62 -4.67 -29.84 -26.82
CA SER C 62 -3.85 -30.18 -27.98
C SER C 62 -3.51 -31.66 -28.07
N GLY C 63 -3.64 -32.41 -26.98
CA GLY C 63 -3.36 -33.82 -26.94
C GLY C 63 -2.16 -34.21 -26.11
N LYS C 64 -1.72 -33.36 -25.18
CA LYS C 64 -0.55 -33.69 -24.36
C LYS C 64 -0.86 -34.85 -23.42
N THR C 65 -1.93 -34.72 -22.63
CA THR C 65 -2.29 -35.78 -21.70
C THR C 65 -2.75 -37.05 -22.41
N LEU C 66 -3.25 -36.91 -23.64
CA LEU C 66 -3.71 -38.08 -24.39
C LEU C 66 -2.53 -38.95 -24.84
N LEU C 67 -1.41 -38.33 -25.17
CA LEU C 67 -0.25 -39.10 -25.63
C LEU C 67 0.28 -40.01 -24.54
N ALA C 68 0.25 -39.55 -23.29
CA ALA C 68 0.74 -40.38 -22.20
C ALA C 68 -0.17 -41.59 -21.98
N GLU C 69 -1.47 -41.42 -22.16
CA GLU C 69 -2.39 -42.54 -21.98
C GLU C 69 -2.25 -43.56 -23.10
N THR C 70 -2.23 -43.08 -24.34
CA THR C 70 -2.09 -43.98 -25.48
C THR C 70 -0.74 -44.68 -25.48
N LEU C 71 0.29 -44.02 -24.95
CA LEU C 71 1.62 -44.63 -24.90
C LEU C 71 1.64 -45.82 -23.94
N ALA C 72 0.91 -45.73 -22.84
CA ALA C 72 0.88 -46.82 -21.88
C ALA C 72 0.25 -48.09 -22.46
N ARG C 73 -0.65 -47.94 -23.42
CA ARG C 73 -1.28 -49.11 -24.03
C ARG C 73 -0.26 -49.96 -24.77
N LEU C 74 0.61 -49.31 -25.55
CA LEU C 74 1.62 -50.02 -26.34
C LEU C 74 2.92 -50.26 -25.58
N LEU C 75 3.17 -49.52 -24.51
CA LEU C 75 4.41 -49.68 -23.76
C LEU C 75 4.39 -50.96 -22.93
N ASP C 76 5.52 -51.65 -22.91
CA ASP C 76 5.68 -52.88 -22.15
C ASP C 76 6.14 -52.59 -20.73
N VAL C 77 7.17 -51.76 -20.58
CA VAL C 77 7.71 -51.40 -19.28
C VAL C 77 6.63 -50.65 -18.51
N PRO C 78 6.71 -50.55 -17.17
CA PRO C 78 5.66 -49.86 -16.43
C PRO C 78 5.59 -48.38 -16.78
N PHE C 79 4.41 -47.80 -16.53
CA PHE C 79 4.13 -46.41 -16.81
C PHE C 79 3.12 -45.90 -15.80
N THR C 80 3.22 -44.62 -15.46
CA THR C 80 2.31 -44.00 -14.52
C THR C 80 1.93 -42.62 -15.01
N MET C 81 0.90 -42.04 -14.37
CA MET C 81 0.39 -40.72 -14.69
C MET C 81 0.12 -40.00 -13.37
N ALA C 82 1.12 -39.25 -12.91
CA ALA C 82 1.05 -38.51 -11.66
C ALA C 82 0.74 -37.05 -11.94
N ASP C 83 0.76 -36.23 -10.88
CA ASP C 83 0.49 -34.81 -10.98
C ASP C 83 1.44 -34.05 -10.07
N ALA C 84 1.64 -32.77 -10.40
CA ALA C 84 2.51 -31.89 -9.64
C ALA C 84 1.76 -30.92 -8.74
N THR C 85 0.44 -30.77 -8.94
CA THR C 85 -0.34 -29.86 -8.12
C THR C 85 -0.43 -30.34 -6.68
N THR C 86 -0.48 -31.65 -6.47
CA THR C 86 -0.65 -32.23 -5.15
C THR C 86 0.66 -32.51 -4.42
N LEU C 87 1.75 -31.84 -4.79
CA LEU C 87 3.05 -32.05 -4.15
C LEU C 87 3.42 -30.87 -3.27
N THR C 88 4.19 -31.16 -2.22
CA THR C 88 4.66 -30.18 -1.24
C THR C 88 6.18 -30.20 -1.16
N GLU C 89 6.73 -29.31 -0.33
CA GLU C 89 8.17 -29.17 -0.18
C GLU C 89 8.73 -29.93 1.02
N ALA C 90 8.83 -31.25 0.85
CA ALA C 90 9.53 -32.13 1.80
C ALA C 90 9.09 -31.99 3.26
N GLY C 91 7.82 -32.30 3.55
CA GLY C 91 7.38 -32.27 4.93
C GLY C 91 6.00 -31.72 5.26
N TYR C 92 5.43 -30.89 4.40
CA TYR C 92 4.12 -30.34 4.69
C TYR C 92 3.05 -31.42 4.60
N VAL C 93 1.80 -31.01 4.86
CA VAL C 93 0.70 -31.96 4.95
C VAL C 93 0.24 -32.49 3.60
N GLY C 94 0.47 -31.76 2.52
CA GLY C 94 -0.04 -32.22 1.24
C GLY C 94 0.48 -33.54 0.70
N GLU C 95 1.76 -33.62 0.34
CA GLU C 95 2.32 -34.87 -0.20
C GLU C 95 3.81 -34.67 -0.40
N ASP C 96 4.53 -35.78 -0.50
CA ASP C 96 5.96 -35.80 -0.76
C ASP C 96 6.23 -36.25 -2.19
N VAL C 97 7.43 -35.94 -2.67
CA VAL C 97 7.80 -36.31 -4.03
C VAL C 97 7.92 -37.82 -4.18
N GLU C 98 8.24 -38.53 -3.11
CA GLU C 98 8.41 -39.98 -3.16
C GLU C 98 7.12 -40.72 -3.50
N ASN C 99 5.96 -40.06 -3.41
CA ASN C 99 4.71 -40.75 -3.74
C ASN C 99 4.67 -41.18 -5.20
N ILE C 100 5.39 -40.48 -6.07
CA ILE C 100 5.42 -40.83 -7.49
C ILE C 100 6.00 -42.23 -7.65
N ILE C 101 7.10 -42.52 -6.96
CA ILE C 101 7.73 -43.83 -7.07
C ILE C 101 6.84 -44.90 -6.47
N GLN C 102 6.08 -44.58 -5.42
CA GLN C 102 5.21 -45.57 -4.81
C GLN C 102 4.13 -46.02 -5.78
N LYS C 103 3.59 -45.08 -6.56
CA LYS C 103 2.56 -45.44 -7.54
C LYS C 103 3.13 -46.35 -8.62
N LEU C 104 4.43 -46.21 -8.92
CA LEU C 104 5.04 -47.05 -9.93
C LEU C 104 5.10 -48.51 -9.52
N LEU C 105 5.34 -48.75 -8.22
CA LEU C 105 5.45 -50.13 -7.75
C LEU C 105 4.10 -50.84 -7.76
N GLN C 106 3.00 -50.10 -7.64
CA GLN C 106 1.68 -50.74 -7.66
C GLN C 106 1.43 -51.40 -9.01
N LYS C 107 1.85 -50.75 -10.09
CA LYS C 107 1.69 -51.31 -11.42
C LYS C 107 2.78 -52.33 -11.75
N SER C 108 3.94 -52.19 -11.14
CA SER C 108 5.06 -53.09 -11.36
C SER C 108 5.06 -54.30 -10.41
N ASP C 109 4.09 -54.37 -9.49
CA ASP C 109 3.98 -55.48 -8.54
C ASP C 109 5.19 -55.54 -7.61
N TYR C 110 5.69 -54.37 -7.22
CA TYR C 110 6.81 -54.25 -6.29
C TYR C 110 8.07 -54.91 -6.84
N ASP C 111 8.29 -54.79 -8.15
CA ASP C 111 9.46 -55.33 -8.82
C ASP C 111 10.45 -54.18 -8.94
N VAL C 112 11.43 -54.16 -8.03
CA VAL C 112 12.41 -53.07 -8.01
C VAL C 112 13.26 -53.10 -9.28
N GLN C 113 13.69 -54.29 -9.71
CA GLN C 113 14.50 -54.36 -10.92
C GLN C 113 13.70 -53.93 -12.14
N LYS C 114 12.38 -54.17 -12.13
CA LYS C 114 11.52 -53.76 -13.23
C LYS C 114 11.00 -52.33 -13.06
N ALA C 115 11.09 -51.76 -11.87
CA ALA C 115 10.62 -50.40 -11.64
C ALA C 115 11.64 -49.36 -12.06
N GLN C 116 12.94 -49.66 -11.88
CA GLN C 116 13.97 -48.70 -12.26
C GLN C 116 13.98 -48.47 -13.77
N ARG C 117 13.59 -49.49 -14.54
CA ARG C 117 13.54 -49.39 -15.99
C ARG C 117 12.20 -48.87 -16.50
N GLY C 118 11.39 -48.29 -15.63
CA GLY C 118 10.09 -47.76 -16.01
C GLY C 118 10.17 -46.34 -16.53
N ILE C 119 9.01 -45.84 -16.95
CA ILE C 119 8.84 -44.50 -17.47
C ILE C 119 7.88 -43.75 -16.55
N VAL C 120 8.08 -42.45 -16.45
CA VAL C 120 7.28 -41.59 -15.57
C VAL C 120 6.78 -40.40 -16.36
N TYR C 121 5.55 -39.97 -16.06
CA TYR C 121 4.92 -38.83 -16.71
C TYR C 121 4.34 -37.91 -15.66
N ILE C 122 4.43 -36.61 -15.91
CA ILE C 122 3.89 -35.58 -15.03
C ILE C 122 3.05 -34.64 -15.89
N ASP C 123 1.92 -34.19 -15.34
CA ASP C 123 1.02 -33.31 -16.04
C ASP C 123 0.83 -32.01 -15.27
N GLN C 124 0.52 -30.95 -16.01
CA GLN C 124 0.28 -29.62 -15.44
C GLN C 124 1.50 -29.11 -14.66
N ILE C 125 2.65 -29.08 -15.34
CA ILE C 125 3.87 -28.61 -14.70
C ILE C 125 3.87 -27.10 -14.53
N ASP C 126 3.04 -26.37 -15.27
CA ASP C 126 3.00 -24.93 -15.14
C ASP C 126 2.47 -24.47 -13.78
N LYS C 127 1.71 -25.32 -13.09
CA LYS C 127 1.15 -24.98 -11.79
C LYS C 127 2.19 -24.82 -10.70
N ILE C 128 3.45 -25.16 -10.95
CA ILE C 128 4.52 -25.04 -9.97
C ILE C 128 5.54 -24.03 -10.47
N SER C 129 5.08 -23.05 -11.23
CA SER C 129 5.96 -22.02 -11.77
C SER C 129 6.02 -20.86 -10.79
N ARG C 130 7.23 -20.46 -10.44
CA ARG C 130 7.44 -19.38 -9.49
C ARG C 130 6.85 -18.06 -9.98
N LYS C 131 6.13 -17.39 -9.08
CA LYS C 131 5.59 -16.07 -9.40
C LYS C 131 6.78 -15.12 -9.35
N SER C 132 7.20 -14.66 -10.54
CA SER C 132 8.39 -13.82 -10.72
C SER C 132 8.62 -12.76 -9.66
N ASP C 133 7.62 -11.93 -9.38
CA ASP C 133 7.75 -10.85 -8.39
C ASP C 133 6.73 -11.07 -7.27
N ASN C 134 7.15 -11.81 -6.25
CA ASN C 134 6.38 -12.09 -5.05
C ASN C 134 7.05 -11.45 -3.85
N PRO C 135 6.40 -11.44 -2.68
CA PRO C 135 7.07 -10.89 -1.49
C PRO C 135 8.31 -11.71 -1.17
N SER C 136 9.44 -11.02 -0.95
CA SER C 136 10.69 -11.70 -0.66
C SER C 136 10.59 -12.57 0.60
N ILE C 137 9.89 -12.10 1.63
CA ILE C 137 9.75 -12.84 2.87
C ILE C 137 8.55 -13.76 2.71
N THR C 138 8.80 -14.96 2.20
CA THR C 138 7.79 -15.98 1.98
C THR C 138 8.51 -17.22 1.49
N ARG C 139 7.76 -18.33 1.41
CA ARG C 139 8.31 -19.59 0.92
C ARG C 139 7.29 -20.21 -0.01
N ASP C 140 7.70 -20.47 -1.25
CA ASP C 140 6.83 -21.05 -2.27
C ASP C 140 6.98 -22.56 -2.21
N VAL C 141 6.26 -23.16 -1.25
CA VAL C 141 6.32 -24.61 -1.06
C VAL C 141 5.74 -25.34 -2.26
N SER C 142 4.66 -24.80 -2.84
CA SER C 142 4.01 -25.47 -3.96
C SER C 142 4.85 -25.39 -5.24
N GLY C 143 5.30 -24.19 -5.61
CA GLY C 143 6.03 -24.03 -6.85
C GLY C 143 7.54 -24.13 -6.80
N GLU C 144 8.20 -23.40 -5.90
CA GLU C 144 9.65 -23.44 -5.85
C GLU C 144 10.15 -24.70 -5.16
N GLY C 145 9.49 -25.11 -4.08
CA GLY C 145 9.91 -26.29 -3.36
C GLY C 145 9.88 -27.55 -4.21
N VAL C 146 8.83 -27.71 -5.02
CA VAL C 146 8.70 -28.91 -5.85
C VAL C 146 9.84 -29.02 -6.83
N GLN C 147 10.22 -27.91 -7.47
CA GLN C 147 11.30 -27.93 -8.43
C GLN C 147 12.61 -28.32 -7.76
N GLN C 148 12.91 -27.69 -6.62
CA GLN C 148 14.12 -27.98 -5.88
C GLN C 148 14.22 -29.46 -5.52
N ALA C 149 13.11 -30.06 -5.09
CA ALA C 149 13.12 -31.47 -4.71
C ALA C 149 13.33 -32.37 -5.92
N LEU C 150 12.72 -32.03 -7.06
CA LEU C 150 12.82 -32.86 -8.25
C LEU C 150 14.19 -32.85 -8.89
N LEU C 151 15.06 -31.89 -8.55
CA LEU C 151 16.40 -31.81 -9.14
C LEU C 151 17.16 -33.12 -9.02
N LYS C 152 17.35 -33.61 -7.79
CA LYS C 152 18.09 -34.86 -7.61
C LYS C 152 17.35 -36.05 -8.19
N LEU C 153 16.02 -35.97 -8.28
CA LEU C 153 15.25 -37.09 -8.82
C LEU C 153 15.53 -37.29 -10.31
N ILE C 154 15.46 -36.21 -11.10
CA ILE C 154 15.71 -36.32 -12.53
C ILE C 154 17.15 -36.73 -12.82
N GLU C 155 18.07 -36.39 -11.92
CA GLU C 155 19.47 -36.74 -12.12
C GLU C 155 19.70 -38.21 -11.78
N GLY C 156 19.20 -38.63 -10.64
CA GLY C 156 19.31 -40.00 -10.16
C GLY C 156 19.73 -40.04 -8.71
N THR C 157 18.93 -40.73 -7.91
CA THR C 157 19.17 -40.88 -6.48
C THR C 157 18.43 -42.12 -6.01
N VAL C 158 18.32 -42.28 -4.70
CA VAL C 158 17.60 -43.39 -4.09
C VAL C 158 16.74 -42.80 -2.99
N ALA C 159 15.47 -43.16 -2.97
CA ALA C 159 14.50 -42.65 -2.01
C ALA C 159 13.81 -43.78 -1.26
N ALA C 160 13.60 -43.56 0.04
CA ALA C 160 12.92 -44.53 0.87
C ALA C 160 11.45 -44.61 0.48
N VAL C 161 10.95 -45.83 0.32
CA VAL C 161 9.55 -46.06 -0.05
C VAL C 161 8.98 -47.20 0.79
N PRO C 162 7.99 -46.98 1.66
CA PRO C 162 7.45 -48.10 2.44
C PRO C 162 6.75 -49.10 1.55
N PRO C 163 7.23 -50.36 1.47
CA PRO C 163 6.57 -51.33 0.61
C PRO C 163 5.24 -51.77 1.22
N GLN C 164 4.16 -51.59 0.48
CA GLN C 164 2.80 -51.96 0.86
C GLN C 164 2.23 -51.10 1.99
N GLY C 165 2.97 -50.10 2.47
CA GLY C 165 2.52 -49.28 3.57
C GLY C 165 2.91 -49.81 4.93
N GLY C 166 3.22 -51.11 5.02
CA GLY C 166 3.62 -51.72 6.28
C GLY C 166 2.43 -52.16 7.10
N ARG C 167 2.56 -53.31 7.77
CA ARG C 167 1.47 -53.80 8.60
C ARG C 167 1.34 -52.96 9.86
N LYS C 168 2.45 -52.59 10.48
CA LYS C 168 2.45 -51.76 11.67
C LYS C 168 3.84 -51.16 11.84
N HIS C 169 4.07 -50.51 12.99
CA HIS C 169 5.37 -49.91 13.29
C HIS C 169 6.50 -50.94 13.28
N PRO C 170 6.17 -52.22 13.56
CA PRO C 170 7.13 -53.31 13.63
C PRO C 170 8.21 -53.31 12.54
N GLN C 171 7.81 -53.22 11.27
CA GLN C 171 8.78 -53.27 10.19
C GLN C 171 9.73 -52.07 10.23
N GLN C 172 9.18 -50.85 10.13
CA GLN C 172 9.98 -49.61 10.17
C GLN C 172 11.17 -49.64 9.20
N GLU C 173 10.94 -50.15 7.99
CA GLU C 173 11.98 -50.22 6.98
C GLU C 173 11.48 -49.60 5.68
N PHE C 174 12.42 -49.31 4.79
CA PHE C 174 12.12 -48.70 3.50
C PHE C 174 13.01 -49.31 2.43
N LEU C 175 12.51 -49.32 1.20
CA LEU C 175 13.22 -49.87 0.06
C LEU C 175 13.88 -48.74 -0.74
N GLN C 176 15.06 -49.03 -1.26
CA GLN C 176 15.82 -48.08 -2.07
C GLN C 176 15.55 -48.39 -3.53
N VAL C 177 15.23 -47.36 -4.31
CA VAL C 177 14.93 -47.50 -5.72
C VAL C 177 15.69 -46.44 -6.50
N ASP C 178 16.68 -46.85 -7.27
CA ASP C 178 17.44 -45.92 -8.08
C ASP C 178 16.52 -45.20 -9.07
N THR C 179 16.97 -44.02 -9.51
CA THR C 179 16.20 -43.23 -10.48
C THR C 179 17.09 -42.62 -11.56
N SER C 180 18.34 -43.05 -11.69
CA SER C 180 19.20 -42.48 -12.72
C SER C 180 18.76 -42.88 -14.12
N LYS C 181 18.23 -44.09 -14.27
CA LYS C 181 17.79 -44.59 -15.57
C LYS C 181 16.31 -44.34 -15.86
N ILE C 182 15.55 -43.85 -14.89
CA ILE C 182 14.12 -43.61 -15.12
C ILE C 182 13.94 -42.37 -15.98
N LEU C 183 13.04 -42.48 -16.96
CA LEU C 183 12.71 -41.38 -17.84
C LEU C 183 11.56 -40.57 -17.24
N PHE C 184 11.52 -39.28 -17.57
CA PHE C 184 10.48 -38.38 -17.09
C PHE C 184 9.97 -37.57 -18.26
N ILE C 185 8.65 -37.53 -18.41
CA ILE C 185 8.00 -36.77 -19.48
C ILE C 185 7.07 -35.77 -18.79
N CYS C 186 7.57 -34.56 -18.57
CA CYS C 186 6.78 -33.51 -17.95
C CYS C 186 6.07 -32.70 -19.03
N GLY C 187 4.86 -32.26 -18.74
CA GLY C 187 4.12 -31.47 -19.69
C GLY C 187 3.03 -30.67 -19.02
N GLY C 188 2.77 -29.49 -19.55
CA GLY C 188 1.73 -28.63 -19.03
C GLY C 188 1.55 -27.37 -19.86
N ALA C 189 0.30 -27.03 -20.16
CA ALA C 189 0.02 -25.84 -20.95
C ALA C 189 0.40 -24.60 -20.14
N PHE C 190 1.40 -23.87 -20.61
CA PHE C 190 1.84 -22.67 -19.92
C PHE C 190 0.93 -21.51 -20.29
N ALA C 191 0.65 -20.66 -19.31
CA ALA C 191 -0.21 -19.50 -19.48
C ALA C 191 0.63 -18.22 -19.46
N GLY C 192 0.38 -17.35 -20.43
CA GLY C 192 1.10 -16.09 -20.52
C GLY C 192 2.48 -16.18 -21.11
N LEU C 193 2.91 -17.35 -21.59
CA LEU C 193 4.25 -17.47 -22.16
C LEU C 193 4.38 -16.66 -23.45
N ASP C 194 3.29 -16.50 -24.20
CA ASP C 194 3.35 -15.75 -25.44
C ASP C 194 3.74 -14.29 -25.20
N LYS C 195 3.29 -13.71 -24.08
CA LYS C 195 3.60 -12.33 -23.79
C LYS C 195 5.09 -12.15 -23.51
N VAL C 196 5.71 -13.12 -22.85
CA VAL C 196 7.13 -13.02 -22.51
C VAL C 196 7.98 -13.10 -23.76
N ILE C 197 7.63 -14.02 -24.68
CA ILE C 197 8.44 -14.18 -25.88
C ILE C 197 8.32 -12.96 -26.80
N SER C 198 7.16 -12.29 -26.79
CA SER C 198 6.99 -11.13 -27.64
C SER C 198 7.93 -10.00 -27.24
N HIS C 199 8.05 -9.73 -25.94
CA HIS C 199 8.95 -8.69 -25.46
C HIS C 199 10.39 -8.97 -25.89
N ARG C 200 10.79 -10.24 -25.84
CA ARG C 200 12.14 -10.65 -26.19
C ARG C 200 12.37 -10.69 -27.70
N VAL C 201 11.36 -11.08 -28.47
CA VAL C 201 11.51 -11.23 -29.92
C VAL C 201 11.23 -9.93 -30.67
N GLU C 202 10.03 -9.37 -30.47
CA GLU C 202 9.68 -8.16 -31.20
C GLU C 202 10.53 -6.98 -30.75
N THR C 203 10.66 -6.78 -29.44
CA THR C 203 11.43 -5.68 -28.86
C THR C 203 11.03 -4.34 -29.45
N GLY C 204 9.72 -4.16 -29.68
CA GLY C 204 9.19 -2.93 -30.24
C GLY C 204 8.33 -2.16 -29.27
N SER C 205 7.02 -2.14 -29.54
CA SER C 205 6.04 -1.42 -28.72
C SER C 205 6.46 0.02 -28.49
N GLY C 206 7.05 0.63 -29.52
CA GLY C 206 7.52 2.00 -29.46
C GLY C 206 6.53 2.95 -30.07
N ILE C 207 5.98 3.84 -29.23
CA ILE C 207 4.99 4.82 -29.67
C ILE C 207 5.55 5.82 -30.66
N GLY C 208 6.88 5.94 -30.78
CA GLY C 208 7.47 6.92 -31.65
C GLY C 208 7.42 6.58 -33.13
N PHE C 209 7.97 7.50 -33.92
CA PHE C 209 7.98 7.37 -35.38
C PHE C 209 8.89 6.24 -35.86
N GLY C 210 10.17 6.28 -35.45
CA GLY C 210 11.11 5.28 -35.92
C GLY C 210 10.74 3.87 -35.50
N ALA C 211 10.21 3.71 -34.29
CA ALA C 211 9.80 2.40 -33.83
C ALA C 211 8.63 1.90 -34.64
N THR C 212 8.65 0.62 -35.00
CA THR C 212 7.58 0.02 -35.79
C THR C 212 6.48 -0.48 -34.86
N VAL C 213 5.27 0.01 -35.07
CA VAL C 213 4.10 -0.38 -34.29
C VAL C 213 3.51 -1.64 -34.91
N LYS C 214 2.83 -2.43 -34.07
CA LYS C 214 2.18 -3.65 -34.54
C LYS C 214 1.22 -3.32 -35.68
N ALA C 215 1.42 -3.97 -36.83
CA ALA C 215 0.60 -3.68 -38.00
C ALA C 215 -0.88 -3.98 -37.75
N LYS C 216 -1.19 -5.12 -37.13
CA LYS C 216 -2.55 -5.51 -36.85
C LYS C 216 -2.69 -5.93 -35.39
N SER C 217 -3.93 -6.13 -34.96
CA SER C 217 -4.18 -6.59 -33.60
C SER C 217 -3.73 -8.04 -33.43
N ASP C 218 -4.00 -8.87 -34.44
CA ASP C 218 -3.62 -10.28 -34.42
C ASP C 218 -2.19 -10.39 -34.94
N LYS C 219 -1.26 -10.77 -34.06
CA LYS C 219 0.13 -10.92 -34.42
C LYS C 219 0.76 -11.93 -33.48
N ALA C 220 1.95 -12.42 -33.86
CA ALA C 220 2.70 -13.38 -33.07
C ALA C 220 1.87 -14.65 -32.80
N SER C 221 1.52 -15.32 -33.89
CA SER C 221 0.76 -16.57 -33.84
C SER C 221 1.33 -17.52 -32.80
N GLU C 222 0.43 -18.07 -31.95
CA GLU C 222 0.86 -18.93 -30.86
C GLU C 222 1.66 -20.12 -31.37
N GLY C 223 1.23 -20.75 -32.46
CA GLY C 223 1.98 -21.87 -32.99
C GLY C 223 3.37 -21.48 -33.46
N GLU C 224 3.45 -20.37 -34.19
CA GLU C 224 4.73 -19.87 -34.69
C GLU C 224 5.56 -19.20 -33.60
N LEU C 225 4.93 -18.77 -32.51
CA LEU C 225 5.66 -18.09 -31.44
C LEU C 225 6.34 -19.08 -30.50
N LEU C 226 5.66 -20.17 -30.15
CA LEU C 226 6.24 -21.16 -29.26
C LEU C 226 7.44 -21.84 -29.90
N ALA C 227 7.48 -21.93 -31.22
CA ALA C 227 8.61 -22.55 -31.91
C ALA C 227 9.91 -21.82 -31.62
N GLN C 228 9.84 -20.51 -31.41
CA GLN C 228 11.01 -19.68 -31.12
C GLN C 228 11.35 -19.65 -29.63
N VAL C 229 10.82 -20.58 -28.85
CA VAL C 229 11.08 -20.59 -27.41
C VAL C 229 12.50 -21.04 -27.14
N GLU C 230 13.05 -20.58 -26.02
CA GLU C 230 14.38 -20.91 -25.58
C GLU C 230 14.36 -21.00 -24.05
N PRO C 231 15.39 -21.59 -23.43
CA PRO C 231 15.39 -21.69 -21.97
C PRO C 231 15.41 -20.35 -21.27
N GLU C 232 16.03 -19.32 -21.86
CA GLU C 232 16.08 -18.02 -21.21
C GLU C 232 14.69 -17.42 -21.05
N ASP C 233 13.76 -17.75 -21.95
CA ASP C 233 12.41 -17.25 -21.83
C ASP C 233 11.70 -17.82 -20.62
N LEU C 234 11.94 -19.11 -20.35
CA LEU C 234 11.30 -19.76 -19.21
C LEU C 234 11.80 -19.24 -17.88
N ILE C 235 12.99 -18.64 -17.83
CA ILE C 235 13.49 -18.12 -16.56
C ILE C 235 12.62 -16.96 -16.11
N LYS C 236 12.22 -16.09 -17.03
CA LYS C 236 11.33 -14.99 -16.69
C LYS C 236 9.94 -15.50 -16.33
N PHE C 237 9.58 -16.69 -16.80
CA PHE C 237 8.27 -17.26 -16.46
C PHE C 237 8.22 -17.65 -15.00
N GLY C 238 9.33 -18.14 -14.46
CA GLY C 238 9.41 -18.54 -13.07
C GLY C 238 10.23 -19.80 -12.82
N LEU C 239 10.44 -20.62 -13.84
CA LEU C 239 11.24 -21.82 -13.63
C LEU C 239 12.69 -21.43 -13.39
N ILE C 240 13.39 -22.29 -12.65
CA ILE C 240 14.79 -22.06 -12.30
C ILE C 240 15.62 -22.71 -13.39
N PRO C 241 16.77 -22.15 -13.79
CA PRO C 241 17.56 -22.81 -14.85
C PRO C 241 18.05 -24.19 -14.49
N GLU C 242 18.31 -24.44 -13.20
CA GLU C 242 18.80 -25.76 -12.80
C GLU C 242 17.78 -26.86 -13.08
N PHE C 243 16.49 -26.53 -13.02
CA PHE C 243 15.46 -27.52 -13.30
C PHE C 243 15.32 -27.77 -14.81
N ILE C 244 15.33 -26.70 -15.60
CA ILE C 244 15.20 -26.85 -17.04
C ILE C 244 16.41 -27.54 -17.63
N GLY C 245 17.58 -27.38 -17.00
CA GLY C 245 18.77 -28.04 -17.49
C GLY C 245 18.65 -29.55 -17.45
N ARG C 246 17.83 -30.06 -16.53
CA ARG C 246 17.62 -31.50 -16.43
C ARG C 246 16.77 -32.04 -17.57
N LEU C 247 16.02 -31.16 -18.26
CA LEU C 247 15.14 -31.54 -19.38
C LEU C 247 15.62 -30.82 -20.62
N PRO C 248 16.60 -31.38 -21.35
CA PRO C 248 17.09 -30.70 -22.55
C PRO C 248 16.09 -30.65 -23.70
N VAL C 249 15.43 -31.79 -23.97
CA VAL C 249 14.50 -31.85 -25.09
C VAL C 249 13.25 -31.04 -24.79
N VAL C 250 12.73 -30.39 -25.83
CA VAL C 250 11.53 -29.58 -25.74
C VAL C 250 10.70 -29.84 -27.00
N ALA C 251 9.39 -29.95 -26.83
CA ALA C 251 8.47 -30.20 -27.92
C ALA C 251 7.40 -29.11 -27.93
N THR C 252 7.23 -28.48 -29.09
CA THR C 252 6.24 -27.41 -29.27
C THR C 252 5.08 -27.98 -30.08
N LEU C 253 3.91 -28.06 -29.45
CA LEU C 253 2.71 -28.55 -30.12
C LEU C 253 1.93 -27.37 -30.69
N ASN C 254 1.61 -27.44 -31.97
CA ASN C 254 0.84 -26.38 -32.61
C ASN C 254 -0.62 -26.50 -32.22
N GLU C 255 -1.33 -25.37 -32.26
CA GLU C 255 -2.74 -25.39 -31.90
C GLU C 255 -3.53 -26.12 -32.98
N LEU C 256 -4.79 -26.42 -32.66
CA LEU C 256 -5.65 -27.12 -33.58
C LEU C 256 -5.95 -26.27 -34.82
N SER C 257 -6.18 -26.96 -35.93
CA SER C 257 -6.50 -26.36 -37.22
C SER C 257 -7.95 -26.70 -37.58
N GLU C 258 -8.51 -25.89 -38.48
CA GLU C 258 -9.88 -26.12 -38.91
C GLU C 258 -10.01 -27.47 -39.60
N GLU C 259 -9.02 -27.85 -40.39
CA GLU C 259 -9.06 -29.15 -41.07
C GLU C 259 -8.73 -30.29 -40.11
N ALA C 260 -7.93 -30.02 -39.09
CA ALA C 260 -7.55 -31.08 -38.15
C ALA C 260 -8.75 -31.55 -37.34
N LEU C 261 -9.62 -30.62 -36.94
CA LEU C 261 -10.79 -31.01 -36.15
C LEU C 261 -11.72 -31.93 -36.92
N ILE C 262 -11.80 -31.76 -38.25
CA ILE C 262 -12.67 -32.61 -39.05
C ILE C 262 -12.15 -34.04 -39.04
N GLN C 263 -10.83 -34.21 -39.06
CA GLN C 263 -10.24 -35.54 -39.07
C GLN C 263 -10.33 -36.21 -37.70
N ILE C 264 -10.31 -35.41 -36.62
CA ILE C 264 -10.35 -35.98 -35.28
C ILE C 264 -11.68 -36.65 -34.98
N LEU C 265 -12.75 -36.22 -35.64
CA LEU C 265 -14.06 -36.81 -35.40
C LEU C 265 -14.34 -38.06 -36.23
N LYS C 266 -13.55 -38.32 -37.27
CA LYS C 266 -13.76 -39.46 -38.15
C LYS C 266 -12.63 -40.47 -38.16
N GLU C 267 -11.38 -40.02 -38.28
CA GLU C 267 -10.26 -40.96 -38.39
C GLU C 267 -9.98 -41.72 -37.11
N PRO C 268 -9.88 -41.10 -35.93
CA PRO C 268 -9.59 -41.87 -34.71
C PRO C 268 -10.71 -42.85 -34.38
N LYS C 269 -10.35 -43.84 -33.58
CA LYS C 269 -11.30 -44.86 -33.15
C LYS C 269 -12.16 -44.38 -31.99
N ASN C 270 -11.57 -43.59 -31.08
CA ASN C 270 -12.26 -43.08 -29.91
C ASN C 270 -12.85 -41.68 -30.14
N ALA C 271 -13.17 -41.35 -31.39
CA ALA C 271 -13.72 -40.04 -31.69
C ALA C 271 -15.10 -39.88 -31.06
N LEU C 272 -15.50 -38.61 -30.91
CA LEU C 272 -16.81 -38.33 -30.30
C LEU C 272 -17.95 -38.84 -31.17
N THR C 273 -17.80 -38.76 -32.49
CA THR C 273 -18.85 -39.25 -33.38
C THR C 273 -19.07 -40.74 -33.16
N LYS C 274 -17.99 -41.50 -33.01
CA LYS C 274 -18.11 -42.92 -32.76
C LYS C 274 -18.64 -43.19 -31.35
N GLN C 275 -18.36 -42.29 -30.41
CA GLN C 275 -18.86 -42.45 -29.05
C GLN C 275 -20.38 -42.33 -29.02
N TYR C 276 -20.92 -41.25 -29.61
CA TYR C 276 -22.35 -41.07 -29.65
C TYR C 276 -23.01 -42.15 -30.50
N GLN C 277 -22.33 -42.61 -31.55
CA GLN C 277 -22.87 -43.68 -32.39
C GLN C 277 -23.08 -44.94 -31.56
N ALA C 278 -22.16 -45.23 -30.65
CA ALA C 278 -22.29 -46.39 -29.79
C ALA C 278 -23.31 -46.14 -28.69
N LEU C 279 -23.50 -44.88 -28.30
CA LEU C 279 -24.49 -44.57 -27.26
C LEU C 279 -25.89 -44.90 -27.75
N PHE C 280 -26.16 -44.65 -29.03
CA PHE C 280 -27.46 -44.97 -29.61
C PHE C 280 -27.51 -46.37 -30.21
N ASN C 281 -26.34 -47.00 -30.42
CA ASN C 281 -26.33 -48.35 -30.98
C ASN C 281 -27.01 -49.33 -30.05
N LEU C 282 -26.81 -49.17 -28.73
CA LEU C 282 -27.48 -50.05 -27.78
C LEU C 282 -28.97 -49.77 -27.73
N GLU C 283 -29.37 -48.55 -28.08
CA GLU C 283 -30.77 -48.15 -28.12
C GLU C 283 -31.48 -48.59 -29.39
N GLY C 284 -30.81 -49.34 -30.26
CA GLY C 284 -31.43 -49.74 -31.51
C GLY C 284 -31.67 -48.58 -32.45
N VAL C 285 -30.80 -47.57 -32.40
CA VAL C 285 -30.92 -46.37 -33.23
C VAL C 285 -29.55 -46.05 -33.81
N ASP C 286 -29.53 -45.69 -35.10
CA ASP C 286 -28.30 -45.35 -35.79
C ASP C 286 -28.05 -43.84 -35.67
N LEU C 287 -27.01 -43.36 -36.33
CA LEU C 287 -26.67 -41.95 -36.29
C LEU C 287 -25.89 -41.60 -37.56
N GLU C 288 -25.95 -40.33 -37.94
CA GLU C 288 -25.28 -39.83 -39.12
C GLU C 288 -24.69 -38.45 -38.85
N PHE C 289 -23.56 -38.18 -39.49
CA PHE C 289 -22.85 -36.91 -39.36
C PHE C 289 -22.27 -36.56 -40.73
N ARG C 290 -22.97 -35.68 -41.45
CA ARG C 290 -22.55 -35.28 -42.78
C ARG C 290 -21.42 -34.26 -42.70
N ASP C 291 -20.51 -34.33 -43.68
CA ASP C 291 -19.36 -33.43 -43.74
C ASP C 291 -19.77 -31.97 -43.73
N GLU C 292 -20.98 -31.64 -44.22
CA GLU C 292 -21.43 -30.26 -44.22
C GLU C 292 -21.60 -29.72 -42.81
N ALA C 293 -21.81 -30.60 -41.82
CA ALA C 293 -21.97 -30.19 -40.44
C ALA C 293 -20.64 -30.19 -39.69
N LEU C 294 -19.71 -31.06 -40.08
CA LEU C 294 -18.42 -31.13 -39.41
C LEU C 294 -17.61 -29.86 -39.61
N ASP C 295 -17.51 -29.40 -40.86
CA ASP C 295 -16.74 -28.18 -41.13
C ASP C 295 -17.35 -26.98 -40.42
N ALA C 296 -18.68 -26.98 -40.24
CA ALA C 296 -19.32 -25.87 -39.54
C ALA C 296 -18.96 -25.89 -38.06
N ILE C 297 -18.81 -27.09 -37.48
CA ILE C 297 -18.48 -27.21 -36.07
C ILE C 297 -17.07 -26.71 -35.80
N ALA C 298 -16.18 -26.81 -36.79
CA ALA C 298 -14.80 -26.36 -36.59
C ALA C 298 -14.73 -24.88 -36.30
N LYS C 299 -15.55 -24.08 -36.99
CA LYS C 299 -15.53 -22.64 -36.75
C LYS C 299 -16.07 -22.31 -35.36
N LYS C 300 -17.02 -23.10 -34.87
CA LYS C 300 -17.59 -22.85 -33.56
C LYS C 300 -16.59 -23.19 -32.45
N ALA C 301 -15.80 -24.25 -32.65
CA ALA C 301 -14.86 -24.67 -31.62
C ALA C 301 -13.69 -23.69 -31.51
N MET C 302 -13.11 -23.28 -32.64
CA MET C 302 -11.98 -22.35 -32.59
C MET C 302 -12.39 -21.02 -31.99
N ALA C 303 -13.65 -20.63 -32.14
CA ALA C 303 -14.10 -19.37 -31.55
C ALA C 303 -14.05 -19.42 -30.03
N ARG C 304 -14.24 -20.61 -29.44
CA ARG C 304 -14.20 -20.75 -27.99
C ARG C 304 -12.78 -20.61 -27.46
N LYS C 305 -11.78 -20.93 -28.28
CA LYS C 305 -10.37 -20.86 -27.89
C LYS C 305 -10.07 -21.73 -26.68
N THR C 306 -10.81 -22.84 -26.55
CA THR C 306 -10.64 -23.78 -25.45
C THR C 306 -9.88 -25.04 -25.86
N GLY C 307 -9.92 -25.40 -27.13
CA GLY C 307 -9.24 -26.58 -27.65
C GLY C 307 -10.23 -27.67 -28.03
N ALA C 308 -9.68 -28.86 -28.25
CA ALA C 308 -10.49 -30.01 -28.63
C ALA C 308 -11.50 -30.37 -27.54
N ARG C 309 -11.17 -30.10 -26.28
CA ARG C 309 -12.07 -30.42 -25.19
C ARG C 309 -13.31 -29.53 -25.18
N GLY C 310 -13.29 -28.41 -25.90
CA GLY C 310 -14.44 -27.53 -25.97
C GLY C 310 -15.34 -27.87 -27.14
N LEU C 311 -15.26 -29.12 -27.62
CA LEU C 311 -16.07 -29.58 -28.73
C LEU C 311 -17.38 -30.19 -28.29
N ARG C 312 -17.40 -30.84 -27.13
CA ARG C 312 -18.61 -31.46 -26.62
C ARG C 312 -19.70 -30.42 -26.38
N SER C 313 -19.31 -29.20 -26.04
CA SER C 313 -20.29 -28.14 -25.79
C SER C 313 -21.09 -27.83 -27.05
N ILE C 314 -20.47 -27.96 -28.22
CA ILE C 314 -21.16 -27.68 -29.48
C ILE C 314 -22.09 -28.81 -29.84
N VAL C 315 -21.68 -30.05 -29.57
CA VAL C 315 -22.49 -31.22 -29.93
C VAL C 315 -23.63 -31.43 -28.93
N GLU C 316 -23.29 -31.53 -27.64
CA GLU C 316 -24.32 -31.81 -26.65
C GLU C 316 -25.35 -30.70 -26.54
N ALA C 317 -24.95 -29.45 -26.78
CA ALA C 317 -25.92 -28.36 -26.73
C ALA C 317 -26.94 -28.49 -27.87
N ALA C 318 -26.52 -29.06 -28.99
CA ALA C 318 -27.41 -29.24 -30.13
C ALA C 318 -28.31 -30.46 -29.96
N LEU C 319 -27.72 -31.61 -29.64
CA LEU C 319 -28.46 -32.86 -29.47
C LEU C 319 -29.18 -32.95 -28.12
N LEU C 320 -29.21 -31.89 -27.32
CA LEU C 320 -29.90 -31.95 -26.04
C LEU C 320 -31.39 -32.19 -26.24
N ASP C 321 -32.00 -31.51 -27.21
CA ASP C 321 -33.41 -31.68 -27.47
C ASP C 321 -33.73 -33.08 -27.97
N THR C 322 -32.93 -33.59 -28.89
CA THR C 322 -33.18 -34.92 -29.45
C THR C 322 -33.00 -36.01 -28.41
N MET C 323 -31.93 -35.94 -27.62
CA MET C 323 -31.69 -36.96 -26.60
C MET C 323 -32.76 -36.95 -25.54
N TYR C 324 -33.32 -35.77 -25.23
CA TYR C 324 -34.34 -35.68 -24.18
C TYR C 324 -35.59 -36.48 -24.53
N ASP C 325 -36.04 -36.41 -25.78
CA ASP C 325 -37.27 -37.08 -26.22
C ASP C 325 -37.03 -38.33 -27.06
N LEU C 326 -35.78 -38.68 -27.36
CA LEU C 326 -35.54 -39.88 -28.15
C LEU C 326 -35.97 -41.16 -27.43
N PRO C 327 -35.67 -41.33 -26.13
CA PRO C 327 -36.13 -42.58 -25.47
C PRO C 327 -37.63 -42.72 -25.44
N SER C 328 -38.36 -41.62 -25.16
CA SER C 328 -39.80 -41.68 -25.13
C SER C 328 -40.37 -42.04 -26.49
N MET C 329 -39.74 -41.55 -27.56
CA MET C 329 -40.18 -41.84 -28.91
C MET C 329 -39.89 -43.29 -29.25
N GLU C 330 -40.74 -43.86 -30.10
CA GLU C 330 -40.64 -45.25 -30.52
C GLU C 330 -40.78 -45.32 -32.03
N ASP C 331 -40.41 -46.47 -32.60
CA ASP C 331 -40.48 -46.71 -34.03
C ASP C 331 -39.56 -45.78 -34.80
N VAL C 332 -38.41 -45.46 -34.21
CA VAL C 332 -37.40 -44.59 -34.82
C VAL C 332 -36.13 -45.41 -34.97
N GLU C 333 -35.68 -45.60 -36.21
CA GLU C 333 -34.49 -46.41 -36.51
C GLU C 333 -33.25 -45.59 -36.79
N LYS C 334 -33.34 -44.53 -37.60
CA LYS C 334 -32.18 -43.72 -37.98
C LYS C 334 -32.43 -42.24 -37.69
N VAL C 335 -31.32 -41.53 -37.46
CA VAL C 335 -31.32 -40.10 -37.17
C VAL C 335 -30.41 -39.41 -38.17
N VAL C 336 -30.86 -38.27 -38.69
CA VAL C 336 -30.12 -37.49 -39.68
C VAL C 336 -29.77 -36.14 -39.08
N ILE C 337 -28.51 -35.74 -39.23
CA ILE C 337 -28.00 -34.46 -38.75
C ILE C 337 -27.68 -33.58 -39.95
N ASP C 338 -28.19 -32.35 -39.95
CA ASP C 338 -27.99 -31.40 -41.03
C ASP C 338 -27.13 -30.23 -40.56
N GLU C 339 -26.59 -29.50 -41.54
CA GLU C 339 -25.77 -28.34 -41.24
C GLU C 339 -26.55 -27.27 -40.50
N SER C 340 -27.82 -27.09 -40.88
CA SER C 340 -28.66 -26.08 -40.24
C SER C 340 -28.88 -26.36 -38.76
N VAL C 341 -28.94 -27.64 -38.39
CA VAL C 341 -29.18 -28.00 -36.99
C VAL C 341 -28.07 -27.46 -36.10
N ILE C 342 -26.83 -27.51 -36.57
CA ILE C 342 -25.72 -27.00 -35.76
C ILE C 342 -25.90 -25.50 -35.54
N ASP C 343 -26.38 -24.80 -36.56
CA ASP C 343 -26.63 -23.36 -36.42
C ASP C 343 -27.75 -23.11 -35.41
N GLY C 344 -28.72 -24.03 -35.34
CA GLY C 344 -29.86 -23.92 -34.45
C GLY C 344 -31.11 -23.38 -35.10
N GLN C 345 -31.10 -23.13 -36.40
CA GLN C 345 -32.26 -22.64 -37.13
C GLN C 345 -33.19 -23.75 -37.58
N SER C 346 -32.78 -25.01 -37.51
CA SER C 346 -33.56 -26.15 -37.94
C SER C 346 -33.58 -27.23 -36.86
N GLU C 347 -34.49 -28.19 -37.05
CA GLU C 347 -34.69 -29.33 -36.17
C GLU C 347 -34.15 -30.59 -36.85
N PRO C 348 -33.44 -31.48 -36.13
CA PRO C 348 -32.93 -32.68 -36.79
C PRO C 348 -34.05 -33.60 -37.25
N LEU C 349 -33.84 -34.22 -38.41
CA LEU C 349 -34.82 -35.13 -38.97
C LEU C 349 -34.69 -36.51 -38.34
N LEU C 350 -35.84 -37.13 -38.09
CA LEU C 350 -35.92 -38.46 -37.50
C LEU C 350 -36.51 -39.41 -38.53
N ILE C 351 -35.91 -40.59 -38.66
CA ILE C 351 -36.37 -41.60 -39.61
C ILE C 351 -37.19 -42.62 -38.84
N TYR C 352 -38.45 -42.78 -39.24
CA TYR C 352 -39.34 -43.73 -38.59
C TYR C 352 -39.10 -45.13 -39.12
N GLY C 353 -39.48 -46.12 -38.31
CA GLY C 353 -39.31 -47.51 -38.67
C GLY C 353 -40.16 -48.44 -37.82
N SER D 1 -35.76 -54.92 -16.36
CA SER D 1 -35.20 -53.82 -15.53
C SER D 1 -34.93 -52.59 -16.39
N ALA D 2 -36.01 -51.94 -16.84
CA ALA D 2 -35.88 -50.76 -17.66
C ALA D 2 -35.52 -49.55 -16.82
N LEU D 3 -34.65 -48.70 -17.35
CA LEU D 3 -34.22 -47.50 -16.66
C LEU D 3 -35.22 -46.37 -16.88
N PRO D 4 -35.24 -45.36 -16.02
CA PRO D 4 -36.17 -44.25 -16.21
C PRO D 4 -35.81 -43.47 -17.47
N THR D 5 -36.73 -42.60 -17.87
CA THR D 5 -36.59 -41.77 -19.05
C THR D 5 -36.51 -40.29 -18.67
N PRO D 6 -36.07 -39.43 -19.59
CA PRO D 6 -36.03 -37.99 -19.26
C PRO D 6 -37.40 -37.44 -18.95
N HIS D 7 -38.43 -37.86 -19.69
CA HIS D 7 -39.78 -37.40 -19.41
C HIS D 7 -40.24 -37.85 -18.04
N GLU D 8 -39.79 -39.02 -17.59
CA GLU D 8 -40.18 -39.54 -16.28
C GLU D 8 -39.42 -38.82 -15.16
N ILE D 9 -38.10 -38.69 -15.31
CA ILE D 9 -37.32 -38.02 -14.27
C ILE D 9 -37.65 -36.54 -14.21
N ARG D 10 -38.01 -35.94 -15.35
CA ARG D 10 -38.36 -34.53 -15.35
C ARG D 10 -39.65 -34.30 -14.57
N ASN D 11 -40.57 -35.26 -14.61
CA ASN D 11 -41.81 -35.13 -13.87
C ASN D 11 -41.56 -35.05 -12.36
N HIS D 12 -40.51 -35.72 -11.88
CA HIS D 12 -40.19 -35.69 -10.47
C HIS D 12 -39.66 -34.32 -10.07
N LEU D 13 -38.67 -33.81 -10.81
CA LEU D 13 -38.10 -32.51 -10.50
C LEU D 13 -39.11 -31.40 -10.73
N ASP D 14 -40.05 -31.59 -11.66
CA ASP D 14 -41.07 -30.57 -11.90
C ASP D 14 -41.96 -30.40 -10.68
N ASP D 15 -42.13 -31.47 -9.90
CA ASP D 15 -42.95 -31.39 -8.69
C ASP D 15 -42.32 -30.49 -7.65
N TYR D 16 -40.99 -30.37 -7.65
CA TYR D 16 -40.26 -29.57 -6.69
C TYR D 16 -39.69 -28.27 -7.27
N VAL D 17 -39.65 -28.13 -8.60
CA VAL D 17 -39.11 -26.94 -9.24
C VAL D 17 -40.10 -26.47 -10.31
N ILE D 18 -40.13 -25.16 -10.53
CA ILE D 18 -41.03 -24.53 -11.50
C ILE D 18 -40.27 -23.51 -12.32
N GLY D 19 -40.62 -23.42 -13.60
CA GLY D 19 -40.04 -22.44 -14.51
C GLY D 19 -38.57 -22.62 -14.82
N GLN D 20 -38.10 -23.87 -14.90
CA GLN D 20 -36.71 -24.17 -15.23
C GLN D 20 -36.66 -25.29 -16.26
N GLU D 21 -37.51 -25.15 -17.29
CA GLU D 21 -37.60 -26.18 -18.33
C GLU D 21 -36.28 -26.38 -19.07
N GLN D 22 -35.51 -25.32 -19.27
CA GLN D 22 -34.24 -25.45 -19.98
C GLN D 22 -33.20 -26.19 -19.16
N ALA D 23 -33.16 -25.93 -17.85
CA ALA D 23 -32.15 -26.54 -16.99
C ALA D 23 -32.47 -27.99 -16.66
N LYS D 24 -33.75 -28.32 -16.50
CA LYS D 24 -34.11 -29.68 -16.15
C LYS D 24 -33.80 -30.66 -17.28
N LYS D 25 -33.84 -30.20 -18.52
CA LYS D 25 -33.54 -31.09 -19.64
C LYS D 25 -32.07 -31.53 -19.63
N VAL D 26 -31.18 -30.64 -19.19
CA VAL D 26 -29.76 -30.97 -19.17
C VAL D 26 -29.47 -32.06 -18.15
N LEU D 27 -30.00 -31.91 -16.93
CA LEU D 27 -29.76 -32.90 -15.89
C LEU D 27 -30.39 -34.24 -16.27
N ALA D 28 -31.48 -34.23 -17.02
CA ALA D 28 -32.14 -35.48 -17.39
C ALA D 28 -31.27 -36.26 -18.38
N VAL D 29 -30.71 -35.59 -19.38
CA VAL D 29 -29.88 -36.29 -20.36
C VAL D 29 -28.60 -36.79 -19.73
N ALA D 30 -28.01 -36.00 -18.83
CA ALA D 30 -26.77 -36.42 -18.19
C ALA D 30 -27.01 -37.64 -17.31
N VAL D 31 -27.99 -37.56 -16.42
CA VAL D 31 -28.30 -38.69 -15.54
C VAL D 31 -28.74 -39.89 -16.36
N TYR D 32 -29.51 -39.66 -17.42
CA TYR D 32 -29.95 -40.74 -18.29
C TYR D 32 -28.75 -41.38 -18.97
N ASN D 33 -27.90 -40.56 -19.58
CA ASN D 33 -26.71 -41.07 -20.26
C ASN D 33 -25.69 -41.64 -19.29
N HIS D 34 -25.72 -41.22 -18.03
CA HIS D 34 -24.76 -41.75 -17.07
C HIS D 34 -24.99 -43.23 -16.85
N TYR D 35 -26.26 -43.65 -16.84
CA TYR D 35 -26.55 -45.07 -16.67
C TYR D 35 -26.13 -45.86 -17.90
N LYS D 36 -26.17 -45.23 -19.08
CA LYS D 36 -25.76 -45.92 -20.30
C LYS D 36 -24.27 -46.21 -20.29
N ARG D 37 -23.45 -45.22 -19.92
CA ARG D 37 -22.02 -45.45 -19.85
C ARG D 37 -21.69 -46.46 -18.77
N LEU D 38 -22.52 -46.53 -17.72
CA LEU D 38 -22.32 -47.52 -16.67
C LEU D 38 -22.80 -48.89 -17.12
N ARG D 39 -23.84 -48.92 -17.96
CA ARG D 39 -24.37 -50.19 -18.45
C ARG D 39 -23.34 -50.94 -19.27
N ASN D 40 -22.57 -50.21 -20.08
CA ASN D 40 -21.55 -50.83 -20.91
C ASN D 40 -20.32 -51.14 -20.08
N GLY D 41 -19.77 -52.34 -20.26
CA GLY D 41 -18.59 -52.77 -19.55
C GLY D 41 -17.32 -52.50 -20.32
N ASP D 42 -17.33 -51.47 -21.17
CA ASP D 42 -16.19 -51.10 -22.00
C ASP D 42 -15.80 -52.23 -22.95
N THR D 43 -16.79 -53.00 -23.40
CA THR D 43 -16.57 -54.11 -24.32
C THR D 43 -17.09 -53.85 -25.73
N SER D 44 -18.05 -52.94 -25.89
CA SER D 44 -18.58 -52.64 -27.21
C SER D 44 -17.53 -51.91 -28.06
N ASN D 45 -17.90 -51.63 -29.31
CA ASN D 45 -16.99 -50.93 -30.21
C ASN D 45 -16.68 -49.54 -29.70
N GLY D 46 -17.64 -48.87 -29.07
CA GLY D 46 -17.43 -47.54 -28.54
C GLY D 46 -16.64 -47.55 -27.25
N VAL D 47 -15.38 -47.94 -27.34
CA VAL D 47 -14.52 -48.01 -26.16
C VAL D 47 -14.14 -46.59 -25.75
N GLU D 48 -13.90 -46.41 -24.45
CA GLU D 48 -13.53 -45.11 -23.88
C GLU D 48 -14.62 -44.08 -24.20
N LEU D 49 -15.81 -44.36 -23.69
CA LEU D 49 -16.95 -43.48 -23.88
C LEU D 49 -16.67 -42.12 -23.24
N GLY D 50 -17.08 -41.06 -23.95
CA GLY D 50 -16.83 -39.73 -23.45
C GLY D 50 -17.71 -39.36 -22.28
N LYS D 51 -17.27 -38.33 -21.57
CA LYS D 51 -17.94 -37.81 -20.40
C LYS D 51 -18.32 -36.35 -20.66
N SER D 52 -19.39 -35.90 -20.00
CA SER D 52 -19.87 -34.53 -20.19
C SER D 52 -20.41 -34.01 -18.86
N ASN D 53 -19.62 -33.20 -18.17
CA ASN D 53 -20.03 -32.61 -16.92
C ASN D 53 -21.04 -31.49 -17.21
N ILE D 54 -21.54 -30.85 -16.14
CA ILE D 54 -22.53 -29.79 -16.25
C ILE D 54 -22.07 -28.60 -15.42
N LEU D 55 -22.37 -27.40 -15.93
CA LEU D 55 -22.05 -26.13 -15.26
C LEU D 55 -23.34 -25.34 -15.14
N LEU D 56 -23.92 -25.32 -13.94
CA LEU D 56 -25.17 -24.61 -13.71
C LEU D 56 -24.88 -23.15 -13.36
N ILE D 57 -25.58 -22.24 -14.02
CA ILE D 57 -25.44 -20.81 -13.80
C ILE D 57 -26.83 -20.21 -13.68
N GLY D 58 -27.04 -19.39 -12.66
CA GLY D 58 -28.31 -18.75 -12.47
C GLY D 58 -28.25 -17.62 -11.47
N PRO D 59 -29.34 -16.84 -11.33
CA PRO D 59 -29.34 -15.76 -10.35
C PRO D 59 -29.40 -16.29 -8.92
N THR D 60 -29.43 -15.39 -7.95
CA THR D 60 -29.50 -15.80 -6.56
C THR D 60 -30.89 -16.33 -6.23
N GLY D 61 -30.94 -17.41 -5.47
CA GLY D 61 -32.20 -17.99 -5.05
C GLY D 61 -33.07 -18.50 -6.18
N SER D 62 -32.50 -18.79 -7.33
CA SER D 62 -33.28 -19.27 -8.47
C SER D 62 -33.62 -20.76 -8.36
N GLY D 63 -32.98 -21.51 -7.47
CA GLY D 63 -33.24 -22.91 -7.28
C GLY D 63 -32.12 -23.85 -7.67
N LYS D 64 -30.88 -23.37 -7.75
CA LYS D 64 -29.77 -24.23 -8.12
C LYS D 64 -29.53 -25.31 -7.08
N THR D 65 -29.39 -24.91 -5.81
CA THR D 65 -29.12 -25.87 -4.74
C THR D 65 -30.29 -26.83 -4.54
N LEU D 66 -31.50 -26.40 -4.88
CA LEU D 66 -32.66 -27.27 -4.70
C LEU D 66 -32.69 -28.40 -5.73
N LEU D 67 -32.20 -28.13 -6.94
CA LEU D 67 -32.21 -29.17 -7.97
C LEU D 67 -31.32 -30.34 -7.60
N ALA D 68 -30.11 -30.04 -7.11
CA ALA D 68 -29.18 -31.10 -6.73
C ALA D 68 -29.68 -31.88 -5.52
N GLU D 69 -30.42 -31.23 -4.62
CA GLU D 69 -30.91 -31.91 -3.43
C GLU D 69 -32.04 -32.88 -3.76
N THR D 70 -33.03 -32.42 -4.52
CA THR D 70 -34.15 -33.29 -4.88
C THR D 70 -33.71 -34.42 -5.80
N LEU D 71 -32.65 -34.20 -6.57
CA LEU D 71 -32.17 -35.24 -7.47
C LEU D 71 -31.69 -36.46 -6.71
N ALA D 72 -31.02 -36.27 -5.57
CA ALA D 72 -30.47 -37.37 -4.81
C ALA D 72 -31.52 -38.31 -4.24
N ARG D 73 -32.75 -37.83 -4.03
CA ARG D 73 -33.78 -38.70 -3.46
C ARG D 73 -34.13 -39.84 -4.39
N LEU D 74 -34.59 -39.53 -5.60
CA LEU D 74 -34.95 -40.57 -6.56
C LEU D 74 -33.73 -41.26 -7.16
N LEU D 75 -32.54 -40.68 -7.02
CA LEU D 75 -31.35 -41.28 -7.60
C LEU D 75 -30.92 -42.52 -6.82
N ASP D 76 -30.67 -43.61 -7.54
CA ASP D 76 -30.23 -44.85 -6.93
C ASP D 76 -28.74 -44.80 -6.58
N VAL D 77 -27.91 -44.38 -7.53
CA VAL D 77 -26.47 -44.27 -7.34
C VAL D 77 -26.21 -43.24 -6.25
N PRO D 78 -25.06 -43.26 -5.58
CA PRO D 78 -24.83 -42.30 -4.50
C PRO D 78 -24.76 -40.87 -5.00
N PHE D 79 -24.74 -39.95 -4.04
CA PHE D 79 -24.72 -38.52 -4.31
C PHE D 79 -24.14 -37.81 -3.09
N THR D 80 -23.51 -36.66 -3.34
CA THR D 80 -22.91 -35.86 -2.29
C THR D 80 -23.13 -34.39 -2.62
N MET D 81 -22.90 -33.55 -1.61
CA MET D 81 -23.09 -32.10 -1.75
C MET D 81 -21.97 -31.42 -0.97
N ALA D 82 -20.90 -31.06 -1.67
CA ALA D 82 -19.74 -30.42 -1.10
C ALA D 82 -19.72 -28.94 -1.45
N ASP D 83 -18.68 -28.25 -0.99
CA ASP D 83 -18.50 -26.82 -1.23
C ASP D 83 -17.05 -26.56 -1.60
N ALA D 84 -16.84 -25.56 -2.46
CA ALA D 84 -15.51 -25.21 -2.93
C ALA D 84 -14.85 -24.10 -2.11
N THR D 85 -15.57 -23.47 -1.19
CA THR D 85 -14.97 -22.40 -0.39
C THR D 85 -13.91 -22.94 0.56
N THR D 86 -14.11 -24.14 1.08
CA THR D 86 -13.19 -24.74 2.05
C THR D 86 -11.95 -25.38 1.42
N LEU D 87 -11.77 -25.29 0.11
CA LEU D 87 -10.64 -25.93 -0.54
C LEU D 87 -9.40 -25.02 -0.53
N THR D 88 -8.24 -25.67 -0.67
CA THR D 88 -6.95 -24.99 -0.66
C THR D 88 -6.07 -25.57 -1.77
N GLU D 89 -4.86 -25.01 -1.90
CA GLU D 89 -3.95 -25.40 -2.98
C GLU D 89 -2.96 -26.50 -2.56
N ALA D 90 -3.52 -27.64 -2.15
CA ALA D 90 -2.73 -28.85 -1.89
C ALA D 90 -1.59 -28.66 -0.87
N GLY D 91 -1.95 -28.36 0.37
CA GLY D 91 -0.94 -28.19 1.40
C GLY D 91 -1.17 -27.11 2.43
N TYR D 92 -2.14 -26.24 2.23
CA TYR D 92 -2.43 -25.20 3.20
C TYR D 92 -3.39 -25.76 4.25
N VAL D 93 -3.53 -25.01 5.34
CA VAL D 93 -4.31 -25.45 6.49
C VAL D 93 -5.81 -25.64 6.23
N GLY D 94 -6.37 -25.04 5.18
CA GLY D 94 -7.81 -25.16 5.02
C GLY D 94 -8.38 -26.54 4.74
N GLU D 95 -8.08 -27.13 3.58
CA GLU D 95 -8.60 -28.46 3.23
C GLU D 95 -8.00 -28.87 1.89
N ASP D 96 -8.05 -30.16 1.61
CA ASP D 96 -7.57 -30.73 0.36
C ASP D 96 -8.76 -31.10 -0.52
N VAL D 97 -8.48 -31.25 -1.82
CA VAL D 97 -9.52 -31.59 -2.78
C VAL D 97 -10.01 -33.01 -2.57
N GLU D 98 -9.16 -33.89 -2.06
CA GLU D 98 -9.53 -35.29 -1.86
C GLU D 98 -10.62 -35.48 -0.81
N ASN D 99 -10.90 -34.47 0.02
CA ASN D 99 -11.94 -34.61 1.02
C ASN D 99 -13.31 -34.83 0.38
N ILE D 100 -13.50 -34.33 -0.84
CA ILE D 100 -14.76 -34.53 -1.55
C ILE D 100 -15.00 -36.01 -1.78
N ILE D 101 -13.94 -36.74 -2.13
CA ILE D 101 -14.08 -38.18 -2.36
C ILE D 101 -14.37 -38.90 -1.06
N GLN D 102 -13.86 -38.39 0.06
CA GLN D 102 -14.11 -39.03 1.35
C GLN D 102 -15.59 -38.99 1.70
N LYS D 103 -16.24 -37.85 1.45
CA LYS D 103 -17.66 -37.74 1.76
C LYS D 103 -18.49 -38.68 0.89
N LEU D 104 -18.02 -38.98 -0.32
CA LEU D 104 -18.76 -39.87 -1.21
C LEU D 104 -18.79 -41.29 -0.66
N LEU D 105 -17.71 -41.74 -0.04
CA LEU D 105 -17.66 -43.10 0.47
C LEU D 105 -18.58 -43.27 1.68
N GLN D 106 -18.81 -42.20 2.46
CA GLN D 106 -19.70 -42.33 3.61
C GLN D 106 -21.12 -42.68 3.17
N LYS D 107 -21.53 -42.19 2.00
CA LYS D 107 -22.85 -42.50 1.47
C LYS D 107 -22.90 -43.88 0.85
N SER D 108 -21.78 -44.38 0.33
CA SER D 108 -21.69 -45.68 -0.30
C SER D 108 -21.16 -46.77 0.62
N ASP D 109 -20.86 -46.45 1.87
CA ASP D 109 -20.35 -47.43 2.84
C ASP D 109 -18.99 -47.98 2.42
N TYR D 110 -18.15 -47.11 1.88
CA TYR D 110 -16.80 -47.47 1.45
C TYR D 110 -16.81 -48.55 0.36
N ASP D 111 -17.75 -48.42 -0.58
CA ASP D 111 -17.87 -49.34 -1.71
C ASP D 111 -17.24 -48.64 -2.90
N VAL D 112 -16.01 -49.04 -3.24
CA VAL D 112 -15.28 -48.42 -4.33
C VAL D 112 -15.99 -48.67 -5.66
N GLN D 113 -16.35 -49.92 -5.93
CA GLN D 113 -17.02 -50.24 -7.19
C GLN D 113 -18.37 -49.53 -7.29
N LYS D 114 -19.00 -49.24 -6.15
CA LYS D 114 -20.28 -48.55 -6.14
C LYS D 114 -20.12 -47.03 -6.08
N ALA D 115 -18.99 -46.54 -5.57
CA ALA D 115 -18.76 -45.10 -5.48
C ALA D 115 -18.25 -44.51 -6.77
N GLN D 116 -17.52 -45.31 -7.58
CA GLN D 116 -17.02 -44.78 -8.85
C GLN D 116 -18.16 -44.40 -9.78
N ARG D 117 -19.31 -45.08 -9.66
CA ARG D 117 -20.48 -44.79 -10.49
C ARG D 117 -21.40 -43.77 -9.83
N GLY D 118 -20.87 -42.95 -8.92
CA GLY D 118 -21.67 -41.95 -8.24
C GLY D 118 -21.65 -40.61 -8.96
N ILE D 119 -22.39 -39.66 -8.38
CA ILE D 119 -22.49 -38.31 -8.89
C ILE D 119 -22.00 -37.36 -7.82
N VAL D 120 -21.42 -36.24 -8.25
CA VAL D 120 -20.85 -35.24 -7.37
C VAL D 120 -21.40 -33.87 -7.74
N TYR D 121 -21.68 -33.06 -6.72
CA TYR D 121 -22.19 -31.70 -6.88
C TYR D 121 -21.31 -30.76 -6.09
N ILE D 122 -21.09 -29.57 -6.65
CA ILE D 122 -20.28 -28.52 -6.03
C ILE D 122 -21.10 -27.24 -6.04
N ASP D 123 -21.01 -26.47 -4.96
CA ASP D 123 -21.72 -25.21 -4.81
C ASP D 123 -20.73 -24.08 -4.56
N GLN D 124 -21.17 -22.87 -4.89
CA GLN D 124 -20.37 -21.66 -4.75
C GLN D 124 -19.05 -21.81 -5.52
N ILE D 125 -19.19 -22.06 -6.82
CA ILE D 125 -18.03 -22.23 -7.69
C ILE D 125 -17.46 -20.89 -8.12
N ASP D 126 -18.25 -19.82 -8.11
CA ASP D 126 -17.75 -18.52 -8.52
C ASP D 126 -16.70 -17.97 -7.56
N LYS D 127 -16.65 -18.49 -6.33
CA LYS D 127 -15.66 -17.99 -5.38
C LYS D 127 -14.23 -18.25 -5.85
N ILE D 128 -14.02 -19.32 -6.61
CA ILE D 128 -12.69 -19.67 -7.11
C ILE D 128 -12.61 -19.08 -8.51
N SER D 129 -12.13 -17.85 -8.58
CA SER D 129 -11.98 -17.15 -9.85
C SER D 129 -11.02 -16.00 -9.66
N ARG D 130 -10.14 -15.79 -10.64
CA ARG D 130 -9.19 -14.69 -10.55
C ARG D 130 -9.96 -13.37 -10.55
N LYS D 131 -9.92 -12.66 -9.42
CA LYS D 131 -10.60 -11.38 -9.28
C LYS D 131 -9.70 -10.27 -9.85
N SER D 132 -9.74 -10.15 -11.17
CA SER D 132 -8.96 -9.14 -11.89
C SER D 132 -7.47 -9.20 -11.56
N ASP D 133 -6.94 -10.42 -11.46
CA ASP D 133 -5.53 -10.67 -11.17
C ASP D 133 -4.94 -11.62 -12.20
N ASN D 134 -5.25 -11.36 -13.47
CA ASN D 134 -4.72 -12.21 -14.55
C ASN D 134 -3.20 -12.24 -14.57
N PRO D 135 -2.46 -11.17 -14.27
CA PRO D 135 -0.99 -11.29 -14.22
C PRO D 135 -0.51 -12.26 -13.15
N SER D 136 -1.32 -12.49 -12.11
CA SER D 136 -1.00 -13.40 -11.02
C SER D 136 0.31 -13.01 -10.33
N ILE D 137 0.32 -11.80 -9.75
CA ILE D 137 1.49 -11.33 -9.03
C ILE D 137 1.82 -12.30 -7.89
N THR D 138 0.79 -12.81 -7.22
CA THR D 138 0.93 -13.79 -6.15
C THR D 138 0.06 -15.00 -6.52
N ARG D 139 0.18 -16.05 -5.71
CA ARG D 139 -0.55 -17.29 -5.94
C ARG D 139 -1.81 -17.33 -5.08
N ASP D 140 -2.95 -17.57 -5.73
CA ASP D 140 -4.23 -17.67 -5.04
C ASP D 140 -4.36 -19.08 -4.49
N VAL D 141 -4.32 -19.22 -3.17
CA VAL D 141 -4.43 -20.55 -2.57
C VAL D 141 -5.88 -20.99 -2.50
N SER D 142 -6.80 -20.05 -2.26
CA SER D 142 -8.22 -20.35 -2.20
C SER D 142 -8.93 -20.18 -3.54
N GLY D 143 -8.29 -19.55 -4.52
CA GLY D 143 -8.90 -19.32 -5.82
C GLY D 143 -8.35 -20.13 -6.96
N GLU D 144 -7.52 -19.47 -7.79
CA GLU D 144 -6.90 -20.08 -8.97
C GLU D 144 -6.31 -21.45 -8.67
N GLY D 145 -5.60 -21.58 -7.54
CA GLY D 145 -4.97 -22.85 -7.20
C GLY D 145 -5.96 -24.00 -7.11
N VAL D 146 -7.17 -23.73 -6.61
CA VAL D 146 -8.18 -24.78 -6.47
C VAL D 146 -8.57 -25.30 -7.85
N GLN D 147 -8.81 -24.39 -8.79
CA GLN D 147 -9.19 -24.79 -10.14
C GLN D 147 -8.10 -25.64 -10.78
N GLN D 148 -6.84 -25.25 -10.60
CA GLN D 148 -5.73 -26.00 -11.16
C GLN D 148 -5.72 -27.43 -10.65
N ALA D 149 -6.05 -27.63 -9.37
CA ALA D 149 -6.06 -28.98 -8.81
C ALA D 149 -7.21 -29.81 -9.36
N LEU D 150 -8.37 -29.17 -9.58
CA LEU D 150 -9.53 -29.89 -10.09
C LEU D 150 -9.38 -30.32 -11.54
N LEU D 151 -8.46 -29.70 -12.28
CA LEU D 151 -8.23 -30.03 -13.69
C LEU D 151 -8.12 -31.53 -13.92
N LYS D 152 -7.17 -32.17 -13.24
CA LYS D 152 -6.98 -33.60 -13.42
C LYS D 152 -8.09 -34.42 -12.76
N LEU D 153 -8.79 -33.85 -11.77
CA LEU D 153 -9.85 -34.59 -11.10
C LEU D 153 -11.04 -34.82 -12.03
N ILE D 154 -11.37 -33.84 -12.88
CA ILE D 154 -12.52 -33.99 -13.77
C ILE D 154 -12.21 -34.89 -14.96
N GLU D 155 -10.93 -35.09 -15.28
CA GLU D 155 -10.56 -35.95 -16.40
C GLU D 155 -10.56 -37.42 -15.97
N GLY D 156 -9.94 -37.69 -14.82
CA GLY D 156 -9.85 -39.02 -14.26
C GLY D 156 -8.44 -39.32 -13.79
N THR D 157 -8.33 -39.72 -12.53
CA THR D 157 -7.07 -40.05 -11.89
C THR D 157 -7.37 -40.93 -10.69
N VAL D 158 -6.37 -41.14 -9.85
CA VAL D 158 -6.52 -41.95 -8.63
C VAL D 158 -5.90 -41.15 -7.49
N ALA D 159 -6.64 -41.03 -6.40
CA ALA D 159 -6.20 -40.28 -5.23
C ALA D 159 -6.30 -41.12 -3.97
N ALA D 160 -5.32 -40.97 -3.09
CA ALA D 160 -5.30 -41.68 -1.82
C ALA D 160 -6.40 -41.16 -0.90
N VAL D 161 -7.12 -42.08 -0.27
CA VAL D 161 -8.20 -41.75 0.65
C VAL D 161 -8.09 -42.62 1.90
N PRO D 162 -7.84 -42.07 3.08
CA PRO D 162 -7.74 -42.91 4.29
C PRO D 162 -9.05 -43.60 4.58
N PRO D 163 -9.12 -44.94 4.54
CA PRO D 163 -10.40 -45.60 4.85
C PRO D 163 -10.71 -45.55 6.34
N GLN D 164 -11.86 -44.96 6.67
CA GLN D 164 -12.38 -44.82 8.04
C GLN D 164 -11.60 -43.82 8.89
N GLY D 165 -10.54 -43.19 8.38
CA GLY D 165 -9.77 -42.24 9.14
C GLY D 165 -8.92 -42.92 10.21
N GLN D 172 -1.66 -47.81 8.03
CA GLN D 172 -1.08 -46.74 7.24
C GLN D 172 -1.18 -47.05 5.74
N GLU D 173 -2.41 -47.26 5.27
CA GLU D 173 -2.68 -47.57 3.88
C GLU D 173 -3.77 -46.64 3.37
N PHE D 174 -3.92 -46.59 2.05
CA PHE D 174 -4.90 -45.75 1.39
C PHE D 174 -5.49 -46.51 0.22
N LEU D 175 -6.73 -46.20 -0.11
CA LEU D 175 -7.46 -46.84 -1.20
C LEU D 175 -7.42 -45.97 -2.45
N GLN D 176 -7.33 -46.61 -3.60
CA GLN D 176 -7.31 -45.93 -4.89
C GLN D 176 -8.72 -45.97 -5.45
N VAL D 177 -9.20 -44.81 -5.89
CA VAL D 177 -10.56 -44.67 -6.42
C VAL D 177 -10.49 -43.88 -7.72
N ASP D 178 -10.68 -44.56 -8.85
CA ASP D 178 -10.68 -43.89 -10.13
C ASP D 178 -11.79 -42.83 -10.16
N THR D 179 -11.61 -41.83 -11.04
CA THR D 179 -12.60 -40.76 -11.17
C THR D 179 -12.86 -40.40 -12.63
N SER D 180 -12.47 -41.25 -13.58
CA SER D 180 -12.71 -40.94 -14.98
C SER D 180 -14.20 -41.02 -15.32
N LYS D 181 -14.93 -41.92 -14.66
CA LYS D 181 -16.36 -42.12 -14.92
C LYS D 181 -17.26 -41.34 -13.96
N ILE D 182 -16.70 -40.57 -13.04
CA ILE D 182 -17.52 -39.82 -12.09
C ILE D 182 -17.96 -38.51 -12.72
N LEU D 183 -19.23 -38.19 -12.55
CA LEU D 183 -19.82 -36.97 -13.07
C LEU D 183 -19.72 -35.86 -12.03
N PHE D 184 -19.60 -34.61 -12.51
CA PHE D 184 -19.50 -33.44 -11.66
C PHE D 184 -20.52 -32.41 -12.13
N ILE D 185 -21.21 -31.79 -11.18
CA ILE D 185 -22.20 -30.76 -11.46
C ILE D 185 -21.83 -29.56 -10.59
N CYS D 186 -21.06 -28.63 -11.17
CA CYS D 186 -20.63 -27.43 -10.47
C CYS D 186 -21.59 -26.29 -10.78
N GLY D 187 -21.95 -25.54 -9.76
CA GLY D 187 -22.82 -24.41 -9.97
C GLY D 187 -22.75 -23.35 -8.89
N GLY D 188 -22.58 -22.10 -9.30
CA GLY D 188 -22.52 -20.98 -8.39
C GLY D 188 -22.98 -19.72 -9.08
N ALA D 189 -23.93 -19.00 -8.48
CA ALA D 189 -24.40 -17.75 -9.08
C ALA D 189 -23.24 -16.78 -9.21
N PHE D 190 -22.95 -16.36 -10.44
CA PHE D 190 -21.87 -15.44 -10.70
C PHE D 190 -22.34 -14.01 -10.52
N ALA D 191 -21.50 -13.20 -9.90
CA ALA D 191 -21.79 -11.80 -9.64
C ALA D 191 -21.01 -10.93 -10.62
N GLY D 192 -21.69 -9.95 -11.22
CA GLY D 192 -21.04 -9.07 -12.16
C GLY D 192 -20.81 -9.64 -13.53
N LEU D 193 -21.29 -10.86 -13.80
CA LEU D 193 -21.08 -11.45 -15.11
C LEU D 193 -21.82 -10.70 -16.21
N ASP D 194 -22.93 -10.06 -15.87
CA ASP D 194 -23.69 -9.31 -16.87
C ASP D 194 -22.89 -8.15 -17.42
N LYS D 195 -22.07 -7.51 -16.58
CA LYS D 195 -21.30 -6.36 -17.04
C LYS D 195 -20.24 -6.75 -18.07
N VAL D 196 -19.55 -7.87 -17.86
CA VAL D 196 -18.51 -8.28 -18.79
C VAL D 196 -19.13 -8.71 -20.12
N ILE D 197 -20.27 -9.41 -20.06
CA ILE D 197 -20.92 -9.85 -21.30
C ILE D 197 -21.43 -8.65 -22.08
N SER D 198 -21.81 -7.58 -21.38
CA SER D 198 -22.32 -6.39 -22.07
C SER D 198 -21.25 -5.74 -22.92
N HIS D 199 -20.00 -5.74 -22.45
CA HIS D 199 -18.93 -5.09 -23.20
C HIS D 199 -18.75 -5.72 -24.58
N ARG D 200 -18.87 -7.03 -24.68
CA ARG D 200 -18.71 -7.70 -25.97
C ARG D 200 -19.85 -7.39 -26.93
N VAL D 201 -21.08 -7.24 -26.42
CA VAL D 201 -22.25 -7.04 -27.27
C VAL D 201 -22.80 -5.61 -27.26
N GLU D 202 -22.46 -4.78 -26.28
CA GLU D 202 -23.05 -3.44 -26.23
C GLU D 202 -22.62 -2.60 -27.42
N THR D 203 -21.31 -2.36 -27.57
CA THR D 203 -20.76 -1.51 -28.62
C THR D 203 -21.52 -0.19 -28.70
N GLY D 204 -21.78 0.39 -27.53
CA GLY D 204 -22.57 1.60 -27.40
C GLY D 204 -21.98 2.73 -26.59
N SER D 205 -20.66 2.95 -26.65
CA SER D 205 -20.06 4.06 -25.91
C SER D 205 -20.71 5.38 -26.29
N GLY D 206 -20.81 5.63 -27.60
CA GLY D 206 -21.49 6.80 -28.14
C GLY D 206 -21.21 8.15 -27.53
N ILE D 207 -19.95 8.53 -27.41
CA ILE D 207 -19.59 9.85 -26.86
C ILE D 207 -19.29 10.83 -27.97
N GLY D 208 -18.59 10.40 -29.02
CA GLY D 208 -18.31 11.25 -30.14
C GLY D 208 -19.58 11.59 -30.90
N PHE D 209 -19.40 12.25 -32.04
CA PHE D 209 -20.53 12.64 -32.87
C PHE D 209 -21.02 11.45 -33.70
N GLY D 210 -20.10 10.76 -34.38
CA GLY D 210 -20.49 9.65 -35.22
C GLY D 210 -21.00 8.44 -34.45
N ALA D 211 -20.41 8.16 -33.30
CA ALA D 211 -20.81 6.99 -32.53
C ALA D 211 -22.24 7.14 -31.99
N THR D 212 -22.97 6.03 -31.95
CA THR D 212 -24.36 5.97 -31.51
C THR D 212 -24.47 5.39 -30.10
N VAL D 213 -25.16 6.11 -29.22
CA VAL D 213 -25.40 5.67 -27.85
C VAL D 213 -26.84 5.18 -27.75
N LYS D 214 -27.02 3.87 -27.51
CA LYS D 214 -28.38 3.35 -27.35
C LYS D 214 -28.97 3.86 -26.04
N ALA D 215 -28.34 3.51 -24.92
CA ALA D 215 -28.72 3.97 -23.57
C ALA D 215 -30.22 3.87 -23.30
N LYS D 216 -30.83 2.77 -23.74
CA LYS D 216 -32.27 2.57 -23.54
C LYS D 216 -32.59 1.80 -22.26
N SER D 217 -31.58 1.34 -21.52
CA SER D 217 -31.73 0.60 -20.27
C SER D 217 -32.44 -0.74 -20.44
N ASP D 218 -32.57 -1.23 -21.68
CA ASP D 218 -33.17 -2.53 -21.94
C ASP D 218 -32.12 -3.62 -22.09
N LYS D 219 -30.84 -3.24 -22.18
CA LYS D 219 -29.76 -4.22 -22.33
C LYS D 219 -29.62 -5.08 -21.09
N ALA D 220 -29.95 -4.53 -19.91
CA ALA D 220 -29.84 -5.26 -18.65
C ALA D 220 -31.02 -6.24 -18.55
N SER D 221 -30.90 -7.33 -19.31
CA SER D 221 -31.90 -8.40 -19.36
C SER D 221 -31.12 -9.69 -19.07
N GLU D 222 -31.02 -10.04 -17.79
CA GLU D 222 -30.29 -11.22 -17.36
C GLU D 222 -30.76 -12.48 -18.08
N GLY D 223 -32.09 -12.67 -18.16
CA GLY D 223 -32.63 -13.83 -18.83
C GLY D 223 -32.16 -13.95 -20.27
N GLU D 224 -32.09 -12.83 -20.97
CA GLU D 224 -31.66 -12.82 -22.37
C GLU D 224 -30.16 -12.58 -22.53
N LEU D 225 -29.49 -12.06 -21.49
CA LEU D 225 -28.06 -11.79 -21.59
C LEU D 225 -27.23 -13.04 -21.30
N LEU D 226 -27.61 -13.80 -20.28
CA LEU D 226 -26.87 -15.01 -19.95
C LEU D 226 -26.94 -16.04 -21.07
N ALA D 227 -28.02 -16.02 -21.87
CA ALA D 227 -28.16 -16.95 -22.97
C ALA D 227 -27.04 -16.76 -24.00
N GLN D 228 -26.54 -15.55 -24.15
CA GLN D 228 -25.47 -15.23 -25.08
C GLN D 228 -24.08 -15.44 -24.49
N VAL D 229 -23.97 -16.18 -23.39
CA VAL D 229 -22.68 -16.39 -22.76
C VAL D 229 -21.83 -17.34 -23.62
N GLU D 230 -20.53 -17.35 -23.34
CA GLU D 230 -19.58 -18.18 -24.06
C GLU D 230 -18.38 -18.40 -23.16
N PRO D 231 -17.52 -19.38 -23.49
CA PRO D 231 -16.34 -19.61 -22.64
C PRO D 231 -15.39 -18.43 -22.56
N GLU D 232 -15.23 -17.68 -23.66
CA GLU D 232 -14.32 -16.54 -23.64
C GLU D 232 -14.76 -15.48 -22.64
N ASP D 233 -16.07 -15.37 -22.41
CA ASP D 233 -16.56 -14.40 -21.44
C ASP D 233 -16.13 -14.76 -20.02
N LEU D 234 -16.08 -16.06 -19.71
CA LEU D 234 -15.68 -16.50 -18.38
C LEU D 234 -14.20 -16.28 -18.11
N ILE D 235 -13.37 -16.20 -19.15
CA ILE D 235 -11.93 -15.99 -18.94
C ILE D 235 -11.71 -14.63 -18.31
N LYS D 236 -12.41 -13.61 -18.80
CA LYS D 236 -12.28 -12.27 -18.23
C LYS D 236 -12.83 -12.22 -16.81
N PHE D 237 -13.73 -13.14 -16.45
CA PHE D 237 -14.28 -13.18 -15.11
C PHE D 237 -13.23 -13.64 -14.11
N GLY D 238 -12.38 -14.58 -14.52
CA GLY D 238 -11.35 -15.12 -13.65
C GLY D 238 -11.12 -16.61 -13.83
N LEU D 239 -12.07 -17.31 -14.44
CA LEU D 239 -11.89 -18.73 -14.67
C LEU D 239 -10.80 -18.97 -15.69
N ILE D 240 -10.18 -20.14 -15.61
CA ILE D 240 -9.09 -20.52 -16.49
C ILE D 240 -9.68 -21.27 -17.68
N PRO D 241 -9.13 -21.16 -18.89
CA PRO D 241 -9.70 -21.94 -20.00
C PRO D 241 -9.58 -23.43 -19.79
N GLU D 242 -8.48 -23.88 -19.17
CA GLU D 242 -8.29 -25.30 -18.91
C GLU D 242 -9.41 -25.88 -18.06
N PHE D 243 -9.95 -25.09 -17.14
CA PHE D 243 -11.03 -25.57 -16.29
C PHE D 243 -12.35 -25.64 -17.03
N ILE D 244 -12.61 -24.66 -17.90
CA ILE D 244 -13.87 -24.64 -18.64
C ILE D 244 -13.92 -25.75 -19.67
N GLY D 245 -12.77 -26.12 -20.25
CA GLY D 245 -12.75 -27.20 -21.22
C GLY D 245 -13.22 -28.51 -20.61
N ARG D 246 -13.00 -28.70 -19.31
CA ARG D 246 -13.45 -29.90 -18.62
C ARG D 246 -14.96 -29.90 -18.41
N LEU D 247 -15.62 -28.74 -18.53
CA LEU D 247 -17.06 -28.58 -18.35
C LEU D 247 -17.64 -28.01 -19.63
N PRO D 248 -17.85 -28.84 -20.66
CA PRO D 248 -18.38 -28.30 -21.92
C PRO D 248 -19.82 -27.82 -21.82
N VAL D 249 -20.68 -28.61 -21.18
CA VAL D 249 -22.09 -28.24 -21.08
C VAL D 249 -22.26 -27.06 -20.14
N VAL D 250 -23.21 -26.20 -20.45
CA VAL D 250 -23.53 -25.02 -19.65
C VAL D 250 -25.05 -24.90 -19.58
N ALA D 251 -25.55 -24.56 -18.40
CA ALA D 251 -26.97 -24.40 -18.15
C ALA D 251 -27.23 -23.02 -17.58
N THR D 252 -28.04 -22.23 -18.27
CA THR D 252 -28.40 -20.88 -17.85
C THR D 252 -29.82 -20.90 -17.32
N LEU D 253 -30.02 -20.26 -16.16
CA LEU D 253 -31.31 -20.18 -15.51
C LEU D 253 -31.82 -18.74 -15.53
N ASN D 254 -33.11 -18.58 -15.76
CA ASN D 254 -33.73 -17.27 -15.81
C ASN D 254 -34.20 -16.85 -14.41
N GLU D 255 -34.37 -15.54 -14.25
CA GLU D 255 -34.84 -15.00 -12.98
C GLU D 255 -36.28 -15.44 -12.73
N LEU D 256 -36.74 -15.23 -11.50
CA LEU D 256 -38.09 -15.62 -11.10
C LEU D 256 -39.06 -14.49 -11.42
N SER D 257 -40.06 -14.80 -12.25
CA SER D 257 -41.08 -13.84 -12.64
C SER D 257 -42.20 -13.81 -11.60
N GLU D 258 -43.09 -12.84 -11.76
CA GLU D 258 -44.21 -12.71 -10.82
C GLU D 258 -45.13 -13.91 -10.90
N GLU D 259 -45.34 -14.45 -12.10
CA GLU D 259 -46.22 -15.60 -12.27
C GLU D 259 -45.58 -16.86 -11.68
N ALA D 260 -44.27 -17.00 -11.83
CA ALA D 260 -43.59 -18.19 -11.31
C ALA D 260 -43.63 -18.25 -9.80
N LEU D 261 -43.55 -17.10 -9.13
CA LEU D 261 -43.58 -17.09 -7.67
C LEU D 261 -44.90 -17.59 -7.11
N ILE D 262 -46.01 -17.33 -7.81
CA ILE D 262 -47.30 -17.78 -7.33
C ILE D 262 -47.39 -19.30 -7.36
N GLN D 263 -46.83 -19.92 -8.40
CA GLN D 263 -46.87 -21.37 -8.51
C GLN D 263 -46.00 -22.03 -7.46
N ILE D 264 -44.91 -21.36 -7.05
CA ILE D 264 -44.00 -21.93 -6.06
C ILE D 264 -44.70 -22.13 -4.72
N LEU D 265 -45.67 -21.28 -4.39
CA LEU D 265 -46.36 -21.38 -3.11
C LEU D 265 -47.50 -22.39 -3.12
N LYS D 266 -47.94 -22.86 -4.30
CA LYS D 266 -49.07 -23.77 -4.40
C LYS D 266 -48.71 -25.15 -4.94
N GLU D 267 -48.01 -25.23 -6.08
CA GLU D 267 -47.74 -26.53 -6.68
C GLU D 267 -46.72 -27.36 -5.90
N PRO D 268 -45.55 -26.84 -5.50
CA PRO D 268 -44.60 -27.69 -4.78
C PRO D 268 -45.13 -28.17 -3.44
N LYS D 269 -44.79 -29.42 -3.11
CA LYS D 269 -45.21 -30.00 -1.85
C LYS D 269 -44.50 -29.34 -0.68
N ASN D 270 -43.26 -28.89 -0.88
CA ASN D 270 -42.47 -28.24 0.16
C ASN D 270 -42.66 -26.73 0.16
N ALA D 271 -43.77 -26.23 -0.38
CA ALA D 271 -44.01 -24.80 -0.42
C ALA D 271 -44.20 -24.23 0.98
N LEU D 272 -43.88 -22.95 1.12
CA LEU D 272 -44.01 -22.30 2.42
C LEU D 272 -45.46 -22.24 2.89
N THR D 273 -46.40 -22.14 1.96
CA THR D 273 -47.81 -22.12 2.35
C THR D 273 -48.20 -23.42 3.02
N LYS D 274 -47.79 -24.55 2.46
CA LYS D 274 -48.10 -25.82 3.07
C LYS D 274 -47.33 -26.02 4.36
N GLN D 275 -46.17 -25.36 4.49
CA GLN D 275 -45.39 -25.48 5.73
C GLN D 275 -46.14 -24.87 6.89
N TYR D 276 -46.61 -23.64 6.75
CA TYR D 276 -47.36 -22.99 7.82
C TYR D 276 -48.69 -23.69 8.05
N GLN D 277 -49.27 -24.27 7.01
CA GLN D 277 -50.53 -24.99 7.17
C GLN D 277 -50.36 -26.15 8.15
N ALA D 278 -49.22 -26.84 8.07
CA ALA D 278 -48.94 -27.93 8.99
C ALA D 278 -48.46 -27.42 10.33
N LEU D 279 -47.84 -26.23 10.36
CA LEU D 279 -47.38 -25.67 11.62
C LEU D 279 -48.56 -25.40 12.56
N PHE D 280 -49.68 -24.97 11.99
CA PHE D 280 -50.89 -24.72 12.77
C PHE D 280 -51.79 -25.95 12.85
N ASN D 281 -51.56 -26.95 11.99
CA ASN D 281 -52.38 -28.16 12.04
C ASN D 281 -52.22 -28.88 13.37
N LEU D 282 -50.99 -28.93 13.90
CA LEU D 282 -50.75 -29.55 15.18
C LEU D 282 -51.45 -28.78 16.30
N GLU D 283 -51.58 -27.46 16.13
CA GLU D 283 -52.24 -26.60 17.09
C GLU D 283 -53.76 -26.67 16.99
N GLY D 284 -54.30 -27.38 16.01
CA GLY D 284 -55.74 -27.46 15.86
C GLY D 284 -56.36 -26.24 15.23
N VAL D 285 -55.65 -25.58 14.32
CA VAL D 285 -56.14 -24.38 13.65
C VAL D 285 -55.87 -24.52 12.15
N ASP D 286 -56.80 -24.00 11.35
CA ASP D 286 -56.68 -24.02 9.90
C ASP D 286 -56.04 -22.74 9.40
N LEU D 287 -55.38 -22.84 8.24
CA LEU D 287 -54.71 -21.72 7.61
C LEU D 287 -55.18 -21.61 6.17
N GLU D 288 -55.26 -20.36 5.68
CA GLU D 288 -55.70 -20.10 4.32
C GLU D 288 -54.88 -18.98 3.71
N PHE D 289 -54.77 -19.01 2.38
CA PHE D 289 -54.03 -18.01 1.61
C PHE D 289 -54.80 -17.75 0.33
N ARG D 290 -55.44 -16.59 0.23
CA ARG D 290 -56.22 -16.27 -0.96
C ARG D 290 -55.30 -15.78 -2.08
N ASP D 291 -55.83 -15.89 -3.31
CA ASP D 291 -55.04 -15.50 -4.48
C ASP D 291 -54.73 -14.01 -4.50
N GLU D 292 -55.59 -13.18 -3.91
CA GLU D 292 -55.33 -11.75 -3.91
C GLU D 292 -54.06 -11.41 -3.13
N ALA D 293 -53.75 -12.21 -2.11
CA ALA D 293 -52.55 -11.97 -1.31
C ALA D 293 -51.29 -12.45 -2.01
N LEU D 294 -51.40 -13.50 -2.82
CA LEU D 294 -50.23 -14.04 -3.50
C LEU D 294 -49.70 -13.07 -4.55
N ASP D 295 -50.59 -12.39 -5.28
CA ASP D 295 -50.14 -11.45 -6.30
C ASP D 295 -49.40 -10.28 -5.67
N ALA D 296 -49.82 -9.85 -4.48
CA ALA D 296 -49.14 -8.75 -3.82
C ALA D 296 -47.80 -9.20 -3.25
N ILE D 297 -47.70 -10.44 -2.79
CA ILE D 297 -46.45 -10.94 -2.23
C ILE D 297 -45.38 -11.04 -3.32
N ALA D 298 -45.78 -11.39 -4.54
CA ALA D 298 -44.82 -11.52 -5.62
C ALA D 298 -44.18 -10.18 -5.96
N LYS D 299 -44.98 -9.11 -5.97
CA LYS D 299 -44.44 -7.79 -6.28
C LYS D 299 -43.46 -7.32 -5.21
N LYS D 300 -43.75 -7.64 -3.94
CA LYS D 300 -42.85 -7.22 -2.87
C LYS D 300 -41.54 -7.99 -2.89
N ALA D 301 -41.58 -9.25 -3.34
CA ALA D 301 -40.37 -10.06 -3.38
C ALA D 301 -39.45 -9.65 -4.52
N MET D 302 -40.02 -9.33 -5.68
CA MET D 302 -39.19 -8.93 -6.82
C MET D 302 -38.44 -7.64 -6.55
N ALA D 303 -39.04 -6.73 -5.78
CA ALA D 303 -38.38 -5.46 -5.46
C ALA D 303 -37.15 -5.69 -4.59
N ARG D 304 -37.16 -6.75 -3.77
CA ARG D 304 -36.04 -7.03 -2.89
C ARG D 304 -34.80 -7.51 -3.63
N LYS D 305 -34.95 -8.01 -4.86
CA LYS D 305 -33.84 -8.51 -5.66
C LYS D 305 -33.11 -9.63 -4.92
N THR D 306 -33.88 -10.57 -4.40
CA THR D 306 -33.36 -11.72 -3.65
C THR D 306 -33.86 -13.06 -4.17
N GLY D 307 -35.00 -13.11 -4.85
CA GLY D 307 -35.52 -14.36 -5.37
C GLY D 307 -36.47 -15.04 -4.40
N ALA D 308 -36.60 -16.37 -4.59
CA ALA D 308 -37.49 -17.16 -3.76
C ALA D 308 -37.06 -17.16 -2.30
N ARG D 309 -35.76 -17.05 -2.03
CA ARG D 309 -35.28 -17.07 -0.66
C ARG D 309 -35.69 -15.82 0.11
N GLY D 310 -35.99 -14.73 -0.59
CA GLY D 310 -36.40 -13.49 0.05
C GLY D 310 -37.90 -13.40 0.22
N LEU D 311 -38.58 -14.54 0.22
CA LEU D 311 -40.04 -14.58 0.36
C LEU D 311 -40.49 -14.76 1.79
N ARG D 312 -39.73 -15.52 2.60
CA ARG D 312 -40.11 -15.74 3.98
C ARG D 312 -40.18 -14.43 4.77
N SER D 313 -39.35 -13.45 4.41
CA SER D 313 -39.38 -12.18 5.12
C SER D 313 -40.71 -11.47 4.95
N ILE D 314 -41.36 -11.66 3.80
CA ILE D 314 -42.65 -11.03 3.56
C ILE D 314 -43.76 -11.74 4.32
N VAL D 315 -43.67 -13.06 4.43
CA VAL D 315 -44.72 -13.84 5.08
C VAL D 315 -44.58 -13.78 6.60
N GLU D 316 -43.39 -14.11 7.12
CA GLU D 316 -43.20 -14.15 8.57
C GLU D 316 -43.46 -12.79 9.22
N ALA D 317 -43.03 -11.71 8.58
CA ALA D 317 -43.25 -10.38 9.16
C ALA D 317 -44.75 -10.07 9.26
N ALA D 318 -45.50 -10.43 8.22
CA ALA D 318 -46.94 -10.17 8.21
C ALA D 318 -47.66 -10.96 9.30
N LEU D 319 -47.26 -12.20 9.52
CA LEU D 319 -47.90 -13.08 10.49
C LEU D 319 -47.18 -13.14 11.84
N LEU D 320 -46.09 -12.39 12.01
CA LEU D 320 -45.36 -12.38 13.27
C LEU D 320 -46.27 -12.07 14.45
N ASP D 321 -47.12 -11.05 14.33
CA ASP D 321 -47.99 -10.67 15.43
C ASP D 321 -49.04 -11.75 15.72
N THR D 322 -49.61 -12.34 14.67
CA THR D 322 -50.63 -13.36 14.88
C THR D 322 -50.06 -14.60 15.57
N MET D 323 -48.89 -15.06 15.15
CA MET D 323 -48.29 -16.25 15.75
C MET D 323 -47.93 -16.02 17.21
N TYR D 324 -47.60 -14.78 17.57
CA TYR D 324 -47.22 -14.48 18.94
C TYR D 324 -48.38 -14.71 19.91
N ASP D 325 -49.59 -14.29 19.53
CA ASP D 325 -50.77 -14.43 20.37
C ASP D 325 -51.68 -15.60 19.98
N LEU D 326 -51.30 -16.42 19.00
CA LEU D 326 -52.18 -17.53 18.60
C LEU D 326 -52.25 -18.64 19.65
N PRO D 327 -51.14 -19.10 20.25
CA PRO D 327 -51.28 -20.18 21.25
C PRO D 327 -52.10 -19.77 22.46
N SER D 328 -51.95 -18.53 22.92
CA SER D 328 -52.74 -18.07 24.06
C SER D 328 -54.22 -18.08 23.74
N MET D 329 -54.57 -17.72 22.50
CA MET D 329 -55.97 -17.70 22.08
C MET D 329 -56.54 -19.12 22.07
N GLU D 330 -57.82 -19.22 22.41
CA GLU D 330 -58.53 -20.48 22.48
C GLU D 330 -59.80 -20.40 21.64
N ASP D 331 -60.23 -21.57 21.15
CA ASP D 331 -61.43 -21.75 20.33
C ASP D 331 -61.28 -21.21 18.92
N VAL D 332 -60.06 -20.93 18.46
CA VAL D 332 -59.81 -20.43 17.12
C VAL D 332 -59.51 -21.63 16.22
N GLU D 333 -60.38 -21.86 15.22
CA GLU D 333 -60.24 -23.00 14.33
C GLU D 333 -59.73 -22.65 12.93
N LYS D 334 -59.86 -21.40 12.47
CA LYS D 334 -59.40 -21.04 11.15
C LYS D 334 -58.89 -19.60 11.13
N VAL D 335 -57.88 -19.36 10.30
CA VAL D 335 -57.27 -18.05 10.12
C VAL D 335 -57.26 -17.73 8.63
N VAL D 336 -57.72 -16.53 8.28
CA VAL D 336 -57.77 -16.08 6.90
C VAL D 336 -56.91 -14.83 6.76
N ILE D 337 -56.06 -14.80 5.73
CA ILE D 337 -55.16 -13.69 5.44
C ILE D 337 -55.59 -13.05 4.14
N ASP D 338 -55.99 -11.78 4.21
CA ASP D 338 -56.44 -11.03 3.04
C ASP D 338 -55.31 -10.20 2.46
N GLU D 339 -55.58 -9.59 1.31
CA GLU D 339 -54.58 -8.76 0.64
C GLU D 339 -54.20 -7.56 1.49
N SER D 340 -55.17 -7.00 2.22
CA SER D 340 -54.89 -5.84 3.07
C SER D 340 -53.90 -6.17 4.16
N VAL D 341 -53.92 -7.41 4.66
CA VAL D 341 -53.00 -7.83 5.72
C VAL D 341 -51.55 -7.65 5.29
N ILE D 342 -51.24 -7.98 4.04
CA ILE D 342 -49.87 -7.84 3.56
C ILE D 342 -49.48 -6.36 3.52
N ASP D 343 -50.41 -5.51 3.07
CA ASP D 343 -50.14 -4.08 3.04
C ASP D 343 -50.01 -3.49 4.44
N GLY D 344 -50.71 -4.07 5.40
CA GLY D 344 -50.71 -3.60 6.77
C GLY D 344 -51.91 -2.73 7.14
N GLN D 345 -52.83 -2.51 6.19
CA GLN D 345 -54.01 -1.70 6.47
C GLN D 345 -54.94 -2.38 7.46
N SER D 346 -55.10 -3.70 7.34
CA SER D 346 -55.98 -4.48 8.19
C SER D 346 -55.20 -5.64 8.79
N GLU D 347 -55.85 -6.33 9.73
CA GLU D 347 -55.29 -7.46 10.44
C GLU D 347 -55.95 -8.76 9.99
N PRO D 348 -55.26 -9.90 10.12
CA PRO D 348 -55.87 -11.18 9.71
C PRO D 348 -57.17 -11.48 10.46
N LEU D 349 -58.09 -12.12 9.75
CA LEU D 349 -59.39 -12.48 10.29
C LEU D 349 -59.31 -13.86 10.92
N LEU D 350 -59.71 -13.95 12.19
CA LEU D 350 -59.69 -15.18 12.97
C LEU D 350 -61.11 -15.70 13.13
N ILE D 351 -61.28 -17.00 12.94
CA ILE D 351 -62.58 -17.66 13.04
C ILE D 351 -62.62 -18.42 14.35
N TYR D 352 -63.72 -18.24 15.09
CA TYR D 352 -63.92 -18.89 16.39
C TYR D 352 -64.95 -20.00 16.24
N GLY D 353 -64.61 -21.19 16.73
CA GLY D 353 -65.49 -22.33 16.64
C GLY D 353 -64.79 -23.64 16.94
N SER E 1 -45.18 -32.59 29.42
CA SER E 1 -44.13 -32.10 28.48
C SER E 1 -44.65 -30.92 27.67
N ALA E 2 -45.28 -29.96 28.35
CA ALA E 2 -45.82 -28.78 27.68
C ALA E 2 -44.71 -27.78 27.43
N LEU E 3 -44.66 -27.25 26.22
CA LEU E 3 -43.63 -26.29 25.84
C LEU E 3 -44.06 -24.88 26.23
N PRO E 4 -43.11 -23.96 26.41
CA PRO E 4 -43.50 -22.60 26.77
C PRO E 4 -44.15 -21.88 25.62
N THR E 5 -44.97 -20.89 25.94
CA THR E 5 -45.69 -20.09 24.98
C THR E 5 -44.96 -18.79 24.71
N PRO E 6 -45.34 -18.05 23.66
CA PRO E 6 -44.67 -16.77 23.41
C PRO E 6 -44.90 -15.77 24.53
N HIS E 7 -46.07 -15.80 25.17
CA HIS E 7 -46.34 -14.88 26.27
C HIS E 7 -45.51 -15.23 27.50
N GLU E 8 -45.35 -16.53 27.77
CA GLU E 8 -44.59 -16.95 28.94
C GLU E 8 -43.11 -16.58 28.79
N ILE E 9 -42.54 -16.85 27.61
CA ILE E 9 -41.14 -16.54 27.39
C ILE E 9 -40.92 -15.03 27.34
N ARG E 10 -41.93 -14.28 26.88
CA ARG E 10 -41.79 -12.83 26.84
C ARG E 10 -41.72 -12.25 28.24
N ASN E 11 -42.56 -12.74 29.15
CA ASN E 11 -42.53 -12.25 30.52
C ASN E 11 -41.20 -12.61 31.19
N HIS E 12 -40.61 -13.74 30.80
CA HIS E 12 -39.33 -14.13 31.37
C HIS E 12 -38.24 -13.16 30.94
N LEU E 13 -38.30 -12.67 29.71
CA LEU E 13 -37.31 -11.73 29.21
C LEU E 13 -37.55 -10.32 29.73
N ASP E 14 -38.80 -9.99 30.09
CA ASP E 14 -39.10 -8.67 30.61
C ASP E 14 -38.37 -8.42 31.93
N ASP E 15 -38.11 -9.48 32.69
CA ASP E 15 -37.40 -9.36 33.95
C ASP E 15 -35.91 -9.13 33.79
N TYR E 16 -35.39 -9.14 32.56
CA TYR E 16 -33.98 -8.90 32.29
C TYR E 16 -33.73 -7.91 31.16
N VAL E 17 -34.76 -7.42 30.48
CA VAL E 17 -34.60 -6.47 29.39
C VAL E 17 -35.67 -5.41 29.53
N ILE E 18 -35.31 -4.17 29.22
CA ILE E 18 -36.22 -3.03 29.31
C ILE E 18 -36.18 -2.22 28.02
N GLY E 19 -37.35 -1.72 27.61
CA GLY E 19 -37.47 -0.89 26.43
C GLY E 19 -37.25 -1.57 25.10
N GLN E 20 -37.70 -2.80 24.95
CA GLN E 20 -37.55 -3.53 23.69
C GLN E 20 -38.77 -4.44 23.54
N GLU E 21 -39.76 -3.97 22.79
CA GLU E 21 -40.99 -4.72 22.55
C GLU E 21 -40.97 -5.50 21.24
N GLN E 22 -40.58 -4.84 20.14
CA GLN E 22 -40.57 -5.50 18.84
C GLN E 22 -39.54 -6.62 18.77
N ALA E 23 -38.40 -6.47 19.43
CA ALA E 23 -37.37 -7.51 19.37
C ALA E 23 -37.78 -8.76 20.14
N LYS E 24 -38.52 -8.61 21.23
CA LYS E 24 -38.94 -9.76 22.01
C LYS E 24 -39.89 -10.65 21.21
N LYS E 25 -40.78 -10.04 20.42
CA LYS E 25 -41.74 -10.80 19.63
C LYS E 25 -41.05 -11.70 18.62
N VAL E 26 -39.92 -11.25 18.06
CA VAL E 26 -39.23 -12.02 17.03
C VAL E 26 -38.59 -13.26 17.64
N LEU E 27 -37.86 -13.09 18.74
CA LEU E 27 -37.19 -14.23 19.36
C LEU E 27 -38.20 -15.21 19.95
N ALA E 28 -39.31 -14.72 20.47
CA ALA E 28 -40.30 -15.60 21.07
C ALA E 28 -40.96 -16.48 20.00
N VAL E 29 -41.37 -15.87 18.88
CA VAL E 29 -42.01 -16.64 17.82
C VAL E 29 -41.02 -17.57 17.15
N ALA E 30 -39.77 -17.12 16.96
CA ALA E 30 -38.78 -17.95 16.30
C ALA E 30 -38.40 -19.14 17.16
N VAL E 31 -38.12 -18.90 18.45
CA VAL E 31 -37.77 -20.00 19.34
C VAL E 31 -38.95 -20.95 19.51
N TYR E 32 -40.16 -20.40 19.56
CA TYR E 32 -41.35 -21.24 19.69
C TYR E 32 -41.51 -22.14 18.47
N ASN E 33 -41.42 -21.54 17.28
CA ASN E 33 -41.54 -22.32 16.05
C ASN E 33 -40.38 -23.31 15.90
N HIS E 34 -39.23 -22.99 16.50
CA HIS E 34 -38.08 -23.88 16.42
C HIS E 34 -38.39 -25.22 17.07
N TYR E 35 -38.90 -25.19 18.30
CA TYR E 35 -39.24 -26.42 19.02
C TYR E 35 -40.22 -27.27 18.22
N LYS E 36 -41.22 -26.63 17.60
CA LYS E 36 -42.20 -27.37 16.83
C LYS E 36 -41.56 -28.05 15.62
N ARG E 37 -40.66 -27.35 14.92
CA ARG E 37 -40.03 -27.92 13.73
C ARG E 37 -39.17 -29.13 14.08
N LEU E 38 -38.31 -28.99 15.09
CA LEU E 38 -37.45 -30.10 15.48
C LEU E 38 -38.26 -31.24 16.08
N ARG E 39 -39.31 -30.93 16.83
CA ARG E 39 -40.13 -31.97 17.44
C ARG E 39 -40.80 -32.84 16.38
N ASN E 40 -41.33 -32.22 15.33
CA ASN E 40 -41.99 -32.99 14.28
C ASN E 40 -40.98 -33.79 13.46
N GLY E 41 -39.90 -33.14 13.04
CA GLY E 41 -38.87 -33.77 12.24
C GLY E 41 -39.37 -34.45 10.99
N ASP E 42 -40.13 -33.71 10.18
CA ASP E 42 -40.69 -34.20 8.91
C ASP E 42 -41.45 -35.53 9.07
N THR E 43 -42.07 -35.74 10.24
CA THR E 43 -42.84 -36.95 10.50
C THR E 43 -44.35 -36.71 10.38
N SER E 44 -44.79 -35.47 10.58
CA SER E 44 -46.20 -35.12 10.49
C SER E 44 -46.56 -34.93 9.01
N ASN E 45 -47.76 -34.41 8.75
CA ASN E 45 -48.18 -34.16 7.38
C ASN E 45 -47.30 -33.12 6.70
N GLY E 46 -46.72 -32.20 7.49
CA GLY E 46 -45.86 -31.18 6.94
C GLY E 46 -44.48 -31.73 6.64
N VAL E 47 -44.17 -31.86 5.34
CA VAL E 47 -42.92 -32.40 4.88
C VAL E 47 -42.03 -31.25 4.42
N GLU E 48 -40.72 -31.43 4.60
CA GLU E 48 -39.72 -30.43 4.23
C GLU E 48 -39.97 -29.10 4.96
N LEU E 49 -39.90 -29.17 6.28
CA LEU E 49 -40.11 -27.99 7.11
C LEU E 49 -38.92 -27.05 6.95
N GLY E 50 -39.19 -25.82 6.55
CA GLY E 50 -38.16 -24.84 6.31
C GLY E 50 -37.53 -24.33 7.60
N LYS E 51 -36.75 -23.27 7.44
CA LYS E 51 -36.05 -22.63 8.54
C LYS E 51 -36.09 -21.12 8.33
N SER E 52 -36.06 -20.38 9.43
CA SER E 52 -36.12 -18.92 9.40
C SER E 52 -35.17 -18.37 10.46
N ASN E 53 -34.05 -17.81 10.02
CA ASN E 53 -33.07 -17.25 10.94
C ASN E 53 -33.50 -15.83 11.32
N ILE E 54 -32.71 -15.19 12.18
CA ILE E 54 -33.00 -13.86 12.69
C ILE E 54 -31.80 -12.95 12.50
N LEU E 55 -32.08 -11.67 12.22
CA LEU E 55 -31.06 -10.65 12.05
C LEU E 55 -31.39 -9.47 12.95
N LEU E 56 -30.65 -9.31 14.03
CA LEU E 56 -30.86 -8.21 14.96
C LEU E 56 -29.98 -7.02 14.56
N ILE E 57 -30.57 -5.83 14.58
CA ILE E 57 -29.87 -4.59 14.24
C ILE E 57 -30.22 -3.53 15.26
N GLY E 58 -29.20 -2.83 15.76
CA GLY E 58 -29.41 -1.76 16.70
C GLY E 58 -28.11 -1.07 17.06
N PRO E 59 -28.18 0.11 17.70
CA PRO E 59 -26.94 0.80 18.10
C PRO E 59 -26.15 0.03 19.14
N THR E 60 -24.97 0.54 19.47
CA THR E 60 -24.14 -0.12 20.47
C THR E 60 -24.73 0.10 21.86
N GLY E 61 -24.51 -0.89 22.74
CA GLY E 61 -25.04 -0.80 24.08
C GLY E 61 -26.54 -0.76 24.14
N SER E 62 -27.23 -1.35 23.16
CA SER E 62 -28.68 -1.36 23.12
C SER E 62 -29.28 -2.58 23.80
N GLY E 63 -28.51 -3.66 23.95
CA GLY E 63 -28.97 -4.87 24.60
C GLY E 63 -29.06 -6.09 23.70
N LYS E 64 -28.37 -6.06 22.56
CA LYS E 64 -28.40 -7.21 21.66
C LYS E 64 -27.74 -8.43 22.33
N THR E 65 -26.56 -8.22 22.92
CA THR E 65 -25.87 -9.32 23.57
C THR E 65 -26.63 -9.83 24.78
N LEU E 66 -27.44 -8.97 25.42
CA LEU E 66 -28.19 -9.38 26.58
C LEU E 66 -29.29 -10.36 26.23
N LEU E 67 -29.98 -10.14 25.11
CA LEU E 67 -31.05 -11.04 24.71
C LEU E 67 -30.50 -12.43 24.37
N ALA E 68 -29.30 -12.48 23.80
CA ALA E 68 -28.70 -13.76 23.45
C ALA E 68 -28.32 -14.56 24.70
N GLU E 69 -27.85 -13.88 25.73
CA GLU E 69 -27.42 -14.56 26.95
C GLU E 69 -28.60 -14.91 27.84
N THR E 70 -29.50 -13.95 28.09
CA THR E 70 -30.65 -14.21 28.95
C THR E 70 -31.56 -15.28 28.35
N LEU E 71 -31.65 -15.33 27.02
CA LEU E 71 -32.50 -16.33 26.39
C LEU E 71 -32.00 -17.75 26.64
N ALA E 72 -30.67 -17.92 26.75
CA ALA E 72 -30.09 -19.23 26.96
C ALA E 72 -30.45 -19.83 28.31
N ARG E 73 -30.78 -19.01 29.31
CA ARG E 73 -31.12 -19.55 30.62
C ARG E 73 -32.40 -20.36 30.57
N LEU E 74 -33.47 -19.77 30.01
CA LEU E 74 -34.73 -20.48 29.89
C LEU E 74 -34.70 -21.53 28.78
N LEU E 75 -33.81 -21.35 27.81
CA LEU E 75 -33.71 -22.28 26.69
C LEU E 75 -33.22 -23.65 27.16
N ASP E 76 -33.86 -24.70 26.64
CA ASP E 76 -33.49 -26.06 26.99
C ASP E 76 -32.32 -26.54 26.13
N VAL E 77 -32.43 -26.35 24.82
CA VAL E 77 -31.37 -26.75 23.89
C VAL E 77 -30.16 -25.87 24.18
N PRO E 78 -28.93 -26.29 23.82
CA PRO E 78 -27.77 -25.47 24.15
C PRO E 78 -27.71 -24.13 23.43
N PHE E 79 -26.70 -23.34 23.76
CA PHE E 79 -26.51 -22.02 23.19
C PHE E 79 -25.02 -21.69 23.24
N THR E 80 -24.58 -20.86 22.28
CA THR E 80 -23.19 -20.47 22.19
C THR E 80 -23.13 -19.01 21.75
N MET E 81 -21.92 -18.46 21.71
CA MET E 81 -21.71 -17.08 21.33
C MET E 81 -20.31 -16.93 20.77
N ALA E 82 -20.21 -16.48 19.51
CA ALA E 82 -18.93 -16.30 18.85
C ALA E 82 -18.86 -14.93 18.18
N ASP E 83 -17.78 -14.69 17.44
CA ASP E 83 -17.57 -13.44 16.73
C ASP E 83 -16.98 -13.75 15.36
N ALA E 84 -17.45 -13.02 14.36
CA ALA E 84 -17.01 -13.21 12.98
C ALA E 84 -15.88 -12.27 12.57
N THR E 85 -15.46 -11.36 13.45
CA THR E 85 -14.39 -10.44 13.09
C THR E 85 -13.07 -11.18 12.88
N THR E 86 -12.87 -12.28 13.58
CA THR E 86 -11.66 -13.08 13.48
C THR E 86 -11.71 -14.13 12.37
N LEU E 87 -12.85 -14.30 11.72
CA LEU E 87 -12.98 -15.32 10.69
C LEU E 87 -12.26 -14.92 9.41
N THR E 88 -11.79 -15.94 8.69
CA THR E 88 -11.04 -15.79 7.45
C THR E 88 -11.65 -16.70 6.38
N GLU E 89 -11.10 -16.59 5.16
CA GLU E 89 -11.64 -17.31 4.02
C GLU E 89 -10.93 -18.64 3.76
N ALA E 90 -11.16 -19.58 4.67
CA ALA E 90 -10.73 -20.98 4.52
C ALA E 90 -9.26 -21.17 4.12
N GLY E 91 -8.35 -20.76 5.00
CA GLY E 91 -6.93 -20.95 4.74
C GLY E 91 -5.99 -19.86 5.17
N TYR E 92 -6.48 -18.67 5.44
CA TYR E 92 -5.59 -17.61 5.89
C TYR E 92 -5.20 -17.87 7.34
N VAL E 93 -4.34 -17.00 7.87
CA VAL E 93 -3.78 -17.20 9.21
C VAL E 93 -4.78 -16.96 10.34
N GLY E 94 -5.80 -16.13 10.12
CA GLY E 94 -6.67 -15.82 11.25
C GLY E 94 -7.51 -16.91 11.89
N GLU E 95 -8.50 -17.46 11.19
CA GLU E 95 -9.37 -18.48 11.77
C GLU E 95 -10.04 -19.25 10.64
N ASP E 96 -10.85 -20.24 11.02
CA ASP E 96 -11.63 -21.04 10.10
C ASP E 96 -13.10 -20.92 10.48
N VAL E 97 -13.97 -21.18 9.49
CA VAL E 97 -15.42 -21.07 9.72
C VAL E 97 -15.92 -22.14 10.68
N GLU E 98 -15.28 -23.31 10.69
CA GLU E 98 -15.75 -24.40 11.53
C GLU E 98 -15.46 -24.19 13.02
N ASN E 99 -14.75 -23.12 13.40
CA ASN E 99 -14.49 -22.89 14.82
C ASN E 99 -15.77 -22.66 15.60
N ILE E 100 -16.82 -22.15 14.94
CA ILE E 100 -18.09 -21.91 15.61
C ILE E 100 -18.69 -23.20 16.12
N ILE E 101 -18.64 -24.25 15.29
CA ILE E 101 -19.22 -25.53 15.70
C ILE E 101 -18.42 -26.16 16.83
N GLN E 102 -17.12 -25.87 16.91
CA GLN E 102 -16.31 -26.43 17.97
C GLN E 102 -16.76 -25.92 19.33
N LYS E 103 -17.00 -24.61 19.44
CA LYS E 103 -17.45 -24.05 20.70
C LYS E 103 -18.87 -24.52 21.05
N LEU E 104 -19.65 -24.90 20.04
CA LEU E 104 -21.01 -25.35 20.28
C LEU E 104 -21.03 -26.70 20.99
N LEU E 105 -20.11 -27.59 20.62
CA LEU E 105 -20.09 -28.92 21.23
C LEU E 105 -19.63 -28.88 22.68
N GLN E 106 -18.82 -27.88 23.05
CA GLN E 106 -18.37 -27.79 24.44
C GLN E 106 -19.54 -27.58 25.38
N LYS E 107 -20.56 -26.83 24.94
CA LYS E 107 -21.73 -26.60 25.76
C LYS E 107 -22.63 -27.82 25.82
N SER E 108 -22.65 -28.62 24.75
CA SER E 108 -23.46 -29.82 24.67
C SER E 108 -22.73 -31.08 25.13
N ASP E 109 -21.47 -30.95 25.56
CA ASP E 109 -20.68 -32.08 26.03
C ASP E 109 -20.47 -33.13 24.93
N TYR E 110 -20.26 -32.64 23.71
CA TYR E 110 -20.00 -33.49 22.54
C TYR E 110 -21.16 -34.47 22.29
N ASP E 111 -22.34 -33.90 22.08
CA ASP E 111 -23.55 -34.65 21.79
C ASP E 111 -24.07 -34.13 20.45
N VAL E 112 -23.77 -34.87 19.38
CA VAL E 112 -24.17 -34.45 18.04
C VAL E 112 -25.67 -34.43 17.90
N GLN E 113 -26.36 -35.43 18.43
CA GLN E 113 -27.82 -35.48 18.32
C GLN E 113 -28.48 -34.32 19.05
N LYS E 114 -27.84 -33.80 20.10
CA LYS E 114 -28.37 -32.68 20.86
C LYS E 114 -27.84 -31.34 20.36
N ALA E 115 -26.66 -31.32 19.74
CA ALA E 115 -26.11 -30.07 19.26
C ALA E 115 -26.82 -29.56 18.02
N GLN E 116 -27.31 -30.46 17.16
CA GLN E 116 -28.02 -30.04 15.96
C GLN E 116 -29.29 -29.28 16.30
N ARG E 117 -29.88 -29.56 17.46
CA ARG E 117 -31.10 -28.90 17.92
C ARG E 117 -30.81 -27.64 18.71
N GLY E 118 -29.56 -27.16 18.71
CA GLY E 118 -29.17 -25.99 19.47
C GLY E 118 -29.37 -24.70 18.71
N ILE E 119 -28.91 -23.61 19.34
CA ILE E 119 -29.03 -22.26 18.82
C ILE E 119 -27.64 -21.64 18.81
N VAL E 120 -27.40 -20.76 17.84
CA VAL E 120 -26.11 -20.09 17.68
C VAL E 120 -26.34 -18.60 17.47
N TYR E 121 -25.38 -17.81 17.96
CA TYR E 121 -25.41 -16.35 17.89
C TYR E 121 -24.07 -15.85 17.37
N ILE E 122 -24.13 -14.77 16.60
CA ILE E 122 -22.97 -14.14 15.99
C ILE E 122 -23.00 -12.65 16.37
N ASP E 123 -21.82 -12.10 16.65
CA ASP E 123 -21.67 -10.71 17.06
C ASP E 123 -20.71 -9.98 16.14
N GLN E 124 -20.92 -8.67 16.01
CA GLN E 124 -20.10 -7.78 15.18
C GLN E 124 -20.11 -8.23 13.72
N ILE E 125 -21.33 -8.28 13.15
CA ILE E 125 -21.50 -8.67 11.77
C ILE E 125 -21.15 -7.56 10.79
N ASP E 126 -21.15 -6.30 11.24
CA ASP E 126 -20.86 -5.19 10.33
C ASP E 126 -19.44 -5.24 9.79
N LYS E 127 -18.51 -5.86 10.54
CA LYS E 127 -17.13 -5.97 10.09
C LYS E 127 -16.97 -6.87 8.87
N ILE E 128 -17.99 -7.63 8.49
CA ILE E 128 -17.91 -8.55 7.38
C ILE E 128 -18.27 -7.92 6.03
N SER E 129 -18.92 -6.76 6.02
CA SER E 129 -19.41 -5.89 4.96
C SER E 129 -18.29 -5.58 3.97
N ARG E 130 -18.66 -5.34 2.71
CA ARG E 130 -17.67 -5.04 1.68
C ARG E 130 -16.83 -3.84 2.07
N LYS E 131 -15.52 -4.00 1.93
CA LYS E 131 -14.52 -2.99 2.29
C LYS E 131 -14.05 -2.14 1.12
N SER E 132 -13.88 -2.76 -0.05
CA SER E 132 -13.26 -2.09 -1.19
C SER E 132 -14.19 -1.38 -2.16
N ASP E 133 -15.52 -1.34 -1.94
CA ASP E 133 -16.38 -0.56 -2.86
C ASP E 133 -16.28 -1.07 -4.30
N ASN E 134 -16.85 -2.28 -4.55
CA ASN E 134 -16.72 -2.96 -5.84
C ASN E 134 -15.25 -3.32 -5.99
N PRO E 135 -14.77 -4.30 -5.16
CA PRO E 135 -13.34 -4.63 -5.09
C PRO E 135 -12.53 -4.82 -6.36
N SER E 136 -11.25 -4.62 -6.12
CA SER E 136 -10.12 -4.64 -7.03
C SER E 136 -9.25 -5.86 -6.73
N ILE E 137 -8.11 -5.90 -7.41
CA ILE E 137 -7.12 -6.98 -7.37
C ILE E 137 -6.73 -7.47 -5.98
N THR E 138 -6.90 -6.63 -4.94
CA THR E 138 -6.47 -7.02 -3.60
C THR E 138 -7.12 -8.29 -3.06
N ARG E 139 -8.26 -8.74 -3.61
CA ARG E 139 -8.92 -9.98 -3.18
C ARG E 139 -9.24 -9.98 -1.68
N ASP E 140 -10.10 -9.03 -1.27
CA ASP E 140 -10.55 -8.89 0.11
C ASP E 140 -10.88 -10.24 0.74
N VAL E 141 -10.31 -10.48 1.93
CA VAL E 141 -10.49 -11.74 2.66
C VAL E 141 -11.36 -11.53 3.91
N SER E 142 -11.09 -10.48 4.67
CA SER E 142 -11.86 -10.20 5.89
C SER E 142 -13.32 -9.93 5.58
N GLY E 143 -13.60 -9.38 4.40
CA GLY E 143 -14.95 -9.01 4.00
C GLY E 143 -15.71 -10.06 3.23
N GLU E 144 -16.02 -9.73 1.96
CA GLU E 144 -16.79 -10.57 1.05
C GLU E 144 -16.48 -12.06 1.15
N GLY E 145 -15.19 -12.42 1.12
CA GLY E 145 -14.79 -13.82 1.19
C GLY E 145 -15.34 -14.61 2.36
N VAL E 146 -15.72 -13.92 3.44
CA VAL E 146 -16.28 -14.62 4.60
C VAL E 146 -17.76 -14.91 4.40
N GLN E 147 -18.48 -13.97 3.79
CA GLN E 147 -19.91 -14.15 3.55
C GLN E 147 -20.20 -15.38 2.71
N GLN E 148 -19.45 -15.56 1.62
CA GLN E 148 -19.67 -16.68 0.73
C GLN E 148 -19.48 -18.02 1.43
N ALA E 149 -18.57 -18.08 2.41
CA ALA E 149 -18.37 -19.33 3.14
C ALA E 149 -19.55 -19.64 4.05
N LEU E 150 -20.13 -18.62 4.68
CA LEU E 150 -21.24 -18.82 5.59
C LEU E 150 -22.50 -19.30 4.88
N LEU E 151 -22.69 -18.90 3.61
CA LEU E 151 -23.85 -19.26 2.80
C LEU E 151 -24.30 -20.71 2.96
N LYS E 152 -23.39 -21.66 2.83
CA LYS E 152 -23.76 -23.06 2.94
C LYS E 152 -24.07 -23.44 4.39
N LEU E 153 -23.33 -22.85 5.34
CA LEU E 153 -23.54 -23.14 6.74
C LEU E 153 -24.96 -22.81 7.19
N ILE E 154 -25.44 -21.61 6.85
CA ILE E 154 -26.77 -21.19 7.28
C ILE E 154 -27.86 -22.02 6.64
N GLU E 155 -27.64 -22.51 5.42
CA GLU E 155 -28.68 -23.30 4.76
C GLU E 155 -28.76 -24.70 5.32
N GLY E 156 -27.61 -25.36 5.44
CA GLY E 156 -27.53 -26.71 5.97
C GLY E 156 -26.69 -27.62 5.12
N THR E 157 -25.70 -28.25 5.75
CA THR E 157 -24.79 -29.18 5.08
C THR E 157 -23.92 -29.82 6.14
N VAL E 158 -23.18 -30.85 5.73
CA VAL E 158 -22.27 -31.53 6.64
C VAL E 158 -21.05 -30.65 6.79
N ALA E 159 -20.23 -30.92 7.80
CA ALA E 159 -19.03 -30.13 8.04
C ALA E 159 -17.98 -31.04 8.67
N ALA E 160 -16.91 -30.43 9.19
CA ALA E 160 -15.82 -31.13 9.84
C ALA E 160 -15.48 -30.40 11.13
N VAL E 161 -15.35 -31.15 12.21
CA VAL E 161 -15.06 -30.60 13.54
C VAL E 161 -13.94 -31.41 14.20
N PRO E 162 -12.90 -30.79 14.76
CA PRO E 162 -11.86 -31.59 15.43
C PRO E 162 -12.43 -32.21 16.70
N PRO E 163 -12.11 -33.47 16.99
CA PRO E 163 -12.71 -34.10 18.17
C PRO E 163 -12.25 -33.55 19.51
N GLN E 164 -10.93 -33.33 19.70
CA GLN E 164 -10.44 -32.86 20.99
C GLN E 164 -9.36 -31.78 20.88
N GLY E 165 -9.42 -30.94 19.83
CA GLY E 165 -8.47 -29.85 19.72
C GLY E 165 -7.43 -29.96 18.61
N GLY E 166 -7.78 -30.65 17.52
CA GLY E 166 -6.86 -30.82 16.42
C GLY E 166 -7.00 -29.71 15.40
N ARG E 167 -6.33 -29.90 14.26
CA ARG E 167 -6.34 -28.92 13.19
C ARG E 167 -6.25 -29.59 11.82
N GLN E 172 -6.17 -37.26 12.78
CA GLN E 172 -6.84 -37.78 11.60
C GLN E 172 -8.19 -38.38 11.98
N GLU E 173 -9.12 -37.51 12.36
CA GLU E 173 -10.46 -37.94 12.75
C GLU E 173 -11.38 -36.74 12.68
N PHE E 174 -12.45 -36.85 11.89
CA PHE E 174 -13.42 -35.79 11.71
C PHE E 174 -14.83 -36.34 11.81
N LEU E 175 -15.69 -35.65 12.55
CA LEU E 175 -17.07 -36.04 12.77
C LEU E 175 -18.00 -35.15 11.95
N GLN E 176 -18.95 -35.78 11.27
CA GLN E 176 -19.93 -35.07 10.46
C GLN E 176 -21.06 -34.55 11.33
N VAL E 177 -21.46 -33.30 11.11
CA VAL E 177 -22.51 -32.66 11.89
C VAL E 177 -23.34 -31.79 10.96
N ASP E 178 -24.61 -32.16 10.80
CA ASP E 178 -25.52 -31.38 9.97
C ASP E 178 -25.81 -30.03 10.63
N THR E 179 -26.27 -29.08 9.83
CA THR E 179 -26.60 -27.74 10.31
C THR E 179 -27.90 -27.20 9.73
N SER E 180 -28.66 -28.01 8.99
CA SER E 180 -29.91 -27.51 8.42
C SER E 180 -30.92 -27.16 9.49
N LYS E 181 -30.92 -27.90 10.61
CA LYS E 181 -31.83 -27.65 11.70
C LYS E 181 -31.32 -26.62 12.70
N ILE E 182 -30.05 -26.24 12.62
CA ILE E 182 -29.49 -25.27 13.56
C ILE E 182 -29.90 -23.86 13.17
N LEU E 183 -30.28 -23.08 14.19
CA LEU E 183 -30.68 -21.70 14.01
C LEU E 183 -29.49 -20.78 14.21
N PHE E 184 -29.53 -19.63 13.53
CA PHE E 184 -28.48 -18.62 13.63
C PHE E 184 -29.10 -17.26 13.83
N ILE E 185 -28.52 -16.48 14.75
CA ILE E 185 -28.99 -15.14 15.08
C ILE E 185 -27.80 -14.20 14.90
N CYS E 186 -27.69 -13.60 13.73
CA CYS E 186 -26.60 -12.68 13.42
C CYS E 186 -27.00 -11.26 13.82
N GLY E 187 -26.08 -10.56 14.47
CA GLY E 187 -26.34 -9.20 14.88
C GLY E 187 -25.06 -8.43 15.09
N GLY E 188 -25.13 -7.13 14.81
CA GLY E 188 -23.99 -6.26 14.96
C GLY E 188 -24.37 -4.81 14.70
N ALA E 189 -23.92 -3.90 15.56
CA ALA E 189 -24.24 -2.49 15.37
C ALA E 189 -23.67 -1.98 14.06
N PHE E 190 -24.55 -1.56 13.16
CA PHE E 190 -24.13 -1.01 11.88
C PHE E 190 -23.84 0.48 12.05
N ALA E 191 -22.78 0.95 11.38
CA ALA E 191 -22.37 2.34 11.45
C ALA E 191 -22.74 3.05 10.15
N GLY E 192 -23.42 4.18 10.27
CA GLY E 192 -23.78 4.95 9.10
C GLY E 192 -24.91 4.39 8.27
N LEU E 193 -25.55 3.30 8.72
CA LEU E 193 -26.64 2.73 7.93
C LEU E 193 -27.83 3.67 7.85
N ASP E 194 -28.06 4.49 8.88
CA ASP E 194 -29.17 5.43 8.85
C ASP E 194 -29.00 6.43 7.70
N LYS E 195 -27.77 6.89 7.46
CA LYS E 195 -27.52 7.83 6.38
C LYS E 195 -27.87 7.24 5.03
N VAL E 196 -27.53 5.97 4.83
CA VAL E 196 -27.81 5.32 3.55
C VAL E 196 -29.31 5.18 3.33
N ILE E 197 -30.04 4.76 4.36
CA ILE E 197 -31.48 4.59 4.22
C ILE E 197 -32.15 5.94 4.05
N SER E 198 -31.76 6.94 4.84
CA SER E 198 -32.35 8.26 4.75
C SER E 198 -32.14 8.85 3.36
N HIS E 199 -30.92 8.74 2.84
CA HIS E 199 -30.62 9.26 1.51
C HIS E 199 -31.47 8.59 0.44
N ARG E 200 -31.67 7.27 0.56
CA ARG E 200 -32.42 6.54 -0.45
C ARG E 200 -33.91 6.83 -0.38
N VAL E 201 -34.50 6.71 0.80
CA VAL E 201 -35.95 6.86 0.91
C VAL E 201 -36.40 8.31 0.72
N GLU E 202 -35.78 9.26 1.42
CA GLU E 202 -36.23 10.64 1.39
C GLU E 202 -35.57 11.51 0.32
N THR E 203 -35.61 11.08 -0.95
CA THR E 203 -35.12 11.96 -2.01
C THR E 203 -35.61 11.51 -3.38
N GLY E 204 -36.25 12.43 -4.09
CA GLY E 204 -36.70 12.24 -5.45
C GLY E 204 -36.44 13.53 -6.21
N SER E 205 -35.44 14.29 -5.79
CA SER E 205 -35.20 15.63 -6.32
C SER E 205 -33.77 15.88 -6.80
N GLY E 206 -33.68 16.54 -7.95
CA GLY E 206 -32.43 16.99 -8.50
C GLY E 206 -32.05 18.31 -7.87
N ILE E 207 -30.94 18.88 -8.36
CA ILE E 207 -30.45 20.16 -7.85
C ILE E 207 -30.90 21.34 -8.72
N GLY E 208 -31.45 21.09 -9.90
CA GLY E 208 -31.86 22.17 -10.78
C GLY E 208 -33.19 22.80 -10.39
N PHE E 209 -33.53 23.85 -11.15
CA PHE E 209 -34.76 24.60 -10.92
C PHE E 209 -36.01 23.76 -11.20
N GLY E 210 -36.06 23.15 -12.40
CA GLY E 210 -37.26 22.43 -12.79
C GLY E 210 -37.58 21.23 -11.90
N ALA E 211 -36.57 20.54 -11.40
CA ALA E 211 -36.82 19.38 -10.56
C ALA E 211 -37.51 19.80 -9.26
N THR E 212 -38.58 19.08 -8.90
CA THR E 212 -39.30 19.36 -7.68
C THR E 212 -38.48 18.88 -6.48
N VAL E 213 -38.66 19.54 -5.34
CA VAL E 213 -37.94 19.21 -4.12
C VAL E 213 -38.91 18.61 -3.11
N LYS E 214 -38.61 17.40 -2.65
CA LYS E 214 -39.42 16.70 -1.67
C LYS E 214 -39.00 17.12 -0.27
N ALA E 215 -39.95 17.63 0.51
CA ALA E 215 -39.68 18.04 1.89
C ALA E 215 -39.95 16.85 2.80
N LYS E 216 -38.88 16.32 3.41
CA LYS E 216 -38.96 15.18 4.30
C LYS E 216 -37.75 15.21 5.22
N SER E 217 -37.68 14.21 6.11
CA SER E 217 -36.57 14.08 7.07
C SER E 217 -36.53 15.26 8.04
N ASP E 218 -37.68 15.58 8.62
CA ASP E 218 -37.75 16.68 9.59
C ASP E 218 -36.97 16.35 10.86
N LYS E 219 -37.10 15.11 11.34
CA LYS E 219 -36.42 14.63 12.53
C LYS E 219 -35.56 13.43 12.17
N ALA E 220 -34.57 13.14 13.03
CA ALA E 220 -33.68 12.01 12.79
C ALA E 220 -34.46 10.71 12.74
N SER E 221 -35.23 10.43 13.78
CA SER E 221 -36.06 9.22 13.87
C SER E 221 -35.23 7.95 13.66
N GLU E 222 -34.26 7.74 14.56
CA GLU E 222 -33.40 6.57 14.44
C GLU E 222 -34.19 5.28 14.60
N GLY E 223 -35.17 5.26 15.52
CA GLY E 223 -35.97 4.07 15.71
C GLY E 223 -36.92 3.82 14.55
N GLU E 224 -37.59 4.87 14.09
CA GLU E 224 -38.55 4.72 12.98
C GLU E 224 -37.88 4.60 11.63
N LEU E 225 -36.60 4.97 11.50
CA LEU E 225 -35.93 4.87 10.22
C LEU E 225 -35.46 3.45 9.94
N LEU E 226 -34.93 2.77 10.97
CA LEU E 226 -34.48 1.40 10.77
C LEU E 226 -35.65 0.48 10.43
N ALA E 227 -36.86 0.82 10.88
CA ALA E 227 -38.03 0.02 10.55
C ALA E 227 -38.28 -0.01 9.05
N GLN E 228 -37.88 1.05 8.34
CA GLN E 228 -38.05 1.15 6.90
C GLN E 228 -36.89 0.53 6.13
N VAL E 229 -36.09 -0.32 6.78
CA VAL E 229 -34.97 -0.95 6.10
C VAL E 229 -35.48 -2.02 5.13
N GLU E 230 -34.59 -2.44 4.23
CA GLU E 230 -34.93 -3.42 3.22
C GLU E 230 -33.65 -4.10 2.78
N PRO E 231 -33.73 -5.22 2.06
CA PRO E 231 -32.50 -5.88 1.61
C PRO E 231 -31.66 -5.02 0.68
N GLU E 232 -32.30 -4.29 -0.24
CA GLU E 232 -31.55 -3.44 -1.15
C GLU E 232 -30.75 -2.38 -0.41
N ASP E 233 -31.27 -1.92 0.73
CA ASP E 233 -30.56 -0.93 1.51
C ASP E 233 -29.25 -1.49 2.07
N LEU E 234 -29.23 -2.78 2.38
CA LEU E 234 -28.02 -3.41 2.91
C LEU E 234 -26.99 -3.64 1.83
N ILE E 235 -27.41 -3.76 0.57
CA ILE E 235 -26.45 -3.96 -0.52
C ILE E 235 -25.54 -2.74 -0.63
N LYS E 236 -26.12 -1.55 -0.50
CA LYS E 236 -25.31 -0.34 -0.56
C LYS E 236 -24.34 -0.27 0.61
N PHE E 237 -24.67 -0.93 1.72
CA PHE E 237 -23.76 -0.95 2.86
C PHE E 237 -22.55 -1.83 2.55
N GLY E 238 -22.77 -2.92 1.83
CA GLY E 238 -21.70 -3.84 1.48
C GLY E 238 -22.08 -5.31 1.50
N LEU E 239 -23.21 -5.65 2.13
CA LEU E 239 -23.62 -7.04 2.20
C LEU E 239 -24.02 -7.55 0.81
N ILE E 240 -23.95 -8.86 0.66
CA ILE E 240 -24.27 -9.53 -0.60
C ILE E 240 -25.74 -9.92 -0.58
N PRO E 241 -26.45 -9.93 -1.71
CA PRO E 241 -27.87 -10.35 -1.66
C PRO E 241 -28.07 -11.77 -1.21
N GLU E 242 -27.13 -12.67 -1.55
CA GLU E 242 -27.27 -14.07 -1.16
C GLU E 242 -27.26 -14.21 0.35
N PHE E 243 -26.38 -13.46 1.03
CA PHE E 243 -26.30 -13.54 2.49
C PHE E 243 -27.60 -13.05 3.14
N ILE E 244 -28.21 -12.02 2.57
CA ILE E 244 -29.44 -11.50 3.16
C ILE E 244 -30.58 -12.51 3.00
N GLY E 245 -30.58 -13.27 1.90
CA GLY E 245 -31.62 -14.26 1.71
C GLY E 245 -31.62 -15.32 2.78
N ARG E 246 -30.44 -15.64 3.32
CA ARG E 246 -30.34 -16.64 4.38
C ARG E 246 -30.93 -16.13 5.69
N LEU E 247 -31.07 -14.80 5.84
CA LEU E 247 -31.60 -14.17 7.05
C LEU E 247 -32.84 -13.37 6.65
N PRO E 248 -34.00 -14.03 6.51
CA PRO E 248 -35.19 -13.27 6.09
C PRO E 248 -35.74 -12.35 7.16
N VAL E 249 -35.78 -12.79 8.41
CA VAL E 249 -36.33 -11.98 9.48
C VAL E 249 -35.36 -10.87 9.86
N VAL E 250 -35.92 -9.73 10.25
CA VAL E 250 -35.16 -8.56 10.66
C VAL E 250 -35.77 -8.00 11.93
N ALA E 251 -34.93 -7.40 12.76
CA ALA E 251 -35.35 -6.79 14.01
C ALA E 251 -34.64 -5.46 14.16
N THR E 252 -35.40 -4.43 14.55
CA THR E 252 -34.88 -3.08 14.74
C THR E 252 -35.00 -2.71 16.20
N LEU E 253 -33.87 -2.38 16.82
CA LEU E 253 -33.80 -2.01 18.23
C LEU E 253 -33.56 -0.52 18.36
N ASN E 254 -34.39 0.15 19.16
CA ASN E 254 -34.24 1.57 19.38
C ASN E 254 -33.14 1.82 20.40
N GLU E 255 -32.58 3.03 20.36
CA GLU E 255 -31.51 3.38 21.28
C GLU E 255 -32.07 3.52 22.70
N LEU E 256 -31.18 3.82 23.64
CA LEU E 256 -31.55 3.98 25.04
C LEU E 256 -31.88 5.43 25.36
N SER E 257 -32.98 5.62 26.08
CA SER E 257 -33.43 6.94 26.52
C SER E 257 -32.95 7.18 27.94
N GLU E 258 -33.09 8.43 28.38
CA GLU E 258 -32.69 8.77 29.75
C GLU E 258 -33.55 8.05 30.77
N GLU E 259 -34.87 8.13 30.63
CA GLU E 259 -35.76 7.46 31.57
C GLU E 259 -35.63 5.94 31.46
N ALA E 260 -35.24 5.43 30.29
CA ALA E 260 -35.09 3.98 30.14
C ALA E 260 -34.00 3.45 31.05
N LEU E 261 -32.94 4.23 31.26
CA LEU E 261 -31.85 3.79 32.12
C LEU E 261 -32.32 3.65 33.57
N ILE E 262 -33.22 4.53 34.00
CA ILE E 262 -33.73 4.45 35.36
C ILE E 262 -34.52 3.16 35.56
N GLN E 263 -35.29 2.77 34.54
CA GLN E 263 -36.08 1.54 34.64
C GLN E 263 -35.19 0.32 34.69
N ILE E 264 -34.02 0.38 34.04
CA ILE E 264 -33.11 -0.76 34.01
C ILE E 264 -32.54 -1.03 35.39
N LEU E 265 -32.42 -0.01 36.23
CA LEU E 265 -31.88 -0.15 37.58
C LEU E 265 -32.93 -0.52 38.61
N LYS E 266 -34.22 -0.52 38.25
CA LYS E 266 -35.31 -0.80 39.19
C LYS E 266 -36.12 -2.04 38.82
N GLU E 267 -36.52 -2.18 37.55
CA GLU E 267 -37.39 -3.29 37.17
C GLU E 267 -36.70 -4.64 37.15
N PRO E 268 -35.59 -4.84 36.45
CA PRO E 268 -35.01 -6.18 36.40
C PRO E 268 -34.40 -6.63 37.72
N LYS E 269 -34.43 -7.94 37.93
CA LYS E 269 -33.88 -8.51 39.17
C LYS E 269 -32.36 -8.42 39.21
N ASN E 270 -31.69 -8.35 38.05
CA ASN E 270 -30.24 -8.27 38.01
C ASN E 270 -29.71 -6.84 38.07
N ALA E 271 -30.59 -5.86 38.26
CA ALA E 271 -30.19 -4.47 38.38
C ALA E 271 -29.10 -4.31 39.43
N LEU E 272 -28.19 -3.37 39.19
CA LEU E 272 -27.09 -3.17 40.13
C LEU E 272 -27.60 -2.67 41.48
N THR E 273 -28.72 -1.94 41.49
CA THR E 273 -29.28 -1.48 42.75
C THR E 273 -29.65 -2.65 43.64
N LYS E 274 -30.23 -3.70 43.05
CA LYS E 274 -30.58 -4.89 43.81
C LYS E 274 -29.33 -5.67 44.19
N GLN E 275 -28.28 -5.59 43.38
CA GLN E 275 -27.04 -6.30 43.69
C GLN E 275 -26.39 -5.72 44.95
N TYR E 276 -26.21 -4.39 44.96
CA TYR E 276 -25.61 -3.76 46.14
C TYR E 276 -26.54 -3.88 47.34
N GLN E 277 -27.85 -3.89 47.12
CA GLN E 277 -28.79 -4.07 48.23
C GLN E 277 -28.57 -5.41 48.89
N ALA E 278 -28.35 -6.45 48.09
CA ALA E 278 -28.08 -7.78 48.63
C ALA E 278 -26.66 -7.91 49.14
N LEU E 279 -25.74 -7.09 48.61
CA LEU E 279 -24.36 -7.14 49.08
C LEU E 279 -24.27 -6.74 50.54
N PHE E 280 -25.11 -5.80 50.96
CA PHE E 280 -25.16 -5.38 52.35
C PHE E 280 -26.20 -6.14 53.16
N ASN E 281 -27.14 -6.84 52.50
CA ASN E 281 -28.14 -7.59 53.22
C ASN E 281 -27.52 -8.73 54.00
N LEU E 282 -26.47 -9.35 53.45
CA LEU E 282 -25.79 -10.42 54.17
C LEU E 282 -25.11 -9.89 55.42
N GLU E 283 -24.69 -8.62 55.40
CA GLU E 283 -24.06 -7.98 56.54
C GLU E 283 -25.07 -7.44 57.55
N GLY E 284 -26.36 -7.68 57.34
CA GLY E 284 -27.36 -7.17 58.26
C GLY E 284 -27.49 -5.66 58.20
N VAL E 285 -27.37 -5.08 57.01
CA VAL E 285 -27.46 -3.63 56.81
C VAL E 285 -28.39 -3.38 55.63
N ASP E 286 -29.15 -2.30 55.72
CA ASP E 286 -30.09 -1.88 54.70
C ASP E 286 -29.45 -0.86 53.75
N LEU E 287 -30.01 -0.78 52.55
CA LEU E 287 -29.54 0.15 51.53
C LEU E 287 -30.73 0.83 50.90
N GLU E 288 -30.51 2.05 50.41
CA GLU E 288 -31.56 2.83 49.77
C GLU E 288 -30.98 3.57 48.58
N PHE E 289 -31.84 3.86 47.61
CA PHE E 289 -31.45 4.57 46.39
C PHE E 289 -32.64 5.43 45.99
N ARG E 290 -32.53 6.75 46.22
CA ARG E 290 -33.62 7.65 45.89
C ARG E 290 -33.60 8.00 44.41
N ASP E 291 -34.77 8.41 43.91
CA ASP E 291 -34.90 8.79 42.51
C ASP E 291 -34.04 10.00 42.17
N GLU E 292 -33.78 10.86 43.15
CA GLU E 292 -32.95 12.04 42.91
C GLU E 292 -31.55 11.67 42.45
N ALA E 293 -31.07 10.49 42.84
CA ALA E 293 -29.74 10.03 42.45
C ALA E 293 -29.74 9.24 41.16
N LEU E 294 -30.81 8.50 40.88
CA LEU E 294 -30.86 7.70 39.65
C LEU E 294 -30.94 8.59 38.42
N ASP E 295 -31.79 9.62 38.45
CA ASP E 295 -31.91 10.51 37.31
C ASP E 295 -30.60 11.24 37.04
N ALA E 296 -29.81 11.50 38.08
CA ALA E 296 -28.54 12.18 37.88
C ALA E 296 -27.51 11.25 37.24
N ILE E 297 -27.55 9.96 37.58
CA ILE E 297 -26.61 9.00 37.02
C ILE E 297 -26.83 8.87 35.52
N ALA E 298 -28.08 8.97 35.07
CA ALA E 298 -28.37 8.87 33.64
C ALA E 298 -27.75 10.04 32.89
N LYS E 299 -27.76 11.22 33.50
CA LYS E 299 -27.18 12.39 32.85
C LYS E 299 -25.67 12.24 32.72
N LYS E 300 -25.02 11.68 33.74
CA LYS E 300 -23.57 11.48 33.67
C LYS E 300 -23.21 10.45 32.62
N ALA E 301 -24.06 9.45 32.42
CA ALA E 301 -23.78 8.42 31.42
C ALA E 301 -23.88 8.99 30.01
N MET E 302 -24.97 9.70 29.71
CA MET E 302 -25.13 10.29 28.39
C MET E 302 -24.10 11.38 28.15
N ALA E 303 -23.65 12.06 29.21
CA ALA E 303 -22.65 13.09 29.06
C ALA E 303 -21.32 12.51 28.59
N ARG E 304 -21.00 11.30 29.05
CA ARG E 304 -19.76 10.62 28.68
C ARG E 304 -19.89 9.81 27.40
N LYS E 305 -21.08 9.77 26.78
CA LYS E 305 -21.32 9.03 25.53
C LYS E 305 -20.81 7.59 25.62
N THR E 306 -21.04 6.95 26.78
CA THR E 306 -20.61 5.59 27.02
C THR E 306 -21.75 4.59 27.09
N GLY E 307 -22.97 5.03 27.40
CA GLY E 307 -24.10 4.15 27.46
C GLY E 307 -24.21 3.43 28.80
N ALA E 308 -25.14 2.48 28.84
CA ALA E 308 -25.37 1.69 30.05
C ALA E 308 -24.21 0.78 30.41
N ARG E 309 -23.32 0.48 29.45
CA ARG E 309 -22.20 -0.40 29.75
C ARG E 309 -21.22 0.26 30.72
N GLY E 310 -21.02 1.57 30.59
CA GLY E 310 -20.12 2.30 31.46
C GLY E 310 -20.84 2.94 32.63
N LEU E 311 -21.85 2.25 33.15
CA LEU E 311 -22.64 2.74 34.26
C LEU E 311 -22.06 2.35 35.61
N ARG E 312 -21.35 1.22 35.69
CA ARG E 312 -20.76 0.79 36.94
C ARG E 312 -19.71 1.77 37.45
N SER E 313 -19.04 2.49 36.55
CA SER E 313 -18.02 3.44 36.97
C SER E 313 -18.61 4.55 37.83
N ILE E 314 -19.85 4.94 37.56
CA ILE E 314 -20.47 6.01 38.34
C ILE E 314 -20.89 5.49 39.72
N VAL E 315 -21.34 4.24 39.79
CA VAL E 315 -21.79 3.67 41.05
C VAL E 315 -20.59 3.35 41.96
N GLU E 316 -19.65 2.56 41.44
CA GLU E 316 -18.49 2.17 42.25
C GLU E 316 -17.66 3.38 42.67
N ALA E 317 -17.65 4.43 41.86
CA ALA E 317 -16.88 5.62 42.21
C ALA E 317 -17.45 6.32 43.43
N ALA E 318 -18.77 6.20 43.65
CA ALA E 318 -19.41 6.86 44.78
C ALA E 318 -19.30 6.04 46.05
N LEU E 319 -19.68 4.76 45.98
CA LEU E 319 -19.65 3.89 47.15
C LEU E 319 -18.28 3.32 47.46
N LEU E 320 -17.21 3.84 46.85
CA LEU E 320 -15.87 3.34 47.15
C LEU E 320 -15.51 3.61 48.60
N ASP E 321 -15.67 4.85 49.05
CA ASP E 321 -15.34 5.21 50.42
C ASP E 321 -16.27 4.52 51.41
N THR E 322 -17.56 4.45 51.09
CA THR E 322 -18.52 3.81 51.98
C THR E 322 -18.22 2.31 52.14
N MET E 323 -17.91 1.65 51.03
CA MET E 323 -17.63 0.21 51.10
C MET E 323 -16.35 -0.08 51.87
N TYR E 324 -15.42 0.87 51.92
CA TYR E 324 -14.17 0.63 52.64
C TYR E 324 -14.39 0.59 54.15
N ASP E 325 -15.14 1.55 54.68
CA ASP E 325 -15.38 1.62 56.12
C ASP E 325 -16.63 0.88 56.59
N LEU E 326 -17.45 0.35 55.69
CA LEU E 326 -18.66 -0.35 56.11
C LEU E 326 -18.38 -1.63 56.88
N PRO E 327 -17.46 -2.51 56.45
CA PRO E 327 -17.23 -3.73 57.24
C PRO E 327 -16.76 -3.44 58.66
N SER E 328 -15.80 -2.52 58.81
CA SER E 328 -15.34 -2.17 60.15
C SER E 328 -16.43 -1.46 60.94
N MET E 329 -17.26 -0.67 60.26
CA MET E 329 -18.34 0.04 60.93
C MET E 329 -19.31 -0.94 61.58
N GLU E 330 -19.76 -0.57 62.78
CA GLU E 330 -20.69 -1.38 63.55
C GLU E 330 -21.88 -0.51 63.97
N ASP E 331 -23.00 -1.18 64.24
CA ASP E 331 -24.23 -0.51 64.65
C ASP E 331 -24.76 0.40 63.55
N VAL E 332 -24.58 -0.02 62.30
CA VAL E 332 -25.06 0.71 61.12
C VAL E 332 -26.11 -0.17 60.46
N GLU E 333 -27.37 0.25 60.52
CA GLU E 333 -28.47 -0.54 59.98
C GLU E 333 -28.95 -0.10 58.61
N LYS E 334 -28.79 1.17 58.23
CA LYS E 334 -29.25 1.63 56.93
C LYS E 334 -28.33 2.70 56.39
N VAL E 335 -28.18 2.72 55.07
CA VAL E 335 -27.37 3.70 54.34
C VAL E 335 -28.26 4.30 53.26
N VAL E 336 -28.29 5.63 53.21
CA VAL E 336 -29.10 6.37 52.23
C VAL E 336 -28.17 7.18 51.35
N ILE E 337 -28.39 7.07 50.03
CA ILE E 337 -27.62 7.78 49.02
C ILE E 337 -28.49 8.89 48.46
N ASP E 338 -27.91 10.07 48.31
CA ASP E 338 -28.60 11.24 47.79
C ASP E 338 -27.96 11.69 46.48
N GLU E 339 -28.63 12.64 45.81
CA GLU E 339 -28.13 13.16 44.54
C GLU E 339 -26.76 13.82 44.72
N SER E 340 -26.56 14.50 45.85
CA SER E 340 -25.28 15.16 46.11
C SER E 340 -24.15 14.15 46.20
N VAL E 341 -24.43 12.94 46.68
CA VAL E 341 -23.40 11.92 46.82
C VAL E 341 -22.78 11.57 45.47
N ILE E 342 -23.61 11.52 44.42
CA ILE E 342 -23.08 11.20 43.09
C ILE E 342 -22.13 12.30 42.62
N ASP E 343 -22.49 13.56 42.89
CA ASP E 343 -21.61 14.66 42.51
C ASP E 343 -20.31 14.62 43.29
N GLY E 344 -20.35 14.14 44.53
CA GLY E 344 -19.19 14.05 45.40
C GLY E 344 -19.08 15.15 46.42
N GLN E 345 -20.01 16.11 46.43
CA GLN E 345 -19.97 17.20 47.40
C GLN E 345 -20.21 16.69 48.82
N SER E 346 -21.14 15.74 48.98
CA SER E 346 -21.51 15.19 50.27
C SER E 346 -21.28 13.68 50.30
N GLU E 347 -21.38 13.12 51.50
CA GLU E 347 -21.21 11.70 51.79
C GLU E 347 -22.57 11.06 52.05
N PRO E 348 -22.78 9.80 51.68
CA PRO E 348 -24.09 9.17 51.90
C PRO E 348 -24.42 9.07 53.38
N LEU E 349 -25.65 9.47 53.72
CA LEU E 349 -26.11 9.45 55.10
C LEU E 349 -26.19 8.01 55.60
N LEU E 350 -25.74 7.81 56.84
CA LEU E 350 -25.76 6.51 57.51
C LEU E 350 -26.66 6.60 58.73
N ILE E 351 -27.45 5.56 58.94
CA ILE E 351 -28.38 5.46 60.06
C ILE E 351 -27.83 4.47 61.07
N TYR E 352 -27.68 4.92 62.31
CA TYR E 352 -27.16 4.07 63.38
C TYR E 352 -28.29 3.38 64.13
N LEU F 3 -12.70 -13.36 54.76
CA LEU F 3 -12.27 -13.22 56.19
C LEU F 3 -11.55 -11.88 56.46
N PRO F 4 -10.58 -11.47 55.61
CA PRO F 4 -9.92 -10.19 55.86
C PRO F 4 -10.85 -9.01 55.68
N THR F 5 -10.36 -7.80 55.95
CA THR F 5 -11.12 -6.56 55.83
C THR F 5 -10.32 -5.57 54.99
N PRO F 6 -10.96 -4.50 54.51
CA PRO F 6 -10.20 -3.52 53.72
C PRO F 6 -9.11 -2.83 54.51
N HIS F 7 -9.32 -2.62 55.82
CA HIS F 7 -8.29 -2.00 56.64
C HIS F 7 -7.13 -2.95 56.89
N GLU F 8 -7.45 -4.23 57.11
CA GLU F 8 -6.42 -5.23 57.38
C GLU F 8 -5.54 -5.45 56.15
N ILE F 9 -6.15 -5.57 54.96
CA ILE F 9 -5.37 -5.80 53.76
C ILE F 9 -4.56 -4.56 53.40
N ARG F 10 -5.07 -3.37 53.75
CA ARG F 10 -4.32 -2.15 53.46
C ARG F 10 -2.99 -2.13 54.19
N ASN F 11 -2.98 -2.60 55.45
CA ASN F 11 -1.74 -2.63 56.22
C ASN F 11 -0.74 -3.60 55.63
N HIS F 12 -1.20 -4.78 55.23
CA HIS F 12 -0.29 -5.77 54.63
C HIS F 12 0.30 -5.22 53.34
N LEU F 13 -0.52 -4.59 52.50
CA LEU F 13 -0.02 -4.01 51.25
C LEU F 13 0.98 -2.91 51.54
N ASP F 14 0.71 -2.09 52.56
CA ASP F 14 1.61 -1.00 52.92
C ASP F 14 3.00 -1.51 53.27
N ASP F 15 3.07 -2.68 53.91
CA ASP F 15 4.35 -3.26 54.32
C ASP F 15 5.27 -3.49 53.11
N TYR F 16 4.71 -3.93 51.99
CA TYR F 16 5.49 -4.22 50.79
C TYR F 16 5.39 -3.17 49.70
N VAL F 17 4.40 -2.27 49.77
CA VAL F 17 4.21 -1.23 48.77
C VAL F 17 4.00 0.10 49.48
N ILE F 18 4.48 1.16 48.84
CA ILE F 18 4.38 2.52 49.40
C ILE F 18 4.20 3.51 48.25
N GLY F 19 3.79 4.73 48.60
CA GLY F 19 3.58 5.78 47.65
C GLY F 19 2.34 5.66 46.78
N GLN F 20 1.50 4.64 47.01
CA GLN F 20 0.26 4.44 46.26
C GLN F 20 -0.84 4.19 47.29
N GLU F 21 -1.50 5.27 47.71
CA GLU F 21 -2.56 5.19 48.71
C GLU F 21 -3.93 4.90 48.11
N GLN F 22 -4.28 5.61 47.03
CA GLN F 22 -5.59 5.42 46.41
C GLN F 22 -5.73 4.02 45.82
N ALA F 23 -4.65 3.46 45.28
CA ALA F 23 -4.72 2.14 44.67
C ALA F 23 -5.05 1.05 45.69
N LYS F 24 -4.63 1.24 46.94
CA LYS F 24 -4.90 0.22 47.96
C LYS F 24 -6.38 0.10 48.26
N LYS F 25 -7.08 1.23 48.42
CA LYS F 25 -8.50 1.19 48.71
C LYS F 25 -9.30 0.59 47.55
N VAL F 26 -8.84 0.80 46.32
CA VAL F 26 -9.56 0.28 45.16
C VAL F 26 -9.50 -1.25 45.14
N LEU F 27 -8.30 -1.82 45.24
CA LEU F 27 -8.15 -3.27 45.21
C LEU F 27 -8.73 -3.92 46.46
N ALA F 28 -8.69 -3.22 47.60
CA ALA F 28 -9.19 -3.79 48.84
C ALA F 28 -10.69 -4.03 48.78
N VAL F 29 -11.46 -3.00 48.45
CA VAL F 29 -12.91 -3.16 48.37
C VAL F 29 -13.28 -4.06 47.19
N ALA F 30 -12.51 -4.01 46.11
CA ALA F 30 -12.80 -4.84 44.95
C ALA F 30 -12.63 -6.32 45.26
N VAL F 31 -11.46 -6.70 45.79
CA VAL F 31 -11.20 -8.09 46.10
C VAL F 31 -12.11 -8.57 47.23
N TYR F 32 -12.43 -7.69 48.18
CA TYR F 32 -13.30 -8.08 49.28
C TYR F 32 -14.69 -8.47 48.76
N ASN F 33 -15.31 -7.58 47.98
CA ASN F 33 -16.64 -7.88 47.45
C ASN F 33 -16.58 -8.98 46.39
N HIS F 34 -15.43 -9.14 45.72
CA HIS F 34 -15.32 -10.16 44.69
C HIS F 34 -15.45 -11.56 45.30
N TYR F 35 -14.73 -11.82 46.39
CA TYR F 35 -14.80 -13.12 47.02
C TYR F 35 -16.11 -13.30 47.79
N LYS F 36 -16.75 -12.20 48.19
CA LYS F 36 -18.04 -12.31 48.87
C LYS F 36 -19.06 -12.98 47.96
N ARG F 37 -18.97 -12.72 46.64
CA ARG F 37 -19.88 -13.35 45.71
C ARG F 37 -19.65 -14.85 45.62
N LEU F 38 -18.42 -15.31 45.87
CA LEU F 38 -18.15 -16.74 45.84
C LEU F 38 -18.66 -17.41 47.10
N ARG F 39 -18.54 -16.73 48.25
CA ARG F 39 -19.04 -17.29 49.50
C ARG F 39 -20.56 -17.47 49.43
N ASN F 40 -21.24 -16.55 48.75
CA ASN F 40 -22.69 -16.59 48.58
C ASN F 40 -22.96 -16.19 47.14
N GLY F 41 -23.42 -17.15 46.33
CA GLY F 41 -23.67 -16.89 44.93
C GLY F 41 -25.08 -16.43 44.64
N ASP F 42 -25.79 -17.15 43.78
CA ASP F 42 -27.15 -16.77 43.40
C ASP F 42 -28.20 -17.29 44.38
N THR F 43 -27.80 -17.77 45.56
CA THR F 43 -28.79 -18.23 46.52
C THR F 43 -29.57 -17.07 47.13
N SER F 44 -28.95 -15.91 47.24
CA SER F 44 -29.58 -14.73 47.80
C SER F 44 -30.55 -14.13 46.77
N ASN F 45 -31.25 -13.07 47.18
CA ASN F 45 -32.18 -12.40 46.29
C ASN F 45 -31.47 -11.79 45.10
N GLY F 46 -30.21 -11.37 45.28
CA GLY F 46 -29.43 -10.77 44.21
C GLY F 46 -28.84 -11.83 43.30
N VAL F 47 -29.70 -12.48 42.53
CA VAL F 47 -29.27 -13.53 41.62
C VAL F 47 -28.40 -12.94 40.51
N GLU F 48 -27.42 -13.73 40.07
CA GLU F 48 -26.50 -13.36 38.99
C GLU F 48 -25.75 -12.07 39.29
N LEU F 49 -24.97 -12.11 40.36
CA LEU F 49 -24.15 -10.96 40.73
C LEU F 49 -23.03 -10.79 39.72
N GLY F 50 -22.97 -9.64 39.07
CA GLY F 50 -21.96 -9.39 38.07
C GLY F 50 -20.59 -9.14 38.67
N LYS F 51 -19.57 -9.42 37.86
CA LYS F 51 -18.18 -9.24 38.23
C LYS F 51 -17.69 -7.86 37.82
N SER F 52 -16.80 -7.30 38.64
CA SER F 52 -16.21 -5.99 38.40
C SER F 52 -14.72 -6.16 38.15
N ASN F 53 -14.32 -5.98 36.89
CA ASN F 53 -12.92 -6.11 36.52
C ASN F 53 -12.14 -4.88 37.01
N ILE F 54 -10.81 -4.96 36.88
CA ILE F 54 -9.90 -3.91 37.33
C ILE F 54 -8.96 -3.55 36.19
N LEU F 55 -8.67 -2.26 36.07
CA LEU F 55 -7.77 -1.72 35.05
C LEU F 55 -6.77 -0.80 35.73
N LEU F 56 -5.50 -1.17 35.67
CA LEU F 56 -4.41 -0.39 36.26
C LEU F 56 -3.73 0.44 35.18
N ILE F 57 -3.46 1.70 35.49
CA ILE F 57 -2.80 2.63 34.57
C ILE F 57 -1.66 3.31 35.32
N GLY F 58 -0.44 3.13 34.82
CA GLY F 58 0.71 3.76 35.41
C GLY F 58 1.94 3.61 34.54
N PRO F 59 3.02 4.35 34.83
CA PRO F 59 4.24 4.21 34.05
C PRO F 59 4.86 2.83 34.22
N THR F 60 5.87 2.56 33.41
CA THR F 60 6.56 1.29 33.48
C THR F 60 7.41 1.23 34.75
N GLY F 61 7.47 0.05 35.36
CA GLY F 61 8.22 -0.12 36.59
C GLY F 61 7.65 0.66 37.75
N SER F 62 6.36 0.97 37.74
CA SER F 62 5.68 1.71 38.79
C SER F 62 5.07 0.80 39.85
N GLY F 63 5.48 -0.46 39.91
CA GLY F 63 4.94 -1.39 40.87
C GLY F 63 3.62 -2.01 40.49
N LYS F 64 3.26 -1.99 39.21
CA LYS F 64 2.00 -2.59 38.78
C LYS F 64 2.01 -4.10 39.03
N THR F 65 3.12 -4.77 38.69
CA THR F 65 3.22 -6.20 38.88
C THR F 65 3.32 -6.58 40.36
N LEU F 66 3.98 -5.73 41.16
CA LEU F 66 4.15 -6.04 42.58
C LEU F 66 2.81 -6.07 43.30
N LEU F 67 1.89 -5.17 42.93
CA LEU F 67 0.59 -5.14 43.58
C LEU F 67 -0.16 -6.44 43.35
N ALA F 68 -0.03 -7.02 42.16
CA ALA F 68 -0.68 -8.29 41.86
C ALA F 68 0.10 -9.46 42.43
N GLU F 69 1.43 -9.43 42.30
CA GLU F 69 2.26 -10.51 42.81
C GLU F 69 2.22 -10.58 44.33
N THR F 70 2.42 -9.45 45.00
CA THR F 70 2.40 -9.44 46.46
C THR F 70 1.03 -9.81 47.00
N LEU F 71 -0.03 -9.32 46.34
CA LEU F 71 -1.38 -9.65 46.77
C LEU F 71 -1.62 -11.15 46.70
N ALA F 72 -1.11 -11.79 45.64
CA ALA F 72 -1.28 -13.23 45.48
C ALA F 72 -0.64 -13.99 46.64
N ARG F 73 0.53 -13.55 47.09
CA ARG F 73 1.17 -14.21 48.22
C ARG F 73 0.34 -14.07 49.49
N LEU F 74 -0.18 -12.88 49.75
CA LEU F 74 -0.98 -12.63 50.95
C LEU F 74 -2.23 -13.51 50.99
N LEU F 75 -2.96 -13.59 49.88
CA LEU F 75 -4.18 -14.38 49.80
C LEU F 75 -3.84 -15.78 49.31
N ASP F 76 -4.22 -16.79 50.08
CA ASP F 76 -3.88 -18.18 49.75
C ASP F 76 -4.77 -18.66 48.61
N VAL F 77 -4.43 -18.21 47.41
CA VAL F 77 -5.12 -18.58 46.17
C VAL F 77 -4.10 -18.56 45.05
N PRO F 78 -4.32 -19.24 43.93
CA PRO F 78 -3.34 -19.20 42.85
C PRO F 78 -3.38 -17.90 42.07
N PHE F 79 -2.28 -17.63 41.36
CA PHE F 79 -2.17 -16.43 40.55
C PHE F 79 -1.10 -16.63 39.49
N THR F 80 -1.40 -16.19 38.28
CA THR F 80 -0.49 -16.29 37.14
C THR F 80 -0.26 -14.88 36.57
N MET F 81 0.63 -14.80 35.58
CA MET F 81 0.97 -13.56 34.92
C MET F 81 0.85 -13.77 33.42
N ALA F 82 -0.01 -12.97 32.78
CA ALA F 82 -0.24 -13.03 31.34
C ALA F 82 0.40 -11.81 30.68
N ASP F 83 0.35 -11.80 29.34
CA ASP F 83 0.91 -10.72 28.55
C ASP F 83 0.02 -10.45 27.35
N ALA F 84 -0.16 -9.17 27.04
CA ALA F 84 -0.98 -8.77 25.90
C ALA F 84 -0.31 -9.06 24.57
N THR F 85 0.98 -9.41 24.56
CA THR F 85 1.68 -9.68 23.32
C THR F 85 1.29 -11.04 22.74
N THR F 86 1.11 -12.04 23.61
CA THR F 86 0.74 -13.38 23.18
C THR F 86 -0.63 -13.37 22.52
N GLY F 94 -4.77 -17.98 16.33
CA GLY F 94 -4.96 -16.54 16.25
C GLY F 94 -5.34 -15.92 17.58
N GLU F 95 -6.33 -16.53 18.26
CA GLU F 95 -6.76 -16.01 19.55
C GLU F 95 -5.66 -16.12 20.59
N ASP F 96 -5.03 -17.30 20.69
CA ASP F 96 -3.95 -17.56 21.66
C ASP F 96 -4.36 -17.14 23.07
N VAL F 97 -5.54 -17.57 23.47
CA VAL F 97 -6.09 -17.27 24.81
C VAL F 97 -6.16 -18.49 25.71
N GLU F 98 -5.92 -19.69 25.19
CA GLU F 98 -5.97 -20.88 26.03
C GLU F 98 -4.72 -21.04 26.89
N ASN F 99 -3.61 -20.40 26.49
CA ASN F 99 -2.38 -20.49 27.27
C ASN F 99 -2.54 -19.89 28.65
N ILE F 100 -3.37 -18.85 28.78
CA ILE F 100 -3.56 -18.18 30.08
C ILE F 100 -4.27 -19.09 31.07
N ILE F 101 -5.21 -19.92 30.59
CA ILE F 101 -5.96 -20.79 31.51
C ILE F 101 -5.06 -21.91 32.02
N GLN F 102 -4.43 -22.65 31.11
CA GLN F 102 -3.59 -23.77 31.51
C GLN F 102 -2.40 -23.31 32.35
N LYS F 103 -1.94 -22.07 32.16
CA LYS F 103 -0.82 -21.56 32.94
C LYS F 103 -1.18 -21.44 34.42
N LEU F 104 -2.46 -21.22 34.72
CA LEU F 104 -2.90 -21.09 36.12
C LEU F 104 -3.08 -22.44 36.78
N LEU F 105 -3.48 -23.47 36.03
CA LEU F 105 -3.69 -24.79 36.60
C LEU F 105 -2.41 -25.43 37.11
N GLN F 106 -1.25 -24.98 36.61
CA GLN F 106 0.01 -25.56 37.06
C GLN F 106 0.25 -25.26 38.53
N LYS F 107 0.02 -24.02 38.95
CA LYS F 107 0.21 -23.65 40.35
C LYS F 107 -0.88 -24.23 41.24
N SER F 108 -2.09 -24.37 40.72
CA SER F 108 -3.21 -24.90 41.48
C SER F 108 -3.30 -26.42 41.44
N ASP F 109 -2.34 -27.09 40.81
CA ASP F 109 -2.31 -28.56 40.73
C ASP F 109 -3.52 -29.10 39.96
N TYR F 110 -3.95 -28.34 38.94
CA TYR F 110 -5.07 -28.73 38.09
C TYR F 110 -6.36 -28.91 38.90
N ASP F 111 -6.77 -27.84 39.57
CA ASP F 111 -7.98 -27.82 40.37
C ASP F 111 -8.99 -26.87 39.73
N VAL F 112 -10.24 -27.31 39.69
CA VAL F 112 -11.30 -26.52 39.05
C VAL F 112 -11.79 -25.41 39.98
N GLN F 113 -12.24 -25.77 41.18
CA GLN F 113 -12.80 -24.78 42.09
C GLN F 113 -11.75 -23.81 42.61
N LYS F 114 -10.58 -24.31 43.00
CA LYS F 114 -9.55 -23.41 43.53
C LYS F 114 -9.05 -22.45 42.45
N ALA F 115 -8.87 -22.95 41.22
CA ALA F 115 -8.42 -22.07 40.14
C ALA F 115 -9.45 -20.99 39.84
N GLN F 116 -10.74 -21.36 39.81
CA GLN F 116 -11.81 -20.42 39.51
C GLN F 116 -11.77 -19.15 40.37
N ARG F 117 -11.27 -19.24 41.60
CA ARG F 117 -11.17 -18.09 42.47
C ARG F 117 -9.84 -17.37 42.35
N GLY F 118 -8.97 -17.81 41.43
CA GLY F 118 -7.68 -17.16 41.24
C GLY F 118 -7.80 -15.86 40.47
N ILE F 119 -6.66 -15.17 40.39
CA ILE F 119 -6.56 -13.87 39.72
C ILE F 119 -5.51 -13.98 38.62
N VAL F 120 -5.63 -13.11 37.63
CA VAL F 120 -4.73 -13.06 36.48
C VAL F 120 -4.35 -11.61 36.22
N TYR F 121 -3.11 -11.41 35.79
CA TYR F 121 -2.56 -10.10 35.49
C TYR F 121 -2.06 -10.04 34.06
N ILE F 122 -2.25 -8.88 33.41
CA ILE F 122 -1.83 -8.65 32.04
C ILE F 122 -0.94 -7.41 32.02
N ASP F 123 0.11 -7.47 31.21
CA ASP F 123 1.08 -6.38 31.07
C ASP F 123 1.06 -5.83 29.65
N GLN F 124 1.35 -4.54 29.52
CA GLN F 124 1.40 -3.84 28.23
C GLN F 124 0.06 -3.92 27.51
N ILE F 125 -1.00 -3.50 28.21
CA ILE F 125 -2.33 -3.54 27.60
C ILE F 125 -2.46 -2.49 26.50
N ASP F 126 -1.68 -1.41 26.57
CA ASP F 126 -1.73 -0.37 25.55
C ASP F 126 -1.10 -0.79 24.23
N LYS F 127 -0.34 -1.89 24.21
CA LYS F 127 0.32 -2.34 22.99
C LYS F 127 -0.65 -2.75 21.90
N ILE F 128 -1.89 -3.11 22.25
CA ILE F 128 -2.88 -3.56 21.27
C ILE F 128 -3.85 -2.47 20.85
N SER F 129 -3.92 -1.36 21.58
CA SER F 129 -4.84 -0.29 21.20
C SER F 129 -4.33 0.44 19.97
N ARG F 130 -5.27 1.02 19.22
CA ARG F 130 -4.95 1.76 18.00
C ARG F 130 -5.99 2.84 17.77
N ASP F 140 -5.86 -7.03 11.09
CA ASP F 140 -4.88 -7.41 12.08
C ASP F 140 -5.50 -8.32 13.14
N VAL F 141 -4.85 -9.47 13.38
CA VAL F 141 -5.34 -10.44 14.36
C VAL F 141 -4.57 -10.35 15.69
N SER F 142 -3.45 -9.63 15.73
CA SER F 142 -2.65 -9.46 16.93
C SER F 142 -2.70 -8.04 17.48
N GLY F 143 -3.50 -7.16 16.89
CA GLY F 143 -3.67 -5.79 17.33
C GLY F 143 -5.05 -5.58 17.90
N GLU F 144 -5.93 -4.96 17.13
CA GLU F 144 -7.30 -4.75 17.60
C GLU F 144 -8.07 -6.06 17.66
N GLY F 145 -7.62 -7.08 16.93
CA GLY F 145 -8.26 -8.39 16.95
C GLY F 145 -8.24 -9.06 18.31
N VAL F 146 -7.34 -8.64 19.20
CA VAL F 146 -7.23 -9.25 20.52
C VAL F 146 -8.29 -8.69 21.45
N GLN F 147 -8.56 -7.40 21.36
CA GLN F 147 -9.58 -6.78 22.21
C GLN F 147 -10.94 -7.43 21.97
N GLN F 148 -11.29 -7.63 20.70
CA GLN F 148 -12.57 -8.24 20.35
C GLN F 148 -12.70 -9.65 20.93
N ALA F 149 -11.62 -10.41 20.94
CA ALA F 149 -11.65 -11.77 21.47
C ALA F 149 -11.78 -11.77 22.99
N LEU F 150 -11.10 -10.84 23.66
CA LEU F 150 -11.13 -10.79 25.11
C LEU F 150 -12.52 -10.48 25.67
N LEU F 151 -13.33 -9.72 24.93
CA LEU F 151 -14.68 -9.33 25.35
C LEU F 151 -15.46 -10.46 26.01
N LYS F 152 -15.51 -11.63 25.37
CA LYS F 152 -16.22 -12.75 25.97
C LYS F 152 -15.43 -13.34 27.14
N LEU F 153 -14.09 -13.34 27.04
CA LEU F 153 -13.25 -13.86 28.11
C LEU F 153 -13.45 -13.08 29.40
N ILE F 154 -13.56 -11.74 29.29
CA ILE F 154 -13.76 -10.89 30.46
C ILE F 154 -15.19 -10.91 30.97
N GLU F 155 -16.09 -11.68 30.33
CA GLU F 155 -17.48 -11.80 30.72
C GLU F 155 -17.83 -13.18 31.25
N GLY F 156 -17.19 -14.22 30.72
CA GLY F 156 -17.42 -15.59 31.17
C GLY F 156 -17.53 -16.58 30.03
N THR F 157 -16.75 -17.65 30.10
CA THR F 157 -16.77 -18.72 29.11
C THR F 157 -15.99 -19.89 29.69
N VAL F 158 -15.81 -20.93 28.87
CA VAL F 158 -15.07 -22.12 29.27
C VAL F 158 -14.06 -22.44 28.17
N ALA F 159 -12.87 -22.86 28.56
CA ALA F 159 -11.80 -23.23 27.64
C ALA F 159 -11.30 -24.62 27.94
N ALA F 160 -11.06 -25.41 26.90
CA ALA F 160 -10.55 -26.76 27.07
C ALA F 160 -9.10 -26.71 27.52
N VAL F 161 -8.77 -27.49 28.54
CA VAL F 161 -7.41 -27.55 29.08
C VAL F 161 -7.06 -29.01 29.35
N PRO F 162 -6.09 -29.62 28.67
CA PRO F 162 -5.76 -31.04 28.95
C PRO F 162 -5.24 -31.20 30.36
N PRO F 163 -5.93 -31.94 31.23
CA PRO F 163 -5.41 -32.12 32.60
C PRO F 163 -4.21 -33.04 32.61
N GLN F 164 -3.08 -32.53 33.11
CA GLN F 164 -1.81 -33.24 33.25
C GLN F 164 -1.11 -33.51 31.91
N GLY F 165 -1.69 -33.10 30.78
CA GLY F 165 -1.11 -33.32 29.49
C GLY F 165 -1.47 -34.64 28.82
N GLY F 166 -1.91 -35.63 29.60
CA GLY F 166 -2.28 -36.91 29.04
C GLY F 166 -1.08 -37.77 28.69
N GLN F 171 -7.01 -40.98 28.26
CA GLN F 171 -8.02 -40.17 28.91
C GLN F 171 -8.98 -39.57 27.87
N GLN F 172 -8.43 -38.86 26.90
CA GLN F 172 -9.21 -38.24 25.81
C GLN F 172 -10.37 -37.41 26.34
N GLU F 173 -10.15 -36.69 27.44
CA GLU F 173 -11.16 -35.86 28.06
C GLU F 173 -10.55 -34.49 28.40
N PHE F 174 -11.43 -33.55 28.74
CA PHE F 174 -11.02 -32.19 29.09
C PHE F 174 -11.87 -31.72 30.26
N LEU F 175 -11.28 -30.84 31.07
CA LEU F 175 -11.94 -30.26 32.22
C LEU F 175 -12.45 -28.87 31.86
N GLN F 176 -13.63 -28.53 32.38
CA GLN F 176 -14.26 -27.24 32.13
C GLN F 176 -13.96 -26.31 33.30
N VAL F 177 -13.50 -25.10 32.99
CA VAL F 177 -13.17 -24.09 34.01
C VAL F 177 -13.79 -22.76 33.57
N ASP F 178 -14.87 -22.38 34.21
CA ASP F 178 -15.53 -21.11 33.94
C ASP F 178 -14.55 -19.96 34.08
N THR F 179 -14.88 -18.84 33.41
CA THR F 179 -14.07 -17.62 33.46
C THR F 179 -14.85 -16.43 33.98
N SER F 180 -15.97 -16.67 34.65
CA SER F 180 -16.76 -15.60 35.24
C SER F 180 -16.31 -15.31 36.66
N LYS F 181 -15.79 -16.31 37.36
CA LYS F 181 -15.31 -16.16 38.72
C LYS F 181 -13.87 -15.62 38.79
N ILE F 182 -13.09 -15.83 37.73
CA ILE F 182 -11.69 -15.41 37.71
C ILE F 182 -11.62 -13.91 37.39
N LEU F 183 -11.04 -13.14 38.30
CA LEU F 183 -10.88 -11.71 38.11
C LEU F 183 -9.66 -11.42 37.22
N PHE F 184 -9.77 -10.35 36.44
CA PHE F 184 -8.71 -9.93 35.52
C PHE F 184 -8.26 -8.52 35.85
N ILE F 185 -6.96 -8.29 35.75
CA ILE F 185 -6.34 -6.99 36.04
C ILE F 185 -5.48 -6.64 34.83
N CYS F 186 -6.00 -5.74 33.97
CA CYS F 186 -5.28 -5.32 32.77
C CYS F 186 -4.34 -4.18 33.11
N GLY F 187 -3.05 -4.51 33.26
CA GLY F 187 -2.03 -3.52 33.54
C GLY F 187 -1.34 -3.00 32.28
N GLY F 188 -0.80 -1.80 32.39
CA GLY F 188 -0.10 -1.21 31.26
C GLY F 188 0.26 0.25 31.53
N ALA F 189 0.77 0.90 30.49
CA ALA F 189 1.20 2.29 30.56
C ALA F 189 0.74 3.01 29.29
N PHE F 190 -0.25 3.89 29.43
CA PHE F 190 -0.75 4.63 28.29
C PHE F 190 0.21 5.75 27.94
N ALA F 191 0.51 5.90 26.64
CA ALA F 191 1.42 6.92 26.14
C ALA F 191 0.64 7.98 25.37
N GLY F 192 0.89 9.25 25.68
CA GLY F 192 0.24 10.34 25.01
C GLY F 192 -1.19 10.62 25.46
N LEU F 193 -1.68 9.89 26.46
CA LEU F 193 -3.05 10.11 26.93
C LEU F 193 -3.21 11.48 27.58
N ASP F 194 -2.13 12.05 28.13
CA ASP F 194 -2.22 13.34 28.80
C ASP F 194 -2.66 14.44 27.86
N LYS F 195 -2.21 14.41 26.61
CA LYS F 195 -2.60 15.45 25.66
C LYS F 195 -4.08 15.39 25.34
N VAL F 196 -4.66 14.19 25.29
CA VAL F 196 -6.07 14.04 24.98
C VAL F 196 -6.93 14.63 26.10
N ILE F 197 -6.58 14.34 27.34
CA ILE F 197 -7.38 14.82 28.47
C ILE F 197 -7.14 16.30 28.75
N SER F 198 -5.95 16.81 28.43
CA SER F 198 -5.65 18.22 28.70
C SER F 198 -6.59 19.14 27.93
N HIS F 199 -6.72 18.93 26.63
CA HIS F 199 -7.59 19.77 25.82
C HIS F 199 -9.06 19.57 26.17
N ARG F 200 -9.43 18.38 26.64
CA ARG F 200 -10.82 18.09 26.96
C ARG F 200 -11.24 18.61 28.33
N VAL F 201 -10.40 18.45 29.35
CA VAL F 201 -10.75 18.78 30.73
C VAL F 201 -10.09 20.06 31.23
N GLU F 202 -8.75 20.11 31.23
CA GLU F 202 -8.10 21.27 31.81
C GLU F 202 -8.15 22.49 30.91
N THR F 203 -7.56 22.41 29.72
CA THR F 203 -7.60 23.54 28.80
C THR F 203 -7.01 23.13 27.46
N GLY F 204 -7.51 23.74 26.39
CA GLY F 204 -6.98 23.52 25.06
C GLY F 204 -5.88 24.55 24.85
N SER F 205 -4.63 24.11 24.88
CA SER F 205 -3.50 25.02 24.78
C SER F 205 -2.24 24.22 24.45
N GLY F 206 -1.10 24.90 24.48
CA GLY F 206 0.20 24.29 24.19
C GLY F 206 0.89 24.88 22.98
N ILE F 207 0.17 25.59 22.10
CA ILE F 207 0.75 26.16 20.89
C ILE F 207 0.69 27.69 20.86
N GLY F 208 -0.25 28.32 21.56
CA GLY F 208 -0.35 29.77 21.51
C GLY F 208 0.56 30.48 22.50
N PHE F 209 0.56 31.81 22.41
CA PHE F 209 1.40 32.61 23.30
C PHE F 209 0.83 32.62 24.71
N GLY F 210 -0.40 33.10 24.86
CA GLY F 210 -1.05 33.09 26.16
C GLY F 210 -1.34 31.68 26.63
N ALA F 211 -1.59 30.77 25.69
CA ALA F 211 -1.89 29.38 26.02
C ALA F 211 -0.74 28.74 26.77
N THR F 212 -1.07 27.95 27.79
CA THR F 212 -0.07 27.27 28.59
C THR F 212 0.68 26.23 27.75
N VAL F 213 2.00 26.31 27.76
CA VAL F 213 2.84 25.37 27.03
C VAL F 213 2.60 23.95 27.52
N SER F 221 2.98 17.51 38.24
CA SER F 221 3.14 16.18 37.64
C SER F 221 1.89 15.77 36.89
N GLU F 222 2.08 14.93 35.87
CA GLU F 222 0.96 14.45 35.06
C GLU F 222 -0.06 13.68 35.90
N GLY F 223 0.37 13.09 37.01
CA GLY F 223 -0.48 12.32 37.91
C GLY F 223 -1.84 12.91 38.22
N GLU F 224 -1.86 14.20 38.59
CA GLU F 224 -3.11 14.87 38.91
C GLU F 224 -4.12 14.77 37.78
N LEU F 225 -3.63 14.81 36.53
CA LEU F 225 -4.52 14.72 35.38
C LEU F 225 -5.13 13.33 35.27
N LEU F 226 -4.34 12.29 35.56
CA LEU F 226 -4.83 10.92 35.44
C LEU F 226 -5.99 10.64 36.39
N ALA F 227 -6.06 11.37 37.51
CA ALA F 227 -7.18 11.18 38.44
C ALA F 227 -8.50 11.59 37.79
N GLN F 228 -8.46 12.59 36.91
CA GLN F 228 -9.64 13.08 36.21
C GLN F 228 -9.91 12.31 34.93
N VAL F 229 -9.37 11.09 34.79
CA VAL F 229 -9.58 10.31 33.58
C VAL F 229 -11.01 9.78 33.54
N GLU F 230 -11.52 9.62 32.32
CA GLU F 230 -12.87 9.12 32.08
C GLU F 230 -12.82 8.15 30.90
N PRO F 231 -13.85 7.33 30.73
CA PRO F 231 -13.83 6.39 29.59
C PRO F 231 -13.91 7.07 28.24
N GLU F 232 -14.50 8.27 28.16
CA GLU F 232 -14.61 8.94 26.86
C GLU F 232 -13.25 9.28 26.29
N ASP F 233 -12.30 9.64 27.14
CA ASP F 233 -10.95 9.94 26.64
C ASP F 233 -10.26 8.69 26.13
N LEU F 234 -10.55 7.54 26.75
CA LEU F 234 -9.96 6.28 26.32
C LEU F 234 -10.41 5.89 24.91
N ILE F 235 -11.56 6.39 24.47
CA ILE F 235 -12.03 6.05 23.12
C ILE F 235 -11.13 6.70 22.09
N LYS F 236 -10.76 7.97 22.32
CA LYS F 236 -9.86 8.65 21.39
C LYS F 236 -8.48 8.01 21.42
N PHE F 237 -8.09 7.40 22.54
CA PHE F 237 -6.79 6.75 22.62
C PHE F 237 -6.68 5.60 21.64
N GLY F 238 -7.77 4.88 21.40
CA GLY F 238 -7.78 3.76 20.50
C GLY F 238 -8.60 2.58 20.97
N LEU F 239 -8.90 2.53 22.26
CA LEU F 239 -9.66 1.42 22.82
C LEU F 239 -11.09 1.40 22.29
N ILE F 240 -11.74 0.25 22.47
CA ILE F 240 -13.11 0.01 22.03
C ILE F 240 -14.02 0.34 23.20
N PRO F 241 -15.16 1.02 23.01
CA PRO F 241 -16.02 1.30 24.18
C PRO F 241 -16.58 0.04 24.80
N GLU F 242 -16.90 -0.98 23.99
CA GLU F 242 -17.40 -2.24 24.53
C GLU F 242 -16.35 -2.88 25.42
N PHE F 243 -15.08 -2.68 25.10
CA PHE F 243 -13.99 -3.27 25.89
C PHE F 243 -13.83 -2.54 27.22
N ILE F 244 -14.03 -1.22 27.23
CA ILE F 244 -13.85 -0.44 28.45
C ILE F 244 -15.01 -0.62 29.41
N GLY F 245 -16.20 -0.95 28.90
CA GLY F 245 -17.36 -1.10 29.77
C GLY F 245 -17.21 -2.22 30.78
N ARG F 246 -16.48 -3.27 30.44
CA ARG F 246 -16.29 -4.40 31.34
C ARG F 246 -15.37 -4.10 32.51
N LEU F 247 -14.61 -3.00 32.47
CA LEU F 247 -13.66 -2.63 33.52
C LEU F 247 -14.06 -1.28 34.11
N PRO F 248 -15.10 -1.23 34.93
CA PRO F 248 -15.49 0.05 35.53
C PRO F 248 -14.49 0.57 36.53
N VAL F 249 -13.80 -0.32 37.25
CA VAL F 249 -12.82 0.10 38.24
C VAL F 249 -11.61 0.71 37.53
N VAL F 250 -11.06 1.77 38.12
CA VAL F 250 -9.92 2.48 37.57
C VAL F 250 -8.92 2.75 38.69
N ALA F 251 -7.65 2.55 38.40
CA ALA F 251 -6.55 2.77 39.32
C ALA F 251 -5.54 3.69 38.66
N THR F 252 -4.96 4.60 39.45
CA THR F 252 -4.03 5.60 38.95
C THR F 252 -2.69 5.54 39.70
N LEU F 253 -1.79 4.72 39.18
CA LEU F 253 -0.42 4.60 39.71
C LEU F 253 0.44 5.59 38.93
N ASN F 254 0.24 6.87 39.26
CA ASN F 254 0.86 7.96 38.51
C ASN F 254 2.39 7.91 38.55
N GLU F 255 2.99 7.91 39.73
CA GLU F 255 4.45 7.97 39.80
C GLU F 255 4.94 7.50 41.16
N LEU F 256 6.26 7.36 41.24
CA LEU F 256 6.98 6.96 42.45
C LEU F 256 7.94 8.08 42.80
N SER F 257 7.93 8.51 44.05
CA SER F 257 8.78 9.61 44.50
C SER F 257 10.22 9.17 44.67
N GLU F 258 11.12 10.16 44.63
CA GLU F 258 12.54 9.88 44.80
C GLU F 258 12.82 9.30 46.18
N GLU F 259 12.21 9.88 47.22
CA GLU F 259 12.39 9.37 48.56
C GLU F 259 11.82 7.97 48.68
N ALA F 260 10.70 7.71 47.99
CA ALA F 260 10.08 6.39 48.02
C ALA F 260 11.06 5.33 47.51
N LEU F 261 11.86 5.66 46.50
CA LEU F 261 12.86 4.71 45.99
C LEU F 261 13.82 4.31 47.09
N ILE F 262 14.27 5.28 47.90
CA ILE F 262 15.13 4.98 49.02
C ILE F 262 14.38 4.10 50.01
N GLN F 263 13.11 4.43 50.26
CA GLN F 263 12.28 3.63 51.15
C GLN F 263 12.05 2.24 50.56
N ILE F 264 11.91 2.16 49.24
CA ILE F 264 11.71 0.87 48.58
C ILE F 264 12.87 -0.07 48.87
N LEU F 265 14.08 0.46 48.99
CA LEU F 265 15.25 -0.33 49.30
C LEU F 265 15.48 -0.50 50.80
N LYS F 266 14.71 0.20 51.65
CA LYS F 266 14.88 0.14 53.10
C LYS F 266 13.65 -0.41 53.83
N GLU F 267 12.45 0.07 53.51
CA GLU F 267 11.27 -0.39 54.24
C GLU F 267 10.92 -1.84 53.93
N PRO F 268 10.84 -2.29 52.67
CA PRO F 268 10.53 -3.70 52.42
C PRO F 268 11.60 -4.63 52.94
N LYS F 269 11.18 -5.72 53.58
CA LYS F 269 12.13 -6.68 54.11
C LYS F 269 12.89 -7.40 53.01
N ASN F 270 12.29 -7.52 51.81
CA ASN F 270 12.91 -8.18 50.68
C ASN F 270 13.67 -7.21 49.78
N ALA F 271 14.11 -6.07 50.31
CA ALA F 271 14.84 -5.11 49.51
C ALA F 271 16.18 -5.68 49.08
N LEU F 272 16.66 -5.22 47.92
CA LEU F 272 17.94 -5.70 47.43
C LEU F 272 19.08 -5.29 48.36
N THR F 273 18.97 -4.11 48.98
CA THR F 273 20.00 -3.68 49.92
C THR F 273 20.11 -4.67 51.08
N LYS F 274 18.97 -5.20 51.53
CA LYS F 274 18.98 -6.17 52.61
C LYS F 274 19.42 -7.54 52.13
N GLN F 275 19.24 -7.83 50.84
CA GLN F 275 19.67 -9.12 50.31
C GLN F 275 21.19 -9.23 50.34
N TYR F 276 21.88 -8.20 49.86
CA TYR F 276 23.34 -8.21 49.90
C TYR F 276 23.83 -8.19 51.33
N GLN F 277 23.12 -7.50 52.23
CA GLN F 277 23.50 -7.50 53.64
C GLN F 277 23.44 -8.90 54.21
N ALA F 278 22.40 -9.65 53.84
CA ALA F 278 22.27 -11.04 54.28
C ALA F 278 23.23 -11.95 53.53
N LEU F 279 23.59 -11.58 52.30
CA LEU F 279 24.52 -12.40 51.53
C LEU F 279 25.88 -12.45 52.21
N PHE F 280 26.35 -11.31 52.70
CA PHE F 280 27.62 -11.24 53.41
C PHE F 280 27.49 -11.54 54.89
N ASN F 281 26.26 -11.65 55.41
CA ASN F 281 26.09 -11.96 56.82
C ASN F 281 26.66 -13.35 57.14
N LEU F 282 26.35 -14.33 56.29
CA LEU F 282 26.90 -15.66 56.49
C LEU F 282 28.41 -15.67 56.27
N GLU F 283 28.89 -14.78 55.40
CA GLU F 283 30.33 -14.69 55.14
C GLU F 283 31.09 -14.09 56.32
N GLY F 284 30.40 -13.44 57.25
CA GLY F 284 31.07 -12.84 58.39
C GLY F 284 31.63 -11.47 58.10
N VAL F 285 30.98 -10.70 57.22
CA VAL F 285 31.42 -9.36 56.85
C VAL F 285 30.20 -8.44 56.90
N ASP F 286 30.43 -7.20 57.32
CA ASP F 286 29.38 -6.21 57.42
C ASP F 286 29.26 -5.40 56.13
N LEU F 287 28.04 -4.94 55.87
CA LEU F 287 27.72 -4.13 54.70
C LEU F 287 27.02 -2.86 55.15
N GLU F 288 27.18 -1.80 54.37
CA GLU F 288 26.59 -0.51 54.69
C GLU F 288 26.16 0.19 53.41
N PHE F 289 25.15 1.05 53.54
CA PHE F 289 24.62 1.81 52.40
C PHE F 289 24.20 3.18 52.92
N ARG F 290 25.01 4.19 52.65
CA ARG F 290 24.73 5.54 53.10
C ARG F 290 23.66 6.18 52.22
N ASP F 291 22.96 7.16 52.81
CA ASP F 291 21.90 7.85 52.09
C ASP F 291 22.42 8.65 50.93
N GLU F 292 23.67 9.12 51.00
CA GLU F 292 24.24 9.90 49.91
C GLU F 292 24.52 9.06 48.68
N ALA F 293 24.51 7.72 48.81
CA ALA F 293 24.73 6.82 47.69
C ALA F 293 23.43 6.37 47.05
N LEU F 294 22.35 6.31 47.81
CA LEU F 294 21.07 5.85 47.29
C LEU F 294 20.40 6.89 46.39
N ASP F 295 20.56 8.18 46.71
CA ASP F 295 19.93 9.21 45.89
C ASP F 295 20.46 9.19 44.47
N ALA F 296 21.74 8.83 44.30
CA ALA F 296 22.32 8.76 42.96
C ALA F 296 21.65 7.66 42.15
N ILE F 297 21.26 6.55 42.79
CA ILE F 297 20.60 5.47 42.09
C ILE F 297 19.25 5.93 41.55
N ALA F 298 18.59 6.84 42.26
CA ALA F 298 17.30 7.35 41.80
C ALA F 298 17.46 8.12 40.49
N LYS F 299 18.54 8.88 40.38
CA LYS F 299 18.77 9.64 39.14
C LYS F 299 19.03 8.70 37.97
N LYS F 300 19.84 7.65 38.18
CA LYS F 300 20.10 6.70 37.11
C LYS F 300 18.85 5.93 36.75
N ALA F 301 17.99 5.65 37.73
CA ALA F 301 16.76 4.93 37.45
C ALA F 301 15.83 5.78 36.59
N MET F 302 15.61 7.03 36.98
CA MET F 302 14.74 7.92 36.21
C MET F 302 15.36 8.24 34.86
N ALA F 303 16.69 8.28 34.78
CA ALA F 303 17.34 8.58 33.49
C ALA F 303 17.07 7.47 32.49
N ARG F 304 16.92 6.23 32.96
CA ARG F 304 16.62 5.10 32.07
C ARG F 304 15.13 4.99 31.76
N LYS F 305 14.28 5.73 32.47
CA LYS F 305 12.82 5.70 32.27
C LYS F 305 12.29 4.27 32.32
N THR F 306 12.78 3.49 33.29
CA THR F 306 12.38 2.11 33.48
C THR F 306 11.80 1.84 34.87
N GLY F 307 12.03 2.72 35.84
CA GLY F 307 11.50 2.51 37.18
C GLY F 307 12.37 1.59 38.01
N ALA F 308 11.71 0.80 38.86
CA ALA F 308 12.41 -0.12 39.75
C ALA F 308 12.95 -1.36 39.05
N ARG F 309 12.46 -1.67 37.83
CA ARG F 309 12.94 -2.86 37.14
C ARG F 309 14.41 -2.72 36.76
N GLY F 310 14.84 -1.52 36.39
CA GLY F 310 16.22 -1.29 36.01
C GLY F 310 17.09 -0.88 37.18
N LEU F 311 16.90 -1.54 38.32
CA LEU F 311 17.66 -1.24 39.53
C LEU F 311 18.82 -2.19 39.77
N ARG F 312 18.63 -3.49 39.53
CA ARG F 312 19.70 -4.45 39.75
C ARG F 312 20.89 -4.19 38.84
N SER F 313 20.64 -3.67 37.64
CA SER F 313 21.73 -3.36 36.72
C SER F 313 22.68 -2.33 37.31
N ILE F 314 22.15 -1.38 38.07
CA ILE F 314 23.00 -0.34 38.66
C ILE F 314 23.75 -0.89 39.87
N VAL F 315 23.10 -1.76 40.65
CA VAL F 315 23.73 -2.33 41.83
C VAL F 315 24.71 -3.42 41.46
N GLU F 316 24.26 -4.40 40.67
CA GLU F 316 25.12 -5.52 40.29
C GLU F 316 26.32 -5.06 39.49
N ALA F 317 26.18 -4.02 38.67
CA ALA F 317 27.31 -3.53 37.90
C ALA F 317 28.34 -2.84 38.78
N ALA F 318 27.89 -2.26 39.89
CA ALA F 318 28.79 -1.57 40.80
C ALA F 318 29.53 -2.55 41.71
N LEU F 319 28.78 -3.40 42.40
CA LEU F 319 29.36 -4.38 43.32
C LEU F 319 30.04 -5.56 42.62
N LEU F 320 30.08 -5.59 41.28
CA LEU F 320 30.73 -6.70 40.59
C LEU F 320 32.22 -6.74 40.94
N ASP F 321 32.87 -5.58 40.95
CA ASP F 321 34.29 -5.54 41.28
C ASP F 321 34.52 -5.93 42.72
N THR F 322 33.71 -5.40 43.64
CA THR F 322 33.88 -5.73 45.06
C THR F 322 33.60 -7.20 45.32
N MET F 323 32.52 -7.73 44.75
CA MET F 323 32.18 -9.13 44.98
C MET F 323 33.22 -10.07 44.37
N TYR F 324 33.82 -9.67 43.25
CA TYR F 324 34.80 -10.52 42.60
C TYR F 324 36.02 -10.77 43.48
N ASP F 325 36.51 -9.74 44.15
CA ASP F 325 37.71 -9.85 44.99
C ASP F 325 37.42 -9.92 46.48
N LEU F 326 36.16 -9.87 46.91
CA LEU F 326 35.89 -9.95 48.34
C LEU F 326 36.30 -11.28 48.97
N PRO F 327 36.00 -12.45 48.37
CA PRO F 327 36.46 -13.69 49.02
C PRO F 327 37.97 -13.79 49.06
N SER F 328 38.66 -13.33 48.02
CA SER F 328 40.11 -13.34 48.00
C SER F 328 40.67 -12.48 49.12
N MET F 329 40.04 -11.33 49.37
CA MET F 329 40.51 -10.44 50.42
C MET F 329 40.17 -11.02 51.79
N GLU F 330 41.09 -10.81 52.74
CA GLU F 330 40.95 -11.30 54.10
C GLU F 330 41.04 -10.14 55.09
N ASP F 331 40.55 -10.41 56.30
CA ASP F 331 40.57 -9.44 57.39
C ASP F 331 39.76 -8.19 57.06
N VAL F 332 38.63 -8.38 56.38
CA VAL F 332 37.72 -7.29 56.02
C VAL F 332 36.42 -7.55 56.76
N GLU F 333 36.07 -6.65 57.69
CA GLU F 333 34.86 -6.79 58.48
C GLU F 333 33.72 -5.89 58.06
N LYS F 334 34.00 -4.77 57.39
CA LYS F 334 32.95 -3.85 56.94
C LYS F 334 33.31 -3.26 55.59
N VAL F 335 32.28 -2.88 54.84
CA VAL F 335 32.42 -2.28 53.52
C VAL F 335 31.49 -1.08 53.45
N VAL F 336 31.97 0.01 52.84
CA VAL F 336 31.21 1.25 52.70
C VAL F 336 31.16 1.62 51.22
N ILE F 337 29.98 2.00 50.76
CA ILE F 337 29.75 2.41 49.38
C ILE F 337 29.39 3.90 49.39
N ASP F 338 30.16 4.69 48.65
CA ASP F 338 29.95 6.12 48.55
C ASP F 338 29.24 6.47 47.24
N GLU F 339 28.87 7.74 47.10
CA GLU F 339 28.19 8.20 45.89
C GLU F 339 29.09 8.04 44.68
N SER F 340 30.40 8.29 44.84
CA SER F 340 31.35 8.14 43.74
C SER F 340 31.39 6.71 43.22
N VAL F 341 31.18 5.73 44.11
CA VAL F 341 31.22 4.32 43.72
C VAL F 341 30.19 4.04 42.63
N ILE F 342 29.01 4.65 42.73
CA ILE F 342 27.97 4.42 41.73
C ILE F 342 28.44 4.90 40.36
N ASP F 343 29.10 6.05 40.32
CA ASP F 343 29.63 6.55 39.05
C ASP F 343 30.74 5.67 38.53
N GLY F 344 31.53 5.08 39.44
CA GLY F 344 32.65 4.23 39.09
C GLY F 344 33.99 4.91 39.07
N GLN F 345 34.03 6.23 39.30
CA GLN F 345 35.29 6.96 39.32
C GLN F 345 36.17 6.54 40.51
N SER F 346 35.55 6.28 41.65
CA SER F 346 36.24 5.91 42.87
C SER F 346 35.95 4.45 43.23
N GLU F 347 36.71 3.95 44.20
CA GLU F 347 36.64 2.59 44.70
C GLU F 347 35.94 2.56 46.07
N PRO F 348 35.03 1.61 46.34
CA PRO F 348 34.36 1.60 47.64
C PRO F 348 35.35 1.41 48.80
N LEU F 349 35.24 2.28 49.78
CA LEU F 349 36.09 2.23 50.97
C LEU F 349 35.94 0.89 51.68
N LEU F 350 37.06 0.36 52.15
CA LEU F 350 37.11 -0.91 52.86
C LEU F 350 37.58 -0.68 54.28
N ILE F 351 37.17 -1.58 55.17
CA ILE F 351 37.48 -1.52 56.60
C ILE F 351 38.15 -2.82 57.00
N TYR F 352 39.28 -2.71 57.71
CA TYR F 352 40.03 -3.86 58.18
C TYR F 352 39.93 -3.99 59.69
N LEU G 16 9.87 26.02 -8.24
CA LEU G 16 9.59 24.61 -7.89
C LEU G 16 10.40 24.19 -6.67
N VAL G 17 9.84 23.28 -5.89
CA VAL G 17 10.47 22.75 -4.68
C VAL G 17 10.57 21.24 -4.82
N PRO G 18 11.75 20.62 -4.71
CA PRO G 18 11.81 19.16 -4.83
C PRO G 18 11.16 18.46 -3.64
N MET G 19 10.66 17.26 -3.89
CA MET G 19 10.03 16.43 -2.87
C MET G 19 10.98 15.31 -2.48
N VAL G 20 11.03 15.01 -1.18
CA VAL G 20 11.88 13.95 -0.63
C VAL G 20 11.01 12.99 0.14
N ILE G 21 11.56 11.80 0.37
CA ILE G 21 10.89 10.72 1.10
C ILE G 21 11.64 10.44 2.40
N GLU G 22 10.90 10.43 3.50
CA GLU G 22 11.45 10.13 4.82
C GLU G 22 11.06 8.70 5.17
N GLN G 23 12.05 7.91 5.60
CA GLN G 23 11.82 6.51 5.95
C GLN G 23 11.48 6.39 7.44
N THR G 24 10.27 5.92 7.72
CA THR G 24 9.78 5.71 9.07
C THR G 24 9.36 4.26 9.23
N SER G 25 9.14 3.86 10.50
CA SER G 25 8.74 2.48 10.77
C SER G 25 7.36 2.17 10.19
N ARG G 26 6.42 3.11 10.31
CA ARG G 26 5.08 2.88 9.79
C ARG G 26 5.08 2.78 8.27
N GLY G 27 5.76 3.70 7.60
CA GLY G 27 5.82 3.70 6.15
C GLY G 27 6.51 4.95 5.65
N GLU G 28 6.57 5.03 4.32
CA GLU G 28 7.21 6.18 3.68
C GLU G 28 6.27 7.39 3.72
N ARG G 29 6.88 8.58 3.80
CA ARG G 29 6.15 9.83 3.84
C ARG G 29 6.85 10.83 2.92
N SER G 30 6.06 11.58 2.16
CA SER G 30 6.57 12.56 1.21
C SER G 30 6.50 13.95 1.84
N PHE G 31 7.65 14.60 1.94
CA PHE G 31 7.78 15.94 2.51
C PHE G 31 8.49 16.85 1.53
N ASP G 32 8.15 18.14 1.60
CA ASP G 32 8.86 19.13 0.81
C ASP G 32 10.16 19.45 1.52
N ILE G 33 11.11 20.03 0.77
CA ILE G 33 12.42 20.33 1.35
C ILE G 33 12.29 21.31 2.52
N TYR G 34 11.36 22.25 2.43
CA TYR G 34 11.19 23.21 3.51
C TYR G 34 10.52 22.57 4.73
N SER G 35 9.59 21.65 4.49
CA SER G 35 8.89 21.00 5.60
C SER G 35 9.77 19.98 6.31
N ARG G 36 10.66 19.31 5.57
CA ARG G 36 11.54 18.33 6.19
C ARG G 36 12.47 18.97 7.21
N LEU G 37 13.10 20.08 6.82
CA LEU G 37 14.00 20.77 7.75
C LEU G 37 13.23 21.39 8.90
N LEU G 38 11.98 21.79 8.67
CA LEU G 38 11.16 22.32 9.75
C LEU G 38 10.93 21.27 10.81
N LYS G 39 10.87 20.00 10.41
CA LYS G 39 10.69 18.90 11.35
C LYS G 39 11.87 18.80 12.31
N GLU G 40 13.04 19.27 11.89
CA GLU G 40 14.26 19.23 12.70
C GLU G 40 14.53 20.55 13.40
N ARG G 41 13.51 21.38 13.58
CA ARG G 41 13.64 22.67 14.27
C ARG G 41 14.57 23.62 13.51
N VAL G 42 14.31 23.78 12.22
CA VAL G 42 15.07 24.67 11.36
C VAL G 42 14.10 25.56 10.58
N ILE G 43 14.30 26.87 10.66
CA ILE G 43 13.46 27.85 10.00
C ILE G 43 14.35 28.72 9.10
N PHE G 44 13.82 29.10 7.95
CA PHE G 44 14.53 29.94 6.99
C PHE G 44 13.91 31.32 6.94
N LEU G 45 14.76 32.35 7.02
CA LEU G 45 14.34 33.74 6.91
C LEU G 45 15.00 34.22 5.62
N THR G 46 14.22 34.24 4.54
CA THR G 46 14.70 34.60 3.22
C THR G 46 13.94 35.80 2.66
N GLY G 47 14.65 36.62 1.91
CA GLY G 47 14.10 37.79 1.26
C GLY G 47 13.78 38.94 2.19
N GLN G 48 13.04 39.89 1.63
CA GLN G 48 12.65 41.09 2.36
C GLN G 48 11.68 40.76 3.49
N VAL G 49 11.81 41.51 4.58
CA VAL G 49 10.97 41.32 5.75
C VAL G 49 9.70 42.12 5.55
N GLU G 50 8.57 41.42 5.46
CA GLU G 50 7.26 42.02 5.25
C GLU G 50 6.27 41.45 6.27
N ASP G 51 5.03 41.93 6.20
CA ASP G 51 3.99 41.50 7.12
C ASP G 51 3.61 40.04 6.94
N HIS G 52 3.63 39.53 5.71
CA HIS G 52 3.21 38.15 5.47
C HIS G 52 4.28 37.15 5.86
N MET G 53 5.53 37.39 5.45
CA MET G 53 6.60 36.45 5.78
C MET G 53 6.86 36.40 7.28
N ALA G 54 6.67 37.52 7.98
CA ALA G 54 6.92 37.55 9.42
C ALA G 54 5.86 36.75 10.16
N ASN G 55 4.60 36.84 9.73
CA ASN G 55 3.54 36.08 10.38
C ASN G 55 3.72 34.57 10.19
N LEU G 56 4.44 34.17 9.14
CA LEU G 56 4.66 32.74 8.89
C LEU G 56 5.75 32.18 9.79
N ILE G 57 6.80 32.96 10.05
CA ILE G 57 7.90 32.48 10.88
C ILE G 57 7.43 32.35 12.32
N VAL G 58 6.55 33.25 12.78
CA VAL G 58 6.05 33.17 14.15
C VAL G 58 5.29 31.87 14.37
N ALA G 59 4.49 31.47 13.38
CA ALA G 59 3.74 30.22 13.52
C ALA G 59 4.67 29.02 13.59
N GLN G 60 5.81 29.07 12.90
CA GLN G 60 6.74 27.96 12.92
C GLN G 60 7.42 27.83 14.29
N MET G 61 7.83 28.96 14.86
CA MET G 61 8.48 28.93 16.17
C MET G 61 7.52 28.41 17.24
N LEU G 62 6.27 28.89 17.21
CA LEU G 62 5.29 28.44 18.19
C LEU G 62 5.01 26.95 18.03
N PHE G 63 5.03 26.45 16.79
CA PHE G 63 4.78 25.02 16.57
C PHE G 63 5.88 24.18 17.18
N LEU G 64 7.14 24.62 17.07
CA LEU G 64 8.24 23.87 17.64
C LEU G 64 8.19 23.90 19.17
N GLU G 65 7.66 24.98 19.74
CA GLU G 65 7.55 25.08 21.19
C GLU G 65 6.64 23.98 21.74
N ALA G 66 5.50 23.75 21.09
CA ALA G 66 4.58 22.73 21.57
C ALA G 66 5.15 21.32 21.41
N GLU G 67 5.84 21.06 20.31
CA GLU G 67 6.42 19.74 20.11
C GLU G 67 7.49 19.44 21.14
N ASN G 68 8.40 20.39 21.38
CA ASN G 68 9.46 20.22 22.37
C ASN G 68 9.89 21.58 22.90
N PRO G 69 9.67 21.89 24.18
CA PRO G 69 10.12 23.18 24.72
C PRO G 69 11.55 23.21 25.24
N GLU G 70 12.28 22.08 25.19
CA GLU G 70 13.64 21.98 25.71
C GLU G 70 14.71 21.81 24.64
N LYS G 71 14.34 21.77 23.35
CA LYS G 71 15.32 21.61 22.28
C LYS G 71 15.59 22.95 21.60
N ASP G 72 16.86 23.18 21.30
CA ASP G 72 17.26 24.44 20.69
C ASP G 72 16.74 24.57 19.26
N ILE G 73 16.40 25.79 18.89
CA ILE G 73 15.90 26.14 17.55
C ILE G 73 17.04 26.77 16.77
N TYR G 74 17.09 26.48 15.46
CA TYR G 74 18.11 27.03 14.57
C TYR G 74 17.42 27.89 13.53
N LEU G 75 17.87 29.14 13.42
CA LEU G 75 17.31 30.12 12.49
C LEU G 75 18.40 30.62 11.54
N TYR G 76 18.28 30.26 10.27
CA TYR G 76 19.24 30.71 9.25
C TYR G 76 18.65 31.95 8.61
N ILE G 77 19.40 33.05 8.62
CA ILE G 77 18.94 34.34 8.10
C ILE G 77 19.78 34.76 6.91
N ASN G 78 19.13 35.01 5.78
CA ASN G 78 19.75 35.52 4.56
C ASN G 78 18.70 36.48 4.00
N SER G 79 18.82 37.76 4.35
CA SER G 79 17.84 38.74 3.93
C SER G 79 18.45 40.13 3.85
N PRO G 80 18.02 40.97 2.91
CA PRO G 80 18.53 42.35 2.85
C PRO G 80 17.77 43.33 3.74
N GLY G 81 16.95 42.84 4.67
CA GLY G 81 16.15 43.67 5.54
C GLY G 81 14.79 43.98 4.94
N GLY G 82 14.04 44.82 5.67
CA GLY G 82 12.71 45.19 5.23
C GLY G 82 11.97 46.05 6.23
N VAL G 83 10.69 45.74 6.44
CA VAL G 83 9.88 46.51 7.39
C VAL G 83 10.37 46.27 8.81
N ILE G 84 10.36 47.32 9.62
CA ILE G 84 10.81 47.21 11.00
C ILE G 84 9.76 46.55 11.88
N THR G 85 8.51 47.02 11.79
CA THR G 85 7.45 46.47 12.62
C THR G 85 7.25 44.98 12.40
N ALA G 86 7.45 44.50 11.17
CA ALA G 86 7.30 43.08 10.91
C ALA G 86 8.41 42.27 11.58
N GLY G 87 9.62 42.84 11.64
CA GLY G 87 10.74 42.15 12.25
C GLY G 87 10.72 42.15 13.76
N MET G 88 10.20 43.21 14.38
CA MET G 88 10.18 43.27 15.84
C MET G 88 9.24 42.24 16.45
N SER G 89 8.25 41.77 15.69
CA SER G 89 7.35 40.73 16.20
C SER G 89 8.11 39.42 16.39
N ILE G 90 9.14 39.19 15.57
CA ILE G 90 9.94 37.98 15.67
C ILE G 90 10.87 38.05 16.88
N TYR G 91 11.39 39.25 17.16
CA TYR G 91 12.30 39.42 18.29
C TYR G 91 11.62 39.08 19.61
N ASP G 92 10.41 39.62 19.83
CA ASP G 92 9.70 39.34 21.07
C ASP G 92 9.34 37.87 21.17
N THR G 93 9.05 37.22 20.04
CA THR G 93 8.71 35.80 20.07
C THR G 93 9.90 34.95 20.48
N MET G 94 11.09 35.26 19.94
CA MET G 94 12.28 34.50 20.28
C MET G 94 12.59 34.60 21.78
N GLN G 95 12.36 35.77 22.36
CA GLN G 95 12.64 35.97 23.79
C GLN G 95 11.52 35.39 24.66
N PHE G 96 10.29 35.36 24.14
CA PHE G 96 9.17 34.84 24.93
C PHE G 96 9.30 33.34 25.14
N ILE G 97 9.47 32.57 24.08
CA ILE G 97 9.57 31.12 24.20
C ILE G 97 10.82 30.74 24.97
N LYS G 98 10.76 29.60 25.66
CA LYS G 98 11.84 29.06 26.47
C LYS G 98 13.04 28.56 25.67
N PRO G 99 12.86 27.84 24.56
CA PRO G 99 14.03 27.35 23.81
C PRO G 99 14.96 28.46 23.35
N ASP G 100 16.25 28.11 23.27
CA ASP G 100 17.28 29.04 22.83
C ASP G 100 17.30 29.04 21.31
N VAL G 101 17.00 30.18 20.71
CA VAL G 101 16.94 30.31 19.26
C VAL G 101 18.34 30.62 18.74
N SER G 102 19.00 29.61 18.19
CA SER G 102 20.32 29.79 17.62
C SER G 102 20.18 30.45 16.26
N THR G 103 21.04 31.42 15.97
CA THR G 103 21.01 32.16 14.72
C THR G 103 22.31 31.99 13.96
N ILE G 104 22.20 31.90 12.64
CA ILE G 104 23.33 31.77 11.73
C ILE G 104 23.12 32.72 10.56
N CYS G 105 24.19 33.39 10.14
CA CYS G 105 24.13 34.35 9.04
C CYS G 105 24.71 33.72 7.78
N MET G 106 23.89 33.66 6.74
CA MET G 106 24.25 33.10 5.45
C MET G 106 24.09 34.16 4.39
N GLY G 107 25.18 34.48 3.68
CA GLY G 107 25.11 35.47 2.63
C GLY G 107 25.19 36.91 3.09
N GLN G 108 24.14 37.40 3.74
CA GLN G 108 24.12 38.79 4.17
C GLN G 108 23.16 38.96 5.34
N ALA G 109 23.40 40.02 6.12
CA ALA G 109 22.59 40.36 7.28
C ALA G 109 22.50 41.89 7.34
N ALA G 110 21.35 42.42 6.95
CA ALA G 110 21.13 43.86 6.92
C ALA G 110 20.65 44.33 8.29
N SER G 111 20.23 45.60 8.36
CA SER G 111 19.75 46.24 9.59
C SER G 111 18.81 45.37 10.41
N MET G 112 17.72 44.90 9.81
CA MET G 112 16.78 44.07 10.54
C MET G 112 17.25 42.62 10.63
N GLY G 113 17.92 42.13 9.59
CA GLY G 113 18.45 40.78 9.65
C GLY G 113 19.52 40.64 10.71
N ALA G 114 20.30 41.70 10.92
CA ALA G 114 21.35 41.68 11.93
C ALA G 114 20.77 41.76 13.33
N PHE G 115 19.64 42.46 13.50
CA PHE G 115 19.05 42.59 14.83
C PHE G 115 18.47 41.27 15.29
N LEU G 116 17.86 40.50 14.38
CA LEU G 116 17.35 39.20 14.76
C LEU G 116 18.50 38.20 14.89
N LEU G 117 19.60 38.44 14.18
CA LEU G 117 20.76 37.58 14.28
C LEU G 117 21.40 37.69 15.66
N THR G 118 21.73 38.92 16.07
CA THR G 118 22.34 39.16 17.37
C THR G 118 21.36 38.89 18.51
N ALA G 119 20.05 38.89 18.24
CA ALA G 119 19.06 38.64 19.28
C ALA G 119 18.98 37.18 19.67
N GLY G 120 19.70 36.29 19.00
CA GLY G 120 19.68 34.88 19.33
C GLY G 120 20.25 34.60 20.70
N ALA G 121 20.18 33.35 21.13
CA ALA G 121 20.70 32.98 22.44
C ALA G 121 22.20 33.18 22.50
N LYS G 122 22.68 33.71 23.63
CA LYS G 122 24.11 33.95 23.80
C LYS G 122 24.86 32.63 23.80
N GLY G 123 25.96 32.58 23.05
CA GLY G 123 26.75 31.39 22.92
C GLY G 123 26.34 30.48 21.79
N LYS G 124 25.21 30.76 21.12
CA LYS G 124 24.71 29.96 20.01
C LYS G 124 24.48 30.82 18.77
N ARG G 125 25.34 31.83 18.57
CA ARG G 125 25.28 32.72 17.42
C ARG G 125 26.54 32.51 16.60
N PHE G 126 26.37 32.28 15.30
CA PHE G 126 27.50 32.06 14.41
C PHE G 126 27.31 32.84 13.12
N CYS G 127 28.42 33.07 12.44
CA CYS G 127 28.47 33.77 11.17
C CYS G 127 29.40 32.99 10.24
N LEU G 128 29.01 32.87 8.98
CA LEU G 128 29.82 32.13 8.04
C LEU G 128 31.13 32.88 7.77
N PRO G 129 32.19 32.16 7.35
CA PRO G 129 33.48 32.83 7.14
C PRO G 129 33.46 33.92 6.09
N ASN G 130 32.57 33.84 5.10
CA ASN G 130 32.47 34.84 4.04
C ASN G 130 31.20 35.68 4.14
N SER G 131 30.45 35.57 5.23
CA SER G 131 29.25 36.36 5.38
C SER G 131 29.60 37.83 5.62
N ARG G 132 28.60 38.69 5.51
CA ARG G 132 28.78 40.12 5.72
C ARG G 132 27.54 40.69 6.40
N VAL G 133 27.77 41.55 7.39
CA VAL G 133 26.70 42.19 8.15
C VAL G 133 26.74 43.69 7.85
N MET G 134 25.56 44.29 7.77
CA MET G 134 25.41 45.73 7.52
C MET G 134 24.40 46.29 8.51
N ILE G 135 24.71 47.46 9.07
CA ILE G 135 23.84 48.12 10.03
C ILE G 135 23.78 49.60 9.69
N HIS G 136 22.57 50.17 9.80
CA HIS G 136 22.36 51.60 9.55
C HIS G 136 21.18 52.03 10.40
N GLN G 137 20.73 53.27 10.21
CA GLN G 137 19.62 53.80 10.99
C GLN G 137 18.30 53.53 10.29
N PRO G 138 17.17 53.61 11.01
CA PRO G 138 15.88 53.38 10.36
C PRO G 138 15.61 54.40 9.26
N LEU G 139 14.93 53.96 8.21
CA LEU G 139 14.57 54.80 7.08
C LEU G 139 13.08 55.09 7.12
N GLY G 140 12.71 56.29 6.67
CA GLY G 140 11.33 56.68 6.65
C GLY G 140 11.10 57.90 5.78
N GLY G 141 9.95 58.50 5.99
CA GLY G 141 9.56 59.70 5.27
C GLY G 141 8.08 59.96 5.41
N TYR G 142 7.72 61.22 5.17
CA TYR G 142 6.31 61.61 5.27
C TYR G 142 6.09 62.86 4.45
N GLN G 143 4.86 63.04 4.00
CA GLN G 143 4.45 64.21 3.22
C GLN G 143 3.13 64.70 3.76
N GLY G 144 3.06 65.97 4.15
CA GLY G 144 1.83 66.52 4.69
C GLY G 144 2.10 67.81 5.44
N GLN G 145 1.18 68.12 6.34
CA GLN G 145 1.28 69.31 7.17
C GLN G 145 2.45 69.18 8.14
N ALA G 146 2.91 70.33 8.63
CA ALA G 146 4.04 70.34 9.56
C ALA G 146 3.69 69.63 10.86
N THR G 147 2.43 69.70 11.29
CA THR G 147 2.02 69.03 12.52
C THR G 147 2.14 67.52 12.38
N ASP G 148 1.83 66.98 11.20
CA ASP G 148 1.91 65.55 10.98
C ASP G 148 3.36 65.10 10.82
N ILE G 149 4.22 65.92 10.24
CA ILE G 149 5.62 65.55 10.05
C ILE G 149 6.30 65.40 11.41
N GLU G 150 5.95 66.27 12.36
CA GLU G 150 6.53 66.19 13.69
C GLU G 150 6.14 64.89 14.40
N ILE G 151 4.91 64.44 14.18
CA ILE G 151 4.44 63.22 14.83
C ILE G 151 5.20 62.01 14.32
N HIS G 152 5.27 61.86 12.98
CA HIS G 152 5.97 60.72 12.41
C HIS G 152 7.48 60.83 12.61
N ALA G 153 7.99 62.05 12.75
CA ALA G 153 9.42 62.22 12.99
C ALA G 153 9.80 61.78 14.40
N ARG G 154 8.97 62.14 15.39
CA ARG G 154 9.23 61.74 16.75
C ARG G 154 9.13 60.23 16.92
N GLU G 155 8.23 59.59 16.18
CA GLU G 155 8.04 58.15 16.28
C GLU G 155 9.28 57.39 15.80
N ILE G 156 9.79 57.75 14.63
CA ILE G 156 10.96 57.04 14.10
C ILE G 156 12.18 57.29 14.97
N LEU G 157 12.24 58.42 15.69
CA LEU G 157 13.38 58.67 16.56
C LEU G 157 13.35 57.75 17.76
N LYS G 158 12.16 57.49 18.31
CA LYS G 158 12.05 56.59 19.45
C LYS G 158 12.44 55.17 19.06
N VAL G 159 12.07 54.74 17.86
CA VAL G 159 12.42 53.40 17.39
C VAL G 159 13.93 53.26 17.28
N LYS G 160 14.59 54.27 16.70
CA LYS G 160 16.04 54.23 16.58
C LYS G 160 16.70 54.12 17.94
N GLY G 161 16.17 54.84 18.93
CA GLY G 161 16.72 54.74 20.28
C GLY G 161 16.47 53.38 20.88
N ARG G 162 15.28 52.81 20.62
CA ARG G 162 14.94 51.51 21.15
C ARG G 162 15.78 50.42 20.49
N MET G 163 16.02 50.54 19.19
CA MET G 163 16.82 49.53 18.50
C MET G 163 18.28 49.57 18.94
N ASN G 164 18.77 50.74 19.35
CA ASN G 164 20.15 50.83 19.82
C ASN G 164 20.30 50.28 21.23
N GLU G 165 19.28 50.47 22.07
CA GLU G 165 19.33 49.95 23.43
C GLU G 165 19.39 48.44 23.43
N LEU G 166 18.58 47.78 22.61
CA LEU G 166 18.57 46.32 22.55
C LEU G 166 19.85 45.81 21.91
N MET G 167 20.38 46.53 20.90
CA MET G 167 21.63 46.12 20.27
C MET G 167 22.77 46.11 21.28
N ALA G 168 22.78 47.10 22.18
CA ALA G 168 23.81 47.16 23.22
C ALA G 168 23.63 46.05 24.23
N LEU G 169 22.37 45.71 24.54
CA LEU G 169 22.07 44.68 25.52
C LEU G 169 22.64 43.33 25.11
N HIS G 170 22.47 42.94 23.84
CA HIS G 170 22.95 41.64 23.39
C HIS G 170 24.41 41.67 22.97
N THR G 171 24.86 42.75 22.32
CA THR G 171 26.25 42.84 21.91
C THR G 171 27.19 43.19 23.06
N GLY G 172 26.67 43.74 24.15
CA GLY G 172 27.48 44.13 25.29
C GLY G 172 28.13 45.49 25.16
N GLN G 173 28.16 46.07 23.97
CA GLN G 173 28.74 47.39 23.78
C GLN G 173 27.90 48.45 24.48
N SER G 174 28.41 49.68 24.50
CA SER G 174 27.71 50.78 25.12
C SER G 174 26.70 51.39 24.14
N LEU G 175 25.68 52.05 24.69
CA LEU G 175 24.68 52.68 23.84
C LEU G 175 25.28 53.79 22.99
N GLU G 176 26.30 54.49 23.51
CA GLU G 176 26.93 55.56 22.76
C GLU G 176 27.71 55.00 21.57
N GLN G 177 28.29 53.81 21.71
CA GLN G 177 29.05 53.22 20.62
C GLN G 177 28.12 52.80 19.49
N ILE G 178 26.97 52.21 19.83
CA ILE G 178 26.02 51.78 18.82
C ILE G 178 25.46 52.99 18.06
N GLU G 179 25.24 54.09 18.76
CA GLU G 179 24.70 55.29 18.12
C GLU G 179 25.67 55.85 17.08
N ARG G 180 26.95 55.91 17.42
CA ARG G 180 27.95 56.42 16.49
C ARG G 180 28.11 55.50 15.29
N ASP G 181 28.10 54.19 15.52
CA ASP G 181 28.28 53.22 14.45
C ASP G 181 27.04 53.04 13.58
N THR G 182 25.84 53.33 14.10
CA THR G 182 24.61 53.15 13.33
C THR G 182 24.09 54.45 12.70
N GLU G 183 24.83 55.56 12.81
CA GLU G 183 24.38 56.79 12.17
C GLU G 183 24.39 56.66 10.66
N ARG G 184 25.31 55.86 10.13
CA ARG G 184 25.44 55.62 8.69
C ARG G 184 25.69 54.13 8.48
N ASP G 185 25.66 53.72 7.21
CA ASP G 185 25.89 52.32 6.89
C ASP G 185 27.27 51.89 7.35
N ARG G 186 27.33 50.72 7.98
CA ARG G 186 28.58 50.16 8.48
C ARG G 186 28.61 48.67 8.15
N PHE G 187 29.55 48.26 7.30
CA PHE G 187 29.69 46.86 6.93
C PHE G 187 30.69 46.19 7.86
N LEU G 188 30.35 44.97 8.29
CA LEU G 188 31.20 44.20 9.19
C LEU G 188 31.46 42.82 8.61
N SER G 189 32.73 42.50 8.39
CA SER G 189 33.10 41.19 7.89
C SER G 189 32.85 40.14 8.98
N ALA G 190 33.05 38.88 8.64
CA ALA G 190 32.85 37.82 9.62
C ALA G 190 33.79 37.91 10.82
N PRO G 191 35.09 38.21 10.65
CA PRO G 191 35.94 38.33 11.86
C PRO G 191 35.54 39.50 12.75
N GLU G 192 35.19 40.64 12.14
CA GLU G 192 34.83 41.82 12.92
C GLU G 192 33.57 41.60 13.73
N ALA G 193 32.64 40.76 13.25
CA ALA G 193 31.41 40.51 14.00
C ALA G 193 31.71 39.84 15.33
N VAL G 194 32.72 38.97 15.37
CA VAL G 194 33.09 38.30 16.62
C VAL G 194 33.65 39.32 17.60
N GLU G 195 34.58 40.16 17.13
CA GLU G 195 35.18 41.18 17.98
C GLU G 195 34.15 42.19 18.48
N TYR G 196 33.07 42.39 17.73
CA TYR G 196 32.03 43.34 18.10
C TYR G 196 31.00 42.76 19.05
N GLY G 197 31.10 41.48 19.41
CA GLY G 197 30.12 40.89 20.29
C GLY G 197 28.83 40.49 19.61
N LEU G 198 28.73 40.68 18.29
CA LEU G 198 27.51 40.35 17.56
C LEU G 198 27.30 38.85 17.48
N VAL G 199 28.37 38.07 17.36
CA VAL G 199 28.29 36.61 17.28
C VAL G 199 29.31 36.00 18.24
N ASP G 200 29.28 34.68 18.35
CA ASP G 200 30.15 33.93 19.25
C ASP G 200 31.31 33.23 18.56
N SER G 201 31.08 32.63 17.39
CA SER G 201 32.15 31.92 16.69
C SER G 201 31.80 31.83 15.21
N ILE G 202 32.65 31.13 14.46
CA ILE G 202 32.47 30.94 13.02
C ILE G 202 32.48 29.44 12.72
N LEU G 203 31.57 29.02 11.85
CA LEU G 203 31.45 27.61 11.45
C LEU G 203 32.23 27.37 10.16
N THR G 204 33.56 27.39 10.29
CA THR G 204 34.43 27.21 9.14
C THR G 204 34.25 25.81 8.54
N HIS G 205 34.52 24.78 9.35
CA HIS G 205 34.40 23.39 8.93
C HIS G 205 33.57 22.62 9.93
N ARG G 206 33.09 21.46 9.50
CA ARG G 206 32.27 20.59 10.34
C ARG G 206 33.18 19.69 11.17
N ASN G 207 32.90 19.63 12.47
CA ASN G 207 33.68 18.82 13.41
C ASN G 207 32.79 17.73 14.03
N LEU H 16 6.30 23.02 -17.62
CA LEU H 16 5.84 21.70 -17.14
C LEU H 16 7.02 20.84 -16.73
N VAL H 17 6.79 19.92 -15.79
CA VAL H 17 7.82 19.01 -15.29
C VAL H 17 7.32 17.59 -15.50
N PRO H 18 8.05 16.72 -16.19
CA PRO H 18 7.56 15.34 -16.34
C PRO H 18 7.69 14.55 -15.05
N MET H 19 6.81 13.55 -14.91
CA MET H 19 6.80 12.66 -13.76
C MET H 19 7.30 11.29 -14.20
N VAL H 20 8.13 10.67 -13.35
CA VAL H 20 8.70 9.36 -13.62
C VAL H 20 8.33 8.42 -12.47
N ILE H 21 8.46 7.13 -12.74
CA ILE H 21 8.17 6.08 -11.78
C ILE H 21 9.45 5.34 -11.44
N GLU H 22 9.72 5.19 -10.15
CA GLU H 22 10.90 4.49 -9.66
C GLU H 22 10.46 3.11 -9.18
N GLN H 23 11.18 2.07 -9.63
CA GLN H 23 10.86 0.71 -9.26
C GLN H 23 11.62 0.32 -8.00
N THR H 24 10.89 0.03 -6.93
CA THR H 24 11.44 -0.37 -5.65
C THR H 24 10.85 -1.72 -5.25
N SER H 25 11.47 -2.33 -4.23
CA SER H 25 10.99 -3.63 -3.76
C SER H 25 9.60 -3.51 -3.16
N ARG H 26 9.34 -2.46 -2.39
CA ARG H 26 8.03 -2.29 -1.78
C ARG H 26 6.95 -2.05 -2.83
N GLY H 27 7.20 -1.13 -3.76
CA GLY H 27 6.23 -0.83 -4.79
C GLY H 27 6.68 0.36 -5.60
N GLU H 28 5.83 0.71 -6.57
CA GLU H 28 6.11 1.85 -7.43
C GLU H 28 5.84 3.17 -6.71
N ARG H 29 6.61 4.19 -7.08
CA ARG H 29 6.48 5.52 -6.51
C ARG H 29 6.65 6.54 -7.64
N SER H 30 5.80 7.56 -7.63
CA SER H 30 5.81 8.60 -8.66
C SER H 30 6.62 9.79 -8.18
N PHE H 31 7.66 10.13 -8.95
CA PHE H 31 8.56 11.23 -8.63
C PHE H 31 8.70 12.16 -9.83
N ASP H 32 8.96 13.43 -9.54
CA ASP H 32 9.24 14.40 -10.59
C ASP H 32 10.68 14.21 -11.03
N ILE H 33 11.00 14.72 -12.22
CA ILE H 33 12.35 14.53 -12.76
C ILE H 33 13.40 15.22 -11.89
N TYR H 34 13.06 16.38 -11.32
CA TYR H 34 14.04 17.07 -10.49
C TYR H 34 14.24 16.38 -9.16
N SER H 35 13.15 15.82 -8.59
CA SER H 35 13.26 15.13 -7.31
C SER H 35 13.91 13.76 -7.45
N ARG H 36 13.75 13.12 -8.61
CA ARG H 36 14.36 11.81 -8.83
C ARG H 36 15.88 11.92 -8.78
N LEU H 37 16.42 12.92 -9.48
CA LEU H 37 17.87 13.11 -9.49
C LEU H 37 18.38 13.51 -8.12
N LEU H 38 17.56 14.18 -7.33
CA LEU H 38 17.98 14.53 -5.97
C LEU H 38 18.22 13.27 -5.15
N LYS H 39 17.46 12.21 -5.42
CA LYS H 39 17.64 10.95 -4.72
C LYS H 39 19.02 10.37 -4.98
N GLU H 40 19.61 10.68 -6.14
CA GLU H 40 20.94 10.21 -6.51
C GLU H 40 22.03 11.24 -6.24
N ARG H 41 21.76 12.20 -5.36
CA ARG H 41 22.74 13.23 -4.99
C ARG H 41 23.13 14.10 -6.17
N VAL H 42 22.11 14.63 -6.87
CA VAL H 42 22.31 15.51 -8.02
C VAL H 42 21.42 16.73 -7.83
N ILE H 43 22.02 17.92 -7.92
CA ILE H 43 21.33 19.19 -7.75
C ILE H 43 21.55 20.03 -9.00
N PHE H 44 20.52 20.78 -9.40
CA PHE H 44 20.56 21.65 -10.56
C PHE H 44 20.57 23.11 -10.13
N LEU H 45 21.51 23.88 -10.70
CA LEU H 45 21.62 25.32 -10.46
C LEU H 45 21.30 25.97 -11.80
N THR H 46 20.07 26.44 -11.96
CA THR H 46 19.59 27.02 -13.21
C THR H 46 19.12 28.45 -12.99
N GLY H 47 19.34 29.27 -14.02
CA GLY H 47 18.96 30.67 -14.04
C GLY H 47 19.83 31.57 -13.17
N GLN H 48 19.33 32.78 -12.98
CA GLN H 48 20.04 33.78 -12.20
C GLN H 48 20.11 33.38 -10.73
N VAL H 49 21.23 33.73 -10.11
CA VAL H 49 21.48 33.42 -8.71
C VAL H 49 20.85 34.54 -7.88
N GLU H 50 19.83 34.19 -7.10
CA GLU H 50 19.10 35.11 -6.24
C GLU H 50 18.99 34.50 -4.85
N ASP H 51 18.36 35.25 -3.96
CA ASP H 51 18.20 34.82 -2.57
C ASP H 51 17.30 33.59 -2.43
N HIS H 52 16.26 33.47 -3.26
CA HIS H 52 15.33 32.36 -3.13
C HIS H 52 15.89 31.06 -3.69
N MET H 53 16.44 31.10 -4.92
CA MET H 53 16.98 29.88 -5.50
C MET H 53 18.18 29.38 -4.72
N ALA H 54 18.99 30.30 -4.17
CA ALA H 54 20.17 29.88 -3.42
C ALA H 54 19.77 29.25 -2.09
N ASN H 55 18.75 29.80 -1.43
CA ASN H 55 18.29 29.22 -0.17
C ASN H 55 17.70 27.83 -0.37
N LEU H 56 17.26 27.50 -1.59
CA LEU H 56 16.72 26.18 -1.86
C LEU H 56 17.83 25.16 -2.04
N ILE H 57 18.94 25.56 -2.66
CA ILE H 57 20.05 24.64 -2.87
C ILE H 57 20.71 24.30 -1.55
N VAL H 58 20.76 25.26 -0.62
CA VAL H 58 21.38 25.01 0.68
C VAL H 58 20.60 23.94 1.42
N ALA H 59 19.27 23.99 1.36
CA ALA H 59 18.46 22.99 2.04
C ALA H 59 18.67 21.62 1.43
N GLN H 60 18.91 21.55 0.12
CA GLN H 60 19.14 20.26 -0.52
C GLN H 60 20.48 19.67 -0.09
N MET H 61 21.51 20.50 0.00
CA MET H 61 22.82 20.01 0.41
C MET H 61 22.78 19.47 1.83
N LEU H 62 22.14 20.19 2.74
CA LEU H 62 22.03 19.73 4.12
C LEU H 62 21.27 18.42 4.20
N PHE H 63 20.24 18.26 3.37
CA PHE H 63 19.45 17.03 3.39
C PHE H 63 20.30 15.84 2.97
N LEU H 64 21.14 16.01 1.96
CA LEU H 64 21.99 14.92 1.51
C LEU H 64 23.09 14.61 2.53
N GLU H 65 23.54 15.62 3.27
CA GLU H 65 24.57 15.40 4.27
C GLU H 65 24.11 14.43 5.34
N ALA H 66 22.88 14.60 5.83
CA ALA H 66 22.36 13.72 6.86
C ALA H 66 22.13 12.31 6.34
N GLU H 67 21.64 12.19 5.10
CA GLU H 67 21.38 10.86 4.54
C GLU H 67 22.68 10.09 4.37
N ASN H 68 23.70 10.71 3.78
CA ASN H 68 24.99 10.06 3.59
C ASN H 68 26.10 11.11 3.51
N PRO H 69 27.03 11.16 4.48
CA PRO H 69 28.13 12.14 4.39
C PRO H 69 29.35 11.67 3.62
N GLU H 70 29.35 10.44 3.10
CA GLU H 70 30.51 9.87 2.41
C GLU H 70 30.31 9.69 0.91
N LYS H 71 29.15 10.04 0.36
CA LYS H 71 28.89 9.91 -1.06
C LYS H 71 29.07 11.25 -1.75
N ASP H 72 29.70 11.23 -2.92
CA ASP H 72 29.96 12.46 -3.66
C ASP H 72 28.68 13.10 -4.15
N ILE H 73 28.67 14.43 -4.14
CA ILE H 73 27.55 15.23 -4.61
C ILE H 73 27.91 15.83 -5.96
N TYR H 74 26.93 15.91 -6.85
CA TYR H 74 27.11 16.47 -8.18
C TYR H 74 26.24 17.72 -8.31
N LEU H 75 26.86 18.83 -8.70
CA LEU H 75 26.19 20.12 -8.87
C LEU H 75 26.42 20.61 -10.28
N TYR H 76 25.35 20.64 -11.08
CA TYR H 76 25.43 21.11 -12.46
C TYR H 76 25.04 22.59 -12.45
N ILE H 77 25.91 23.44 -13.00
CA ILE H 77 25.70 24.88 -13.01
C ILE H 77 25.59 25.37 -14.44
N ASN H 78 24.47 26.02 -14.74
CA ASN H 78 24.19 26.66 -16.03
C ASN H 78 23.46 27.94 -15.63
N SER H 79 24.21 29.04 -15.48
CA SER H 79 23.61 30.28 -15.03
C SER H 79 24.40 31.48 -15.53
N PRO H 80 23.74 32.61 -15.80
CA PRO H 80 24.46 33.82 -16.20
C PRO H 80 24.94 34.67 -15.03
N GLY H 81 24.93 34.12 -13.81
CA GLY H 81 25.32 34.84 -12.61
C GLY H 81 24.18 35.59 -12.00
N GLY H 82 24.50 36.34 -10.94
CA GLY H 82 23.49 37.11 -10.23
C GLY H 82 24.02 37.81 -9.00
N VAL H 83 23.26 37.74 -7.91
CA VAL H 83 23.67 38.39 -6.67
C VAL H 83 24.87 37.65 -6.09
N ILE H 84 25.80 38.42 -5.52
CA ILE H 84 27.00 37.84 -4.93
C ILE H 84 26.70 37.22 -3.58
N THR H 85 26.02 37.97 -2.70
CA THR H 85 25.73 37.46 -1.35
C THR H 85 24.93 36.17 -1.38
N ALA H 86 24.08 35.98 -2.38
CA ALA H 86 23.34 34.73 -2.48
C ALA H 86 24.26 33.57 -2.83
N GLY H 87 25.28 33.84 -3.65
CA GLY H 87 26.21 32.80 -4.04
C GLY H 87 27.24 32.45 -3.00
N MET H 88 27.66 33.42 -2.18
CA MET H 88 28.67 33.14 -1.17
C MET H 88 28.14 32.23 -0.07
N SER H 89 26.81 32.20 0.13
CA SER H 89 26.25 31.30 1.14
C SER H 89 26.43 29.85 0.71
N ILE H 90 26.38 29.59 -0.60
CA ILE H 90 26.55 28.24 -1.11
C ILE H 90 28.01 27.82 -1.04
N TYR H 91 28.92 28.77 -1.26
CA TYR H 91 30.35 28.45 -1.24
C TYR H 91 30.78 27.96 0.14
N ASP H 92 30.40 28.68 1.19
CA ASP H 92 30.77 28.27 2.53
C ASP H 92 30.11 26.94 2.90
N THR H 93 28.90 26.69 2.38
CA THR H 93 28.22 25.44 2.66
C THR H 93 28.94 24.26 2.04
N MET H 94 29.39 24.41 0.80
CA MET H 94 30.10 23.32 0.12
C MET H 94 31.37 22.95 0.85
N GLN H 95 32.07 23.94 1.40
CA GLN H 95 33.33 23.68 2.11
C GLN H 95 33.09 23.15 3.52
N PHE H 96 31.97 23.52 4.14
CA PHE H 96 31.69 23.07 5.50
C PHE H 96 31.41 21.57 5.55
N ILE H 97 30.48 21.10 4.73
CA ILE H 97 30.11 19.69 4.75
C ILE H 97 31.27 18.83 4.29
N LYS H 98 31.30 17.60 4.80
CA LYS H 98 32.31 16.58 4.52
C LYS H 98 32.30 16.03 3.10
N PRO H 99 31.14 15.72 2.49
CA PRO H 99 31.16 15.14 1.13
C PRO H 99 31.85 16.05 0.12
N ASP H 100 32.45 15.42 -0.88
CA ASP H 100 33.12 16.14 -1.95
C ASP H 100 32.07 16.57 -2.96
N VAL H 101 31.90 17.88 -3.13
CA VAL H 101 30.89 18.42 -4.02
C VAL H 101 31.50 18.53 -5.42
N SER H 102 31.15 17.60 -6.29
CA SER H 102 31.61 17.64 -7.67
C SER H 102 30.81 18.67 -8.44
N THR H 103 31.49 19.48 -9.25
CA THR H 103 30.85 20.52 -10.04
C THR H 103 31.10 20.27 -11.52
N ILE H 104 30.08 20.57 -12.33
CA ILE H 104 30.14 20.41 -13.77
C ILE H 104 29.53 21.66 -14.40
N CYS H 105 30.15 22.15 -15.47
CA CYS H 105 29.70 23.33 -16.18
C CYS H 105 29.00 22.90 -17.47
N MET H 106 27.72 23.27 -17.60
CA MET H 106 26.92 22.95 -18.76
C MET H 106 26.41 24.26 -19.36
N GLY H 107 26.75 24.50 -20.62
CA GLY H 107 26.30 25.71 -21.30
C GLY H 107 27.12 26.94 -20.99
N GLN H 108 27.02 27.48 -19.78
CA GLN H 108 27.77 28.68 -19.45
C GLN H 108 27.95 28.78 -17.93
N ALA H 109 28.99 29.52 -17.55
CA ALA H 109 29.33 29.76 -16.15
C ALA H 109 29.85 31.19 -16.05
N ALA H 110 29.04 32.08 -15.46
CA ALA H 110 29.41 33.48 -15.33
C ALA H 110 30.30 33.68 -14.09
N SER H 111 30.55 34.95 -13.75
CA SER H 111 31.37 35.34 -12.60
C SER H 111 31.07 34.54 -11.34
N MET H 112 29.82 34.55 -10.89
CA MET H 112 29.49 33.81 -9.68
C MET H 112 29.37 32.32 -9.96
N GLY H 113 28.89 31.95 -11.16
CA GLY H 113 28.83 30.54 -11.50
C GLY H 113 30.21 29.93 -11.58
N ALA H 114 31.19 30.71 -12.03
CA ALA H 114 32.56 30.24 -12.12
C ALA H 114 33.20 30.12 -10.75
N PHE H 115 32.82 30.97 -9.80
CA PHE H 115 33.40 30.92 -8.47
C PHE H 115 32.93 29.67 -7.73
N LEU H 116 31.67 29.30 -7.91
CA LEU H 116 31.17 28.07 -7.27
C LEU H 116 31.68 26.84 -8.00
N LEU H 117 31.99 26.99 -9.30
CA LEU H 117 32.52 25.86 -10.06
C LEU H 117 33.90 25.47 -9.59
N THR H 118 34.83 26.44 -9.54
CA THR H 118 36.18 26.16 -9.08
C THR H 118 36.25 25.84 -7.59
N ALA H 119 35.23 26.21 -6.83
CA ALA H 119 35.23 25.94 -5.40
C ALA H 119 34.94 24.49 -5.06
N GLY H 120 34.62 23.66 -6.05
CA GLY H 120 34.36 22.26 -5.80
C GLY H 120 35.60 21.54 -5.31
N ALA H 121 35.39 20.27 -4.96
CA ALA H 121 36.49 19.45 -4.47
C ALA H 121 37.52 19.24 -5.58
N LYS H 122 38.79 19.30 -5.20
CA LYS H 122 39.87 19.12 -6.16
C LYS H 122 39.85 17.71 -6.73
N GLY H 123 39.97 17.61 -8.05
CA GLY H 123 39.95 16.33 -8.73
C GLY H 123 38.59 15.86 -9.19
N LYS H 124 37.51 16.54 -8.80
CA LYS H 124 36.15 16.17 -9.20
C LYS H 124 35.43 17.35 -9.85
N ARG H 125 36.17 18.17 -10.60
CA ARG H 125 35.62 19.31 -11.32
C ARG H 125 35.81 19.05 -12.81
N PHE H 126 34.72 19.19 -13.57
CA PHE H 126 34.76 18.94 -15.01
C PHE H 126 34.03 20.05 -15.75
N CYS H 127 34.36 20.18 -17.04
CA CYS H 127 33.76 21.16 -17.93
C CYS H 127 33.51 20.47 -19.27
N LEU H 128 32.35 20.77 -19.87
CA LEU H 128 32.02 20.16 -21.14
C LEU H 128 32.96 20.67 -22.24
N PRO H 129 33.14 19.90 -23.31
CA PRO H 129 34.07 20.34 -24.36
C PRO H 129 33.71 21.64 -25.05
N ASN H 130 32.42 22.00 -25.10
CA ASN H 130 31.97 23.23 -25.75
C ASN H 130 31.44 24.26 -24.76
N SER H 131 31.65 24.05 -23.47
CA SER H 131 31.20 25.02 -22.49
C SER H 131 32.05 26.28 -22.57
N ARG H 132 31.57 27.34 -21.93
CA ARG H 132 32.27 28.62 -21.91
C ARG H 132 32.10 29.27 -20.54
N VAL H 133 33.21 29.78 -20.00
CA VAL H 133 33.23 30.45 -18.71
C VAL H 133 33.61 31.90 -18.93
N MET H 134 32.99 32.79 -18.15
CA MET H 134 33.25 34.22 -18.22
C MET H 134 33.45 34.73 -16.80
N ILE H 135 34.48 35.55 -16.61
CA ILE H 135 34.81 36.10 -15.30
C ILE H 135 35.11 37.59 -15.45
N HIS H 136 34.62 38.37 -14.49
CA HIS H 136 34.86 39.81 -14.45
C HIS H 136 34.83 40.24 -12.99
N GLN H 137 34.87 41.54 -12.75
CA GLN H 137 34.87 42.05 -11.39
C GLN H 137 33.46 42.29 -10.90
N PRO H 138 33.24 42.42 -9.59
CA PRO H 138 31.89 42.66 -9.09
C PRO H 138 31.32 43.97 -9.61
N LEU H 139 30.01 43.97 -9.83
CA LEU H 139 29.27 45.13 -10.31
C LEU H 139 28.45 45.73 -9.19
N GLY H 140 28.30 47.04 -9.20
CA GLY H 140 27.52 47.70 -8.18
C GLY H 140 27.18 49.12 -8.57
N GLY H 141 26.79 49.89 -7.56
CA GLY H 141 26.44 51.27 -7.74
C GLY H 141 25.69 51.80 -6.55
N TYR H 142 25.71 53.13 -6.40
CA TYR H 142 25.02 53.77 -5.30
C TYR H 142 24.73 55.21 -5.68
N GLN H 143 23.69 55.77 -5.06
CA GLN H 143 23.29 57.15 -5.27
C GLN H 143 22.99 57.77 -3.91
N GLY H 144 23.65 58.87 -3.60
CA GLY H 144 23.43 59.53 -2.32
C GLY H 144 24.56 60.49 -2.01
N GLN H 145 24.72 60.75 -0.72
CA GLN H 145 25.77 61.65 -0.25
C GLN H 145 27.15 61.04 -0.50
N ALA H 146 28.15 61.92 -0.51
CA ALA H 146 29.52 61.45 -0.73
C ALA H 146 30.00 60.54 0.39
N THR H 147 29.54 60.79 1.62
CA THR H 147 29.96 59.96 2.75
C THR H 147 29.47 58.52 2.58
N ASP H 148 28.26 58.35 2.03
CA ASP H 148 27.72 57.01 1.83
C ASP H 148 28.38 56.31 0.65
N ILE H 149 28.76 57.05 -0.38
CA ILE H 149 29.40 56.44 -1.54
C ILE H 149 30.74 55.84 -1.15
N GLU H 150 31.47 56.50 -0.25
CA GLU H 150 32.76 55.98 0.19
C GLU H 150 32.58 54.67 0.94
N ILE H 151 31.50 54.55 1.72
CA ILE H 151 31.25 53.33 2.48
C ILE H 151 30.97 52.16 1.54
N HIS H 152 30.05 52.36 0.60
CA HIS H 152 29.71 51.27 -0.33
C HIS H 152 30.85 51.00 -1.29
N ALA H 153 31.69 52.00 -1.57
CA ALA H 153 32.81 51.76 -2.46
C ALA H 153 33.89 50.92 -1.78
N ARG H 154 34.15 51.20 -0.51
CA ARG H 154 35.13 50.41 0.24
C ARG H 154 34.65 48.98 0.43
N GLU H 155 33.34 48.79 0.61
CA GLU H 155 32.80 47.46 0.83
C GLU H 155 32.93 46.59 -0.41
N ILE H 156 32.51 47.10 -1.57
CA ILE H 156 32.60 46.32 -2.80
C ILE H 156 34.06 46.09 -3.17
N LEU H 157 34.97 46.96 -2.74
CA LEU H 157 36.39 46.74 -3.02
C LEU H 157 36.93 45.57 -2.21
N LYS H 158 36.45 45.42 -0.98
CA LYS H 158 36.88 44.31 -0.14
C LYS H 158 36.43 42.98 -0.75
N VAL H 159 35.23 42.96 -1.31
CA VAL H 159 34.70 41.73 -1.92
C VAL H 159 35.59 41.31 -3.09
N LYS H 160 35.98 42.28 -3.93
CA LYS H 160 36.85 41.95 -5.06
C LYS H 160 38.15 41.33 -4.59
N GLY H 161 38.72 41.87 -3.52
CA GLY H 161 39.95 41.29 -2.99
C GLY H 161 39.71 39.92 -2.41
N ARG H 162 38.58 39.74 -1.72
CA ARG H 162 38.24 38.45 -1.14
C ARG H 162 37.94 37.42 -2.22
N MET H 163 37.25 37.83 -3.28
CA MET H 163 36.92 36.89 -4.35
C MET H 163 38.15 36.48 -5.13
N ASN H 164 39.16 37.35 -5.23
CA ASN H 164 40.38 37.00 -5.95
C ASN H 164 41.26 36.08 -5.13
N GLU H 165 41.29 36.27 -3.80
CA GLU H 165 42.11 35.42 -2.93
C GLU H 165 41.63 33.98 -2.98
N LEU H 166 40.31 33.77 -2.90
CA LEU H 166 39.77 32.42 -2.91
C LEU H 166 39.93 31.78 -4.29
N MET H 167 39.78 32.57 -5.35
CA MET H 167 39.95 32.03 -6.70
C MET H 167 41.36 31.49 -6.89
N ALA H 168 42.35 32.19 -6.34
CA ALA H 168 43.73 31.74 -6.44
C ALA H 168 43.97 30.48 -5.63
N LEU H 169 43.29 30.37 -4.49
CA LEU H 169 43.47 29.21 -3.61
C LEU H 169 43.10 27.91 -4.31
N HIS H 170 41.98 27.89 -5.03
CA HIS H 170 41.55 26.67 -5.71
C HIS H 170 42.21 26.50 -7.06
N THR H 171 42.39 27.59 -7.81
CA THR H 171 43.03 27.50 -9.12
C THR H 171 44.54 27.35 -9.04
N GLY H 172 45.15 27.70 -7.91
CA GLY H 172 46.58 27.61 -7.74
C GLY H 172 47.37 28.79 -8.29
N GLN H 173 46.74 29.63 -9.11
CA GLN H 173 47.41 30.79 -9.66
C GLN H 173 47.71 31.79 -8.55
N SER H 174 48.45 32.84 -8.91
CA SER H 174 48.80 33.88 -7.96
C SER H 174 47.69 34.91 -7.88
N LEU H 175 47.64 35.62 -6.74
CA LEU H 175 46.61 36.64 -6.56
C LEU H 175 46.76 37.78 -7.56
N GLU H 176 47.99 38.11 -7.95
CA GLU H 176 48.21 39.18 -8.91
C GLU H 176 47.70 38.82 -10.29
N GLN H 177 47.78 37.53 -10.66
CA GLN H 177 47.34 37.11 -11.98
C GLN H 177 45.81 37.19 -12.09
N ILE H 178 45.10 36.80 -11.03
CA ILE H 178 43.65 36.83 -11.06
C ILE H 178 43.14 38.26 -11.17
N GLU H 179 43.82 39.21 -10.51
CA GLU H 179 43.39 40.60 -10.57
C GLU H 179 43.50 41.16 -11.98
N ARG H 180 44.60 40.86 -12.67
CA ARG H 180 44.79 41.37 -14.03
C ARG H 180 43.78 40.76 -14.99
N ASP H 181 43.50 39.46 -14.84
CA ASP H 181 42.57 38.78 -15.74
C ASP H 181 41.10 39.09 -15.46
N THR H 182 40.76 39.49 -14.23
CA THR H 182 39.38 39.78 -13.87
C THR H 182 39.06 41.28 -13.91
N GLU H 183 39.99 42.13 -14.32
CA GLU H 183 39.70 43.56 -14.41
C GLU H 183 38.59 43.84 -15.40
N ARG H 184 38.49 43.03 -16.45
CA ARG H 184 37.48 43.16 -17.48
C ARG H 184 36.95 41.76 -17.81
N ASP H 185 35.90 41.71 -18.62
CA ASP H 185 35.32 40.43 -18.99
C ASP H 185 36.35 39.59 -19.73
N ARG H 186 36.44 38.32 -19.35
CA ARG H 186 37.39 37.39 -19.95
C ARG H 186 36.70 36.05 -20.17
N PHE H 187 36.55 35.66 -21.43
CA PHE H 187 35.91 34.39 -21.76
C PHE H 187 36.99 33.32 -21.87
N LEU H 188 36.70 32.14 -21.33
CA LEU H 188 37.63 31.02 -21.33
C LEU H 188 36.95 29.78 -21.90
N SER H 189 37.51 29.24 -22.97
CA SER H 189 36.98 28.03 -23.58
C SER H 189 37.23 26.84 -22.64
N ALA H 190 36.67 25.70 -23.01
CA ALA H 190 36.84 24.50 -22.19
C ALA H 190 38.29 24.04 -22.11
N PRO H 191 39.09 24.02 -23.18
CA PRO H 191 40.50 23.58 -23.02
C PRO H 191 41.30 24.54 -22.17
N GLU H 192 41.10 25.84 -22.33
CA GLU H 192 41.87 26.83 -21.57
C GLU H 192 41.56 26.74 -20.08
N ALA H 193 40.37 26.30 -19.70
CA ALA H 193 40.03 26.19 -18.29
C ALA H 193 40.91 25.16 -17.59
N VAL H 194 41.27 24.08 -18.29
CA VAL H 194 42.14 23.07 -17.72
C VAL H 194 43.53 23.65 -17.48
N GLU H 195 44.07 24.33 -18.50
CA GLU H 195 45.39 24.93 -18.39
C GLU H 195 45.43 26.01 -17.31
N TYR H 196 44.30 26.64 -17.01
CA TYR H 196 44.23 27.69 -16.00
C TYR H 196 44.00 27.15 -14.59
N GLY H 197 43.85 25.85 -14.42
CA GLY H 197 43.64 25.28 -13.10
C GLY H 197 42.22 25.42 -12.58
N LEU H 198 41.30 25.95 -13.39
CA LEU H 198 39.92 26.11 -12.94
C LEU H 198 39.21 24.77 -12.81
N VAL H 199 39.54 23.81 -13.68
CA VAL H 199 38.94 22.48 -13.67
C VAL H 199 40.06 21.45 -13.73
N ASP H 200 39.68 20.18 -13.62
CA ASP H 200 40.62 19.07 -13.61
C ASP H 200 40.69 18.32 -14.93
N SER H 201 39.56 18.06 -15.57
CA SER H 201 39.55 17.33 -16.83
C SER H 201 38.27 17.67 -17.59
N ILE H 202 38.08 16.99 -18.73
CA ILE H 202 36.91 17.17 -19.58
C ILE H 202 36.26 15.82 -19.81
N LEU H 203 34.92 15.80 -19.72
CA LEU H 203 34.14 14.59 -19.93
C LEU H 203 33.65 14.53 -21.37
N THR H 204 34.58 14.24 -22.28
CA THR H 204 34.24 14.19 -23.70
C THR H 204 33.25 13.08 -23.99
N HIS H 205 33.64 11.83 -23.70
CA HIS H 205 32.80 10.66 -23.93
C HIS H 205 32.75 9.82 -22.66
N ARG H 206 31.81 8.88 -22.65
CA ARG H 206 31.63 7.97 -21.54
C ARG H 206 32.51 6.73 -21.75
N ASN H 207 33.20 6.32 -20.69
CA ASN H 207 34.08 5.16 -20.73
C ASN H 207 33.61 4.09 -19.75
N LEU I 16 -3.58 23.48 -20.88
CA LEU I 16 -3.98 22.19 -20.25
C LEU I 16 -3.27 21.03 -20.93
N VAL I 17 -3.00 19.97 -20.17
CA VAL I 17 -2.34 18.77 -20.65
C VAL I 17 -3.26 17.58 -20.39
N PRO I 18 -3.64 16.79 -21.39
CA PRO I 18 -4.51 15.64 -21.10
C PRO I 18 -3.79 14.56 -20.31
N MET I 19 -4.57 13.80 -19.54
CA MET I 19 -4.09 12.68 -18.74
C MET I 19 -4.54 11.38 -19.39
N VAL I 20 -3.65 10.39 -19.41
CA VAL I 20 -3.93 9.08 -19.98
C VAL I 20 -3.67 8.02 -18.92
N ILE I 21 -4.22 6.83 -19.14
CA ILE I 21 -4.09 5.69 -18.25
C ILE I 21 -3.31 4.60 -18.96
N GLU I 22 -2.26 4.09 -18.30
CA GLU I 22 -1.44 3.01 -18.83
C GLU I 22 -1.81 1.71 -18.12
N GLN I 23 -2.03 0.66 -18.90
CA GLN I 23 -2.40 -0.64 -18.34
C GLN I 23 -1.13 -1.45 -18.08
N THR I 24 -0.88 -1.77 -16.82
CA THR I 24 0.28 -2.55 -16.40
C THR I 24 -0.19 -3.78 -15.62
N SER I 25 0.75 -4.71 -15.42
CA SER I 25 0.42 -5.92 -14.69
C SER I 25 0.05 -5.63 -13.25
N ARG I 26 0.78 -4.72 -12.59
CA ARG I 26 0.49 -4.41 -11.20
C ARG I 26 -0.86 -3.70 -11.06
N GLY I 27 -1.12 -2.73 -11.91
CA GLY I 27 -2.38 -2.00 -11.86
C GLY I 27 -2.36 -0.83 -12.81
N GLU I 28 -3.46 -0.10 -12.81
CA GLU I 28 -3.57 1.07 -13.67
C GLU I 28 -2.78 2.24 -13.07
N ARG I 29 -2.22 3.06 -13.94
CA ARG I 29 -1.43 4.22 -13.53
C ARG I 29 -1.81 5.41 -14.39
N SER I 30 -1.90 6.57 -13.74
CA SER I 30 -2.27 7.81 -14.40
C SER I 30 -1.01 8.58 -14.78
N PHE I 31 -0.84 8.82 -16.08
CA PHE I 31 0.31 9.52 -16.62
C PHE I 31 -0.12 10.67 -17.51
N ASP I 32 0.69 11.72 -17.54
CA ASP I 32 0.45 12.82 -18.44
C ASP I 32 0.98 12.45 -19.82
N ILE I 33 0.51 13.15 -20.85
CA ILE I 33 0.92 12.81 -22.21
C ILE I 33 2.42 13.00 -22.40
N TYR I 34 3.01 14.00 -21.75
CA TYR I 34 4.45 14.23 -21.92
C TYR I 34 5.26 13.17 -21.16
N SER I 35 4.80 12.77 -19.99
CA SER I 35 5.54 11.78 -19.21
C SER I 35 5.35 10.37 -19.74
N ARG I 36 4.19 10.08 -20.35
CA ARG I 36 3.95 8.75 -20.90
C ARG I 36 4.93 8.46 -22.03
N LEU I 37 5.15 9.42 -22.92
CA LEU I 37 6.08 9.23 -24.01
C LEU I 37 7.51 9.15 -23.52
N LEU I 38 7.82 9.81 -22.40
CA LEU I 38 9.17 9.73 -21.85
C LEU I 38 9.52 8.31 -21.45
N LYS I 39 8.52 7.53 -21.01
CA LYS I 39 8.75 6.14 -20.65
C LYS I 39 9.21 5.33 -21.85
N GLU I 40 8.86 5.75 -23.06
CA GLU I 40 9.24 5.07 -24.29
C GLU I 40 10.44 5.72 -24.96
N ARG I 41 11.24 6.47 -24.20
CA ARG I 41 12.44 7.12 -24.72
C ARG I 41 12.12 8.16 -25.80
N VAL I 42 11.19 9.05 -25.48
CA VAL I 42 10.78 10.13 -26.39
C VAL I 42 10.79 11.43 -25.61
N ILE I 43 11.49 12.44 -26.13
CA ILE I 43 11.60 13.75 -25.52
C ILE I 43 11.16 14.80 -26.53
N PHE I 44 10.49 15.84 -26.06
CA PHE I 44 9.99 16.93 -26.89
C PHE I 44 10.80 18.20 -26.67
N LEU I 45 11.23 18.81 -27.77
CA LEU I 45 11.97 20.08 -27.75
C LEU I 45 11.05 21.10 -28.41
N THR I 46 10.34 21.89 -27.60
CA THR I 46 9.38 22.86 -28.07
C THR I 46 9.75 24.27 -27.61
N GLY I 47 9.45 25.24 -28.48
CA GLY I 47 9.68 26.64 -28.21
C GLY I 47 11.14 27.06 -28.26
N GLN I 48 11.37 28.27 -27.76
CA GLN I 48 12.70 28.84 -27.74
C GLN I 48 13.61 28.07 -26.80
N VAL I 49 14.88 27.98 -27.18
CA VAL I 49 15.87 27.27 -26.39
C VAL I 49 16.42 28.26 -25.37
N GLU I 50 16.17 27.97 -24.09
CA GLU I 50 16.59 28.81 -22.97
C GLU I 50 17.27 27.93 -21.93
N ASP I 51 17.71 28.57 -20.85
CA ASP I 51 18.41 27.87 -19.78
C ASP I 51 17.51 26.89 -19.03
N HIS I 52 16.23 27.22 -18.86
CA HIS I 52 15.35 26.34 -18.09
C HIS I 52 14.90 25.12 -18.89
N MET I 53 14.40 25.34 -20.12
CA MET I 53 13.95 24.21 -20.92
C MET I 53 15.12 23.30 -21.30
N ALA I 54 16.30 23.88 -21.54
CA ALA I 54 17.45 23.05 -21.90
C ALA I 54 17.92 22.24 -20.73
N ASN I 55 17.93 22.83 -19.53
CA ASN I 55 18.33 22.08 -18.34
C ASN I 55 17.37 20.94 -18.03
N LEU I 56 16.13 21.02 -18.54
CA LEU I 56 15.16 19.97 -18.31
C LEU I 56 15.39 18.79 -19.24
N ILE I 57 15.80 19.07 -20.48
CA ILE I 57 16.05 18.00 -21.44
C ILE I 57 17.28 17.20 -21.05
N VAL I 58 18.28 17.85 -20.46
CA VAL I 58 19.49 17.15 -20.04
C VAL I 58 19.14 16.11 -18.98
N ALA I 59 18.26 16.47 -18.05
CA ALA I 59 17.87 15.53 -17.00
C ALA I 59 17.14 14.34 -17.58
N GLN I 60 16.39 14.54 -18.67
CA GLN I 60 15.66 13.45 -19.29
C GLN I 60 16.62 12.49 -19.98
N MET I 61 17.62 13.02 -20.69
CA MET I 61 18.58 12.18 -21.38
C MET I 61 19.35 11.32 -20.39
N LEU I 62 19.81 11.92 -19.28
CA LEU I 62 20.55 11.18 -18.28
C LEU I 62 19.68 10.10 -17.64
N PHE I 63 18.41 10.39 -17.41
CA PHE I 63 17.52 9.41 -16.80
C PHE I 63 17.33 8.20 -17.70
N LEU I 64 17.19 8.43 -19.01
CA LEU I 64 17.00 7.32 -19.93
C LEU I 64 18.28 6.50 -20.08
N GLU I 65 19.44 7.16 -19.97
CA GLU I 65 20.71 6.44 -20.10
C GLU I 65 20.84 5.37 -19.02
N ALA I 66 20.50 5.72 -17.77
CA ALA I 66 20.60 4.76 -16.68
C ALA I 66 19.59 3.64 -16.82
N GLU I 67 18.38 3.95 -17.26
CA GLU I 67 17.36 2.92 -17.40
C GLU I 67 17.76 1.90 -18.46
N ASN I 68 18.28 2.37 -19.60
CA ASN I 68 18.73 1.47 -20.65
C ASN I 68 19.81 2.16 -21.48
N PRO I 69 21.06 1.71 -21.46
CA PRO I 69 22.11 2.33 -22.29
C PRO I 69 22.23 1.79 -23.69
N GLU I 70 21.42 0.80 -24.07
CA GLU I 70 21.49 0.16 -25.39
C GLU I 70 20.30 0.46 -26.29
N LYS I 71 19.33 1.24 -25.83
CA LYS I 71 18.16 1.56 -26.65
C LYS I 71 18.28 2.99 -27.16
N ASP I 72 17.92 3.17 -28.43
CA ASP I 72 18.00 4.48 -29.05
C ASP I 72 17.00 5.46 -28.45
N ILE I 73 17.42 6.72 -28.36
CA ILE I 73 16.59 7.81 -27.84
C ILE I 73 16.07 8.60 -29.04
N TYR I 74 14.85 9.08 -28.96
CA TYR I 74 14.21 9.85 -30.02
C TYR I 74 13.99 11.27 -29.54
N LEU I 75 14.48 12.24 -30.30
CA LEU I 75 14.39 13.66 -29.99
C LEU I 75 13.66 14.38 -31.12
N TYR I 76 12.46 14.86 -30.85
CA TYR I 76 11.66 15.59 -31.82
C TYR I 76 11.92 17.07 -31.60
N ILE I 77 12.33 17.77 -32.67
CA ILE I 77 12.68 19.18 -32.60
C ILE I 77 11.73 19.99 -33.46
N ASN I 78 11.02 20.92 -32.82
CA ASN I 78 10.13 21.88 -33.48
C ASN I 78 10.35 23.16 -32.67
N SER I 79 11.26 24.01 -33.14
CA SER I 79 11.58 25.22 -32.39
C SER I 79 12.23 26.25 -33.31
N PRO I 80 12.03 27.55 -33.08
CA PRO I 80 12.68 28.57 -33.91
C PRO I 80 14.06 28.97 -33.43
N GLY I 81 14.66 28.19 -32.53
CA GLY I 81 15.97 28.48 -31.98
C GLY I 81 15.90 29.37 -30.76
N GLY I 82 17.09 29.78 -30.31
CA GLY I 82 17.19 30.61 -29.13
C GLY I 82 18.63 30.87 -28.71
N VAL I 83 18.88 30.78 -27.40
CA VAL I 83 20.23 31.04 -26.89
C VAL I 83 21.16 29.93 -27.36
N ILE I 84 22.40 30.31 -27.66
CA ILE I 84 23.40 29.36 -28.14
C ILE I 84 23.97 28.52 -27.00
N THR I 85 24.38 29.18 -25.92
CA THR I 85 24.98 28.47 -24.79
C THR I 85 24.04 27.42 -24.21
N ALA I 86 22.73 27.67 -24.26
CA ALA I 86 21.79 26.66 -23.76
C ALA I 86 21.76 25.44 -24.66
N GLY I 87 21.92 25.66 -25.96
CA GLY I 87 21.90 24.56 -26.91
C GLY I 87 23.17 23.75 -26.95
N MET I 88 24.32 24.38 -26.72
CA MET I 88 25.58 23.65 -26.77
C MET I 88 25.71 22.64 -25.64
N SER I 89 24.99 22.86 -24.52
CA SER I 89 25.02 21.89 -23.44
C SER I 89 24.37 20.58 -23.86
N ILE I 90 23.35 20.67 -24.72
CA ILE I 90 22.66 19.48 -25.20
C ILE I 90 23.51 18.73 -26.21
N TYR I 91 24.26 19.46 -27.04
CA TYR I 91 25.09 18.81 -28.05
C TYR I 91 26.15 17.92 -27.41
N ASP I 92 26.87 18.45 -26.41
CA ASP I 92 27.89 17.65 -25.76
C ASP I 92 27.27 16.47 -25.02
N THR I 93 26.05 16.65 -24.49
CA THR I 93 25.38 15.57 -23.79
C THR I 93 25.02 14.43 -24.73
N MET I 94 24.50 14.77 -25.91
CA MET I 94 24.13 13.74 -26.89
C MET I 94 25.35 12.93 -27.32
N GLN I 95 26.50 13.59 -27.46
CA GLN I 95 27.71 12.90 -27.87
C GLN I 95 28.37 12.14 -26.72
N PHE I 96 28.19 12.62 -25.49
CA PHE I 96 28.81 11.96 -24.34
C PHE I 96 28.17 10.60 -24.07
N ILE I 97 26.85 10.56 -23.94
CA ILE I 97 26.17 9.31 -23.65
C ILE I 97 26.32 8.32 -24.80
N LYS I 98 26.31 7.03 -24.45
CA LYS I 98 26.44 5.93 -25.40
C LYS I 98 25.25 5.73 -26.34
N PRO I 99 24.01 5.81 -25.88
CA PRO I 99 22.87 5.59 -26.79
C PRO I 99 22.86 6.56 -27.95
N ASP I 100 22.33 6.07 -29.09
CA ASP I 100 22.24 6.87 -30.30
C ASP I 100 20.99 7.74 -30.21
N VAL I 101 21.19 9.06 -30.21
CA VAL I 101 20.10 10.02 -30.09
C VAL I 101 19.55 10.30 -31.48
N SER I 102 18.40 9.71 -31.79
CA SER I 102 17.75 9.93 -33.07
C SER I 102 17.07 11.28 -33.06
N THR I 103 17.21 12.02 -34.16
CA THR I 103 16.63 13.35 -34.31
C THR I 103 15.66 13.38 -35.48
N ILE I 104 14.57 14.12 -35.29
CA ILE I 104 13.53 14.29 -36.30
C ILE I 104 13.17 15.76 -36.38
N CYS I 105 12.97 16.25 -37.60
CA CYS I 105 12.63 17.65 -37.83
C CYS I 105 11.13 17.77 -38.11
N MET I 106 10.44 18.51 -37.25
CA MET I 106 9.00 18.73 -37.37
C MET I 106 8.72 20.22 -37.37
N GLY I 107 8.09 20.71 -38.43
CA GLY I 107 7.75 22.11 -38.53
C GLY I 107 8.87 23.03 -38.96
N GLN I 108 9.86 23.25 -38.10
CA GLN I 108 10.96 24.13 -38.45
C GLN I 108 12.18 23.81 -37.62
N ALA I 109 13.34 24.20 -38.15
CA ALA I 109 14.63 23.99 -37.50
C ALA I 109 15.51 25.20 -37.80
N ALA I 110 15.69 26.06 -36.81
CA ALA I 110 16.48 27.27 -36.97
C ALA I 110 17.96 26.95 -36.77
N SER I 111 18.78 28.01 -36.71
CA SER I 111 20.22 27.92 -36.50
C SER I 111 20.63 26.91 -35.44
N MET I 112 20.10 27.07 -34.23
CA MET I 112 20.46 26.14 -33.16
C MET I 112 19.66 24.85 -33.26
N GLY I 113 18.41 24.91 -33.73
CA GLY I 113 17.64 23.69 -33.90
C GLY I 113 18.26 22.80 -34.97
N ALA I 114 18.84 23.41 -36.00
CA ALA I 114 19.48 22.65 -37.06
C ALA I 114 20.80 22.04 -36.60
N PHE I 115 21.50 22.72 -35.70
CA PHE I 115 22.79 22.21 -35.23
C PHE I 115 22.59 20.97 -34.36
N LEU I 116 21.54 20.96 -33.54
CA LEU I 116 21.27 19.77 -32.73
C LEU I 116 20.68 18.66 -33.57
N LEU I 117 20.02 19.01 -34.68
CA LEU I 117 19.43 18.02 -35.57
C LEU I 117 20.52 17.20 -36.25
N THR I 118 21.46 17.87 -36.90
CA THR I 118 22.55 17.18 -37.60
C THR I 118 23.52 16.50 -36.63
N ALA I 119 23.52 16.89 -35.36
CA ALA I 119 24.41 16.28 -34.38
C ALA I 119 23.97 14.88 -33.97
N GLY I 120 22.80 14.41 -34.42
CA GLY I 120 22.32 13.10 -34.08
C GLY I 120 23.21 12.00 -34.62
N ALA I 121 22.89 10.76 -34.27
CA ALA I 121 23.68 9.62 -34.74
C ALA I 121 23.58 9.49 -36.25
N LYS I 122 24.71 9.18 -36.88
CA LYS I 122 24.75 9.03 -38.33
C LYS I 122 23.89 7.84 -38.75
N GLY I 123 23.03 8.08 -39.75
CA GLY I 123 22.12 7.06 -40.23
C GLY I 123 20.78 7.01 -39.53
N LYS I 124 20.60 7.80 -38.47
CA LYS I 124 19.35 7.84 -37.71
C LYS I 124 18.81 9.27 -37.62
N ARG I 125 19.00 10.05 -38.69
CA ARG I 125 18.51 11.42 -38.78
C ARG I 125 17.47 11.48 -39.88
N PHE I 126 16.30 12.04 -39.56
CA PHE I 126 15.21 12.13 -40.52
C PHE I 126 14.59 13.52 -40.46
N CYS I 127 13.90 13.86 -41.54
CA CYS I 127 13.20 15.13 -41.69
C CYS I 127 11.87 14.85 -42.38
N LEU I 128 10.82 15.52 -41.94
CA LEU I 128 9.51 15.30 -42.52
C LEU I 128 9.45 15.89 -43.93
N PRO I 129 8.53 15.41 -44.76
CA PRO I 129 8.48 15.91 -46.16
C PRO I 129 8.21 17.40 -46.30
N ASN I 130 7.52 18.03 -45.34
CA ASN I 130 7.20 19.44 -45.40
C ASN I 130 7.97 20.28 -44.39
N SER I 131 8.97 19.72 -43.73
CA SER I 131 9.74 20.50 -42.78
C SER I 131 10.62 21.50 -43.53
N ARG I 132 11.16 22.46 -42.78
CA ARG I 132 12.04 23.48 -43.34
C ARG I 132 13.14 23.80 -42.35
N VAL I 133 14.36 23.92 -42.86
CA VAL I 133 15.53 24.23 -42.05
C VAL I 133 16.05 25.61 -42.45
N MET I 134 16.51 26.36 -41.45
CA MET I 134 17.09 27.69 -41.67
C MET I 134 18.38 27.76 -40.87
N ILE I 135 19.42 28.28 -41.50
CA ILE I 135 20.73 28.42 -40.86
C ILE I 135 21.31 29.79 -41.18
N HIS I 136 21.92 30.40 -40.17
CA HIS I 136 22.57 31.70 -40.31
C HIS I 136 23.70 31.75 -39.29
N GLN I 137 24.32 32.93 -39.17
CA GLN I 137 25.43 33.08 -38.25
C GLN I 137 24.92 33.46 -36.86
N PRO I 138 25.74 33.31 -35.81
CA PRO I 138 25.30 33.69 -34.47
C PRO I 138 24.97 35.17 -34.38
N LEU I 139 23.98 35.50 -33.56
CA LEU I 139 23.54 36.86 -33.33
C LEU I 139 23.99 37.32 -31.95
N GLY I 140 24.31 38.60 -31.85
CA GLY I 140 24.75 39.15 -30.59
C GLY I 140 24.72 40.65 -30.60
N GLY I 141 25.43 41.23 -29.64
CA GLY I 141 25.53 42.67 -29.50
C GLY I 141 26.08 43.07 -28.15
N TYR I 142 26.64 44.28 -28.07
CA TYR I 142 27.20 44.76 -26.82
C TYR I 142 27.23 46.29 -26.85
N GLN I 143 27.21 46.89 -25.67
CA GLN I 143 27.28 48.34 -25.53
C GLN I 143 28.26 48.66 -24.42
N GLY I 144 29.26 49.46 -24.73
CA GLY I 144 30.26 49.83 -23.74
C GLY I 144 31.50 50.39 -24.42
N GLN I 145 32.62 50.30 -23.70
CA GLN I 145 33.88 50.78 -24.21
C GLN I 145 34.36 49.92 -25.38
N ALA I 146 35.26 50.50 -26.18
CA ALA I 146 35.78 49.78 -27.33
C ALA I 146 36.59 48.56 -26.91
N THR I 147 37.26 48.63 -25.76
CA THR I 147 38.04 47.49 -25.28
C THR I 147 37.16 46.30 -24.97
N ASP I 148 35.96 46.55 -24.42
CA ASP I 148 35.04 45.47 -24.11
C ASP I 148 34.39 44.89 -25.35
N ILE I 149 34.13 45.73 -26.36
CA ILE I 149 33.51 45.26 -27.58
C ILE I 149 34.44 44.28 -28.31
N GLU I 150 35.74 44.54 -28.25
CA GLU I 150 36.70 43.64 -28.91
C GLU I 150 36.70 42.28 -28.24
N ILE I 151 36.54 42.25 -26.92
CA ILE I 151 36.52 40.97 -26.20
C ILE I 151 35.31 40.16 -26.60
N HIS I 152 34.11 40.77 -26.55
CA HIS I 152 32.91 40.05 -26.91
C HIS I 152 32.86 39.76 -28.41
N ALA I 153 33.54 40.58 -29.22
CA ALA I 153 33.58 40.32 -30.66
C ALA I 153 34.45 39.12 -30.96
N ARG I 154 35.59 39.02 -30.29
CA ARG I 154 36.49 37.88 -30.47
C ARG I 154 35.83 36.60 -29.99
N GLU I 155 35.02 36.68 -28.93
CA GLU I 155 34.37 35.49 -28.38
C GLU I 155 33.32 34.96 -29.34
N ILE I 156 32.45 35.84 -29.84
CA ILE I 156 31.42 35.38 -30.79
C ILE I 156 32.06 34.92 -32.09
N LEU I 157 33.25 35.42 -32.43
CA LEU I 157 33.91 34.97 -33.64
C LEU I 157 34.39 33.53 -33.49
N LYS I 158 34.87 33.18 -32.30
CA LYS I 158 35.30 31.81 -32.05
C LYS I 158 34.11 30.85 -32.14
N VAL I 159 32.96 31.28 -31.63
CA VAL I 159 31.75 30.45 -31.69
C VAL I 159 31.36 30.21 -33.14
N LYS I 160 31.38 31.27 -33.95
CA LYS I 160 31.05 31.13 -35.37
C LYS I 160 31.99 30.14 -36.04
N GLY I 161 33.27 30.21 -35.72
CA GLY I 161 34.23 29.27 -36.26
C GLY I 161 34.02 27.87 -35.69
N ARG I 162 33.72 27.80 -34.38
CA ARG I 162 33.50 26.52 -33.73
C ARG I 162 32.23 25.86 -34.22
N MET I 163 31.17 26.65 -34.43
CA MET I 163 29.91 26.08 -34.90
C MET I 163 30.02 25.58 -36.33
N ASN I 164 30.90 26.18 -37.13
CA ASN I 164 31.07 25.75 -38.51
C ASN I 164 31.90 24.48 -38.60
N GLU I 165 32.89 24.33 -37.72
CA GLU I 165 33.72 23.12 -37.73
C GLU I 165 32.89 21.88 -37.43
N LEU I 166 32.02 21.96 -36.42
CA LEU I 166 31.20 20.82 -36.07
C LEU I 166 30.14 20.54 -37.13
N MET I 167 29.61 21.59 -37.75
CA MET I 167 28.60 21.41 -38.80
C MET I 167 29.19 20.63 -39.96
N ALA I 168 30.45 20.91 -40.30
CA ALA I 168 31.12 20.20 -41.39
C ALA I 168 31.39 18.75 -41.02
N LEU I 169 31.71 18.51 -39.75
CA LEU I 169 32.03 17.16 -39.29
C LEU I 169 30.87 16.20 -39.49
N HIS I 170 29.65 16.62 -39.14
CA HIS I 170 28.50 15.73 -39.26
C HIS I 170 27.92 15.74 -40.67
N THR I 171 27.90 16.91 -41.33
CA THR I 171 27.36 16.98 -42.68
C THR I 171 28.34 16.45 -43.73
N GLY I 172 29.63 16.37 -43.40
CA GLY I 172 30.63 15.90 -44.33
C GLY I 172 31.15 16.94 -45.30
N GLN I 173 30.48 18.08 -45.42
CA GLN I 173 30.93 19.14 -46.32
C GLN I 173 32.24 19.73 -45.82
N SER I 174 32.82 20.61 -46.64
CA SER I 174 34.06 21.27 -46.30
C SER I 174 33.77 22.52 -45.46
N LEU I 175 34.77 22.94 -44.68
CA LEU I 175 34.60 24.12 -43.84
C LEU I 175 34.36 25.38 -44.68
N GLU I 176 34.96 25.45 -45.86
CA GLU I 176 34.77 26.63 -46.71
C GLU I 176 33.35 26.69 -47.26
N GLN I 177 32.73 25.54 -47.53
CA GLN I 177 31.37 25.54 -48.06
C GLN I 177 30.37 25.97 -47.01
N ILE I 178 30.54 25.51 -45.77
CA ILE I 178 29.63 25.89 -44.70
C ILE I 178 29.73 27.38 -44.41
N GLU I 179 30.93 27.94 -44.49
CA GLU I 179 31.11 29.37 -44.21
C GLU I 179 30.38 30.22 -45.24
N ARG I 180 30.48 29.85 -46.52
CA ARG I 180 29.81 30.61 -47.57
C ARG I 180 28.29 30.51 -47.44
N ASP I 181 27.78 29.31 -47.12
CA ASP I 181 26.35 29.10 -47.02
C ASP I 181 25.74 29.67 -45.73
N THR I 182 26.53 29.81 -44.66
CA THR I 182 26.03 30.32 -43.39
C THR I 182 26.32 31.80 -43.17
N GLU I 183 26.91 32.49 -44.16
CA GLU I 183 27.16 33.92 -43.99
C GLU I 183 25.86 34.69 -43.86
N ARG I 184 24.79 34.22 -44.50
CA ARG I 184 23.48 34.84 -44.46
C ARG I 184 22.43 33.75 -44.29
N ASP I 185 21.19 34.17 -44.07
CA ASP I 185 20.11 33.22 -43.89
C ASP I 185 19.95 32.37 -45.14
N ARG I 186 19.83 31.06 -44.96
CA ARG I 186 19.70 30.11 -46.05
C ARG I 186 18.67 29.05 -45.68
N PHE I 187 17.57 29.02 -46.41
CA PHE I 187 16.50 28.05 -46.17
C PHE I 187 16.72 26.82 -47.03
N LEU I 188 16.54 25.64 -46.42
CA LEU I 188 16.72 24.37 -47.11
C LEU I 188 15.50 23.50 -46.89
N SER I 189 14.85 23.11 -47.98
CA SER I 189 13.68 22.25 -47.90
C SER I 189 14.11 20.84 -47.47
N ALA I 190 13.11 19.99 -47.23
CA ALA I 190 13.42 18.63 -46.80
C ALA I 190 14.19 17.83 -47.84
N PRO I 191 13.90 17.89 -49.15
CA PRO I 191 14.72 17.13 -50.10
C PRO I 191 16.16 17.63 -50.16
N GLU I 192 16.35 18.95 -50.13
CA GLU I 192 17.70 19.51 -50.20
C GLU I 192 18.53 19.12 -48.99
N ALA I 193 17.89 18.88 -47.84
CA ALA I 193 18.64 18.50 -46.65
C ALA I 193 19.34 17.15 -46.84
N VAL I 194 18.71 16.25 -47.58
CA VAL I 194 19.32 14.95 -47.84
C VAL I 194 20.55 15.11 -48.72
N GLU I 195 20.41 15.89 -49.80
CA GLU I 195 21.53 16.14 -50.70
C GLU I 195 22.66 16.87 -50.00
N TYR I 196 22.36 17.65 -48.96
CA TYR I 196 23.36 18.41 -48.23
C TYR I 196 24.03 17.61 -47.11
N GLY I 197 23.62 16.37 -46.89
CA GLY I 197 24.22 15.57 -45.84
C GLY I 197 23.72 15.87 -44.44
N LEU I 198 22.77 16.79 -44.30
CA LEU I 198 22.27 17.15 -42.98
C LEU I 198 21.45 16.03 -42.36
N VAL I 199 20.70 15.28 -43.17
CA VAL I 199 19.87 14.17 -42.70
C VAL I 199 20.15 12.95 -43.56
N ASP I 200 19.54 11.83 -43.17
CA ASP I 200 19.72 10.56 -43.86
C ASP I 200 18.57 10.16 -44.75
N SER I 201 17.32 10.37 -44.33
CA SER I 201 16.17 9.99 -45.14
C SER I 201 14.97 10.81 -44.71
N ILE I 202 13.81 10.50 -45.32
CA ILE I 202 12.55 11.16 -45.03
C ILE I 202 11.53 10.10 -44.66
N LEU I 203 10.74 10.38 -43.61
CA LEU I 203 9.69 9.47 -43.15
C LEU I 203 8.35 9.89 -43.76
N THR I 204 8.20 9.61 -45.05
CA THR I 204 6.98 9.98 -45.76
C THR I 204 5.78 9.22 -45.20
N HIS I 205 5.81 7.89 -45.28
CA HIS I 205 4.75 7.03 -44.81
C HIS I 205 5.32 5.95 -43.91
N ARG I 206 4.42 5.25 -43.22
CA ARG I 206 4.80 4.18 -42.31
C ARG I 206 4.87 2.87 -43.09
N ASN I 207 5.94 2.11 -42.86
CA ASN I 207 6.16 0.83 -43.52
C ASN I 207 6.46 -0.26 -42.51
N LEU J 16 -11.43 27.20 -15.31
CA LEU J 16 -11.74 25.94 -14.59
C LEU J 16 -12.27 24.89 -15.54
N VAL J 17 -11.96 23.62 -15.26
CA VAL J 17 -12.39 22.49 -16.06
C VAL J 17 -13.17 21.54 -15.14
N PRO J 18 -14.42 21.17 -15.45
CA PRO J 18 -15.12 20.24 -14.56
C PRO J 18 -14.54 18.83 -14.61
N MET J 19 -14.72 18.12 -13.50
CA MET J 19 -14.26 16.75 -13.35
C MET J 19 -15.45 15.81 -13.43
N VAL J 20 -15.28 14.68 -14.12
CA VAL J 20 -16.32 13.67 -14.28
C VAL J 20 -15.80 12.34 -13.76
N ILE J 21 -16.74 11.42 -13.51
CA ILE J 21 -16.44 10.09 -13.00
C ILE J 21 -16.83 9.06 -14.06
N GLU J 22 -15.91 8.16 -14.38
CA GLU J 22 -16.13 7.08 -15.32
C GLU J 22 -16.33 5.79 -14.55
N GLN J 23 -17.39 5.05 -14.88
CA GLN J 23 -17.70 3.79 -14.23
C GLN J 23 -17.04 2.65 -14.99
N THR J 24 -16.09 1.97 -14.36
CA THR J 24 -15.38 0.85 -14.95
C THR J 24 -15.53 -0.37 -14.06
N SER J 25 -15.16 -1.53 -14.61
CA SER J 25 -15.27 -2.78 -13.85
C SER J 25 -14.32 -2.78 -12.66
N ARG J 26 -13.11 -2.25 -12.85
CA ARG J 26 -12.14 -2.22 -11.76
C ARG J 26 -12.61 -1.31 -10.63
N GLY J 27 -13.06 -0.11 -10.97
CA GLY J 27 -13.53 0.83 -9.97
C GLY J 27 -13.77 2.18 -10.59
N GLU J 28 -14.17 3.12 -9.74
CA GLU J 28 -14.45 4.47 -10.19
C GLU J 28 -13.14 5.23 -10.41
N ARG J 29 -13.15 6.11 -11.41
CA ARG J 29 -12.00 6.91 -11.76
C ARG J 29 -12.43 8.34 -12.04
N SER J 30 -11.66 9.30 -11.53
CA SER J 30 -11.94 10.72 -11.71
C SER J 30 -11.11 11.23 -12.88
N PHE J 31 -11.77 11.72 -13.92
CA PHE J 31 -11.12 12.25 -15.12
C PHE J 31 -11.65 13.63 -15.44
N ASP J 32 -10.80 14.43 -16.07
CA ASP J 32 -11.21 15.75 -16.50
C ASP J 32 -12.01 15.61 -17.80
N ILE J 33 -12.76 16.67 -18.13
CA ILE J 33 -13.62 16.62 -19.32
C ILE J 33 -12.81 16.39 -20.59
N TYR J 34 -11.59 16.95 -20.65
CA TYR J 34 -10.78 16.76 -21.85
C TYR J 34 -10.14 15.38 -21.88
N SER J 35 -9.75 14.85 -20.72
CA SER J 35 -9.11 13.54 -20.68
C SER J 35 -10.14 12.43 -20.92
N ARG J 36 -11.39 12.67 -20.54
CA ARG J 36 -12.43 11.67 -20.76
C ARG J 36 -12.63 11.45 -22.25
N LEU J 37 -12.73 12.54 -23.01
CA LEU J 37 -12.91 12.43 -24.46
C LEU J 37 -11.68 11.87 -25.14
N LEU J 38 -10.49 12.15 -24.61
CA LEU J 38 -9.27 11.62 -25.23
C LEU J 38 -9.25 10.11 -25.20
N LYS J 39 -9.83 9.50 -24.16
CA LYS J 39 -9.87 8.05 -24.06
C LYS J 39 -10.68 7.44 -25.20
N GLU J 40 -11.61 8.21 -25.78
CA GLU J 40 -12.45 7.76 -26.88
C GLU J 40 -11.91 8.17 -28.24
N ARG J 41 -10.61 8.47 -28.35
CA ARG J 41 -10.00 8.86 -29.62
C ARG J 41 -10.59 10.18 -30.14
N VAL J 42 -10.61 11.18 -29.27
CA VAL J 42 -11.16 12.50 -29.59
C VAL J 42 -10.13 13.56 -29.19
N ILE J 43 -9.80 14.44 -30.13
CA ILE J 43 -8.82 15.51 -29.94
C ILE J 43 -9.51 16.84 -30.16
N PHE J 44 -9.14 17.83 -29.35
CA PHE J 44 -9.69 19.17 -29.43
C PHE J 44 -8.62 20.14 -29.93
N LEU J 45 -8.97 20.95 -30.93
CA LEU J 45 -8.09 21.97 -31.50
C LEU J 45 -8.77 23.31 -31.25
N THR J 46 -8.32 24.02 -30.21
CA THR J 46 -8.89 25.30 -29.82
C THR J 46 -7.84 26.40 -29.85
N GLY J 47 -8.29 27.61 -30.22
CA GLY J 47 -7.46 28.78 -30.27
C GLY J 47 -6.48 28.82 -31.43
N GLN J 48 -5.55 29.76 -31.32
CA GLN J 48 -4.53 29.96 -32.33
C GLN J 48 -3.58 28.78 -32.39
N VAL J 49 -3.10 28.48 -33.60
CA VAL J 49 -2.18 27.38 -33.82
C VAL J 49 -0.77 27.93 -33.59
N GLU J 50 -0.11 27.40 -32.56
CA GLU J 50 1.23 27.80 -32.16
C GLU J 50 2.09 26.56 -31.96
N ASP J 51 3.35 26.79 -31.62
CA ASP J 51 4.31 25.70 -31.43
C ASP J 51 3.96 24.82 -30.23
N HIS J 52 3.41 25.39 -29.16
CA HIS J 52 3.13 24.59 -27.96
C HIS J 52 1.87 23.75 -28.13
N MET J 53 0.78 24.36 -28.59
CA MET J 53 -0.46 23.60 -28.76
C MET J 53 -0.31 22.54 -29.84
N ALA J 54 0.46 22.82 -30.89
CA ALA J 54 0.63 21.85 -31.97
C ALA J 54 1.45 20.66 -31.51
N ASN J 55 2.50 20.91 -30.73
CA ASN J 55 3.33 19.80 -30.23
C ASN J 55 2.55 18.90 -29.29
N LEU J 56 1.46 19.40 -28.70
CA LEU J 56 0.65 18.58 -27.79
C LEU J 56 -0.27 17.65 -28.57
N ILE J 57 -0.80 18.12 -29.69
CA ILE J 57 -1.70 17.29 -30.50
C ILE J 57 -0.94 16.14 -31.14
N VAL J 58 0.32 16.36 -31.53
CA VAL J 58 1.11 15.30 -32.14
C VAL J 58 1.31 14.15 -31.17
N ALA J 59 1.57 14.47 -29.90
CA ALA J 59 1.76 13.43 -28.90
C ALA J 59 0.48 12.63 -28.68
N GLN J 60 -0.68 13.29 -28.81
CA GLN J 60 -1.94 12.58 -28.62
C GLN J 60 -2.21 11.63 -29.78
N MET J 61 -1.95 12.08 -31.01
CA MET J 61 -2.17 11.23 -32.17
C MET J 61 -1.26 10.01 -32.12
N LEU J 62 0.01 10.21 -31.79
CA LEU J 62 0.95 9.10 -31.71
C LEU J 62 0.55 8.13 -30.62
N PHE J 63 0.05 8.64 -29.48
CA PHE J 63 -0.37 7.79 -28.38
C PHE J 63 -1.55 6.93 -28.79
N LEU J 64 -2.50 7.50 -29.53
CA LEU J 64 -3.67 6.74 -29.95
C LEU J 64 -3.29 5.71 -31.01
N GLU J 65 -2.29 6.00 -31.83
CA GLU J 65 -1.85 5.07 -32.86
C GLU J 65 -1.38 3.76 -32.23
N ALA J 66 -0.57 3.87 -31.17
CA ALA J 66 -0.08 2.67 -30.50
C ALA J 66 -1.18 1.92 -29.78
N GLU J 67 -2.11 2.65 -29.16
CA GLU J 67 -3.21 2.01 -28.44
C GLU J 67 -4.10 1.22 -29.40
N ASN J 68 -4.43 1.81 -30.54
CA ASN J 68 -5.26 1.12 -31.53
C ASN J 68 -4.96 1.68 -32.93
N PRO J 69 -4.36 0.90 -33.84
CA PRO J 69 -4.12 1.42 -35.21
C PRO J 69 -5.25 1.22 -36.21
N GLU J 70 -6.36 0.58 -35.83
CA GLU J 70 -7.48 0.33 -36.75
C GLU J 70 -8.73 1.13 -36.45
N LYS J 71 -8.75 1.97 -35.42
CA LYS J 71 -9.92 2.76 -35.06
C LYS J 71 -9.76 4.20 -35.50
N ASP J 72 -10.83 4.77 -36.04
CA ASP J 72 -10.81 6.14 -36.52
C ASP J 72 -10.65 7.14 -35.38
N ILE J 73 -9.93 8.21 -35.66
CA ILE J 73 -9.68 9.29 -34.71
C ILE J 73 -10.62 10.44 -35.06
N TYR J 74 -11.09 11.15 -34.03
CA TYR J 74 -11.98 12.30 -34.20
C TYR J 74 -11.20 13.55 -33.85
N LEU J 75 -11.17 14.49 -34.80
CA LEU J 75 -10.45 15.76 -34.66
C LEU J 75 -11.41 16.92 -34.83
N TYR J 76 -11.66 17.66 -33.74
CA TYR J 76 -12.54 18.81 -33.78
C TYR J 76 -11.69 20.05 -34.00
N ILE J 77 -12.03 20.82 -35.03
CA ILE J 77 -11.26 22.01 -35.41
C ILE J 77 -12.12 23.25 -35.26
N ASN J 78 -11.76 24.12 -34.32
CA ASN J 78 -12.40 25.41 -34.08
C ASN J 78 -11.23 26.34 -33.74
N SER J 79 -10.72 27.04 -34.75
CA SER J 79 -9.57 27.90 -34.53
C SER J 79 -9.52 28.99 -35.59
N PRO J 80 -9.00 30.17 -35.28
CA PRO J 80 -8.86 31.23 -36.29
C PRO J 80 -7.57 31.16 -37.09
N GLY J 81 -6.85 30.04 -37.02
CA GLY J 81 -5.59 29.86 -37.70
C GLY J 81 -4.42 30.36 -36.87
N GLY J 82 -3.25 30.35 -37.50
CA GLY J 82 -2.04 30.78 -36.82
C GLY J 82 -0.77 30.60 -37.62
N VAL J 83 0.27 30.11 -36.96
CA VAL J 83 1.56 29.90 -37.61
C VAL J 83 1.45 28.76 -38.62
N ILE J 84 2.14 28.91 -39.75
CA ILE J 84 2.10 27.91 -40.80
C ILE J 84 2.97 26.71 -40.44
N THR J 85 4.23 26.97 -40.03
CA THR J 85 5.15 25.89 -39.71
C THR J 85 4.61 25.00 -38.58
N ALA J 86 3.85 25.56 -37.65
CA ALA J 86 3.29 24.76 -36.58
C ALA J 86 2.22 23.82 -37.10
N GLY J 87 1.46 24.27 -38.11
CA GLY J 87 0.40 23.44 -38.66
C GLY J 87 0.88 22.35 -39.59
N MET J 88 1.97 22.60 -40.32
CA MET J 88 2.45 21.58 -41.25
C MET J 88 3.00 20.36 -40.55
N SER J 89 3.42 20.49 -39.29
CA SER J 89 3.89 19.32 -38.56
C SER J 89 2.75 18.35 -38.28
N ILE J 90 1.54 18.89 -38.08
CA ILE J 90 0.38 18.06 -37.84
C ILE J 90 -0.11 17.41 -39.13
N TYR J 91 0.00 18.12 -40.24
CA TYR J 91 -0.45 17.59 -41.53
C TYR J 91 0.32 16.32 -41.89
N ASP J 92 1.65 16.36 -41.78
CA ASP J 92 2.44 15.19 -42.12
C ASP J 92 2.15 14.04 -41.17
N THR J 93 1.84 14.34 -39.91
CA THR J 93 1.53 13.29 -38.96
C THR J 93 0.23 12.59 -39.31
N MET J 94 -0.80 13.36 -39.69
CA MET J 94 -2.08 12.77 -40.06
C MET J 94 -1.95 11.84 -41.26
N GLN J 95 -1.10 12.20 -42.22
CA GLN J 95 -0.90 11.37 -43.40
C GLN J 95 0.03 10.20 -43.13
N PHE J 96 0.97 10.36 -42.19
CA PHE J 96 1.92 9.31 -41.89
C PHE J 96 1.25 8.12 -41.20
N ILE J 97 0.52 8.38 -40.11
CA ILE J 97 -0.12 7.31 -39.37
C ILE J 97 -1.21 6.64 -40.20
N LYS J 98 -1.43 5.36 -39.93
CA LYS J 98 -2.42 4.53 -40.61
C LYS J 98 -3.88 4.86 -40.29
N PRO J 99 -4.26 5.12 -39.03
CA PRO J 99 -5.69 5.39 -38.75
C PRO J 99 -6.23 6.59 -39.49
N ASP J 100 -7.53 6.51 -39.80
CA ASP J 100 -8.22 7.58 -40.50
C ASP J 100 -8.63 8.65 -39.51
N VAL J 101 -8.08 9.85 -39.67
CA VAL J 101 -8.35 10.97 -38.77
C VAL J 101 -9.59 11.70 -39.30
N SER J 102 -10.72 11.47 -38.64
CA SER J 102 -11.95 12.15 -39.02
C SER J 102 -11.89 13.58 -38.52
N THR J 103 -12.32 14.51 -39.37
CA THR J 103 -12.29 15.94 -39.07
C THR J 103 -13.69 16.53 -39.10
N ILE J 104 -13.94 17.46 -38.18
CA ILE J 104 -15.22 18.15 -38.06
C ILE J 104 -14.92 19.64 -37.88
N CYS J 105 -15.70 20.49 -38.54
CA CYS J 105 -15.54 21.93 -38.46
C CYS J 105 -16.61 22.50 -37.54
N MET J 106 -16.17 23.18 -36.47
CA MET J 106 -17.05 23.79 -35.49
C MET J 106 -16.74 25.27 -35.39
N GLY J 107 -17.73 26.11 -35.65
CA GLY J 107 -17.55 27.54 -35.53
C GLY J 107 -16.86 28.22 -36.71
N GLN J 108 -15.56 27.99 -36.87
CA GLN J 108 -14.82 28.63 -37.94
C GLN J 108 -13.58 27.82 -38.28
N ALA J 109 -13.10 28.01 -39.51
CA ALA J 109 -11.92 27.33 -40.02
C ALA J 109 -11.17 28.32 -40.90
N ALA J 110 -10.06 28.85 -40.40
CA ALA J 110 -9.26 29.82 -41.15
C ALA J 110 -8.32 29.09 -42.10
N SER J 111 -7.40 29.85 -42.71
CA SER J 111 -6.42 29.33 -43.66
C SER J 111 -5.78 28.03 -43.21
N MET J 112 -5.16 28.03 -42.03
CA MET J 112 -4.51 26.82 -41.54
C MET J 112 -5.53 25.85 -40.93
N GLY J 113 -6.58 26.37 -40.29
CA GLY J 113 -7.59 25.48 -39.75
C GLY J 113 -8.32 24.73 -40.84
N ALA J 114 -8.51 25.38 -41.99
CA ALA J 114 -9.17 24.74 -43.13
C ALA J 114 -8.25 23.72 -43.78
N PHE J 115 -6.94 23.96 -43.78
CA PHE J 115 -6.02 23.04 -44.42
C PHE J 115 -5.99 21.70 -43.68
N LEU J 116 -6.08 21.74 -42.34
CA LEU J 116 -6.12 20.49 -41.60
C LEU J 116 -7.48 19.81 -41.73
N LEU J 117 -8.52 20.60 -41.99
CA LEU J 117 -9.85 20.03 -42.18
C LEU J 117 -9.92 19.19 -43.44
N THR J 118 -9.53 19.79 -44.58
CA THR J 118 -9.54 19.07 -45.85
C THR J 118 -8.47 17.98 -45.90
N ALA J 119 -7.45 18.06 -45.05
CA ALA J 119 -6.41 17.05 -45.04
C ALA J 119 -6.85 15.75 -44.39
N GLY J 120 -8.06 15.69 -43.82
CA GLY J 120 -8.56 14.49 -43.19
C GLY J 120 -8.76 13.36 -44.17
N ALA J 121 -9.14 12.20 -43.66
CA ALA J 121 -9.36 11.04 -44.52
C ALA J 121 -10.54 11.29 -45.47
N LYS J 122 -10.38 10.87 -46.71
CA LYS J 122 -11.41 11.06 -47.71
C LYS J 122 -12.65 10.26 -47.33
N GLY J 123 -13.82 10.93 -47.39
CA GLY J 123 -15.07 10.31 -47.04
C GLY J 123 -15.46 10.41 -45.58
N LYS J 124 -14.57 10.91 -44.72
CA LYS J 124 -14.82 11.05 -43.29
C LYS J 124 -14.62 12.50 -42.84
N ARG J 125 -14.96 13.45 -43.69
CA ARG J 125 -14.85 14.87 -43.40
C ARG J 125 -16.24 15.47 -43.39
N PHE J 126 -16.57 16.18 -42.31
CA PHE J 126 -17.88 16.80 -42.17
C PHE J 126 -17.73 18.23 -41.66
N CYS J 127 -18.77 19.02 -41.90
CA CYS J 127 -18.84 20.41 -41.49
C CYS J 127 -20.23 20.67 -40.94
N LEU J 128 -20.31 21.42 -39.85
CA LEU J 128 -21.60 21.71 -39.24
C LEU J 128 -22.42 22.65 -40.13
N PRO J 129 -23.75 22.64 -39.97
CA PRO J 129 -24.59 23.46 -40.87
C PRO J 129 -24.34 24.96 -40.81
N ASN J 130 -23.85 25.50 -39.69
CA ASN J 130 -23.60 26.93 -39.56
C ASN J 130 -22.13 27.28 -39.49
N SER J 131 -21.23 26.33 -39.77
CA SER J 131 -19.82 26.62 -39.76
C SER J 131 -19.45 27.49 -40.95
N ARG J 132 -18.24 28.05 -40.91
CA ARG J 132 -17.73 28.90 -41.98
C ARG J 132 -16.26 28.65 -42.16
N VAL J 133 -15.83 28.56 -43.41
CA VAL J 133 -14.43 28.32 -43.76
C VAL J 133 -13.88 29.56 -44.45
N MET J 134 -12.62 29.87 -44.17
CA MET J 134 -11.92 31.01 -44.74
C MET J 134 -10.55 30.57 -45.20
N ILE J 135 -10.14 31.01 -46.40
CA ILE J 135 -8.85 30.66 -46.96
C ILE J 135 -8.23 31.89 -47.59
N HIS J 136 -6.91 32.06 -47.39
CA HIS J 136 -6.17 33.17 -47.97
C HIS J 136 -4.73 32.71 -48.17
N GLN J 137 -3.86 33.65 -48.57
CA GLN J 137 -2.47 33.32 -48.83
C GLN J 137 -1.63 33.49 -47.57
N PRO J 138 -0.42 32.91 -47.53
CA PRO J 138 0.42 33.07 -46.34
C PRO J 138 0.77 34.52 -46.07
N LEU J 139 0.88 34.85 -44.79
CA LEU J 139 1.23 36.19 -44.33
C LEU J 139 2.66 36.18 -43.79
N GLY J 140 3.35 37.29 -43.98
CA GLY J 140 4.70 37.40 -43.49
C GLY J 140 5.19 38.83 -43.49
N GLY J 141 6.51 38.97 -43.39
CA GLY J 141 7.15 40.26 -43.39
C GLY J 141 8.57 40.16 -42.91
N TYR J 142 9.37 41.15 -43.28
CA TYR J 142 10.76 41.20 -42.87
C TYR J 142 11.27 42.63 -42.95
N GLN J 143 12.28 42.92 -42.15
CA GLN J 143 12.90 44.25 -42.12
C GLN J 143 14.41 44.05 -42.11
N GLY J 144 15.10 44.65 -43.06
CA GLY J 144 16.54 44.53 -43.13
C GLY J 144 17.05 44.92 -44.50
N GLN J 145 18.23 44.40 -44.83
CA GLN J 145 18.85 44.69 -46.12
C GLN J 145 18.04 44.06 -47.24
N ALA J 146 18.25 44.59 -48.46
CA ALA J 146 17.53 44.07 -49.62
C ALA J 146 17.91 42.63 -49.92
N THR J 147 19.17 42.27 -49.65
CA THR J 147 19.60 40.89 -49.90
C THR J 147 18.86 39.90 -49.02
N ASP J 148 18.58 40.28 -47.77
CA ASP J 148 17.87 39.40 -46.86
C ASP J 148 16.38 39.32 -47.19
N ILE J 149 15.80 40.42 -47.68
CA ILE J 149 14.39 40.41 -48.04
C ILE J 149 14.14 39.46 -49.20
N GLU J 150 15.08 39.39 -50.15
CA GLU J 150 14.93 38.50 -51.28
C GLU J 150 14.94 37.04 -50.83
N ILE J 151 15.75 36.72 -49.83
CA ILE J 151 15.82 35.36 -49.32
C ILE J 151 14.51 34.96 -48.68
N HIS J 152 13.99 35.80 -47.77
CA HIS J 152 12.74 35.49 -47.11
C HIS J 152 11.56 35.61 -48.05
N ALA J 153 11.68 36.40 -49.12
CA ALA J 153 10.58 36.51 -50.07
C ALA J 153 10.46 35.25 -50.91
N ARG J 154 11.60 34.70 -51.34
CA ARG J 154 11.58 33.45 -52.11
C ARG J 154 11.06 32.30 -51.26
N GLU J 155 11.37 32.30 -49.96
CA GLU J 155 10.94 31.22 -49.09
C GLU J 155 9.43 31.23 -48.88
N ILE J 156 8.87 32.40 -48.57
CA ILE J 156 7.42 32.48 -48.35
C ILE J 156 6.66 32.21 -49.64
N LEU J 157 7.28 32.45 -50.80
CA LEU J 157 6.61 32.17 -52.06
C LEU J 157 6.51 30.66 -52.28
N LYS J 158 7.54 29.93 -51.88
CA LYS J 158 7.52 28.47 -52.02
C LYS J 158 6.44 27.85 -51.15
N VAL J 159 6.26 28.39 -49.94
CA VAL J 159 5.23 27.89 -49.04
C VAL J 159 3.86 28.08 -49.66
N LYS J 160 3.61 29.26 -50.23
CA LYS J 160 2.33 29.53 -50.88
C LYS J 160 2.09 28.53 -52.00
N GLY J 161 3.13 28.24 -52.79
CA GLY J 161 2.99 27.26 -53.85
C GLY J 161 2.75 25.87 -53.32
N ARG J 162 3.44 25.52 -52.23
CA ARG J 162 3.30 24.19 -51.63
C ARG J 162 1.92 24.02 -51.02
N MET J 163 1.39 25.06 -50.38
CA MET J 163 0.08 24.96 -49.75
C MET J 163 -1.02 24.83 -50.79
N ASN J 164 -0.82 25.37 -51.99
CA ASN J 164 -1.83 25.26 -53.03
C ASN J 164 -1.82 23.88 -53.67
N GLU J 165 -0.64 23.27 -53.80
CA GLU J 165 -0.54 21.94 -54.39
C GLU J 165 -1.27 20.92 -53.54
N LEU J 166 -1.07 20.97 -52.21
CA LEU J 166 -1.72 20.01 -51.33
C LEU J 166 -3.21 20.29 -51.23
N MET J 167 -3.62 21.55 -51.27
CA MET J 167 -5.03 21.89 -51.22
C MET J 167 -5.78 21.29 -52.41
N ALA J 168 -5.14 21.31 -53.59
CA ALA J 168 -5.76 20.74 -54.78
C ALA J 168 -5.84 19.23 -54.68
N LEU J 169 -4.83 18.60 -54.07
CA LEU J 169 -4.79 17.14 -53.95
C LEU J 169 -5.99 16.60 -53.17
N HIS J 170 -6.33 17.24 -52.05
CA HIS J 170 -7.44 16.74 -51.25
C HIS J 170 -8.79 17.26 -51.74
N THR J 171 -8.85 18.51 -52.18
CA THR J 171 -10.10 19.06 -52.68
C THR J 171 -10.43 18.59 -54.09
N GLY J 172 -9.44 18.11 -54.85
CA GLY J 172 -9.66 17.64 -56.20
C GLY J 172 -9.65 18.73 -57.25
N GLN J 173 -9.74 20.00 -56.86
CA GLN J 173 -9.73 21.08 -57.82
C GLN J 173 -8.36 21.19 -58.49
N SER J 174 -8.27 22.06 -59.49
CA SER J 174 -7.02 22.28 -60.20
C SER J 174 -6.16 23.30 -59.46
N LEU J 175 -4.86 23.24 -59.71
CA LEU J 175 -3.94 24.17 -59.04
C LEU J 175 -4.22 25.61 -59.44
N GLU J 176 -4.66 25.84 -60.68
CA GLU J 176 -4.94 27.20 -61.11
C GLU J 176 -6.17 27.77 -60.42
N GLN J 177 -7.15 26.93 -60.11
CA GLN J 177 -8.36 27.40 -59.46
C GLN J 177 -8.08 27.80 -58.01
N ILE J 178 -7.28 27.00 -57.30
CA ILE J 178 -6.96 27.30 -55.92
C ILE J 178 -6.15 28.59 -55.83
N GLU J 179 -5.25 28.82 -56.79
CA GLU J 179 -4.43 30.01 -56.75
C GLU J 179 -5.26 31.28 -56.91
N ARG J 180 -6.22 31.28 -57.82
CA ARG J 180 -7.05 32.46 -58.04
C ARG J 180 -7.93 32.76 -56.83
N ASP J 181 -8.48 31.71 -56.22
CA ASP J 181 -9.37 31.89 -55.07
C ASP J 181 -8.65 32.27 -53.79
N THR J 182 -7.34 31.98 -53.67
CA THR J 182 -6.59 32.27 -52.46
C THR J 182 -5.81 33.57 -52.53
N GLU J 183 -5.96 34.36 -53.59
CA GLU J 183 -5.25 35.63 -53.65
C GLU J 183 -5.72 36.58 -52.55
N ARG J 184 -6.98 36.48 -52.16
CA ARG J 184 -7.57 37.28 -51.11
C ARG J 184 -8.45 36.39 -50.24
N ASP J 185 -8.92 36.95 -49.13
CA ASP J 185 -9.78 36.19 -48.23
C ASP J 185 -11.04 35.75 -48.95
N ARG J 186 -11.42 34.48 -48.77
CA ARG J 186 -12.60 33.91 -49.41
C ARG J 186 -13.35 33.08 -48.39
N PHE J 187 -14.57 33.50 -48.07
CA PHE J 187 -15.40 32.79 -47.10
C PHE J 187 -16.30 31.79 -47.83
N LEU J 188 -16.40 30.59 -47.27
CA LEU J 188 -17.22 29.51 -47.84
C LEU J 188 -18.12 28.96 -46.75
N SER J 189 -19.43 29.02 -46.97
CA SER J 189 -20.39 28.49 -46.00
C SER J 189 -20.34 26.96 -46.03
N ALA J 190 -21.10 26.34 -45.14
CA ALA J 190 -21.09 24.88 -45.07
C ALA J 190 -21.60 24.19 -46.34
N PRO J 191 -22.68 24.65 -47.00
CA PRO J 191 -23.08 23.96 -48.23
C PRO J 191 -22.08 24.13 -49.36
N GLU J 192 -21.51 25.33 -49.51
CA GLU J 192 -20.55 25.57 -50.57
C GLU J 192 -19.29 24.73 -50.39
N ALA J 193 -18.94 24.42 -49.15
CA ALA J 193 -17.74 23.62 -48.91
C ALA J 193 -17.91 22.22 -49.48
N VAL J 194 -19.12 21.67 -49.44
CA VAL J 194 -19.37 20.34 -49.99
C VAL J 194 -19.20 20.38 -51.51
N GLU J 195 -19.80 21.38 -52.16
CA GLU J 195 -19.68 21.52 -53.60
C GLU J 195 -18.24 21.78 -54.04
N TYR J 196 -17.43 22.36 -53.16
CA TYR J 196 -16.04 22.66 -53.45
C TYR J 196 -15.10 21.48 -53.22
N GLY J 197 -15.60 20.35 -52.73
CA GLY J 197 -14.75 19.21 -52.47
C GLY J 197 -13.97 19.29 -51.18
N LEU J 198 -14.16 20.35 -50.38
CA LEU J 198 -13.43 20.49 -49.13
C LEU J 198 -13.89 19.47 -48.10
N VAL J 199 -15.19 19.19 -48.07
CA VAL J 199 -15.78 18.21 -47.14
C VAL J 199 -16.70 17.30 -47.93
N ASP J 200 -17.22 16.29 -47.23
CA ASP J 200 -18.10 15.28 -47.83
C ASP J 200 -19.58 15.47 -47.52
N SER J 201 -19.94 15.81 -46.29
CA SER J 201 -21.34 15.98 -45.94
C SER J 201 -21.46 16.86 -44.71
N ILE J 202 -22.70 17.01 -44.23
CA ILE J 202 -23.02 17.82 -43.05
C ILE J 202 -23.78 16.94 -42.06
N LEU J 203 -23.42 17.06 -40.78
CA LEU J 203 -24.06 16.30 -39.70
C LEU J 203 -25.16 17.16 -39.10
N THR J 204 -26.27 17.27 -39.83
CA THR J 204 -27.39 18.08 -39.38
C THR J 204 -28.01 17.53 -38.10
N HIS J 205 -28.48 16.28 -38.16
CA HIS J 205 -29.11 15.61 -37.03
C HIS J 205 -28.46 14.24 -36.81
N ARG J 206 -28.76 13.65 -35.67
CA ARG J 206 -28.23 12.35 -35.31
C ARG J 206 -29.14 11.25 -35.85
N ASN J 207 -28.53 10.23 -36.45
CA ASN J 207 -29.26 9.10 -37.03
C ASN J 207 -28.65 7.78 -36.58
N LEU K 16 -12.10 31.41 -6.00
CA LEU K 16 -12.23 30.13 -5.25
C LEU K 16 -13.61 29.50 -5.47
N VAL K 17 -13.66 28.18 -5.42
CA VAL K 17 -14.88 27.42 -5.61
C VAL K 17 -15.09 26.55 -4.37
N PRO K 18 -16.22 26.62 -3.68
CA PRO K 18 -16.40 25.76 -2.51
C PRO K 18 -16.55 24.30 -2.90
N MET K 19 -16.17 23.42 -1.99
CA MET K 19 -16.24 21.98 -2.19
C MET K 19 -17.40 21.41 -1.38
N VAL K 20 -18.13 20.48 -2.00
CA VAL K 20 -19.26 19.80 -1.37
C VAL K 20 -19.03 18.30 -1.45
N ILE K 21 -19.79 17.56 -0.64
CA ILE K 21 -19.70 16.11 -0.57
C ILE K 21 -21.02 15.51 -1.05
N GLU K 22 -20.92 14.53 -1.94
CA GLU K 22 -22.08 13.82 -2.48
C GLU K 22 -22.14 12.48 -1.78
N GLN K 23 -23.31 12.14 -1.25
CA GLN K 23 -23.49 10.88 -0.51
C GLN K 23 -23.94 9.80 -1.48
N THR K 24 -23.05 8.84 -1.73
CA THR K 24 -23.29 7.69 -2.59
C THR K 24 -23.57 6.48 -1.69
N SER K 25 -23.69 5.30 -2.30
CA SER K 25 -23.98 4.09 -1.55
C SER K 25 -22.92 3.83 -0.48
N ARG K 26 -21.66 3.70 -0.89
CA ARG K 26 -20.56 3.46 0.03
C ARG K 26 -19.37 4.34 -0.32
N GLY K 27 -19.62 5.61 -0.63
CA GLY K 27 -18.55 6.52 -0.98
C GLY K 27 -18.91 7.94 -0.63
N GLU K 28 -17.89 8.72 -0.27
CA GLU K 28 -18.04 10.13 0.07
C GLU K 28 -16.98 10.85 -0.77
N ARG K 29 -17.37 11.21 -1.99
CA ARG K 29 -16.50 11.90 -2.93
C ARG K 29 -16.57 13.41 -2.73
N SER K 30 -15.50 14.08 -3.10
CA SER K 30 -15.40 15.54 -3.01
C SER K 30 -15.45 16.09 -4.42
N PHE K 31 -16.47 16.91 -4.69
CA PHE K 31 -16.68 17.51 -5.98
C PHE K 31 -16.89 19.02 -5.84
N ASP K 32 -16.50 19.74 -6.88
CA ASP K 32 -16.72 21.18 -6.88
C ASP K 32 -18.18 21.45 -7.22
N ILE K 33 -18.63 22.67 -6.91
CA ILE K 33 -20.03 23.02 -7.14
C ILE K 33 -20.40 22.91 -8.61
N TYR K 34 -19.49 23.22 -9.52
CA TYR K 34 -19.80 23.11 -10.94
C TYR K 34 -19.85 21.66 -11.38
N SER K 35 -18.96 20.81 -10.84
CA SER K 35 -18.95 19.41 -11.21
C SER K 35 -20.14 18.67 -10.60
N ARG K 36 -20.57 19.10 -9.42
CA ARG K 36 -21.72 18.46 -8.77
C ARG K 36 -22.98 18.65 -9.62
N LEU K 37 -23.21 19.87 -10.08
CA LEU K 37 -24.38 20.14 -10.91
C LEU K 37 -24.27 19.46 -12.27
N LEU K 38 -23.05 19.27 -12.77
CA LEU K 38 -22.87 18.59 -14.05
C LEU K 38 -23.39 17.16 -13.97
N LYS K 39 -23.25 16.53 -12.80
CA LYS K 39 -23.75 15.18 -12.62
C LYS K 39 -25.27 15.10 -12.78
N GLU K 40 -25.97 16.21 -12.53
CA GLU K 40 -27.42 16.28 -12.64
C GLU K 40 -27.88 16.88 -13.96
N ARG K 41 -27.02 16.86 -14.99
CA ARG K 41 -27.38 17.37 -16.31
C ARG K 41 -27.69 18.87 -16.28
N VAL K 42 -26.75 19.64 -15.70
CA VAL K 42 -26.88 21.08 -15.58
C VAL K 42 -25.58 21.71 -16.06
N ILE K 43 -25.69 22.66 -17.00
CA ILE K 43 -24.55 23.36 -17.58
C ILE K 43 -24.70 24.84 -17.30
N PHE K 44 -23.57 25.50 -16.98
CA PHE K 44 -23.53 26.92 -16.68
C PHE K 44 -22.80 27.66 -17.79
N LEU K 45 -23.41 28.74 -18.28
CA LEU K 45 -22.82 29.59 -19.32
C LEU K 45 -22.69 30.98 -18.71
N THR K 46 -21.48 31.31 -18.26
CA THR K 46 -21.18 32.57 -17.60
C THR K 46 -20.11 33.34 -18.36
N GLY K 47 -20.24 34.67 -18.33
CA GLY K 47 -19.32 35.58 -18.97
C GLY K 47 -19.43 35.64 -20.48
N GLN K 48 -18.43 36.27 -21.08
CA GLN K 48 -18.39 36.45 -22.52
C GLN K 48 -18.21 35.11 -23.24
N VAL K 49 -18.83 35.02 -24.41
CA VAL K 49 -18.78 33.82 -25.23
C VAL K 49 -17.54 33.89 -26.11
N GLU K 50 -16.61 32.97 -25.88
CA GLU K 50 -15.35 32.89 -26.60
C GLU K 50 -15.15 31.44 -27.08
N ASP K 51 -14.04 31.23 -27.78
CA ASP K 51 -13.74 29.90 -28.32
C ASP K 51 -13.47 28.87 -27.23
N HIS K 52 -12.86 29.26 -26.12
CA HIS K 52 -12.52 28.28 -25.09
C HIS K 52 -13.73 27.87 -24.26
N MET K 53 -14.53 28.83 -23.80
CA MET K 53 -15.70 28.49 -23.00
C MET K 53 -16.73 27.73 -23.84
N ALA K 54 -16.87 28.07 -25.12
CA ALA K 54 -17.84 27.37 -25.96
C ALA K 54 -17.39 25.95 -26.24
N ASN K 55 -16.11 25.77 -26.57
CA ASN K 55 -15.61 24.42 -26.82
C ASN K 55 -15.64 23.55 -25.57
N LEU K 56 -15.68 24.17 -24.39
CA LEU K 56 -15.75 23.41 -23.14
C LEU K 56 -17.16 22.92 -22.89
N ILE K 57 -18.16 23.73 -23.23
CA ILE K 57 -19.55 23.34 -23.03
C ILE K 57 -19.91 22.21 -24.00
N VAL K 58 -19.31 22.21 -25.19
CA VAL K 58 -19.60 21.16 -26.17
C VAL K 58 -19.21 19.81 -25.61
N ALA K 59 -18.07 19.73 -24.93
CA ALA K 59 -17.65 18.47 -24.34
C ALA K 59 -18.61 18.02 -23.26
N GLN K 60 -19.20 18.96 -22.52
CA GLN K 60 -20.15 18.59 -21.47
C GLN K 60 -21.45 18.05 -22.08
N MET K 61 -21.95 18.72 -23.12
CA MET K 61 -23.17 18.26 -23.76
C MET K 61 -22.96 16.88 -24.38
N LEU K 62 -21.84 16.69 -25.08
CA LEU K 62 -21.55 15.39 -25.66
C LEU K 62 -21.40 14.33 -24.57
N PHE K 63 -20.75 14.70 -23.46
CA PHE K 63 -20.57 13.77 -22.36
C PHE K 63 -21.91 13.39 -21.74
N LEU K 64 -22.81 14.37 -21.59
CA LEU K 64 -24.12 14.09 -21.01
C LEU K 64 -24.98 13.28 -21.98
N GLU K 65 -24.79 13.48 -23.28
CA GLU K 65 -25.55 12.72 -24.27
C GLU K 65 -25.28 11.23 -24.12
N ALA K 66 -24.01 10.85 -23.95
CA ALA K 66 -23.68 9.44 -23.79
C ALA K 66 -24.19 8.90 -22.46
N GLU K 67 -24.10 9.70 -21.40
CA GLU K 67 -24.57 9.24 -20.10
C GLU K 67 -26.07 9.01 -20.10
N ASN K 68 -26.83 9.94 -20.68
CA ASN K 68 -28.28 9.79 -20.78
C ASN K 68 -28.82 10.57 -21.98
N PRO K 69 -29.36 9.92 -23.01
CA PRO K 69 -29.93 10.67 -24.15
C PRO K 69 -31.42 10.93 -24.05
N GLU K 70 -32.09 10.48 -22.99
CA GLU K 70 -33.53 10.64 -22.82
C GLU K 70 -33.91 11.61 -21.70
N LYS K 71 -32.94 12.18 -20.99
CA LYS K 71 -33.21 13.11 -19.90
C LYS K 71 -32.93 14.54 -20.34
N ASP K 72 -33.81 15.45 -19.94
CA ASP K 72 -33.67 16.85 -20.31
C ASP K 72 -32.44 17.48 -19.67
N ILE K 73 -31.81 18.38 -20.41
CA ILE K 73 -30.62 19.10 -19.97
C ILE K 73 -31.04 20.52 -19.57
N TYR K 74 -30.41 21.06 -18.53
CA TYR K 74 -30.70 22.40 -18.04
C TYR K 74 -29.50 23.28 -18.32
N LEU K 75 -29.73 24.39 -19.03
CA LEU K 75 -28.70 25.33 -19.41
C LEU K 75 -29.05 26.72 -18.88
N TYR K 76 -28.29 27.20 -17.91
CA TYR K 76 -28.49 28.54 -17.35
C TYR K 76 -27.55 29.48 -18.09
N ILE K 77 -28.10 30.54 -18.67
CA ILE K 77 -27.33 31.50 -19.45
C ILE K 77 -27.40 32.86 -18.78
N ASN K 78 -26.23 33.40 -18.45
CA ASN K 78 -26.06 34.74 -17.89
C ASN K 78 -24.78 35.23 -18.56
N SER K 79 -24.92 35.95 -19.67
CA SER K 79 -23.76 36.41 -20.42
C SER K 79 -24.08 37.66 -21.22
N PRO K 80 -23.12 38.58 -21.37
CA PRO K 80 -23.37 39.76 -22.20
C PRO K 80 -23.10 39.54 -23.68
N GLY K 81 -22.96 38.29 -24.11
CA GLY K 81 -22.68 37.94 -25.49
C GLY K 81 -21.19 37.92 -25.77
N GLY K 82 -20.89 37.74 -27.06
CA GLY K 82 -19.50 37.68 -27.49
C GLY K 82 -19.33 37.35 -28.95
N VAL K 83 -18.38 36.47 -29.26
CA VAL K 83 -18.13 36.09 -30.64
C VAL K 83 -19.31 35.28 -31.17
N ILE K 84 -19.64 35.49 -32.43
CA ILE K 84 -20.76 34.78 -33.05
C ILE K 84 -20.36 33.36 -33.42
N THR K 85 -19.21 33.18 -34.09
CA THR K 85 -18.78 31.86 -34.52
C THR K 85 -18.62 30.91 -33.34
N ALA K 86 -18.25 31.42 -32.17
CA ALA K 86 -18.14 30.56 -31.00
C ALA K 86 -19.51 30.09 -30.54
N GLY K 87 -20.52 30.94 -30.69
CA GLY K 87 -21.87 30.59 -30.26
C GLY K 87 -22.60 29.66 -31.19
N MET K 88 -22.34 29.75 -32.50
CA MET K 88 -23.05 28.89 -33.44
C MET K 88 -22.70 27.42 -33.26
N SER K 89 -21.54 27.11 -32.68
CA SER K 89 -21.21 25.71 -32.42
C SER K 89 -22.13 25.12 -31.38
N ILE K 90 -22.57 25.93 -30.43
CA ILE K 90 -23.47 25.47 -29.38
C ILE K 90 -24.88 25.31 -29.92
N TYR K 91 -25.30 26.22 -30.80
CA TYR K 91 -26.65 26.15 -31.37
C TYR K 91 -26.85 24.87 -32.17
N ASP K 92 -25.90 24.56 -33.06
CA ASP K 92 -26.02 23.34 -33.85
C ASP K 92 -25.94 22.10 -32.97
N THR K 93 -25.17 22.16 -31.89
CA THR K 93 -25.07 21.01 -31.00
C THR K 93 -26.38 20.74 -30.29
N MET K 94 -27.04 21.81 -29.81
CA MET K 94 -28.32 21.63 -29.13
C MET K 94 -29.36 21.03 -30.05
N GLN K 95 -29.35 21.41 -31.33
CA GLN K 95 -30.31 20.88 -32.28
C GLN K 95 -29.89 19.49 -32.78
N PHE K 96 -28.59 19.22 -32.82
CA PHE K 96 -28.12 17.93 -33.30
C PHE K 96 -28.48 16.81 -32.33
N ILE K 97 -28.11 16.97 -31.05
CA ILE K 97 -28.37 15.94 -30.06
C ILE K 97 -29.87 15.78 -29.85
N LYS K 98 -30.27 14.57 -29.48
CA LYS K 98 -31.65 14.20 -29.21
C LYS K 98 -32.26 14.82 -27.95
N PRO K 99 -31.56 14.89 -26.81
CA PRO K 99 -32.19 15.46 -25.61
C PRO K 99 -32.63 16.90 -25.79
N ASP K 100 -33.70 17.26 -25.07
CA ASP K 100 -34.23 18.61 -25.10
C ASP K 100 -33.43 19.46 -24.13
N VAL K 101 -32.74 20.47 -24.65
CA VAL K 101 -31.91 21.36 -23.84
C VAL K 101 -32.79 22.49 -23.34
N SER K 102 -33.18 22.42 -22.07
CA SER K 102 -33.98 23.48 -21.48
C SER K 102 -33.06 24.66 -21.17
N THR K 103 -33.54 25.86 -21.48
CA THR K 103 -32.77 27.08 -21.29
C THR K 103 -33.47 28.02 -20.32
N ILE K 104 -32.67 28.70 -19.50
CA ILE K 104 -33.15 29.64 -18.50
C ILE K 104 -32.29 30.89 -18.57
N CYS K 105 -32.93 32.06 -18.46
CA CYS K 105 -32.24 33.34 -18.50
C CYS K 105 -32.14 33.88 -17.08
N MET K 106 -30.90 34.12 -16.63
CA MET K 106 -30.62 34.65 -15.31
C MET K 106 -29.81 35.92 -15.46
N GLY K 107 -30.33 37.03 -14.95
CA GLY K 107 -29.64 38.29 -15.03
C GLY K 107 -29.76 38.99 -16.36
N GLN K 108 -29.13 38.46 -17.40
CA GLN K 108 -29.19 39.10 -18.71
C GLN K 108 -28.90 38.07 -19.80
N ALA K 109 -29.38 38.38 -21.00
CA ALA K 109 -29.19 37.55 -22.18
C ALA K 109 -29.03 38.48 -23.37
N ALA K 110 -27.81 38.57 -23.90
CA ALA K 110 -27.52 39.47 -25.01
C ALA K 110 -27.86 38.76 -26.34
N SER K 111 -27.46 39.38 -27.45
CA SER K 111 -27.70 38.88 -28.79
C SER K 111 -27.42 37.38 -28.94
N MET K 112 -26.21 36.95 -28.60
CA MET K 112 -25.89 35.55 -28.72
C MET K 112 -26.42 34.75 -27.55
N GLY K 113 -26.46 35.33 -26.35
CA GLY K 113 -27.03 34.63 -25.22
C GLY K 113 -28.51 34.37 -25.41
N ALA K 114 -29.20 35.30 -26.08
CA ALA K 114 -30.62 35.15 -26.38
C ALA K 114 -30.84 34.17 -27.52
N PHE K 115 -29.90 34.12 -28.48
CA PHE K 115 -30.06 33.20 -29.61
C PHE K 115 -30.03 31.76 -29.14
N LEU K 116 -29.19 31.44 -28.16
CA LEU K 116 -29.17 30.10 -27.60
C LEU K 116 -30.37 29.87 -26.69
N LEU K 117 -30.92 30.96 -26.13
CA LEU K 117 -32.08 30.86 -25.27
C LEU K 117 -33.31 30.42 -26.07
N THR K 118 -33.62 31.13 -27.14
CA THR K 118 -34.75 30.78 -27.99
C THR K 118 -34.53 29.49 -28.76
N ALA K 119 -33.28 29.06 -28.92
CA ALA K 119 -32.98 27.84 -29.64
C ALA K 119 -33.29 26.58 -28.85
N GLY K 120 -33.68 26.72 -27.58
CA GLY K 120 -34.01 25.57 -26.77
C GLY K 120 -35.24 24.85 -27.28
N ALA K 121 -35.54 23.73 -26.64
CA ALA K 121 -36.69 22.93 -27.01
C ALA K 121 -37.97 23.71 -26.77
N LYS K 122 -38.91 23.59 -27.71
CA LYS K 122 -40.18 24.29 -27.60
C LYS K 122 -40.96 23.77 -26.40
N GLY K 123 -41.47 24.69 -25.60
CA GLY K 123 -42.21 24.34 -24.41
C GLY K 123 -41.37 24.17 -23.15
N LYS K 124 -40.04 24.20 -23.27
CA LYS K 124 -39.14 24.05 -22.13
C LYS K 124 -38.17 25.22 -22.03
N ARG K 125 -38.64 26.42 -22.38
CA ARG K 125 -37.85 27.64 -22.31
C ARG K 125 -38.51 28.56 -21.29
N PHE K 126 -37.71 29.06 -20.34
CA PHE K 126 -38.23 29.92 -19.28
C PHE K 126 -37.30 31.12 -19.10
N CYS K 127 -37.86 32.16 -18.50
CA CYS K 127 -37.15 33.39 -18.19
C CYS K 127 -37.57 33.82 -16.80
N LEU K 128 -36.62 34.29 -16.01
CA LEU K 128 -36.94 34.70 -14.65
C LEU K 128 -37.77 35.99 -14.66
N PRO K 129 -38.54 36.24 -13.60
CA PRO K 129 -39.42 37.43 -13.59
C PRO K 129 -38.69 38.76 -13.70
N ASN K 130 -37.42 38.85 -13.27
CA ASN K 130 -36.66 40.09 -13.34
C ASN K 130 -35.53 40.04 -14.36
N SER K 131 -35.48 39.01 -15.21
CA SER K 131 -34.46 38.95 -16.23
C SER K 131 -34.72 39.98 -17.31
N ARG K 132 -33.72 40.21 -18.15
CA ARG K 132 -33.83 41.15 -19.25
C ARG K 132 -33.05 40.62 -20.46
N VAL K 133 -33.67 40.72 -21.63
CA VAL K 133 -33.06 40.28 -22.89
C VAL K 133 -32.80 41.49 -23.77
N MET K 134 -31.68 41.44 -24.50
CA MET K 134 -31.29 42.49 -25.42
C MET K 134 -30.87 41.84 -26.73
N ILE K 135 -31.31 42.43 -27.84
CA ILE K 135 -31.01 41.92 -29.18
C ILE K 135 -30.63 43.07 -30.09
N HIS K 136 -29.61 42.85 -30.93
CA HIS K 136 -29.17 43.83 -31.90
C HIS K 136 -28.57 43.07 -33.08
N GLN K 137 -27.97 43.81 -34.02
CA GLN K 137 -27.41 43.20 -35.22
C GLN K 137 -25.94 42.83 -35.00
N PRO K 138 -25.38 41.96 -35.84
CA PRO K 138 -23.97 41.59 -35.67
C PRO K 138 -23.05 42.80 -35.82
N LEU K 139 -21.95 42.77 -35.05
CA LEU K 139 -20.95 43.81 -35.06
C LEU K 139 -19.68 43.29 -35.74
N GLY K 140 -18.99 44.19 -36.43
CA GLY K 140 -17.76 43.80 -37.10
C GLY K 140 -16.95 45.01 -37.51
N GLY K 141 -16.01 44.77 -38.41
CA GLY K 141 -15.14 45.80 -38.93
C GLY K 141 -13.95 45.20 -39.63
N TYR K 142 -13.34 46.01 -40.49
CA TYR K 142 -12.17 45.57 -41.24
C TYR K 142 -11.39 46.79 -41.68
N GLN K 143 -10.08 46.60 -41.89
CA GLN K 143 -9.17 47.65 -42.33
C GLN K 143 -8.28 47.08 -43.42
N GLY K 144 -8.27 47.73 -44.57
CA GLY K 144 -7.45 47.28 -45.67
C GLY K 144 -7.91 47.89 -46.98
N GLN K 145 -7.57 47.20 -48.07
CA GLN K 145 -7.96 47.65 -49.40
C GLN K 145 -9.48 47.57 -49.57
N ALA K 146 -9.98 48.33 -50.54
CA ALA K 146 -11.42 48.33 -50.80
C ALA K 146 -11.92 46.97 -51.26
N THR K 147 -11.08 46.22 -51.98
CA THR K 147 -11.49 44.91 -52.46
C THR K 147 -11.71 43.96 -51.28
N ASP K 148 -10.88 44.07 -50.24
CA ASP K 148 -11.02 43.21 -49.07
C ASP K 148 -12.20 43.61 -48.20
N ILE K 149 -12.50 44.91 -48.13
CA ILE K 149 -13.62 45.38 -47.31
C ILE K 149 -14.93 44.85 -47.89
N GLU K 150 -15.03 44.79 -49.22
CA GLU K 150 -16.25 44.30 -49.84
C GLU K 150 -16.48 42.83 -49.51
N ILE K 151 -15.40 42.05 -49.42
CA ILE K 151 -15.52 40.63 -49.12
C ILE K 151 -16.03 40.44 -47.70
N HIS K 152 -15.40 41.11 -46.73
CA HIS K 152 -15.82 40.98 -45.34
C HIS K 152 -17.19 41.61 -45.11
N ALA K 153 -17.59 42.57 -45.94
CA ALA K 153 -18.91 43.17 -45.78
C ALA K 153 -19.99 42.20 -46.25
N ARG K 154 -19.74 41.50 -47.37
CA ARG K 154 -20.71 40.53 -47.87
C ARG K 154 -20.85 39.37 -46.90
N GLU K 155 -19.75 38.98 -46.24
CA GLU K 155 -19.78 37.85 -45.32
C GLU K 155 -20.58 38.19 -44.07
N ILE K 156 -20.30 39.33 -43.45
CA ILE K 156 -21.02 39.70 -42.23
C ILE K 156 -22.48 39.98 -42.54
N LEU K 157 -22.81 40.38 -43.78
CA LEU K 157 -24.19 40.62 -44.13
C LEU K 157 -24.96 39.31 -44.21
N LYS K 158 -24.30 38.25 -44.71
CA LYS K 158 -24.96 36.94 -44.77
C LYS K 158 -25.23 36.42 -43.37
N VAL K 159 -24.30 36.65 -42.44
CA VAL K 159 -24.48 36.19 -41.07
C VAL K 159 -25.69 36.88 -40.44
N LYS K 160 -25.80 38.21 -40.66
CA LYS K 160 -26.95 38.94 -40.13
C LYS K 160 -28.25 38.38 -40.70
N GLY K 161 -28.26 38.07 -41.99
CA GLY K 161 -29.45 37.47 -42.59
C GLY K 161 -29.70 36.08 -42.06
N ARG K 162 -28.63 35.30 -41.87
CA ARG K 162 -28.77 33.95 -41.36
C ARG K 162 -29.22 33.94 -39.91
N MET K 163 -28.70 34.87 -39.11
CA MET K 163 -29.09 34.93 -37.71
C MET K 163 -30.55 35.35 -37.55
N ASN K 164 -31.07 36.14 -38.49
CA ASN K 164 -32.47 36.54 -38.42
C ASN K 164 -33.40 35.43 -38.86
N GLU K 165 -32.96 34.62 -39.84
CA GLU K 165 -33.79 33.50 -40.30
C GLU K 165 -34.01 32.48 -39.20
N LEU K 166 -32.94 32.14 -38.46
CA LEU K 166 -33.08 31.16 -37.39
C LEU K 166 -33.86 31.71 -36.21
N MET K 167 -33.71 33.00 -35.92
CA MET K 167 -34.46 33.61 -34.82
C MET K 167 -35.95 33.53 -35.09
N ALA K 168 -36.36 33.72 -36.34
CA ALA K 168 -37.78 33.65 -36.69
C ALA K 168 -38.31 32.23 -36.59
N LEU K 169 -37.46 31.24 -36.90
CA LEU K 169 -37.89 29.84 -36.86
C LEU K 169 -38.34 29.42 -35.48
N HIS K 170 -37.59 29.80 -34.44
CA HIS K 170 -37.96 29.40 -33.08
C HIS K 170 -38.98 30.34 -32.47
N THR K 171 -38.88 31.65 -32.74
CA THR K 171 -39.83 32.60 -32.19
C THR K 171 -41.16 32.60 -32.93
N GLY K 172 -41.19 32.09 -34.16
CA GLY K 172 -42.41 32.05 -34.93
C GLY K 172 -42.73 33.33 -35.67
N GLN K 173 -42.08 34.44 -35.35
CA GLN K 173 -42.32 35.71 -36.01
C GLN K 173 -41.88 35.64 -37.47
N SER K 174 -42.20 36.70 -38.21
CA SER K 174 -41.83 36.80 -39.61
C SER K 174 -40.42 37.35 -39.74
N LEU K 175 -39.79 37.04 -40.89
CA LEU K 175 -38.42 37.51 -41.13
C LEU K 175 -38.36 39.03 -41.17
N GLU K 176 -39.40 39.68 -41.68
CA GLU K 176 -39.41 41.13 -41.75
C GLU K 176 -39.49 41.76 -40.36
N GLN K 177 -40.18 41.11 -39.43
CA GLN K 177 -40.32 41.66 -38.08
C GLN K 177 -39.00 41.58 -37.33
N ILE K 178 -38.27 40.47 -37.48
CA ILE K 178 -37.00 40.31 -36.78
C ILE K 178 -35.99 41.33 -37.29
N GLU K 179 -36.00 41.60 -38.59
CA GLU K 179 -35.07 42.56 -39.17
C GLU K 179 -35.31 43.97 -38.62
N ARG K 180 -36.58 44.36 -38.54
CA ARG K 180 -36.91 45.70 -38.04
C ARG K 180 -36.57 45.85 -36.57
N ASP K 181 -36.84 44.82 -35.77
CA ASP K 181 -36.59 44.88 -34.34
C ASP K 181 -35.11 44.75 -33.97
N THR K 182 -34.30 44.11 -34.81
CA THR K 182 -32.88 43.94 -34.52
C THR K 182 -31.99 44.96 -35.21
N GLU K 183 -32.56 45.95 -35.91
CA GLU K 183 -31.73 46.97 -36.55
C GLU K 183 -30.97 47.79 -35.52
N ARG K 184 -31.54 47.96 -34.33
CA ARG K 184 -30.93 48.71 -33.25
C ARG K 184 -31.15 47.94 -31.95
N ASP K 185 -30.49 48.41 -30.88
CA ASP K 185 -30.62 47.76 -29.58
C ASP K 185 -32.07 47.80 -29.13
N ARG K 186 -32.56 46.65 -28.66
CA ARG K 186 -33.94 46.51 -28.21
C ARG K 186 -33.97 45.66 -26.96
N PHE K 187 -34.38 46.25 -25.84
CA PHE K 187 -34.47 45.54 -24.57
C PHE K 187 -35.88 44.99 -24.42
N LEU K 188 -35.96 43.75 -23.93
CA LEU K 188 -37.23 43.05 -23.74
C LEU K 188 -37.31 42.55 -22.31
N SER K 189 -38.32 43.00 -21.57
CA SER K 189 -38.52 42.54 -20.21
C SER K 189 -38.95 41.08 -20.22
N ALA K 190 -39.02 40.49 -19.02
CA ALA K 190 -39.42 39.09 -18.92
C ALA K 190 -40.85 38.85 -19.40
N PRO K 191 -41.84 39.68 -19.09
CA PRO K 191 -43.19 39.42 -19.62
C PRO K 191 -43.26 39.53 -21.14
N GLU K 192 -42.59 40.52 -21.71
CA GLU K 192 -42.62 40.73 -23.15
C GLU K 192 -42.00 39.57 -23.92
N ALA K 193 -41.04 38.86 -23.30
CA ALA K 193 -40.40 37.74 -23.99
C ALA K 193 -41.41 36.64 -24.30
N VAL K 194 -42.39 36.44 -23.42
CA VAL K 194 -43.41 35.43 -23.66
C VAL K 194 -44.28 35.83 -24.84
N GLU K 195 -44.73 37.09 -24.85
CA GLU K 195 -45.56 37.58 -25.94
C GLU K 195 -44.83 37.55 -27.27
N TYR K 196 -43.51 37.65 -27.26
CA TYR K 196 -42.70 37.64 -28.46
C TYR K 196 -42.34 36.24 -28.93
N GLY K 197 -42.73 35.20 -28.20
CA GLY K 197 -42.39 33.84 -28.58
C GLY K 197 -40.99 33.41 -28.24
N LEU K 198 -40.22 34.26 -27.55
CA LEU K 198 -38.85 33.92 -27.20
C LEU K 198 -38.79 32.83 -26.14
N VAL K 199 -39.72 32.86 -25.18
CA VAL K 199 -39.79 31.87 -24.12
C VAL K 199 -41.23 31.40 -23.98
N ASP K 200 -41.43 30.42 -23.11
CA ASP K 200 -42.74 29.81 -22.89
C ASP K 200 -43.43 30.27 -21.60
N SER K 201 -42.70 30.39 -20.49
CA SER K 201 -43.32 30.81 -19.24
C SER K 201 -42.24 31.40 -18.33
N ILE K 202 -42.64 31.73 -17.11
CA ILE K 202 -41.77 32.32 -16.09
C ILE K 202 -41.84 31.45 -14.84
N LEU K 203 -40.67 31.22 -14.23
CA LEU K 203 -40.57 30.41 -13.02
C LEU K 203 -40.58 31.34 -11.81
N THR K 204 -41.78 31.87 -11.52
CA THR K 204 -41.95 32.79 -10.42
C THR K 204 -41.66 32.12 -9.08
N HIS K 205 -42.41 31.05 -8.77
CA HIS K 205 -42.27 30.31 -7.52
C HIS K 205 -42.12 28.82 -7.84
N ARG K 206 -41.71 28.07 -6.81
CA ARG K 206 -41.51 26.64 -6.94
C ARG K 206 -42.82 25.90 -6.64
N ASN K 207 -43.13 24.93 -7.49
CA ASN K 207 -44.35 24.13 -7.34
C ASN K 207 -44.04 22.65 -7.39
N LEU L 16 -4.77 32.98 1.10
CA LEU L 16 -4.72 31.55 1.52
C LEU L 16 -6.06 31.13 2.12
N VAL L 17 -6.33 29.82 2.08
CA VAL L 17 -7.57 29.26 2.60
C VAL L 17 -7.23 28.22 3.65
N PRO L 18 -7.53 28.43 4.94
CA PRO L 18 -7.23 27.38 5.93
C PRO L 18 -8.15 26.18 5.79
N MET L 19 -7.63 25.03 6.19
CA MET L 19 -8.36 23.77 6.15
C MET L 19 -8.69 23.30 7.56
N VAL L 20 -9.91 22.78 7.74
CA VAL L 20 -10.36 22.26 9.02
C VAL L 20 -10.80 20.82 8.81
N ILE L 21 -10.91 20.09 9.92
CA ILE L 21 -11.30 18.68 9.92
C ILE L 21 -12.64 18.52 10.61
N GLU L 22 -13.56 17.82 9.95
CA GLU L 22 -14.88 17.53 10.48
C GLU L 22 -14.87 16.08 10.94
N GLN L 23 -15.34 15.83 12.16
CA GLN L 23 -15.33 14.50 12.74
C GLN L 23 -16.64 13.78 12.41
N THR L 24 -16.52 12.69 11.64
CA THR L 24 -17.66 11.85 11.26
C THR L 24 -17.39 10.42 11.71
N SER L 25 -18.45 9.61 11.67
CA SER L 25 -18.32 8.22 12.08
C SER L 25 -17.41 7.43 11.16
N ARG L 26 -17.51 7.65 9.85
CA ARG L 26 -16.69 6.89 8.90
C ARG L 26 -15.21 7.22 9.04
N GLY L 27 -14.87 8.50 9.12
CA GLY L 27 -13.48 8.89 9.22
C GLY L 27 -13.33 10.39 9.12
N GLU L 28 -12.07 10.83 9.18
CA GLU L 28 -11.76 12.24 9.09
C GLU L 28 -11.86 12.73 7.65
N ARG L 29 -12.24 14.00 7.50
CA ARG L 29 -12.38 14.63 6.20
C ARG L 29 -11.81 16.03 6.27
N SER L 30 -11.05 16.42 5.25
CA SER L 30 -10.44 17.74 5.17
C SER L 30 -11.29 18.66 4.31
N PHE L 31 -11.79 19.73 4.90
CA PHE L 31 -12.63 20.71 4.21
C PHE L 31 -12.10 22.12 4.44
N ASP L 32 -12.35 22.98 3.47
CA ASP L 32 -11.96 24.38 3.57
C ASP L 32 -12.98 25.12 4.45
N ILE L 33 -12.57 26.29 4.95
CA ILE L 33 -13.44 27.08 5.83
C ILE L 33 -14.72 27.47 5.12
N TYR L 34 -14.67 27.73 3.82
CA TYR L 34 -15.88 28.10 3.09
C TYR L 34 -16.80 26.90 2.91
N SER L 35 -16.21 25.71 2.73
CA SER L 35 -17.01 24.50 2.55
C SER L 35 -17.56 23.97 3.86
N ARG L 36 -16.82 24.14 4.96
CA ARG L 36 -17.30 23.67 6.26
C ARG L 36 -18.58 24.39 6.66
N LEU L 37 -18.59 25.71 6.55
CA LEU L 37 -19.79 26.48 6.89
C LEU L 37 -20.90 26.24 5.88
N LEU L 38 -20.55 25.91 4.63
CA LEU L 38 -21.56 25.61 3.63
C LEU L 38 -22.35 24.38 4.04
N LYS L 39 -21.71 23.44 4.73
CA LYS L 39 -22.39 22.24 5.20
C LYS L 39 -23.50 22.59 6.18
N GLU L 40 -23.37 23.72 6.88
CA GLU L 40 -24.35 24.18 7.85
C GLU L 40 -25.30 25.22 7.28
N ARG L 41 -25.45 25.26 5.95
CA ARG L 41 -26.35 26.19 5.27
C ARG L 41 -25.96 27.65 5.49
N VAL L 42 -24.69 27.95 5.22
CA VAL L 42 -24.14 29.30 5.36
C VAL L 42 -23.38 29.64 4.09
N ILE L 43 -23.73 30.78 3.48
CA ILE L 43 -23.10 31.27 2.25
C ILE L 43 -22.63 32.70 2.47
N PHE L 44 -21.49 33.05 1.90
CA PHE L 44 -20.89 34.38 2.00
C PHE L 44 -20.97 35.11 0.66
N LEU L 45 -21.45 36.36 0.71
CA LEU L 45 -21.52 37.24 -0.44
C LEU L 45 -20.51 38.35 -0.14
N THR L 46 -19.32 38.24 -0.72
CA THR L 46 -18.22 39.16 -0.47
C THR L 46 -17.75 39.84 -1.75
N GLY L 47 -17.33 41.09 -1.59
CA GLY L 47 -16.84 41.90 -2.69
C GLY L 47 -17.92 42.38 -3.64
N GLN L 48 -17.46 42.89 -4.77
CA GLN L 48 -18.36 43.43 -5.78
C GLN L 48 -19.22 42.33 -6.39
N VAL L 49 -20.45 42.68 -6.72
CA VAL L 49 -21.40 41.75 -7.31
C VAL L 49 -21.19 41.75 -8.82
N GLU L 50 -20.75 40.61 -9.35
CA GLU L 50 -20.49 40.43 -10.77
C GLU L 50 -21.17 39.15 -11.23
N ASP L 51 -21.02 38.87 -12.53
CA ASP L 51 -21.65 37.69 -13.11
C ASP L 51 -21.07 36.39 -12.57
N HIS L 52 -19.78 36.35 -12.26
CA HIS L 52 -19.17 35.10 -11.81
C HIS L 52 -19.47 34.81 -10.34
N MET L 53 -19.24 35.77 -9.45
CA MET L 53 -19.50 35.52 -8.04
C MET L 53 -20.98 35.32 -7.77
N ALA L 54 -21.85 36.03 -8.51
CA ALA L 54 -23.28 35.87 -8.30
C ALA L 54 -23.75 34.52 -8.80
N ASN L 55 -23.22 34.09 -9.95
CA ASN L 55 -23.58 32.78 -10.49
C ASN L 55 -23.10 31.65 -9.58
N LEU L 56 -22.10 31.91 -8.74
CA LEU L 56 -21.58 30.90 -7.83
C LEU L 56 -22.48 30.73 -6.62
N ILE L 57 -23.04 31.82 -6.12
CA ILE L 57 -23.92 31.75 -4.95
C ILE L 57 -25.21 31.03 -5.30
N VAL L 58 -25.68 31.18 -6.55
CA VAL L 58 -26.91 30.51 -6.97
C VAL L 58 -26.75 29.00 -6.89
N ALA L 59 -25.58 28.50 -7.30
CA ALA L 59 -25.34 27.06 -7.24
C ALA L 59 -25.32 26.56 -5.81
N GLN L 60 -24.86 27.39 -4.86
CA GLN L 60 -24.85 26.98 -3.47
C GLN L 60 -26.25 26.91 -2.91
N MET L 61 -27.09 27.90 -3.21
CA MET L 61 -28.47 27.89 -2.75
C MET L 61 -29.22 26.70 -3.31
N LEU L 62 -29.06 26.43 -4.61
CA LEU L 62 -29.73 25.29 -5.22
C LEU L 62 -29.27 23.98 -4.60
N PHE L 63 -27.98 23.87 -4.30
CA PHE L 63 -27.46 22.66 -3.67
C PHE L 63 -28.05 22.46 -2.28
N LEU L 64 -28.18 23.54 -1.51
CA LEU L 64 -28.73 23.42 -0.17
C LEU L 64 -30.22 23.14 -0.21
N GLU L 65 -30.94 23.66 -1.20
CA GLU L 65 -32.38 23.40 -1.31
C GLU L 65 -32.64 21.92 -1.49
N ALA L 66 -31.87 21.26 -2.36
CA ALA L 66 -32.05 19.84 -2.59
C ALA L 66 -31.63 19.02 -1.38
N GLU L 67 -30.54 19.43 -0.72
CA GLU L 67 -30.07 18.69 0.45
C GLU L 67 -31.08 18.76 1.59
N ASN L 68 -31.65 19.93 1.85
CA ASN L 68 -32.66 20.09 2.88
C ASN L 68 -33.56 21.26 2.54
N PRO L 69 -34.85 21.07 2.24
CA PRO L 69 -35.73 22.20 1.96
C PRO L 69 -36.45 22.81 3.16
N GLU L 70 -36.25 22.27 4.37
CA GLU L 70 -36.95 22.76 5.57
C GLU L 70 -36.06 23.48 6.57
N LYS L 71 -34.75 23.61 6.31
CA LYS L 71 -33.83 24.28 7.23
C LYS L 71 -33.49 25.66 6.68
N ASP L 72 -33.45 26.64 7.58
CA ASP L 72 -33.16 28.01 7.19
C ASP L 72 -31.73 28.15 6.69
N ILE L 73 -31.55 29.01 5.69
CA ILE L 73 -30.25 29.31 5.10
C ILE L 73 -29.79 30.64 5.67
N TYR L 74 -28.48 30.77 5.91
CA TYR L 74 -27.88 31.98 6.43
C TYR L 74 -27.01 32.60 5.35
N LEU L 75 -27.24 33.87 5.07
CA LEU L 75 -26.49 34.61 4.05
C LEU L 75 -25.92 35.88 4.67
N TYR L 76 -24.60 35.93 4.81
CA TYR L 76 -23.92 37.10 5.34
C TYR L 76 -23.47 37.92 4.14
N ILE L 77 -23.86 39.19 4.11
CA ILE L 77 -23.57 40.08 2.99
C ILE L 77 -22.70 41.22 3.47
N ASN L 78 -21.54 41.37 2.85
CA ASN L 78 -20.58 42.45 3.10
C ASN L 78 -20.05 42.77 1.70
N SER L 79 -20.68 43.76 1.04
CA SER L 79 -20.29 44.09 -0.32
C SER L 79 -20.65 45.54 -0.62
N PRO L 80 -19.87 46.24 -1.43
CA PRO L 80 -20.22 47.62 -1.82
C PRO L 80 -21.14 47.70 -3.04
N GLY L 81 -21.73 46.58 -3.45
CA GLY L 81 -22.59 46.52 -4.61
C GLY L 81 -21.83 46.19 -5.87
N GLY L 82 -22.54 46.26 -6.98
CA GLY L 82 -21.96 45.95 -8.27
C GLY L 82 -22.95 45.96 -9.40
N VAL L 83 -22.87 44.96 -10.29
CA VAL L 83 -23.78 44.88 -11.41
C VAL L 83 -25.19 44.57 -10.91
N ILE L 84 -26.18 45.16 -11.55
CA ILE L 84 -27.57 44.96 -11.15
C ILE L 84 -28.08 43.61 -11.64
N THR L 85 -27.85 43.29 -12.92
CA THR L 85 -28.32 42.03 -13.47
C THR L 85 -27.75 40.83 -12.72
N ALA L 86 -26.52 40.94 -12.23
CA ALA L 86 -25.94 39.85 -11.46
C ALA L 86 -26.65 39.71 -10.11
N GLY L 87 -27.05 40.83 -9.53
CA GLY L 87 -27.72 40.80 -8.24
C GLY L 87 -29.17 40.37 -8.30
N MET L 88 -29.88 40.70 -9.39
CA MET L 88 -31.28 40.33 -9.50
C MET L 88 -31.46 38.83 -9.63
N SER L 89 -30.45 38.11 -10.10
CA SER L 89 -30.57 36.66 -10.21
C SER L 89 -30.65 36.03 -8.82
N ILE L 90 -29.99 36.64 -7.84
CA ILE L 90 -30.01 36.13 -6.47
C ILE L 90 -31.35 36.43 -5.82
N TYR L 91 -31.91 37.61 -6.09
CA TYR L 91 -33.19 37.98 -5.49
C TYR L 91 -34.30 37.03 -5.93
N ASP L 92 -34.40 36.76 -7.24
CA ASP L 92 -35.43 35.87 -7.73
C ASP L 92 -35.23 34.46 -7.20
N THR L 93 -33.98 34.04 -7.01
CA THR L 93 -33.71 32.71 -6.49
C THR L 93 -34.20 32.57 -5.05
N MET L 94 -33.95 33.59 -4.23
CA MET L 94 -34.38 33.54 -2.82
C MET L 94 -35.89 33.42 -2.72
N GLN L 95 -36.63 34.09 -3.60
CA GLN L 95 -38.09 34.03 -3.56
C GLN L 95 -38.62 32.75 -4.19
N PHE L 96 -37.89 32.18 -5.16
CA PHE L 96 -38.34 30.96 -5.82
C PHE L 96 -38.26 29.77 -4.88
N ILE L 97 -37.10 29.54 -4.27
CA ILE L 97 -36.92 28.39 -3.40
C ILE L 97 -37.81 28.50 -2.16
N LYS L 98 -38.21 27.33 -1.65
CA LYS L 98 -39.07 27.20 -0.47
C LYS L 98 -38.41 27.60 0.85
N PRO L 99 -37.14 27.22 1.13
CA PRO L 99 -36.54 27.61 2.42
C PRO L 99 -36.49 29.11 2.61
N ASP L 100 -36.57 29.52 3.88
CA ASP L 100 -36.51 30.92 4.23
C ASP L 100 -35.04 31.31 4.30
N VAL L 101 -34.62 32.21 3.42
CA VAL L 101 -33.22 32.64 3.34
C VAL L 101 -33.03 33.79 4.31
N SER L 102 -32.43 33.51 5.46
CA SER L 102 -32.14 34.56 6.43
C SER L 102 -30.94 35.34 5.94
N THR L 103 -31.02 36.67 6.04
CA THR L 103 -29.96 37.56 5.60
C THR L 103 -29.44 38.38 6.76
N ILE L 104 -28.13 38.62 6.76
CA ILE L 104 -27.46 39.40 7.80
C ILE L 104 -26.51 40.35 7.09
N CYS L 105 -26.45 41.59 7.56
CA CYS L 105 -25.57 42.62 7.01
C CYS L 105 -24.38 42.81 7.93
N MET L 106 -23.18 42.58 7.40
CA MET L 106 -21.93 42.72 8.13
C MET L 106 -21.07 43.75 7.41
N GLY L 107 -20.71 44.81 8.12
CA GLY L 107 -19.88 45.84 7.53
C GLY L 107 -20.63 46.87 6.70
N GLN L 108 -21.12 46.47 5.52
CA GLN L 108 -21.83 47.42 4.68
C GLN L 108 -22.76 46.69 3.74
N ALA L 109 -23.77 47.44 3.29
CA ALA L 109 -24.78 46.95 2.34
C ALA L 109 -25.12 48.11 1.42
N ALA L 110 -24.65 48.04 0.19
CA ALA L 110 -24.89 49.10 -0.78
C ALA L 110 -26.26 48.89 -1.42
N SER L 111 -26.55 49.66 -2.48
CA SER L 111 -27.82 49.60 -3.21
C SER L 111 -28.28 48.17 -3.48
N MET L 112 -27.44 47.36 -4.13
CA MET L 112 -27.84 45.98 -4.40
C MET L 112 -27.74 45.13 -3.15
N GLY L 113 -26.76 45.39 -2.29
CA GLY L 113 -26.66 44.64 -1.05
C GLY L 113 -27.83 44.89 -0.14
N ALA L 114 -28.37 46.11 -0.16
CA ALA L 114 -29.53 46.46 0.64
C ALA L 114 -30.79 45.85 0.07
N PHE L 115 -30.87 45.71 -1.26
CA PHE L 115 -32.05 45.14 -1.88
C PHE L 115 -32.16 43.65 -1.59
N LEU L 116 -31.02 42.94 -1.60
CA LEU L 116 -31.05 41.52 -1.28
C LEU L 116 -31.21 41.30 0.22
N LEU L 117 -30.78 42.26 1.04
CA LEU L 117 -30.93 42.12 2.48
C LEU L 117 -32.40 42.17 2.88
N THR L 118 -33.11 43.22 2.46
CA THR L 118 -34.52 43.34 2.77
C THR L 118 -35.37 42.30 2.05
N ALA L 119 -34.84 41.70 0.98
CA ALA L 119 -35.57 40.69 0.23
C ALA L 119 -35.62 39.35 0.95
N GLY L 120 -34.93 39.21 2.10
CA GLY L 120 -34.92 37.97 2.84
C GLY L 120 -36.29 37.62 3.38
N ALA L 121 -36.41 36.45 4.00
CA ALA L 121 -37.68 36.02 4.55
C ALA L 121 -38.11 36.94 5.68
N LYS L 122 -39.41 37.27 5.71
CA LYS L 122 -39.93 38.15 6.73
C LYS L 122 -39.79 37.52 8.11
N GLY L 123 -39.27 38.28 9.05
CA GLY L 123 -39.04 37.81 10.39
C GLY L 123 -37.68 37.17 10.61
N LYS L 124 -36.90 36.96 9.55
CA LYS L 124 -35.58 36.36 9.60
C LYS L 124 -34.55 37.27 8.95
N ARG L 125 -34.73 38.58 9.10
CA ARG L 125 -33.82 39.59 8.57
C ARG L 125 -33.20 40.31 9.75
N PHE L 126 -31.86 40.36 9.77
CA PHE L 126 -31.13 40.99 10.85
C PHE L 126 -30.00 41.84 10.31
N CYS L 127 -29.56 42.77 11.13
CA CYS L 127 -28.45 43.67 10.83
C CYS L 127 -27.62 43.80 12.08
N LEU L 128 -26.30 43.84 11.92
CA LEU L 128 -25.43 43.93 13.09
C LEU L 128 -25.60 45.30 13.75
N PRO L 129 -25.32 45.40 15.05
CA PRO L 129 -25.58 46.67 15.77
C PRO L 129 -24.83 47.88 15.24
N ASN L 130 -23.64 47.71 14.64
CA ASN L 130 -22.87 48.82 14.11
C ASN L 130 -22.78 48.81 12.59
N SER L 131 -23.58 47.97 11.92
CA SER L 131 -23.55 47.93 10.48
C SER L 131 -24.18 49.20 9.91
N ARG L 132 -23.99 49.41 8.61
CA ARG L 132 -24.50 50.58 7.92
C ARG L 132 -24.96 50.19 6.53
N VAL L 133 -26.12 50.70 6.13
CA VAL L 133 -26.73 50.43 4.83
C VAL L 133 -26.85 51.73 4.07
N MET L 134 -26.65 51.67 2.76
CA MET L 134 -26.75 52.82 1.86
C MET L 134 -27.58 52.41 0.65
N ILE L 135 -28.48 53.31 0.25
CA ILE L 135 -29.35 53.07 -0.89
C ILE L 135 -29.36 54.31 -1.77
N HIS L 136 -29.32 54.10 -3.08
CA HIS L 136 -29.38 55.18 -4.06
C HIS L 136 -30.02 54.61 -5.32
N GLN L 137 -30.02 55.40 -6.40
CA GLN L 137 -30.66 54.95 -7.63
C GLN L 137 -29.66 54.22 -8.52
N PRO L 138 -30.14 53.45 -9.50
CA PRO L 138 -29.20 52.73 -10.38
C PRO L 138 -28.30 53.68 -11.15
N LEU L 139 -27.07 53.24 -11.38
CA LEU L 139 -26.07 54.00 -12.11
C LEU L 139 -25.87 53.39 -13.49
N GLY L 140 -25.59 54.24 -14.46
CA GLY L 140 -25.38 53.77 -15.81
C GLY L 140 -24.73 54.83 -16.68
N GLY L 141 -24.82 54.60 -17.98
CA GLY L 141 -24.28 55.51 -18.96
C GLY L 141 -24.19 54.85 -20.31
N TYR L 142 -24.13 55.69 -21.35
CA TYR L 142 -24.03 55.20 -22.71
C TYR L 142 -23.44 56.30 -23.59
N GLN L 143 -22.82 55.88 -24.69
CA GLN L 143 -22.22 56.79 -25.65
C GLN L 143 -22.60 56.30 -27.04
N GLY L 144 -23.20 57.19 -27.83
CA GLY L 144 -23.62 56.82 -29.17
C GLY L 144 -24.63 57.81 -29.71
N GLN L 145 -25.42 57.34 -30.66
CA GLN L 145 -26.45 58.17 -31.28
C GLN L 145 -27.55 58.48 -30.28
N ALA L 146 -28.30 59.55 -30.57
CA ALA L 146 -29.39 59.96 -29.69
C ALA L 146 -30.49 58.92 -29.64
N THR L 147 -30.72 58.20 -30.75
CA THR L 147 -31.77 57.18 -30.77
C THR L 147 -31.44 56.05 -29.81
N ASP L 148 -30.16 55.68 -29.71
CA ASP L 148 -29.77 54.60 -28.81
C ASP L 148 -29.77 55.06 -27.36
N ILE L 149 -29.45 56.32 -27.09
CA ILE L 149 -29.45 56.81 -25.71
C ILE L 149 -30.86 56.80 -25.15
N GLU L 150 -31.86 57.12 -25.97
CA GLU L 150 -33.23 57.09 -25.50
C GLU L 150 -33.66 55.68 -25.15
N ILE L 151 -33.16 54.69 -25.90
CA ILE L 151 -33.49 53.30 -25.62
C ILE L 151 -32.88 52.88 -24.29
N HIS L 152 -31.60 53.18 -24.09
CA HIS L 152 -30.95 52.83 -22.83
C HIS L 152 -31.46 53.68 -21.68
N ALA L 153 -31.98 54.88 -21.98
CA ALA L 153 -32.52 55.72 -20.91
C ALA L 153 -33.85 55.15 -20.43
N ARG L 154 -34.69 54.69 -21.36
CA ARG L 154 -35.96 54.09 -21.00
C ARG L 154 -35.74 52.79 -20.22
N GLU L 155 -34.69 52.05 -20.56
CA GLU L 155 -34.40 50.78 -19.90
C GLU L 155 -33.97 51.01 -18.46
N ILE L 156 -33.02 51.92 -18.24
CA ILE L 156 -32.56 52.18 -16.88
C ILE L 156 -33.68 52.81 -16.05
N LEU L 157 -34.63 53.49 -16.70
CA LEU L 157 -35.74 54.07 -15.97
C LEU L 157 -36.68 52.98 -15.46
N LYS L 158 -36.86 51.93 -16.26
CA LYS L 158 -37.71 50.81 -15.83
C LYS L 158 -37.10 50.11 -14.63
N VAL L 159 -35.77 49.96 -14.61
CA VAL L 159 -35.10 49.31 -13.49
C VAL L 159 -35.33 50.10 -12.21
N LYS L 160 -35.17 51.43 -12.29
CA LYS L 160 -35.39 52.26 -11.11
C LYS L 160 -36.81 52.11 -10.60
N GLY L 161 -37.80 52.12 -11.51
CA GLY L 161 -39.17 51.93 -11.09
C GLY L 161 -39.41 50.53 -10.56
N ARG L 162 -38.81 49.54 -11.21
CA ARG L 162 -38.98 48.16 -10.77
C ARG L 162 -38.29 47.91 -9.43
N MET L 163 -37.11 48.51 -9.23
CA MET L 163 -36.40 48.32 -7.98
C MET L 163 -37.11 49.00 -6.81
N ASN L 164 -37.84 50.08 -7.08
CA ASN L 164 -38.55 50.76 -6.00
C ASN L 164 -39.82 50.01 -5.62
N GLU L 165 -40.50 49.41 -6.61
CA GLU L 165 -41.71 48.65 -6.33
C GLU L 165 -41.42 47.45 -5.45
N LEU L 166 -40.35 46.71 -5.76
CA LEU L 166 -40.01 45.53 -4.98
C LEU L 166 -39.49 45.91 -3.60
N MET L 167 -38.74 47.02 -3.50
CA MET L 167 -38.24 47.46 -2.20
C MET L 167 -39.39 47.77 -1.25
N ALA L 168 -40.46 48.37 -1.78
CA ALA L 168 -41.62 48.70 -0.95
C ALA L 168 -42.38 47.45 -0.52
N LEU L 169 -42.40 46.42 -1.38
CA LEU L 169 -43.13 45.20 -1.07
C LEU L 169 -42.57 44.52 0.18
N HIS L 170 -41.24 44.42 0.30
CA HIS L 170 -40.66 43.75 1.46
C HIS L 170 -40.51 44.70 2.65
N THR L 171 -40.18 45.96 2.41
CA THR L 171 -40.03 46.92 3.49
C THR L 171 -41.38 47.41 4.03
N GLY L 172 -42.45 47.27 3.27
CA GLY L 172 -43.76 47.72 3.69
C GLY L 172 -44.04 49.19 3.45
N GLN L 173 -43.01 49.99 3.16
CA GLN L 173 -43.20 51.41 2.90
C GLN L 173 -43.99 51.62 1.61
N SER L 174 -44.35 52.88 1.37
CA SER L 174 -45.08 53.23 0.16
C SER L 174 -44.12 53.44 -1.00
N LEU L 175 -44.65 53.29 -2.21
CA LEU L 175 -43.83 53.47 -3.40
C LEU L 175 -43.32 54.89 -3.53
N GLU L 176 -44.10 55.87 -3.08
CA GLU L 176 -43.66 57.27 -3.16
C GLU L 176 -42.52 57.56 -2.20
N GLN L 177 -42.49 56.88 -1.05
CA GLN L 177 -41.44 57.12 -0.07
C GLN L 177 -40.10 56.56 -0.55
N ILE L 178 -40.11 55.38 -1.17
CA ILE L 178 -38.88 54.78 -1.64
C ILE L 178 -38.26 55.63 -2.74
N GLU L 179 -39.09 56.21 -3.62
CA GLU L 179 -38.58 57.03 -4.70
C GLU L 179 -37.89 58.29 -4.18
N ARG L 180 -38.50 58.95 -3.19
CA ARG L 180 -37.91 60.17 -2.63
C ARG L 180 -36.61 59.88 -1.90
N ASP L 181 -36.56 58.78 -1.16
CA ASP L 181 -35.38 58.45 -0.37
C ASP L 181 -34.24 57.88 -1.21
N THR L 182 -34.53 57.28 -2.37
CA THR L 182 -33.50 56.70 -3.22
C THR L 182 -33.06 57.61 -4.36
N GLU L 183 -33.55 58.85 -4.43
CA GLU L 183 -33.11 59.75 -5.48
C GLU L 183 -31.63 60.07 -5.34
N ARG L 184 -31.12 60.07 -4.10
CA ARG L 184 -29.73 60.32 -3.80
C ARG L 184 -29.30 59.31 -2.73
N ASP L 185 -28.01 59.28 -2.46
CA ASP L 185 -27.47 58.37 -1.44
C ASP L 185 -28.09 58.68 -0.08
N ARG L 186 -28.49 57.63 0.62
CA ARG L 186 -29.09 57.75 1.94
C ARG L 186 -28.51 56.66 2.83
N PHE L 187 -27.75 57.06 3.85
CA PHE L 187 -27.15 56.11 4.78
C PHE L 187 -28.07 55.92 5.97
N LEU L 188 -28.23 54.65 6.39
CA LEU L 188 -29.09 54.29 7.50
C LEU L 188 -28.32 53.42 8.48
N SER L 189 -28.26 53.85 9.73
CA SER L 189 -27.58 53.08 10.77
C SER L 189 -28.39 51.82 11.06
N ALA L 190 -27.81 50.96 11.89
CA ALA L 190 -28.50 49.72 12.25
C ALA L 190 -29.81 49.95 12.98
N PRO L 191 -29.94 50.87 13.94
CA PRO L 191 -31.26 51.07 14.57
C PRO L 191 -32.29 51.60 13.59
N GLU L 192 -31.89 52.51 12.71
CA GLU L 192 -32.83 53.09 11.75
C GLU L 192 -33.41 52.05 10.79
N ALA L 193 -32.64 51.00 10.50
CA ALA L 193 -33.13 49.97 9.58
C ALA L 193 -34.34 49.23 10.12
N VAL L 194 -34.40 49.01 11.44
CA VAL L 194 -35.52 48.28 12.02
C VAL L 194 -36.81 49.09 11.89
N GLU L 195 -36.78 50.36 12.28
CA GLU L 195 -37.97 51.20 12.16
C GLU L 195 -38.40 51.41 10.72
N TYR L 196 -37.48 51.29 9.77
CA TYR L 196 -37.76 51.48 8.36
C TYR L 196 -38.35 50.24 7.70
N GLY L 197 -38.49 49.13 8.41
CA GLY L 197 -39.00 47.93 7.80
C GLY L 197 -37.98 47.17 6.98
N LEU L 198 -36.73 47.65 6.92
CA LEU L 198 -35.70 47.01 6.14
C LEU L 198 -35.28 45.68 6.77
N VAL L 199 -35.24 45.63 8.09
CA VAL L 199 -34.86 44.43 8.83
C VAL L 199 -35.89 44.21 9.94
N ASP L 200 -35.73 43.09 10.64
CA ASP L 200 -36.65 42.70 11.71
C ASP L 200 -36.09 42.94 13.11
N SER L 201 -34.81 42.66 13.35
CA SER L 201 -34.22 42.86 14.66
C SER L 201 -32.71 43.01 14.49
N ILE L 202 -32.01 43.10 15.62
CA ILE L 202 -30.55 43.24 15.66
C ILE L 202 -29.99 42.11 16.52
N LEU L 203 -28.91 41.51 16.03
CA LEU L 203 -28.24 40.41 16.72
C LEU L 203 -27.08 40.93 17.56
N THR L 204 -27.44 41.61 18.65
CA THR L 204 -26.43 42.18 19.54
C THR L 204 -25.60 41.07 20.19
N HIS L 205 -26.26 40.19 20.93
CA HIS L 205 -25.61 39.08 21.61
C HIS L 205 -26.35 37.78 21.27
N ARG L 206 -25.72 36.66 21.60
CA ARG L 206 -26.29 35.35 21.34
C ARG L 206 -27.15 34.93 22.52
N ASN L 207 -28.34 34.40 22.22
CA ASN L 207 -29.29 33.96 23.23
C ASN L 207 -29.87 32.60 22.87
N LEU M 16 4.80 30.15 -0.73
CA LEU M 16 4.83 28.75 -0.24
C LEU M 16 4.47 28.69 1.24
N VAL M 17 3.76 27.63 1.63
CA VAL M 17 3.32 27.41 2.99
C VAL M 17 3.87 26.06 3.45
N PRO M 18 4.61 25.96 4.55
CA PRO M 18 5.11 24.65 4.97
C PRO M 18 3.98 23.75 5.46
N MET M 19 4.20 22.45 5.30
CA MET M 19 3.25 21.42 5.75
C MET M 19 3.80 20.74 7.00
N VAL M 20 2.92 20.50 7.97
CA VAL M 20 3.28 19.82 9.21
C VAL M 20 2.39 18.60 9.36
N ILE M 21 2.82 17.68 10.23
CA ILE M 21 2.12 16.45 10.52
C ILE M 21 1.67 16.45 11.97
N GLU M 22 0.39 16.17 12.19
CA GLU M 22 -0.18 16.09 13.53
C GLU M 22 -0.35 14.60 13.85
N GLN M 23 0.12 14.21 15.03
CA GLN M 23 0.07 12.81 15.46
C GLN M 23 -1.22 12.52 16.22
N THR M 24 -2.04 11.64 15.67
CA THR M 24 -3.30 11.23 16.27
C THR M 24 -3.30 9.71 16.45
N SER M 25 -4.27 9.24 17.23
CA SER M 25 -4.39 7.81 17.50
C SER M 25 -4.74 7.03 16.24
N ARG M 26 -5.64 7.56 15.42
CA ARG M 26 -6.05 6.87 14.21
C ARG M 26 -4.91 6.78 13.21
N GLY M 27 -4.19 7.88 13.00
CA GLY M 27 -3.08 7.88 12.08
C GLY M 27 -2.56 9.29 11.90
N GLU M 28 -1.53 9.39 11.05
CA GLU M 28 -0.92 10.67 10.75
C GLU M 28 -1.80 11.45 9.79
N ARG M 29 -1.76 12.77 9.92
CA ARG M 29 -2.53 13.68 9.09
C ARG M 29 -1.63 14.83 8.65
N SER M 30 -1.78 15.24 7.39
CA SER M 30 -0.98 16.32 6.82
C SER M 30 -1.76 17.62 6.96
N PHE M 31 -1.15 18.58 7.66
CA PHE M 31 -1.75 19.88 7.91
C PHE M 31 -0.83 21.00 7.48
N ASP M 32 -1.45 22.12 7.08
CA ASP M 32 -0.70 23.33 6.77
C ASP M 32 -0.46 24.09 8.07
N ILE M 33 0.51 25.00 8.05
CA ILE M 33 0.83 25.75 9.26
C ILE M 33 -0.36 26.59 9.71
N TYR M 34 -1.13 27.11 8.77
CA TYR M 34 -2.29 27.93 9.14
C TYR M 34 -3.41 27.07 9.69
N SER M 35 -3.59 25.86 9.15
CA SER M 35 -4.67 24.99 9.62
C SER M 35 -4.40 24.40 10.98
N ARG M 36 -3.13 24.15 11.31
CA ARG M 36 -2.80 23.58 12.62
C ARG M 36 -3.19 24.53 13.73
N LEU M 37 -2.83 25.80 13.59
CA LEU M 37 -3.15 26.79 14.63
C LEU M 37 -4.64 27.09 14.66
N LEU M 38 -5.34 26.97 13.52
CA LEU M 38 -6.77 27.22 13.51
C LEU M 38 -7.49 26.21 14.39
N LYS M 39 -6.98 24.98 14.46
CA LYS M 39 -7.57 23.95 15.30
C LYS M 39 -7.51 24.32 16.77
N GLU M 40 -6.56 25.17 17.16
CA GLU M 40 -6.37 25.59 18.54
C GLU M 40 -7.01 26.95 18.84
N ARG M 41 -7.98 27.36 18.01
CA ARG M 41 -8.69 28.63 18.21
C ARG M 41 -7.75 29.83 18.08
N VAL M 42 -6.99 29.86 16.99
CA VAL M 42 -6.06 30.94 16.71
C VAL M 42 -6.28 31.41 15.27
N ILE M 43 -6.49 32.71 15.11
CA ILE M 43 -6.74 33.34 13.81
C ILE M 43 -5.68 34.41 13.58
N PHE M 44 -5.24 34.53 12.32
CA PHE M 44 -4.24 35.52 11.92
C PHE M 44 -4.88 36.63 11.10
N LEU M 45 -4.58 37.87 11.46
CA LEU M 45 -5.03 39.06 10.74
C LEU M 45 -3.76 39.72 10.22
N THR M 46 -3.46 39.46 8.94
CA THR M 46 -2.25 39.98 8.30
C THR M 46 -2.60 40.83 7.08
N GLY M 47 -1.78 41.86 6.87
CA GLY M 47 -1.94 42.76 5.75
C GLY M 47 -3.11 43.72 5.89
N GLN M 48 -3.41 44.37 4.76
CA GLN M 48 -4.49 45.35 4.71
C GLN M 48 -5.84 44.69 4.94
N VAL M 49 -6.72 45.42 5.60
CA VAL M 49 -8.07 44.96 5.90
C VAL M 49 -8.94 45.27 4.69
N GLU M 50 -9.43 44.21 4.04
CA GLU M 50 -10.30 44.32 2.86
C GLU M 50 -11.51 43.42 3.06
N ASP M 51 -12.40 43.44 2.06
CA ASP M 51 -13.63 42.65 2.14
C ASP M 51 -13.36 41.15 2.11
N HIS M 52 -12.34 40.71 1.36
CA HIS M 52 -12.09 39.28 1.23
C HIS M 52 -11.38 38.70 2.45
N MET M 53 -10.29 39.33 2.90
CA MET M 53 -9.58 38.82 4.06
C MET M 53 -10.45 38.91 5.32
N ALA M 54 -11.29 39.94 5.43
CA ALA M 54 -12.13 40.08 6.60
C ALA M 54 -13.22 39.02 6.61
N ASN M 55 -13.79 38.71 5.45
CA ASN M 55 -14.81 37.67 5.36
C ASN M 55 -14.24 36.30 5.71
N LEU M 56 -12.92 36.13 5.60
CA LEU M 56 -12.29 34.85 5.93
C LEU M 56 -12.14 34.70 7.44
N ILE M 57 -11.83 35.80 8.13
CA ILE M 57 -11.66 35.73 9.58
C ILE M 57 -12.99 35.48 10.25
N VAL M 58 -14.07 36.03 9.70
CA VAL M 58 -15.40 35.81 10.28
C VAL M 58 -15.77 34.35 10.20
N ALA M 59 -15.44 33.70 9.08
CA ALA M 59 -15.76 32.28 8.91
C ALA M 59 -15.01 31.41 9.90
N GLN M 60 -13.79 31.81 10.27
CA GLN M 60 -13.02 31.01 11.21
C GLN M 60 -13.62 31.11 12.62
N MET M 61 -14.01 32.32 13.03
CA MET M 61 -14.61 32.51 14.35
C MET M 61 -15.92 31.74 14.47
N LEU M 62 -16.76 31.84 13.45
CA LEU M 62 -18.06 31.14 13.46
C LEU M 62 -17.87 29.64 13.54
N PHE M 63 -16.88 29.10 12.83
CA PHE M 63 -16.64 27.66 12.86
C PHE M 63 -16.24 27.20 14.25
N LEU M 64 -15.43 27.99 14.95
CA LEU M 64 -15.00 27.60 16.28
C LEU M 64 -16.15 27.66 17.27
N GLU M 65 -17.10 28.58 17.07
CA GLU M 65 -18.25 28.67 17.97
C GLU M 65 -19.06 27.38 17.92
N ALA M 66 -19.30 26.86 16.71
CA ALA M 66 -20.06 25.62 16.58
C ALA M 66 -19.27 24.43 17.11
N GLU M 67 -17.96 24.40 16.86
CA GLU M 67 -17.14 23.29 17.35
C GLU M 67 -17.10 23.31 18.88
N ASN M 68 -16.92 24.48 19.48
CA ASN M 68 -16.90 24.63 20.92
C ASN M 68 -17.33 26.06 21.27
N PRO M 69 -18.48 26.28 21.91
CA PRO M 69 -18.88 27.64 22.27
C PRO M 69 -18.38 28.15 23.62
N GLU M 70 -17.64 27.34 24.39
CA GLU M 70 -17.16 27.73 25.71
C GLU M 70 -15.65 27.95 25.79
N LYS M 71 -14.91 27.79 24.69
CA LYS M 71 -13.46 27.96 24.71
C LYS M 71 -13.06 29.31 24.12
N ASP M 72 -12.08 29.95 24.76
CA ASP M 72 -11.61 31.26 24.34
C ASP M 72 -10.89 31.20 23.00
N ILE M 73 -11.05 32.26 22.21
CA ILE M 73 -10.44 32.41 20.90
C ILE M 73 -9.32 33.44 21.01
N TYR M 74 -8.23 33.22 20.28
CA TYR M 74 -7.07 34.10 20.28
C TYR M 74 -6.90 34.69 18.89
N LEU M 75 -6.80 36.03 18.84
CA LEU M 75 -6.67 36.77 17.59
C LEU M 75 -5.38 37.59 17.60
N TYR M 76 -4.42 37.21 16.75
CA TYR M 76 -3.17 37.94 16.63
C TYR M 76 -3.34 38.92 15.47
N ILE M 77 -3.10 40.20 15.73
CA ILE M 77 -3.32 41.26 14.75
C ILE M 77 -1.99 41.93 14.41
N ASN M 78 -1.65 41.92 13.13
CA ASN M 78 -0.47 42.59 12.58
C ASN M 78 -0.96 43.15 11.25
N SER M 79 -1.39 44.43 11.26
CA SER M 79 -1.93 45.00 10.04
C SER M 79 -1.88 46.53 10.08
N PRO M 80 -1.63 47.21 8.97
CA PRO M 80 -1.64 48.68 8.97
C PRO M 80 -3.01 49.30 8.76
N GLY M 81 -4.08 48.52 8.86
CA GLY M 81 -5.43 48.99 8.65
C GLY M 81 -5.90 48.78 7.24
N GLY M 82 -7.09 49.33 6.96
CA GLY M 82 -7.70 49.18 5.65
C GLY M 82 -9.09 49.76 5.59
N VAL M 83 -10.01 49.03 4.96
CA VAL M 83 -11.39 49.50 4.84
C VAL M 83 -12.05 49.49 6.21
N ILE M 84 -12.89 50.49 6.47
CA ILE M 84 -13.57 50.60 7.75
C ILE M 84 -14.72 49.61 7.82
N THR M 85 -15.57 49.58 6.78
CA THR M 85 -16.71 48.67 6.78
C THR M 85 -16.28 47.22 6.89
N ALA M 86 -15.11 46.87 6.38
CA ALA M 86 -14.64 45.49 6.48
C ALA M 86 -14.29 45.15 7.92
N GLY M 87 -13.75 46.11 8.67
CA GLY M 87 -13.37 45.86 10.05
C GLY M 87 -14.54 45.83 11.02
N MET M 88 -15.58 46.63 10.77
CA MET M 88 -16.71 46.66 11.69
C MET M 88 -17.46 45.33 11.72
N SER M 89 -17.36 44.53 10.67
CA SER M 89 -18.02 43.23 10.67
C SER M 89 -17.37 42.30 11.69
N ILE M 90 -16.06 42.46 11.90
CA ILE M 90 -15.34 41.60 12.84
C ILE M 90 -15.65 42.01 14.27
N TYR M 91 -15.75 43.31 14.54
CA TYR M 91 -16.03 43.76 15.90
C TYR M 91 -17.39 43.27 16.37
N ASP M 92 -18.43 43.48 15.56
CA ASP M 92 -19.77 43.05 15.93
C ASP M 92 -19.85 41.53 16.03
N THR M 93 -19.08 40.82 15.21
CA THR M 93 -19.09 39.36 15.26
C THR M 93 -18.50 38.87 16.58
N MET M 94 -17.40 39.49 17.02
CA MET M 94 -16.77 39.11 18.28
C MET M 94 -17.73 39.29 19.45
N GLN M 95 -18.54 40.35 19.40
CA GLN M 95 -19.50 40.60 20.46
C GLN M 95 -20.72 39.70 20.34
N PHE M 96 -21.06 39.29 19.11
CA PHE M 96 -22.21 38.43 18.90
C PHE M 96 -21.96 37.03 19.48
N ILE M 97 -20.85 36.41 19.09
CA ILE M 97 -20.54 35.07 19.58
C ILE M 97 -20.30 35.09 21.08
N LYS M 98 -20.62 33.97 21.73
CA LYS M 98 -20.45 33.80 23.17
C LYS M 98 -18.99 33.74 23.62
N PRO M 99 -18.10 33.01 22.93
CA PRO M 99 -16.71 32.94 23.38
C PRO M 99 -16.03 34.30 23.45
N ASP M 100 -15.11 34.42 24.39
CA ASP M 100 -14.32 35.64 24.57
C ASP M 100 -13.15 35.61 23.60
N VAL M 101 -13.13 36.58 22.67
CA VAL M 101 -12.07 36.65 21.66
C VAL M 101 -10.92 37.46 22.24
N SER M 102 -9.86 36.76 22.65
CA SER M 102 -8.67 37.42 23.16
C SER M 102 -7.87 37.97 21.98
N THR M 103 -7.37 39.20 22.13
CA THR M 103 -6.62 39.87 21.08
C THR M 103 -5.20 40.17 21.53
N ILE M 104 -4.26 40.04 20.60
CA ILE M 104 -2.84 40.30 20.83
C ILE M 104 -2.31 41.10 19.66
N CYS M 105 -1.46 42.09 19.95
CA CYS M 105 -0.88 42.96 18.93
C CYS M 105 0.55 42.55 18.65
N MET M 106 0.82 42.21 17.38
CA MET M 106 2.14 41.81 16.92
C MET M 106 2.57 42.76 15.82
N GLY M 107 3.70 43.43 16.01
CA GLY M 107 4.21 44.35 15.00
C GLY M 107 3.58 45.73 15.00
N GLN M 108 2.32 45.84 14.57
CA GLN M 108 1.68 47.14 14.49
C GLN M 108 0.17 46.98 14.54
N ALA M 109 -0.50 48.05 14.97
CA ALA M 109 -1.95 48.11 15.08
C ALA M 109 -2.38 49.53 14.70
N ALA M 110 -2.95 49.68 13.50
CA ALA M 110 -3.38 50.99 13.02
C ALA M 110 -4.76 51.31 13.56
N SER M 111 -5.36 52.40 13.06
CA SER M 111 -6.68 52.87 13.44
C SER M 111 -7.71 51.77 13.56
N MET M 112 -7.92 50.99 12.49
CA MET M 112 -8.90 49.92 12.54
C MET M 112 -8.36 48.71 13.27
N GLY M 113 -7.05 48.43 13.14
CA GLY M 113 -6.47 47.32 13.87
C GLY M 113 -6.51 47.55 15.36
N ALA M 114 -6.38 48.80 15.79
CA ALA M 114 -6.43 49.13 17.21
C ALA M 114 -7.84 49.04 17.76
N PHE M 115 -8.85 49.35 16.95
CA PHE M 115 -10.22 49.29 17.43
C PHE M 115 -10.66 47.86 17.67
N LEU M 116 -10.24 46.93 16.80
CA LEU M 116 -10.58 45.54 17.01
C LEU M 116 -9.74 44.94 18.13
N LEU M 117 -8.55 45.50 18.35
CA LEU M 117 -7.67 45.03 19.42
C LEU M 117 -8.27 45.33 20.79
N THR M 118 -8.64 46.59 21.03
CA THR M 118 -9.22 46.98 22.30
C THR M 118 -10.62 46.42 22.50
N ALA M 119 -11.29 46.00 21.42
CA ALA M 119 -12.62 45.44 21.50
C ALA M 119 -12.65 44.03 22.06
N GLY M 120 -11.49 43.42 22.31
CA GLY M 120 -11.47 42.07 22.84
C GLY M 120 -12.07 41.96 24.23
N ALA M 121 -12.15 40.74 24.74
CA ALA M 121 -12.75 40.54 26.05
C ALA M 121 -11.91 41.21 27.13
N LYS M 122 -12.59 41.81 28.10
CA LYS M 122 -11.91 42.52 29.18
C LYS M 122 -11.11 41.52 30.02
N GLY M 123 -9.85 41.86 30.28
CA GLY M 123 -8.96 40.99 31.02
C GLY M 123 -8.18 40.00 30.17
N LYS M 124 -8.49 39.90 28.88
CA LYS M 124 -7.81 38.99 27.97
C LYS M 124 -7.23 39.73 26.77
N ARG M 125 -6.77 40.96 26.98
CA ARG M 125 -6.16 41.78 25.94
C ARG M 125 -4.70 42.00 26.30
N PHE M 126 -3.81 41.73 25.36
CA PHE M 126 -2.37 41.88 25.57
C PHE M 126 -1.73 42.55 24.38
N CYS M 127 -0.56 43.14 24.62
CA CYS M 127 0.24 43.81 23.60
C CYS M 127 1.69 43.41 23.82
N LEU M 128 2.41 43.16 22.72
CA LEU M 128 3.79 42.74 22.83
C LEU M 128 4.66 43.89 23.37
N PRO M 129 5.79 43.58 24.00
CA PRO M 129 6.63 44.65 24.57
C PRO M 129 7.15 45.66 23.57
N ASN M 130 7.34 45.27 22.31
CA ASN M 130 7.86 46.18 21.28
C ASN M 130 6.81 46.54 20.23
N SER M 131 5.54 46.19 20.47
CA SER M 131 4.50 46.53 19.51
C SER M 131 4.24 48.04 19.55
N ARG M 132 3.51 48.53 18.56
CA ARG M 132 3.17 49.94 18.46
C ARG M 132 1.76 50.09 17.91
N VAL M 133 0.99 51.00 18.52
CA VAL M 133 -0.38 51.27 18.12
C VAL M 133 -0.46 52.70 17.62
N MET M 134 -1.28 52.90 16.58
CA MET M 134 -1.51 54.22 15.99
C MET M 134 -3.01 54.39 15.80
N ILE M 135 -3.51 55.57 16.14
CA ILE M 135 -4.93 55.88 16.02
C ILE M 135 -5.10 57.27 15.41
N HIS M 136 -6.07 57.40 14.52
CA HIS M 136 -6.39 58.67 13.87
C HIS M 136 -7.87 58.63 13.52
N GLN M 137 -8.34 59.65 12.78
CA GLN M 137 -9.74 59.72 12.43
C GLN M 137 -10.01 59.02 11.12
N PRO M 138 -11.27 58.67 10.81
CA PRO M 138 -11.55 58.01 9.54
C PRO M 138 -11.19 58.88 8.35
N LEU M 139 -10.75 58.22 7.28
CA LEU M 139 -10.37 58.89 6.04
C LEU M 139 -11.42 58.61 4.97
N GLY M 140 -11.62 59.59 4.10
CA GLY M 140 -12.59 59.43 3.03
C GLY M 140 -12.41 60.47 1.96
N GLY M 141 -13.44 60.62 1.14
CA GLY M 141 -13.44 61.59 0.07
C GLY M 141 -14.54 61.30 -0.93
N TYR M 142 -14.91 62.33 -1.67
CA TYR M 142 -15.95 62.21 -2.68
C TYR M 142 -15.77 63.31 -3.71
N GLN M 143 -16.26 63.05 -4.92
CA GLN M 143 -16.21 64.00 -6.02
C GLN M 143 -17.57 64.01 -6.70
N GLY M 144 -18.18 65.18 -6.81
CA GLY M 144 -19.48 65.28 -7.43
C GLY M 144 -20.14 66.60 -7.08
N GLN M 145 -21.47 66.61 -7.18
CA GLN M 145 -22.26 67.79 -6.87
C GLN M 145 -22.17 68.13 -5.38
N ALA M 146 -22.47 69.38 -5.06
CA ALA M 146 -22.42 69.83 -3.67
C ALA M 146 -23.44 69.10 -2.81
N THR M 147 -24.60 68.75 -3.38
CA THR M 147 -25.61 68.04 -2.63
C THR M 147 -25.11 66.65 -2.22
N ASP M 148 -24.36 65.99 -3.10
CA ASP M 148 -23.84 64.67 -2.80
C ASP M 148 -22.69 64.73 -1.80
N ILE M 149 -21.89 65.79 -1.84
CA ILE M 149 -20.76 65.92 -0.92
C ILE M 149 -21.28 66.03 0.52
N GLU M 150 -22.40 66.72 0.71
CA GLU M 150 -22.97 66.86 2.04
C GLU M 150 -23.42 65.51 2.59
N ILE M 151 -23.93 64.64 1.72
CA ILE M 151 -24.39 63.32 2.15
C ILE M 151 -23.21 62.48 2.63
N HIS M 152 -22.15 62.40 1.82
CA HIS M 152 -20.99 61.60 2.20
C HIS M 152 -20.23 62.24 3.35
N ALA M 153 -20.34 63.56 3.51
CA ALA M 153 -19.68 64.23 4.62
C ALA M 153 -20.38 63.91 5.94
N ARG M 154 -21.71 63.90 5.93
CA ARG M 154 -22.48 63.57 7.12
C ARG M 154 -22.25 62.13 7.55
N GLU M 155 -22.09 61.22 6.59
CA GLU M 155 -21.90 59.81 6.90
C GLU M 155 -20.56 59.57 7.59
N ILE M 156 -19.48 60.13 7.05
CA ILE M 156 -18.17 59.92 7.66
C ILE M 156 -18.12 60.55 9.04
N LEU M 157 -18.89 61.61 9.28
CA LEU M 157 -18.92 62.22 10.60
C LEU M 157 -19.64 61.31 11.59
N LYS M 158 -20.70 60.64 11.13
CA LYS M 158 -21.43 59.72 12.00
C LYS M 158 -20.55 58.53 12.39
N VAL M 159 -19.78 58.01 11.43
CA VAL M 159 -18.88 56.89 11.71
C VAL M 159 -17.84 57.31 12.73
N LYS M 160 -17.26 58.50 12.56
CA LYS M 160 -16.26 58.99 13.50
C LYS M 160 -16.86 59.09 14.91
N GLY M 161 -18.09 59.58 15.01
CA GLY M 161 -18.73 59.65 16.31
C GLY M 161 -19.02 58.28 16.88
N ARG M 162 -19.44 57.35 16.02
CA ARG M 162 -19.74 56.00 16.46
C ARG M 162 -18.47 55.27 16.88
N MET M 163 -17.38 55.48 16.15
CA MET M 163 -16.12 54.81 16.48
C MET M 163 -15.54 55.33 17.79
N ASN M 164 -15.81 56.59 18.13
CA ASN M 164 -15.29 57.13 19.39
C ASN M 164 -16.09 56.63 20.57
N GLU M 165 -17.40 56.46 20.39
CA GLU M 165 -18.25 55.96 21.48
C GLU M 165 -17.83 54.55 21.88
N LEU M 166 -17.60 53.67 20.90
CA LEU M 166 -17.21 52.30 21.20
C LEU M 166 -15.78 52.25 21.76
N MET M 167 -14.90 53.12 21.26
CA MET M 167 -13.54 53.15 21.78
C MET M 167 -13.53 53.52 23.26
N ALA M 168 -14.40 54.46 23.64
CA ALA M 168 -14.51 54.86 25.03
C ALA M 168 -15.11 53.75 25.87
N LEU M 169 -16.08 53.02 25.30
CA LEU M 169 -16.74 51.93 26.02
C LEU M 169 -15.76 50.85 26.43
N HIS M 170 -14.86 50.44 25.53
CA HIS M 170 -13.91 49.37 25.87
C HIS M 170 -12.68 49.91 26.57
N THR M 171 -12.19 51.09 26.17
CA THR M 171 -11.01 51.67 26.82
C THR M 171 -11.33 52.30 28.16
N GLY M 172 -12.61 52.63 28.41
CA GLY M 172 -13.02 53.25 29.65
C GLY M 172 -12.83 54.75 29.71
N GLN M 173 -12.08 55.34 28.78
CA GLN M 173 -11.88 56.77 28.75
C GLN M 173 -13.19 57.49 28.41
N SER M 174 -13.15 58.81 28.50
CA SER M 174 -14.32 59.63 28.20
C SER M 174 -14.40 59.90 26.69
N LEU M 175 -15.61 60.20 26.23
CA LEU M 175 -15.82 60.46 24.81
C LEU M 175 -15.05 61.68 24.33
N GLU M 176 -14.92 62.71 25.16
CA GLU M 176 -14.21 63.91 24.74
C GLU M 176 -12.72 63.63 24.59
N GLN M 177 -12.16 62.73 25.41
CA GLN M 177 -10.75 62.41 25.33
C GLN M 177 -10.42 61.69 24.04
N ILE M 178 -11.28 60.76 23.61
CA ILE M 178 -11.03 60.01 22.38
C ILE M 178 -11.06 60.95 21.18
N GLU M 179 -11.95 61.94 21.20
CA GLU M 179 -12.03 62.90 20.10
C GLU M 179 -10.77 63.73 19.99
N ARG M 180 -10.24 64.19 21.13
CA ARG M 180 -9.02 65.00 21.13
C ARG M 180 -7.82 64.19 20.67
N ASP M 181 -7.72 62.95 21.13
CA ASP M 181 -6.59 62.09 20.80
C ASP M 181 -6.63 61.53 19.38
N THR M 182 -7.81 61.40 18.79
CA THR M 182 -7.94 60.84 17.44
C THR M 182 -8.07 61.88 16.34
N GLU M 183 -7.94 63.18 16.66
CA GLU M 183 -8.04 64.20 15.61
C GLU M 183 -6.88 64.08 14.63
N ARG M 184 -5.71 63.66 15.12
CA ARG M 184 -4.53 63.48 14.29
C ARG M 184 -3.87 62.16 14.70
N ASP M 185 -2.86 61.76 13.93
CA ASP M 185 -2.15 60.52 14.22
C ASP M 185 -1.51 60.60 15.60
N ARG M 186 -1.67 59.52 16.38
CA ARG M 186 -1.14 59.44 17.73
C ARG M 186 -0.53 58.06 17.92
N PHE M 187 0.78 57.99 18.12
CA PHE M 187 1.46 56.73 18.33
C PHE M 187 1.54 56.44 19.83
N LEU M 188 1.22 55.21 20.21
CA LEU M 188 1.24 54.78 21.61
C LEU M 188 2.07 53.51 21.73
N SER M 189 3.12 53.57 22.53
CA SER M 189 3.97 52.41 22.73
C SER M 189 3.22 51.35 23.55
N ALA M 190 3.85 50.19 23.72
CA ALA M 190 3.20 49.12 24.49
C ALA M 190 2.91 49.51 25.93
N PRO M 191 3.79 50.16 26.68
CA PRO M 191 3.41 50.54 28.05
C PRO M 191 2.27 51.54 28.10
N GLU M 192 2.27 52.50 27.18
CA GLU M 192 1.23 53.53 27.14
C GLU M 192 -0.14 52.93 26.90
N ALA M 193 -0.22 51.82 26.16
CA ALA M 193 -1.50 51.19 25.89
C ALA M 193 -2.15 50.65 27.17
N VAL M 194 -1.33 50.19 28.12
CA VAL M 194 -1.89 49.66 29.36
C VAL M 194 -2.55 50.76 30.18
N GLU M 195 -1.82 51.84 30.45
CA GLU M 195 -2.37 52.95 31.23
C GLU M 195 -3.55 53.60 30.52
N TYR M 196 -3.62 53.53 29.19
CA TYR M 196 -4.70 54.13 28.43
C TYR M 196 -5.96 53.26 28.38
N GLY M 197 -5.95 52.08 28.99
CA GLY M 197 -7.09 51.21 28.95
C GLY M 197 -7.23 50.42 27.66
N LEU M 198 -6.30 50.57 26.72
CA LEU M 198 -6.38 49.87 25.45
C LEU M 198 -6.14 48.38 25.62
N VAL M 199 -5.21 48.00 26.51
CA VAL M 199 -4.88 46.61 26.78
C VAL M 199 -4.84 46.40 28.29
N ASP M 200 -4.66 45.15 28.69
CA ASP M 200 -4.61 44.76 30.10
C ASP M 200 -3.20 44.50 30.62
N SER M 201 -2.35 43.84 29.85
CA SER M 201 -0.99 43.55 30.29
C SER M 201 -0.11 43.32 29.08
N ILE M 202 1.14 42.94 29.33
CA ILE M 202 2.13 42.66 28.30
C ILE M 202 2.68 41.25 28.51
N LEU M 203 2.82 40.50 27.42
CA LEU M 203 3.34 39.13 27.46
C LEU M 203 4.84 39.14 27.14
N THR M 204 5.61 39.64 28.11
CA THR M 204 7.06 39.72 27.91
C THR M 204 7.68 38.33 27.79
N HIS M 205 7.52 37.51 28.82
CA HIS M 205 8.05 36.16 28.86
C HIS M 205 6.96 35.17 29.25
N ARG M 206 7.25 33.89 29.06
CA ARG M 206 6.32 32.82 29.37
C ARG M 206 6.48 32.40 30.83
N ASN M 207 5.35 32.24 31.52
CA ASN M 207 5.34 31.83 32.92
C ASN M 207 4.31 30.74 33.15
N UNK N 1 -3.80 -10.25 5.52
CA UNK N 1 -3.05 -10.10 4.24
C UNK N 1 -1.81 -10.99 4.24
N UNK N 2 -2.00 -12.26 4.60
CA UNK N 2 -0.90 -13.20 4.64
C UNK N 2 -1.42 -14.64 4.70
N UNK N 3 -0.86 -15.52 3.89
CA UNK N 3 -1.29 -16.90 3.87
C UNK N 3 -0.79 -17.62 5.12
N UNK N 4 -1.11 -18.91 5.22
CA UNK N 4 -0.69 -19.71 6.39
C UNK N 4 -0.48 -21.15 5.93
N UNK N 5 0.78 -21.54 5.79
CA UNK N 5 1.12 -22.90 5.40
C UNK N 5 0.97 -23.84 6.58
N UNK N 6 0.66 -25.09 6.28
CA UNK N 6 0.49 -26.09 7.33
C UNK N 6 1.84 -26.58 7.81
N UNK N 7 1.82 -27.47 8.80
CA UNK N 7 3.04 -28.03 9.36
C UNK N 7 2.72 -29.41 9.93
N UNK N 8 3.13 -30.46 9.24
CA UNK N 8 2.85 -31.81 9.70
C UNK N 8 3.81 -32.20 10.81
N UNK N 9 3.27 -32.84 11.85
CA UNK N 9 4.03 -33.29 13.00
C UNK N 9 3.93 -34.80 13.11
N UNK N 10 5.07 -35.45 13.40
CA UNK N 10 5.09 -36.89 13.55
C UNK N 10 4.21 -37.32 14.72
N UNK N 11 3.52 -38.46 14.55
CA UNK N 11 2.65 -38.96 15.60
C UNK N 11 3.44 -39.27 16.88
N UNK N 12 4.54 -39.99 16.75
CA UNK N 12 5.36 -40.34 17.90
C UNK N 12 6.69 -40.94 17.44
#